data_5AA6
#
_entry.id   5AA6
#
_cell.length_a   67.790
_cell.length_b   236.840
_cell.length_c   118.000
_cell.angle_alpha   90.00
_cell.angle_beta   93.74
_cell.angle_gamma   90.00
#
_symmetry.space_group_name_H-M   'P 1 21 1'
#
loop_
_entity.id
_entity.type
_entity.pdbx_description
1 polymer 'VANADIUM-DEPENDENT BROMOPEROXIDASE 2'
2 non-polymer 'VANADATE ION'
3 water water
#
_entity_poly.entity_id   1
_entity_poly.type   'polypeptide(L)'
_entity_poly.pdbx_seq_one_letter_code
;QTVNELADMQTRPLLSGSVCRVRDTVDFLSPTKRAKITFKRRIGIAVGELAVGPTCHLNNGDEANIPLFDGQFHKSLPHD
DMGRVNPEAYQLLLDCIESNDINVCDQVPSGVESDGRKLVNPLGGGGHQVDGADSDNIFIKQPDNLLSERLAAQQAEVYW
MALLRDIPFSQFGTNNTVQMAVVNLQGFDAFNGLSISRDADGNIDPMQDLFRTDWPGVSSGPMVSQFMLANFDIDGIVVE
PKAKTLVPEMEYMTGVDTWLNIQNGGPPEDTLFVDEPLFIRNGRDLAALSFNDVLYTEAFRTILIMFNESILAEAGPYGS
STRQEGFTTLGTSHYIHAMAAGSSSTRHAWYAKWQVHRVLRPEAYGGLLHFVINNLIDDVPLPASIVSNTELLNAVESLN
QAQNGGTNQVFLLPMAVGEGSPVHPAYPSGHAINLGAYLTVLKAFLGFELGQRCFPSPMISNDAGTDRIPFVPSDGDRVG
TCINEDGEEEVGLTYEGELNKVTSNVAIGRSHLGVHWRMDGVFGAEMGEAGAIRRLQQELGGLPEARDTEGPIPPASYKF
RLYSGTMIELFPDNRYMLGDQMCKGFFTGDDFCVPAD
;
_entity_poly.pdbx_strand_id   A,B,C,D,E,F
#
# COMPACT_ATOMS: atom_id res chain seq x y z
N GLN A 1 21.56 -41.22 -11.79
CA GLN A 1 22.68 -40.57 -12.50
C GLN A 1 23.10 -41.40 -13.72
N THR A 2 22.38 -41.24 -14.83
CA THR A 2 22.75 -41.89 -16.09
C THR A 2 24.02 -41.26 -16.67
N VAL A 3 24.64 -41.93 -17.64
CA VAL A 3 25.87 -41.42 -18.30
C VAL A 3 25.59 -40.02 -18.93
N ASN A 4 24.49 -39.91 -19.66
CA ASN A 4 24.10 -38.65 -20.27
C ASN A 4 23.86 -37.49 -19.29
N GLU A 5 23.22 -37.79 -18.15
CA GLU A 5 22.92 -36.76 -17.16
C GLU A 5 24.17 -36.27 -16.45
N LEU A 6 25.04 -37.21 -16.12
CA LEU A 6 26.27 -36.89 -15.48
C LEU A 6 27.09 -35.97 -16.41
N ALA A 7 27.14 -36.30 -17.70
CA ALA A 7 27.94 -35.56 -18.68
C ALA A 7 27.41 -34.14 -18.97
N ASP A 8 26.13 -33.92 -18.64
CA ASP A 8 25.42 -32.64 -18.85
C ASP A 8 25.42 -31.69 -17.63
N MET A 9 25.84 -32.18 -16.46
CA MET A 9 25.82 -31.33 -15.28
CA MET A 9 25.90 -31.38 -15.22
C MET A 9 26.87 -30.20 -15.37
N GLN A 10 26.48 -29.02 -14.89
CA GLN A 10 27.38 -27.86 -14.97
C GLN A 10 27.56 -27.21 -13.61
N THR A 11 28.67 -26.51 -13.43
CA THR A 11 28.92 -25.80 -12.20
C THR A 11 29.10 -24.33 -12.50
N ARG A 12 29.01 -23.50 -11.47
CA ARG A 12 29.29 -22.10 -11.60
C ARG A 12 29.98 -21.63 -10.30
N PRO A 13 30.68 -20.45 -10.33
CA PRO A 13 31.35 -19.91 -9.14
C PRO A 13 30.38 -19.75 -7.98
N LEU A 14 30.81 -20.16 -6.79
CA LEU A 14 30.02 -20.02 -5.58
C LEU A 14 30.60 -18.83 -4.86
N LEU A 15 29.87 -17.72 -4.93
CA LEU A 15 30.30 -16.45 -4.38
C LEU A 15 29.48 -16.03 -3.15
N SER A 16 29.99 -15.04 -2.42
CA SER A 16 29.34 -14.55 -1.21
C SER A 16 27.96 -13.98 -1.50
N GLY A 17 27.82 -13.44 -2.71
CA GLY A 17 26.58 -12.83 -3.18
C GLY A 17 25.69 -13.74 -4.02
N SER A 18 26.05 -15.01 -4.16
CA SER A 18 25.21 -15.95 -4.91
C SER A 18 23.90 -16.12 -4.13
N VAL A 19 22.79 -16.35 -4.84
CA VAL A 19 21.50 -16.60 -4.18
C VAL A 19 20.83 -17.94 -4.54
N CYS A 20 20.25 -18.56 -3.51
CA CYS A 20 19.81 -19.95 -3.54
C CYS A 20 18.45 -20.04 -2.80
N ARG A 21 17.34 -20.15 -3.54
CA ARG A 21 16.01 -20.25 -2.89
C ARG A 21 15.76 -21.65 -2.33
N VAL A 22 16.57 -22.60 -2.77
CA VAL A 22 16.56 -23.94 -2.27
C VAL A 22 18.01 -24.26 -1.91
N ARG A 23 18.21 -24.76 -0.69
CA ARG A 23 19.53 -25.11 -0.18
C ARG A 23 19.29 -26.19 0.85
N ASP A 24 20.30 -26.98 1.17
CA ASP A 24 20.07 -28.15 2.03
C ASP A 24 20.30 -27.90 3.53
N THR A 25 19.83 -26.76 4.02
CA THR A 25 20.02 -26.44 5.42
C THR A 25 19.08 -27.27 6.30
N VAL A 26 19.56 -27.66 7.47
CA VAL A 26 18.77 -28.40 8.44
C VAL A 26 18.00 -27.40 9.31
N ASP A 27 16.88 -26.94 8.80
CA ASP A 27 16.21 -25.76 9.31
C ASP A 27 14.75 -25.94 8.93
N PHE A 28 13.83 -25.81 9.89
CA PHE A 28 12.40 -25.92 9.57
C PHE A 28 11.88 -24.78 8.66
N LEU A 29 12.58 -23.65 8.57
CA LEU A 29 12.15 -22.60 7.67
C LEU A 29 12.90 -22.66 6.36
N SER A 30 12.20 -22.38 5.26
CA SER A 30 12.86 -22.32 3.96
C SER A 30 13.69 -21.04 3.93
N PRO A 31 14.65 -20.94 2.99
CA PRO A 31 15.42 -19.70 2.86
C PRO A 31 14.53 -18.46 2.76
N THR A 32 13.54 -18.48 1.86
CA THR A 32 12.71 -17.29 1.66
C THR A 32 11.79 -16.99 2.85
N LYS A 33 11.24 -18.02 3.49
CA LYS A 33 10.39 -17.85 4.66
CA LYS A 33 10.39 -17.83 4.67
C LYS A 33 11.19 -17.27 5.85
N ARG A 34 12.46 -17.66 5.95
CA ARG A 34 13.31 -17.11 7.02
C ARG A 34 13.52 -15.61 6.80
N ALA A 35 13.82 -15.22 5.57
CA ALA A 35 14.02 -13.81 5.25
C ALA A 35 12.72 -13.02 5.44
N LYS A 36 11.58 -13.67 5.13
CA LYS A 36 10.26 -13.03 5.19
C LYS A 36 9.87 -12.71 6.60
N ILE A 37 9.96 -13.71 7.48
CA ILE A 37 9.67 -13.50 8.89
C ILE A 37 10.57 -12.41 9.51
N THR A 38 11.88 -12.49 9.26
CA THR A 38 12.79 -11.42 9.69
C THR A 38 12.29 -10.08 9.14
N PHE A 39 11.80 -10.08 7.90
CA PHE A 39 11.35 -8.84 7.27
C PHE A 39 10.09 -8.26 7.93
N LYS A 40 9.08 -9.10 8.09
CA LYS A 40 7.85 -8.73 8.79
C LYS A 40 8.12 -8.19 10.21
N ARG A 41 9.00 -8.87 10.95
CA ARG A 41 9.38 -8.38 12.28
C ARG A 41 10.10 -7.00 12.28
N ARG A 42 11.01 -6.77 11.34
CA ARG A 42 11.68 -5.45 11.24
C ARG A 42 10.68 -4.33 10.99
N ILE A 43 9.69 -4.61 10.15
CA ILE A 43 8.62 -3.62 9.88
C ILE A 43 7.76 -3.38 11.11
N GLY A 44 7.49 -4.44 11.86
CA GLY A 44 6.71 -4.32 13.08
C GLY A 44 7.40 -3.41 14.09
N ILE A 45 8.70 -3.57 14.23
CA ILE A 45 9.46 -2.75 15.17
C ILE A 45 9.37 -1.28 14.78
N ALA A 46 9.61 -1.00 13.50
CA ALA A 46 9.59 0.39 12.98
C ALA A 46 8.22 1.03 13.18
N VAL A 47 7.15 0.29 12.83
CA VAL A 47 5.78 0.77 13.06
C VAL A 47 5.57 1.05 14.56
N GLY A 48 5.86 0.03 15.39
CA GLY A 48 5.66 0.08 16.84
C GLY A 48 6.39 1.25 17.49
N GLU A 49 7.63 1.50 17.04
CA GLU A 49 8.41 2.67 17.45
C GLU A 49 7.80 4.01 17.03
N LEU A 50 7.43 4.13 15.76
CA LEU A 50 6.77 5.34 15.29
C LEU A 50 5.49 5.59 16.10
N ALA A 51 4.83 4.51 16.55
CA ALA A 51 3.54 4.61 17.23
C ALA A 51 3.65 5.21 18.62
N VAL A 52 4.83 5.17 19.23
CA VAL A 52 5.04 5.78 20.55
C VAL A 52 4.76 7.29 20.55
N GLY A 53 5.06 7.95 19.42
CA GLY A 53 4.85 9.39 19.30
C GLY A 53 5.95 10.21 19.94
N PRO A 54 6.07 11.50 19.56
CA PRO A 54 7.24 12.29 19.97
C PRO A 54 7.20 12.69 21.45
N THR A 55 8.31 12.43 22.13
CA THR A 55 8.54 12.73 23.53
C THR A 55 8.40 14.22 23.87
N CYS A 56 7.80 14.49 25.04
CA CYS A 56 7.70 15.85 25.55
C CYS A 56 9.01 16.36 26.16
N HIS A 57 9.94 16.69 25.26
CA HIS A 57 11.22 17.29 25.59
C HIS A 57 11.04 18.78 25.63
N LEU A 58 10.76 19.26 26.83
CA LEU A 58 10.37 20.64 27.05
C LEU A 58 11.45 21.28 27.88
N ASN A 59 12.00 22.36 27.35
CA ASN A 59 12.98 23.17 28.03
C ASN A 59 12.34 23.75 29.29
N ASN A 60 13.09 23.92 30.38
CA ASN A 60 12.51 24.44 31.64
C ASN A 60 12.20 25.94 31.72
N GLY A 61 12.51 26.70 30.67
CA GLY A 61 12.16 28.13 30.61
C GLY A 61 13.25 29.10 31.00
N ASP A 62 14.37 28.60 31.55
CA ASP A 62 15.48 29.46 31.98
C ASP A 62 16.06 30.24 30.79
N GLU A 63 16.17 29.60 29.63
CA GLU A 63 16.83 30.22 28.50
C GLU A 63 16.08 31.46 28.01
N ALA A 64 14.75 31.38 27.99
CA ALA A 64 13.94 32.55 27.62
C ALA A 64 13.83 33.59 28.74
N ASN A 65 14.12 33.23 29.98
CA ASN A 65 13.77 34.09 31.11
C ASN A 65 14.89 34.70 31.95
N ILE A 66 16.00 33.97 32.05
CA ILE A 66 17.16 34.38 32.83
C ILE A 66 18.06 35.31 31.97
N PRO A 67 18.44 36.45 32.52
CA PRO A 67 19.22 37.41 31.73
C PRO A 67 20.58 36.85 31.32
N LEU A 68 21.06 37.24 30.15
CA LEU A 68 22.33 36.75 29.56
C LEU A 68 22.66 35.26 29.69
N PHE A 69 21.67 34.41 29.53
CA PHE A 69 21.88 32.96 29.39
C PHE A 69 22.70 32.42 30.57
N ASP A 70 22.46 32.99 31.75
CA ASP A 70 23.27 32.67 32.94
C ASP A 70 22.90 31.28 33.47
N GLY A 71 21.80 30.76 32.96
CA GLY A 71 21.32 29.44 33.34
C GLY A 71 21.86 28.45 32.35
N GLN A 72 22.53 28.92 31.29
CA GLN A 72 22.84 28.05 30.14
C GLN A 72 24.30 27.56 30.06
N PHE A 73 24.52 26.38 29.49
CA PHE A 73 25.85 25.89 29.27
C PHE A 73 26.50 26.71 28.16
N HIS A 74 27.74 27.17 28.40
CA HIS A 74 28.54 27.88 27.37
C HIS A 74 30.04 27.87 27.64
N LYS A 75 30.53 26.79 28.23
CA LYS A 75 31.96 26.58 28.45
C LYS A 75 32.76 26.55 27.13
N SER A 76 33.90 27.26 27.10
CA SER A 76 34.76 27.41 25.89
C SER A 76 34.39 28.55 24.92
N LEU A 77 33.26 29.22 25.15
CA LEU A 77 32.90 30.42 24.41
C LEU A 77 33.54 31.60 25.12
N PRO A 78 33.55 32.80 24.48
CA PRO A 78 33.99 33.99 25.20
C PRO A 78 33.03 34.44 26.30
N HIS A 79 33.63 34.95 27.37
CA HIS A 79 32.90 35.47 28.54
C HIS A 79 33.55 36.78 28.94
N ASP A 80 32.83 37.59 29.71
CA ASP A 80 33.42 38.74 30.40
C ASP A 80 34.11 38.31 31.72
N ASP A 81 34.57 39.26 32.52
CA ASP A 81 35.39 38.94 33.69
C ASP A 81 34.57 38.32 34.81
N MET A 82 33.27 38.23 34.59
CA MET A 82 32.35 37.71 35.57
C MET A 82 31.81 36.33 35.16
N GLY A 83 32.26 35.83 34.01
CA GLY A 83 31.78 34.55 33.48
C GLY A 83 30.51 34.70 32.67
N ARG A 84 30.12 35.93 32.37
CA ARG A 84 28.93 36.18 31.59
C ARG A 84 29.24 35.95 30.10
N VAL A 85 28.45 35.13 29.43
CA VAL A 85 28.75 34.84 28.04
C VAL A 85 28.57 36.07 27.14
N ASN A 86 29.32 36.09 26.06
CA ASN A 86 29.04 36.97 24.95
C ASN A 86 27.74 36.47 24.28
N PRO A 87 26.65 37.28 24.29
CA PRO A 87 25.38 36.74 23.77
C PRO A 87 25.42 36.38 22.30
N GLU A 88 26.26 37.09 21.53
CA GLU A 88 26.43 36.79 20.11
C GLU A 88 27.00 35.40 19.91
N ALA A 89 28.09 35.08 20.61
CA ALA A 89 28.66 33.72 20.59
C ALA A 89 27.65 32.64 21.00
N TYR A 90 26.80 32.92 22.00
CA TYR A 90 25.75 31.97 22.38
C TYR A 90 24.75 31.68 21.25
N GLN A 91 24.36 32.71 20.50
CA GLN A 91 23.43 32.52 19.38
C GLN A 91 24.08 31.67 18.27
N LEU A 92 25.37 31.86 18.03
CA LEU A 92 26.08 30.97 17.12
C LEU A 92 26.11 29.49 17.56
N LEU A 93 26.24 29.24 18.87
CA LEU A 93 26.11 27.89 19.45
C LEU A 93 24.71 27.32 19.24
N LEU A 94 23.70 28.16 19.49
CA LEU A 94 22.31 27.79 19.19
C LEU A 94 22.12 27.44 17.72
N ASP A 95 22.77 28.20 16.83
CA ASP A 95 22.65 27.98 15.37
C ASP A 95 23.26 26.63 15.02
N CYS A 96 24.45 26.37 15.57
CA CYS A 96 25.11 25.08 15.50
C CYS A 96 24.19 23.89 15.89
N ILE A 97 23.63 23.96 17.10
CA ILE A 97 22.82 22.88 17.63
C ILE A 97 21.61 22.66 16.71
N GLU A 98 20.92 23.76 16.36
CA GLU A 98 19.75 23.73 15.48
C GLU A 98 20.10 23.01 14.16
N SER A 99 21.21 23.44 13.54
CA SER A 99 21.55 23.03 12.18
C SER A 99 21.96 21.57 12.11
N ASN A 100 22.57 21.06 13.18
CA ASN A 100 23.12 19.69 13.20
C ASN A 100 24.17 19.52 12.07
N ASP A 101 24.93 20.58 11.82
CA ASP A 101 25.78 20.68 10.62
C ASP A 101 27.18 20.95 11.09
N ILE A 102 28.10 20.04 10.76
CA ILE A 102 29.48 20.06 11.26
C ILE A 102 30.22 21.37 10.92
N ASN A 103 29.92 21.96 9.76
CA ASN A 103 30.56 23.17 9.28
C ASN A 103 29.99 24.45 9.91
N VAL A 104 28.71 24.41 10.30
CA VAL A 104 28.10 25.53 11.03
C VAL A 104 28.70 25.60 12.42
N CYS A 105 28.82 24.43 13.03
CA CYS A 105 29.38 24.33 14.35
C CYS A 105 30.85 24.80 14.41
N ASP A 106 31.64 24.59 13.34
CA ASP A 106 33.05 25.08 13.38
C ASP A 106 33.18 26.61 13.51
N GLN A 107 32.07 27.33 13.31
CA GLN A 107 32.05 28.79 13.41
C GLN A 107 31.80 29.33 14.82
N VAL A 108 31.48 28.46 15.79
CA VAL A 108 31.21 28.89 17.17
C VAL A 108 32.47 29.52 17.80
N PRO A 109 32.36 30.77 18.27
CA PRO A 109 33.53 31.40 18.87
C PRO A 109 34.16 30.64 20.05
N SER A 110 35.49 30.77 20.15
CA SER A 110 36.25 30.24 21.27
C SER A 110 36.60 31.40 22.21
N GLY A 111 36.63 31.13 23.51
CA GLY A 111 36.99 32.17 24.46
C GLY A 111 38.47 32.49 24.56
N VAL A 112 39.32 31.71 23.89
CA VAL A 112 40.76 32.00 23.91
C VAL A 112 41.26 32.17 22.51
N GLU A 113 42.35 32.92 22.34
CA GLU A 113 42.79 33.27 20.99
C GLU A 113 43.34 32.08 20.16
N SER A 114 43.87 31.05 20.82
CA SER A 114 44.33 29.85 20.10
C SER A 114 44.29 28.56 20.95
N ASP A 115 44.17 27.41 20.27
CA ASP A 115 44.13 26.08 20.91
C ASP A 115 43.05 25.93 21.99
N GLY A 116 41.95 26.66 21.86
CA GLY A 116 40.83 26.59 22.81
C GLY A 116 40.18 25.23 22.86
N ARG A 117 39.70 24.86 24.04
CA ARG A 117 39.05 23.57 24.28
C ARG A 117 37.93 23.34 23.28
N LYS A 118 37.83 22.14 22.73
CA LYS A 118 36.82 21.85 21.70
C LYS A 118 35.43 21.54 22.30
N LEU A 119 34.39 21.89 21.55
CA LEU A 119 33.01 21.47 21.86
C LEU A 119 32.88 19.97 21.65
N VAL A 120 32.34 19.29 22.66
CA VAL A 120 32.23 17.83 22.61
C VAL A 120 30.92 17.42 21.93
N ASN A 121 30.99 17.26 20.61
CA ASN A 121 29.94 16.68 19.80
C ASN A 121 28.52 17.29 19.88
N PRO A 122 28.40 18.61 19.67
CA PRO A 122 27.05 19.17 19.57
C PRO A 122 26.14 18.58 18.48
N LEU A 123 26.68 17.82 17.51
CA LEU A 123 25.79 17.11 16.57
C LEU A 123 25.34 15.74 17.09
N GLY A 124 25.92 15.34 18.20
CA GLY A 124 25.83 13.97 18.69
C GLY A 124 24.46 13.35 18.97
N GLY A 125 23.46 14.19 19.27
CA GLY A 125 22.11 13.66 19.50
C GLY A 125 21.26 13.61 18.23
N GLY A 126 21.83 14.00 17.10
CA GLY A 126 21.07 14.14 15.87
C GLY A 126 20.97 12.94 14.92
N GLY A 127 21.53 11.78 15.28
CA GLY A 127 21.41 10.58 14.43
C GLY A 127 20.03 9.91 14.29
N HIS A 128 19.74 9.35 13.11
CA HIS A 128 18.56 8.51 13.00
C HIS A 128 18.95 7.09 13.35
N GLN A 129 18.52 6.60 14.51
CA GLN A 129 18.91 5.24 14.96
C GLN A 129 18.36 4.10 14.09
N VAL A 130 19.21 3.12 13.83
CA VAL A 130 18.79 1.95 13.07
C VAL A 130 17.79 1.12 13.90
N ASP A 131 18.06 0.99 15.20
CA ASP A 131 17.17 0.27 16.10
C ASP A 131 17.11 0.90 17.49
N GLY A 132 16.55 0.15 18.44
CA GLY A 132 16.19 0.72 19.74
C GLY A 132 15.25 1.91 19.56
N ALA A 133 15.20 2.77 20.57
CA ALA A 133 14.45 4.00 20.47
C ALA A 133 15.33 5.09 19.85
N ASP A 134 14.74 5.94 19.01
CA ASP A 134 15.51 6.95 18.28
C ASP A 134 16.13 7.96 19.23
N SER A 135 17.11 8.69 18.72
CA SER A 135 17.88 9.59 19.54
CA SER A 135 17.89 9.61 19.52
C SER A 135 17.02 10.53 20.38
N ASP A 136 15.92 11.00 19.84
CA ASP A 136 15.07 11.99 20.53
C ASP A 136 13.84 11.38 21.20
N ASN A 137 13.79 10.07 21.29
CA ASN A 137 12.56 9.41 21.66
C ASN A 137 12.64 8.62 22.97
N ILE A 138 13.58 9.01 23.83
CA ILE A 138 13.52 8.57 25.20
CA ILE A 138 13.59 8.55 25.21
C ILE A 138 13.38 9.74 26.13
N PHE A 139 12.37 9.68 26.99
CA PHE A 139 12.09 10.72 27.97
C PHE A 139 13.14 10.82 29.09
N ILE A 140 13.42 12.06 29.50
CA ILE A 140 13.97 12.35 30.81
C ILE A 140 13.17 13.52 31.39
N LYS A 141 13.07 13.55 32.72
CA LYS A 141 12.40 14.61 33.49
C LYS A 141 13.15 15.91 33.22
N GLN A 142 12.45 17.04 33.31
CA GLN A 142 13.10 18.36 33.19
C GLN A 142 14.04 18.64 34.35
N PRO A 143 15.17 19.30 34.08
CA PRO A 143 16.04 19.61 35.23
C PRO A 143 15.51 20.81 36.03
N ASP A 144 15.83 20.85 37.31
CA ASP A 144 15.43 21.93 38.18
C ASP A 144 15.93 23.27 37.64
N ASN A 145 15.15 24.32 37.89
CA ASN A 145 15.45 25.66 37.43
C ASN A 145 16.64 26.27 38.14
N LEU A 146 17.34 27.14 37.43
CA LEU A 146 18.48 27.83 37.97
C LEU A 146 18.16 28.44 39.33
N LEU A 147 17.01 29.10 39.44
CA LEU A 147 16.66 29.80 40.67
C LEU A 147 15.91 28.91 41.67
N SER A 148 15.68 27.63 41.35
CA SER A 148 14.91 26.77 42.27
C SER A 148 15.60 26.45 43.62
N GLU A 149 14.77 26.14 44.62
CA GLU A 149 15.21 25.70 45.94
C GLU A 149 15.90 24.35 45.85
N ARG A 150 15.34 23.42 45.05
CA ARG A 150 16.00 22.11 44.97
C ARG A 150 17.36 22.15 44.28
N LEU A 151 17.52 22.94 43.21
CA LEU A 151 18.86 23.11 42.62
C LEU A 151 19.84 23.64 43.65
N ALA A 152 19.39 24.54 44.53
CA ALA A 152 20.26 25.14 45.54
C ALA A 152 20.86 24.09 46.50
N ALA A 153 19.98 23.23 47.03
CA ALA A 153 20.32 22.09 47.86
C ALA A 153 21.28 21.10 47.15
N GLN A 154 21.01 20.84 45.87
CA GLN A 154 21.86 19.99 45.06
C GLN A 154 23.26 20.58 44.92
N GLN A 155 23.34 21.88 44.66
CA GLN A 155 24.66 22.50 44.60
C GLN A 155 25.33 22.37 45.98
N ALA A 156 24.51 22.49 47.03
CA ALA A 156 25.02 22.40 48.38
C ALA A 156 25.61 21.02 48.58
N GLU A 157 24.92 19.98 48.11
CA GLU A 157 25.42 18.61 48.21
C GLU A 157 26.72 18.39 47.47
N VAL A 158 26.89 19.04 46.32
CA VAL A 158 28.13 18.95 45.52
C VAL A 158 29.31 19.64 46.25
N TYR A 159 29.00 20.75 46.92
CA TYR A 159 29.99 21.44 47.74
C TYR A 159 30.45 20.58 48.94
N TRP A 160 29.51 19.90 49.61
CA TRP A 160 29.89 19.01 50.73
C TRP A 160 30.72 17.88 50.27
N MET A 161 30.34 17.31 49.12
CA MET A 161 31.12 16.29 48.48
C MET A 161 32.55 16.79 48.27
N ALA A 162 32.73 18.00 47.76
CA ALA A 162 34.08 18.55 47.57
C ALA A 162 34.86 18.64 48.91
N LEU A 163 34.17 19.11 49.95
CA LEU A 163 34.78 19.30 51.26
C LEU A 163 35.13 17.97 51.89
N LEU A 164 34.43 16.91 51.50
CA LEU A 164 34.62 15.62 52.17
C LEU A 164 35.37 14.61 51.34
N ARG A 165 35.96 15.06 50.24
CA ARG A 165 36.58 14.13 49.29
C ARG A 165 37.60 13.15 49.92
N ASP A 166 38.33 13.56 50.96
CA ASP A 166 39.43 12.71 51.45
C ASP A 166 39.05 11.88 52.70
N ILE A 167 37.80 11.96 53.12
CA ILE A 167 37.35 11.24 54.31
C ILE A 167 36.94 9.82 53.95
N PRO A 168 37.67 8.83 54.48
CA PRO A 168 37.34 7.46 54.11
C PRO A 168 35.88 7.14 54.40
N PHE A 169 35.28 6.33 53.56
CA PHE A 169 33.89 5.94 53.76
C PHE A 169 33.65 5.31 55.13
N SER A 170 34.60 4.50 55.62
CA SER A 170 34.36 3.78 56.87
CA SER A 170 34.46 3.77 56.89
C SER A 170 34.33 4.72 58.08
N GLN A 171 34.76 5.94 57.89
CA GLN A 171 34.75 6.93 58.96
C GLN A 171 33.49 7.79 58.98
N PHE A 172 32.59 7.61 58.00
CA PHE A 172 31.42 8.49 57.92
C PHE A 172 30.61 8.57 59.22
N GLY A 173 30.39 7.43 59.89
CA GLY A 173 29.61 7.40 61.12
C GLY A 173 30.15 8.17 62.33
N THR A 174 31.46 8.39 62.42
CA THR A 174 32.05 9.07 63.58
C THR A 174 32.73 10.39 63.26
N ASN A 175 33.02 10.61 62.00
CA ASN A 175 33.68 11.83 61.63
C ASN A 175 32.78 13.05 61.86
N ASN A 176 33.34 14.07 62.51
CA ASN A 176 32.63 15.30 62.78
C ASN A 176 32.27 16.15 61.58
N THR A 177 33.20 16.28 60.63
CA THR A 177 32.90 17.14 59.48
C THR A 177 31.80 16.55 58.61
N VAL A 178 31.71 15.24 58.48
CA VAL A 178 30.58 14.68 57.74
C VAL A 178 29.28 14.86 58.53
N GLN A 179 29.35 14.77 59.86
CA GLN A 179 28.17 15.04 60.70
C GLN A 179 27.61 16.43 60.38
N MET A 180 28.54 17.39 60.23
CA MET A 180 28.23 18.75 59.88
C MET A 180 27.54 18.87 58.52
N ALA A 181 28.04 18.14 57.53
CA ALA A 181 27.45 18.13 56.20
C ALA A 181 26.01 17.60 56.28
N VAL A 182 25.85 16.46 56.91
CA VAL A 182 24.51 15.84 57.12
C VAL A 182 23.50 16.77 57.76
N VAL A 183 23.90 17.44 58.85
CA VAL A 183 23.01 18.34 59.59
C VAL A 183 22.71 19.58 58.76
N ASN A 184 23.65 19.98 57.92
CA ASN A 184 23.48 21.17 57.10
C ASN A 184 22.50 20.85 55.98
N LEU A 185 22.68 19.67 55.38
CA LEU A 185 21.81 19.20 54.31
C LEU A 185 20.37 18.91 54.76
N GLN A 186 20.24 18.40 55.98
CA GLN A 186 18.94 18.18 56.59
C GLN A 186 18.12 19.46 56.77
N GLY A 187 18.82 20.60 56.79
CA GLY A 187 18.17 21.90 56.94
C GLY A 187 17.34 22.36 55.74
N PHE A 188 17.69 21.87 54.53
CA PHE A 188 16.94 22.11 53.26
C PHE A 188 15.66 21.26 53.11
N ASP A 189 14.50 21.90 53.13
CA ASP A 189 13.25 21.18 52.86
C ASP A 189 13.13 20.73 51.42
N ALA A 190 13.81 21.44 50.52
CA ALA A 190 13.71 21.11 49.10
C ALA A 190 14.60 19.94 48.71
N PHE A 191 15.39 19.44 49.66
CA PHE A 191 16.23 18.27 49.39
C PHE A 191 15.43 16.96 49.54
N ASN A 192 14.38 16.79 48.73
CA ASN A 192 13.71 15.49 48.61
C ASN A 192 13.52 15.16 47.15
N GLY A 193 13.07 13.93 46.88
CA GLY A 193 13.03 13.37 45.54
C GLY A 193 14.44 12.95 45.18
N LEU A 194 14.72 12.84 43.88
CA LEU A 194 16.08 12.61 43.35
C LEU A 194 16.74 11.36 43.91
N SER A 195 15.90 10.37 44.24
CA SER A 195 16.33 9.11 44.84
C SER A 195 17.17 9.30 46.11
N ILE A 196 16.88 10.39 46.84
CA ILE A 196 17.60 10.71 48.08
C ILE A 196 17.26 9.68 49.16
N SER A 197 18.33 9.14 49.77
CA SER A 197 18.28 8.08 50.76
C SER A 197 18.14 8.63 52.17
N ARG A 198 17.21 8.08 52.95
CA ARG A 198 16.97 8.52 54.34
C ARG A 198 16.64 7.30 55.20
N ASP A 199 16.84 7.37 56.51
CA ASP A 199 16.45 6.26 57.40
C ASP A 199 14.93 6.20 57.61
N ALA A 200 14.45 5.28 58.43
CA ALA A 200 13.01 5.12 58.65
C ALA A 200 12.32 6.35 59.28
N ASP A 201 13.11 7.22 59.91
CA ASP A 201 12.57 8.42 60.53
C ASP A 201 12.76 9.67 59.69
N GLY A 202 13.26 9.51 58.47
CA GLY A 202 13.43 10.67 57.58
C GLY A 202 14.74 11.42 57.71
N ASN A 203 15.69 10.84 58.44
CA ASN A 203 16.99 11.47 58.58
C ASN A 203 17.97 10.87 57.58
N ILE A 204 19.01 11.65 57.27
CA ILE A 204 20.12 11.19 56.47
C ILE A 204 21.13 10.56 57.43
N ASP A 205 21.20 9.23 57.47
CA ASP A 205 22.22 8.55 58.27
C ASP A 205 23.58 8.83 57.63
N PRO A 206 24.55 9.35 58.41
CA PRO A 206 25.86 9.69 57.81
C PRO A 206 26.49 8.50 57.09
N MET A 207 26.45 7.33 57.72
CA MET A 207 27.13 6.15 57.25
C MET A 207 26.40 5.38 56.12
N GLN A 208 25.07 5.28 56.19
CA GLN A 208 24.31 4.51 55.18
C GLN A 208 23.58 5.35 54.11
N ASP A 209 23.37 6.63 54.37
CA ASP A 209 22.54 7.45 53.49
C ASP A 209 23.30 8.54 52.71
N LEU A 210 24.27 9.18 53.36
CA LEU A 210 24.87 10.39 52.78
C LEU A 210 25.56 10.11 51.46
N PHE A 211 25.15 10.86 50.44
CA PHE A 211 25.65 10.74 49.09
C PHE A 211 25.31 9.42 48.44
N ARG A 212 24.26 8.74 48.90
CA ARG A 212 23.81 7.50 48.24
C ARG A 212 22.47 7.70 47.51
N THR A 213 21.99 6.66 46.83
CA THR A 213 20.65 6.70 46.27
C THR A 213 19.78 5.70 47.03
N ASP A 214 18.46 5.76 46.83
CA ASP A 214 17.55 4.83 47.48
C ASP A 214 17.15 3.67 46.58
N TRP A 215 17.90 3.40 45.51
CA TRP A 215 17.65 2.18 44.76
C TRP A 215 17.89 0.93 45.60
N PRO A 216 17.14 -0.16 45.33
CA PRO A 216 17.26 -1.41 46.09
C PRO A 216 18.70 -1.81 46.38
N GLY A 217 19.01 -1.82 47.67
CA GLY A 217 20.24 -2.40 48.14
C GLY A 217 21.40 -1.45 48.19
N VAL A 218 21.21 -0.24 47.63
CA VAL A 218 22.30 0.72 47.55
C VAL A 218 22.67 1.26 48.92
N SER A 219 21.70 1.32 49.84
CA SER A 219 21.97 1.83 51.19
C SER A 219 22.29 0.71 52.19
N SER A 220 22.46 -0.51 51.71
CA SER A 220 22.83 -1.63 52.59
C SER A 220 24.33 -1.87 52.48
N GLY A 221 25.02 -1.96 53.61
CA GLY A 221 26.42 -2.37 53.60
C GLY A 221 27.32 -1.25 53.09
N PRO A 222 28.51 -1.60 52.55
CA PRO A 222 29.50 -0.59 52.16
C PRO A 222 29.06 0.29 51.01
N MET A 223 29.56 1.53 51.02
CA MET A 223 29.33 2.50 49.96
C MET A 223 29.71 1.94 48.58
N VAL A 224 30.88 1.29 48.49
CA VAL A 224 31.47 0.90 47.20
C VAL A 224 30.98 -0.49 46.81
N SER A 225 30.50 -0.59 45.56
CA SER A 225 30.04 -1.86 45.02
C SER A 225 31.11 -2.90 45.18
N GLN A 226 30.69 -4.10 45.60
CA GLN A 226 31.59 -5.27 45.59
C GLN A 226 32.25 -5.45 44.21
N PHE A 227 31.60 -4.95 43.16
CA PHE A 227 32.05 -5.24 41.80
C PHE A 227 33.26 -4.37 41.44
N MET A 228 33.37 -3.26 42.16
CA MET A 228 34.42 -2.28 41.94
CA MET A 228 34.42 -2.28 41.94
C MET A 228 35.64 -2.55 42.82
N LEU A 229 35.51 -3.52 43.73
CA LEU A 229 36.63 -3.92 44.61
C LEU A 229 37.23 -5.33 44.32
N ALA A 230 36.46 -6.15 43.59
CA ALA A 230 36.84 -7.53 43.38
C ALA A 230 37.88 -7.64 42.26
N ASN A 231 38.74 -8.66 42.33
CA ASN A 231 39.61 -9.07 41.23
C ASN A 231 38.69 -9.42 40.08
N PHE A 232 39.11 -9.04 38.89
CA PHE A 232 38.48 -9.57 37.70
C PHE A 232 39.52 -10.20 36.76
N ASP A 233 39.08 -11.26 36.06
CA ASP A 233 39.94 -11.92 35.11
C ASP A 233 39.69 -11.51 33.64
N ILE A 234 40.73 -10.99 32.99
CA ILE A 234 40.61 -10.72 31.56
C ILE A 234 41.72 -11.43 30.81
N ASP A 235 41.37 -12.20 29.78
CA ASP A 235 42.31 -13.01 28.99
C ASP A 235 43.38 -13.75 29.82
N GLY A 236 43.02 -14.10 31.06
CA GLY A 236 43.91 -14.84 31.95
C GLY A 236 44.69 -13.93 32.88
N ILE A 237 44.59 -12.61 32.64
CA ILE A 237 45.27 -11.60 33.47
C ILE A 237 44.36 -11.31 34.69
N VAL A 238 44.86 -11.60 35.89
CA VAL A 238 44.05 -11.38 37.09
C VAL A 238 44.37 -9.99 37.58
N VAL A 239 43.36 -9.14 37.63
CA VAL A 239 43.58 -7.74 37.94
C VAL A 239 43.01 -7.38 39.31
N GLU A 240 43.84 -6.77 40.15
CA GLU A 240 43.35 -6.20 41.42
C GLU A 240 43.03 -4.75 41.15
N PRO A 241 41.76 -4.33 41.41
CA PRO A 241 41.37 -2.98 41.04
C PRO A 241 42.03 -1.87 41.89
N LYS A 242 43.36 -1.75 41.78
CA LYS A 242 44.08 -0.65 42.42
C LYS A 242 44.43 0.36 41.33
N ALA A 243 43.94 1.58 41.53
CA ALA A 243 43.94 2.61 40.52
C ALA A 243 44.92 3.72 40.91
N LYS A 244 45.55 4.30 39.89
N LYS A 244 45.57 4.30 39.90
CA LYS A 244 46.36 5.50 40.09
CA LYS A 244 46.36 5.50 40.12
C LYS A 244 45.37 6.67 40.19
C LYS A 244 45.38 6.68 40.20
N THR A 245 44.77 6.79 41.38
CA THR A 245 43.74 7.73 41.69
C THR A 245 44.33 9.15 41.82
N LEU A 246 43.44 10.11 42.01
CA LEU A 246 43.77 11.51 42.09
C LEU A 246 44.50 11.80 43.41
N VAL A 247 45.52 12.69 43.42
CA VAL A 247 46.27 12.91 44.65
C VAL A 247 45.42 13.57 45.77
N PRO A 248 45.66 13.20 47.05
CA PRO A 248 44.88 13.77 48.17
C PRO A 248 45.16 15.26 48.43
N GLU A 249 44.13 15.99 48.86
CA GLU A 249 44.26 17.42 49.26
C GLU A 249 44.66 18.36 48.14
N MET A 250 44.32 18.04 46.91
CA MET A 250 44.52 18.98 45.81
C MET A 250 43.22 19.31 45.15
N GLU A 251 42.93 20.60 45.05
CA GLU A 251 41.75 21.05 44.29
C GLU A 251 42.14 22.02 43.18
N TYR A 252 41.19 22.31 42.31
CA TYR A 252 41.40 23.22 41.16
C TYR A 252 40.29 24.22 40.98
N MET A 253 40.61 25.24 40.18
CA MET A 253 39.66 26.29 39.83
C MET A 253 39.14 27.00 41.07
N THR A 254 40.02 27.09 42.07
CA THR A 254 39.77 27.62 43.40
C THR A 254 40.02 29.14 43.48
N GLY A 255 40.39 29.74 42.34
CA GLY A 255 40.46 31.18 42.18
C GLY A 255 39.71 31.60 40.93
N VAL A 256 39.36 32.89 40.85
CA VAL A 256 38.64 33.43 39.70
C VAL A 256 39.46 33.32 38.42
N ASP A 257 40.76 33.59 38.51
CA ASP A 257 41.62 33.46 37.34
C ASP A 257 41.67 32.02 36.80
N THR A 258 41.89 31.03 37.65
CA THR A 258 41.94 29.64 37.17
C THR A 258 40.55 29.16 36.69
N TRP A 259 39.50 29.61 37.35
CA TRP A 259 38.12 29.24 36.99
C TRP A 259 37.71 29.86 35.67
N LEU A 260 37.99 31.14 35.50
CA LEU A 260 37.62 31.82 34.26
C LEU A 260 38.44 31.35 33.06
N ASN A 261 39.70 31.04 33.29
CA ASN A 261 40.51 30.45 32.21
C ASN A 261 39.82 29.20 31.60
N ILE A 262 39.32 28.34 32.50
CA ILE A 262 38.67 27.09 32.12
C ILE A 262 37.35 27.39 31.40
N GLN A 263 36.49 28.18 32.02
CA GLN A 263 35.25 28.63 31.38
C GLN A 263 35.50 29.15 29.96
N ASN A 264 36.63 29.80 29.75
CA ASN A 264 36.96 30.34 28.44
C ASN A 264 37.52 29.33 27.46
N GLY A 265 37.98 28.18 27.95
CA GLY A 265 38.58 27.19 27.08
C GLY A 265 40.11 27.13 27.07
N GLY A 266 40.77 27.71 28.07
CA GLY A 266 42.27 27.75 28.12
C GLY A 266 42.86 26.46 28.66
N PRO A 267 44.22 26.31 28.68
CA PRO A 267 44.77 25.06 29.19
C PRO A 267 44.54 24.96 30.68
N PRO A 268 43.99 23.82 31.13
CA PRO A 268 43.75 23.58 32.53
C PRO A 268 45.06 23.41 33.27
N GLU A 269 45.04 23.63 34.58
CA GLU A 269 46.13 23.21 35.47
C GLU A 269 46.32 21.70 35.30
N ASP A 270 47.57 21.24 35.43
CA ASP A 270 47.96 19.82 35.39
C ASP A 270 47.23 18.98 36.48
N THR A 271 46.37 18.04 36.06
CA THR A 271 45.76 17.12 37.03
C THR A 271 46.80 16.06 37.45
N LEU A 272 46.96 15.85 38.76
CA LEU A 272 47.99 14.94 39.26
C LEU A 272 47.40 13.65 39.80
N PHE A 273 48.13 12.56 39.57
CA PHE A 273 47.70 11.22 39.98
C PHE A 273 48.75 10.60 40.93
N VAL A 274 48.31 9.69 41.80
CA VAL A 274 49.20 9.07 42.79
C VAL A 274 50.16 8.11 42.13
N ASP A 275 51.31 7.93 42.77
CA ASP A 275 52.36 7.04 42.30
C ASP A 275 51.95 5.61 42.61
N GLU A 276 51.60 5.39 43.87
CA GLU A 276 51.24 4.06 44.32
C GLU A 276 49.74 3.86 44.20
N PRO A 277 49.30 2.86 43.43
CA PRO A 277 47.86 2.74 43.12
C PRO A 277 47.07 2.22 44.32
N LEU A 278 45.74 2.46 44.35
CA LEU A 278 44.90 2.13 45.53
C LEU A 278 43.46 1.70 45.20
N PHE A 279 42.84 0.94 46.12
CA PHE A 279 41.42 0.60 45.98
C PHE A 279 40.57 1.83 46.29
N ILE A 280 39.32 1.82 45.86
CA ILE A 280 38.41 2.96 46.12
C ILE A 280 37.94 2.94 47.58
N ARG A 281 38.26 4.00 48.31
CA ARG A 281 37.89 4.11 49.73
C ARG A 281 37.37 5.47 50.18
N ASN A 282 37.27 6.42 49.24
CA ASN A 282 36.72 7.75 49.56
C ASN A 282 36.07 8.47 48.33
N GLY A 283 35.57 9.68 48.57
CA GLY A 283 34.87 10.42 47.52
C GLY A 283 35.81 10.79 46.39
N ARG A 284 37.03 11.19 46.71
CA ARG A 284 38.02 11.43 45.67
C ARG A 284 38.26 10.19 44.79
N ASP A 285 38.23 9.00 45.38
CA ASP A 285 38.46 7.76 44.60
C ASP A 285 37.32 7.46 43.63
N LEU A 286 36.08 7.78 44.05
CA LEU A 286 34.92 7.68 43.18
C LEU A 286 35.00 8.71 42.06
N ALA A 287 35.39 9.95 42.41
CA ALA A 287 35.67 10.99 41.41
C ALA A 287 36.64 10.43 40.37
N ALA A 288 37.73 9.83 40.85
CA ALA A 288 38.76 9.29 40.00
C ALA A 288 38.19 8.22 39.08
N LEU A 289 37.39 7.32 39.64
CA LEU A 289 36.75 6.27 38.87
C LEU A 289 35.94 6.84 37.70
N SER A 290 35.04 7.77 37.99
CA SER A 290 34.23 8.39 36.93
C SER A 290 35.03 9.28 35.97
N PHE A 291 36.28 9.65 36.30
CA PHE A 291 37.10 10.50 35.41
C PHE A 291 37.91 9.62 34.46
N ASN A 292 38.36 8.50 34.99
CA ASN A 292 39.22 7.59 34.29
C ASN A 292 38.49 6.51 33.49
N ASP A 293 37.19 6.32 33.72
CA ASP A 293 36.48 5.22 33.02
C ASP A 293 36.32 5.54 31.55
N VAL A 294 35.97 4.52 30.76
CA VAL A 294 35.64 4.71 29.36
C VAL A 294 34.43 3.85 29.01
N LEU A 295 33.30 4.52 28.81
CA LEU A 295 32.06 3.83 28.44
C LEU A 295 31.80 2.56 29.30
N TYR A 296 31.83 1.37 28.72
CA TYR A 296 31.47 0.15 29.48
C TYR A 296 32.60 -0.57 30.31
N THR A 297 33.67 0.14 30.61
CA THR A 297 34.77 -0.41 31.44
C THR A 297 34.25 -0.99 32.75
N GLU A 298 33.48 -0.23 33.54
CA GLU A 298 32.99 -0.74 34.84
C GLU A 298 32.02 -1.90 34.67
N ALA A 299 31.11 -1.77 33.69
CA ALA A 299 30.17 -2.87 33.35
C ALA A 299 30.84 -4.14 32.79
N PHE A 300 31.96 -3.94 32.10
CA PHE A 300 32.74 -5.07 31.62
C PHE A 300 33.36 -5.86 32.80
N ARG A 301 34.00 -5.15 33.72
CA ARG A 301 34.50 -5.72 34.96
C ARG A 301 33.40 -6.48 35.68
N THR A 302 32.26 -5.81 35.83
CA THR A 302 31.12 -6.40 36.51
C THR A 302 30.71 -7.74 35.88
N ILE A 303 30.43 -7.75 34.57
CA ILE A 303 30.02 -9.00 33.95
C ILE A 303 31.13 -10.06 33.92
N LEU A 304 32.39 -9.65 33.86
CA LEU A 304 33.46 -10.63 33.92
C LEU A 304 33.55 -11.30 35.29
N ILE A 305 33.25 -10.54 36.32
CA ILE A 305 33.12 -11.09 37.65
C ILE A 305 31.93 -12.03 37.77
N MET A 306 30.80 -11.66 37.19
CA MET A 306 29.61 -12.49 37.25
C MET A 306 29.82 -13.84 36.58
N PHE A 307 30.51 -13.86 35.43
CA PHE A 307 30.77 -15.08 34.70
C PHE A 307 31.64 -16.04 35.45
N ASN A 308 32.80 -15.54 35.86
CA ASN A 308 33.77 -16.28 36.67
C ASN A 308 33.07 -16.98 37.84
N GLU A 309 32.18 -16.26 38.52
CA GLU A 309 31.46 -16.76 39.67
C GLU A 309 30.39 -17.77 39.25
N SER A 310 29.98 -17.68 37.98
CA SER A 310 29.11 -18.62 37.30
C SER A 310 27.59 -18.50 37.55
N ILE A 311 27.14 -17.34 38.01
CA ILE A 311 25.74 -17.18 38.33
C ILE A 311 24.87 -17.00 37.09
N LEU A 312 25.45 -16.42 36.04
CA LEU A 312 24.79 -16.26 34.75
C LEU A 312 24.49 -17.62 34.08
N ALA A 313 25.33 -18.63 34.32
CA ALA A 313 25.05 -19.97 33.76
C ALA A 313 23.70 -20.59 34.21
N GLU A 314 23.12 -20.03 35.28
CA GLU A 314 21.83 -20.46 35.83
C GLU A 314 20.62 -19.60 35.42
N ALA A 315 20.88 -18.57 34.60
CA ALA A 315 19.85 -17.60 34.25
C ALA A 315 19.11 -18.01 32.98
N GLY A 316 17.91 -17.46 32.76
CA GLY A 316 17.08 -17.76 31.58
C GLY A 316 16.61 -19.21 31.44
N PRO A 317 16.06 -19.58 30.29
CA PRO A 317 15.60 -20.96 30.04
C PRO A 317 16.63 -22.06 30.24
N TYR A 318 17.88 -21.81 29.88
CA TYR A 318 18.93 -22.83 29.97
C TYR A 318 19.28 -23.18 31.41
N GLY A 319 18.90 -22.34 32.35
CA GLY A 319 19.00 -22.72 33.75
C GLY A 319 18.08 -23.90 34.10
N SER A 320 17.20 -24.27 33.19
CA SER A 320 16.30 -25.43 33.39
C SER A 320 16.65 -26.62 32.50
N SER A 321 17.77 -26.50 31.78
CA SER A 321 18.18 -27.53 30.83
C SER A 321 19.28 -28.39 31.44
N THR A 322 19.25 -29.67 31.14
CA THR A 322 20.30 -30.57 31.58
C THR A 322 21.11 -31.02 30.39
N ARG A 323 20.58 -30.79 29.20
CA ARG A 323 21.21 -31.24 27.99
C ARG A 323 21.92 -30.11 27.23
N GLN A 324 21.61 -28.86 27.60
CA GLN A 324 22.06 -27.70 26.80
C GLN A 324 22.54 -26.52 27.60
N GLU A 325 23.26 -25.62 26.90
CA GLU A 325 23.53 -24.29 27.43
C GLU A 325 23.46 -23.24 26.34
N GLY A 326 23.11 -22.01 26.71
CA GLY A 326 23.00 -20.92 25.76
C GLY A 326 24.37 -20.33 25.46
N PHE A 327 24.48 -19.65 24.33
CA PHE A 327 25.67 -18.84 24.02
C PHE A 327 25.29 -17.58 23.24
N THR A 328 24.78 -17.75 22.02
CA THR A 328 24.45 -16.59 21.19
C THR A 328 23.08 -15.99 21.50
N THR A 329 22.18 -16.80 22.06
CA THR A 329 20.86 -16.35 22.51
C THR A 329 20.64 -16.96 23.89
N LEU A 330 20.42 -16.13 24.88
CA LEU A 330 20.23 -16.59 26.26
C LEU A 330 21.42 -17.39 26.84
N GLY A 331 22.61 -17.06 26.33
CA GLY A 331 23.86 -17.35 27.01
C GLY A 331 24.84 -16.18 26.95
N THR A 332 26.09 -16.49 27.26
CA THR A 332 27.19 -15.54 27.44
C THR A 332 27.45 -14.51 26.32
N SER A 333 27.56 -14.95 25.08
CA SER A 333 27.72 -14.01 23.97
C SER A 333 26.51 -13.07 23.84
N HIS A 334 25.32 -13.55 24.20
CA HIS A 334 24.17 -12.69 24.14
C HIS A 334 24.25 -11.66 25.23
N TYR A 335 24.59 -12.09 26.44
CA TYR A 335 24.58 -11.22 27.60
C TYR A 335 25.57 -10.10 27.40
N ILE A 336 26.83 -10.44 27.09
CA ILE A 336 27.89 -9.43 27.03
C ILE A 336 27.71 -8.40 25.89
N HIS A 337 27.30 -8.84 24.70
CA HIS A 337 26.96 -7.95 23.58
C HIS A 337 25.75 -7.07 23.80
N ALA A 338 24.63 -7.64 24.26
CA ALA A 338 23.44 -6.84 24.61
C ALA A 338 23.75 -5.80 25.68
N MET A 339 24.61 -6.14 26.64
CA MET A 339 25.00 -5.16 27.64
C MET A 339 25.65 -3.92 26.99
N ALA A 340 26.67 -4.14 26.16
CA ALA A 340 27.35 -2.99 25.53
C ALA A 340 26.38 -2.14 24.72
N ALA A 341 25.45 -2.78 24.03
CA ALA A 341 24.54 -2.05 23.17
C ALA A 341 23.39 -1.35 23.92
N GLY A 342 23.24 -1.66 25.21
CA GLY A 342 22.10 -1.20 25.99
C GLY A 342 21.90 0.30 25.99
N SER A 343 23.01 1.04 25.90
CA SER A 343 23.00 2.49 26.07
C SER A 343 22.81 3.29 24.80
N SER A 344 22.60 2.56 23.69
CA SER A 344 22.40 3.22 22.39
C SER A 344 23.47 4.23 22.09
N SER A 345 24.73 3.88 22.35
CA SER A 345 25.89 4.76 22.06
C SER A 345 25.82 6.13 22.73
N THR A 346 25.07 6.18 23.82
CA THR A 346 24.83 7.35 24.63
C THR A 346 24.13 8.53 23.92
N ARG A 347 23.42 8.21 22.84
CA ARG A 347 22.83 9.24 21.99
C ARG A 347 21.62 9.95 22.59
N HIS A 348 20.83 9.26 23.40
CA HIS A 348 19.70 9.91 24.05
C HIS A 348 20.15 10.97 24.97
N ALA A 349 21.27 10.74 25.66
CA ALA A 349 21.84 11.75 26.55
C ALA A 349 22.25 12.96 25.74
N TRP A 350 22.78 12.72 24.53
CA TRP A 350 23.34 13.81 23.75
C TRP A 350 22.26 14.72 23.21
N TYR A 351 21.14 14.13 22.80
CA TYR A 351 20.03 14.91 22.32
C TYR A 351 19.41 15.79 23.41
N ALA A 352 19.31 15.25 24.62
CA ALA A 352 18.78 15.97 25.74
C ALA A 352 19.75 17.09 26.22
N LYS A 353 21.05 16.78 26.30
CA LYS A 353 22.08 17.82 26.59
C LYS A 353 21.99 19.04 25.67
N TRP A 354 21.96 18.79 24.37
CA TRP A 354 22.09 19.88 23.41
C TRP A 354 20.79 20.38 22.82
N GLN A 355 19.99 19.52 22.21
CA GLN A 355 18.76 19.96 21.56
C GLN A 355 17.69 20.43 22.54
N VAL A 356 17.71 19.86 23.76
CA VAL A 356 16.63 20.10 24.74
C VAL A 356 16.93 21.07 25.90
N HIS A 357 17.89 20.72 26.75
CA HIS A 357 18.11 21.49 27.99
C HIS A 357 19.20 22.50 28.07
N ARG A 358 20.39 22.20 27.57
CA ARG A 358 21.52 23.14 27.57
C ARG A 358 21.84 23.71 28.97
N VAL A 359 21.64 22.87 29.98
CA VAL A 359 21.87 23.26 31.38
C VAL A 359 23.35 23.55 31.67
N LEU A 360 23.60 24.61 32.44
CA LEU A 360 24.95 24.95 32.96
C LEU A 360 25.48 23.91 33.94
N ARG A 361 26.79 23.89 34.13
CA ARG A 361 27.45 22.92 35.03
C ARG A 361 27.63 23.48 36.45
N PRO A 362 27.82 22.59 37.45
CA PRO A 362 27.95 23.12 38.83
C PRO A 362 29.08 24.17 39.01
N GLU A 363 30.20 24.00 38.29
CA GLU A 363 31.30 25.00 38.37
C GLU A 363 30.83 26.39 37.89
N ALA A 364 29.94 26.40 36.90
CA ALA A 364 29.34 27.65 36.45
C ALA A 364 28.34 28.23 37.50
N TYR A 365 27.46 27.38 38.05
CA TYR A 365 26.63 27.81 39.16
C TYR A 365 27.52 28.40 40.26
N GLY A 366 28.68 27.79 40.46
CA GLY A 366 29.61 28.21 41.47
C GLY A 366 30.13 29.62 41.24
N GLY A 367 30.37 29.98 39.99
CA GLY A 367 30.73 31.33 39.60
C GLY A 367 29.65 32.34 39.93
N LEU A 368 28.40 31.97 39.60
CA LEU A 368 27.28 32.84 39.91
C LEU A 368 27.22 33.09 41.41
N LEU A 369 27.32 32.02 42.20
CA LEU A 369 27.22 32.15 43.64
C LEU A 369 28.31 33.07 44.16
N HIS A 370 29.55 32.81 43.73
CA HIS A 370 30.71 33.61 44.13
C HIS A 370 30.47 35.06 43.83
N PHE A 371 29.95 35.34 42.64
CA PHE A 371 29.71 36.73 42.23
C PHE A 371 28.41 37.35 42.75
N VAL A 372 27.46 36.53 43.22
CA VAL A 372 26.27 37.06 43.92
C VAL A 372 26.67 37.51 45.33
N ILE A 373 27.51 36.71 46.01
CA ILE A 373 27.96 37.00 47.37
C ILE A 373 28.90 38.23 47.40
N ASN A 374 29.93 38.25 46.58
CA ASN A 374 30.72 39.45 46.40
C ASN A 374 29.98 40.37 45.44
N ILE A 377 29.74 41.16 42.44
CA ILE A 377 29.29 42.00 41.31
C ILE A 377 27.89 41.70 40.67
N ASP A 378 27.47 40.43 40.58
CA ASP A 378 26.21 40.02 39.89
C ASP A 378 24.95 40.07 40.76
N ASP A 379 23.77 40.05 40.12
CA ASP A 379 22.47 40.21 40.80
C ASP A 379 21.49 39.04 40.76
N VAL A 380 21.91 37.91 40.20
CA VAL A 380 21.04 36.73 40.07
C VAL A 380 20.42 36.29 41.40
N PRO A 381 19.09 36.31 41.49
CA PRO A 381 18.48 36.01 42.78
C PRO A 381 18.49 34.53 43.19
N LEU A 382 19.68 34.00 43.48
CA LEU A 382 19.83 32.62 43.99
C LEU A 382 19.20 32.49 45.38
N PRO A 383 18.64 31.32 45.73
CA PRO A 383 17.98 31.19 47.03
C PRO A 383 18.88 31.47 48.26
N ALA A 384 18.29 32.16 49.24
CA ALA A 384 18.93 32.49 50.50
C ALA A 384 19.52 31.26 51.18
N SER A 385 18.88 30.13 50.92
CA SER A 385 19.24 28.87 51.53
C SER A 385 20.66 28.42 51.17
N ILE A 386 21.23 28.98 50.10
CA ILE A 386 22.63 28.72 49.82
C ILE A 386 23.42 30.02 49.99
N VAL A 387 22.84 31.13 49.59
CA VAL A 387 23.54 32.41 49.62
C VAL A 387 23.92 32.81 51.05
N SER A 388 23.06 32.47 52.00
CA SER A 388 23.27 32.81 53.40
C SER A 388 23.61 31.59 54.24
N ASN A 389 23.98 30.50 53.56
CA ASN A 389 24.36 29.29 54.25
C ASN A 389 25.84 29.34 54.68
N THR A 390 26.07 30.09 55.75
CA THR A 390 27.38 30.42 56.28
C THR A 390 28.18 29.19 56.71
N GLU A 391 27.53 28.22 57.36
CA GLU A 391 28.18 26.96 57.72
C GLU A 391 28.96 26.44 56.49
N LEU A 392 28.25 26.28 55.36
CA LEU A 392 28.85 25.82 54.10
C LEU A 392 29.88 26.77 53.50
N LEU A 393 29.47 28.03 53.34
CA LEU A 393 30.32 29.03 52.68
C LEU A 393 31.65 29.30 53.40
N ASN A 394 31.61 29.34 54.73
CA ASN A 394 32.83 29.45 55.53
C ASN A 394 33.80 28.36 55.13
N ALA A 395 33.30 27.12 55.22
CA ALA A 395 34.10 25.93 54.92
C ALA A 395 34.67 25.98 53.48
N VAL A 396 33.84 26.36 52.50
CA VAL A 396 34.26 26.39 51.10
C VAL A 396 35.35 27.44 50.85
N GLU A 397 35.18 28.62 51.44
CA GLU A 397 36.16 29.69 51.23
C GLU A 397 37.48 29.36 51.91
N SER A 398 37.44 28.57 52.99
CA SER A 398 38.67 28.17 53.66
C SER A 398 39.47 27.25 52.77
N LEU A 399 38.82 26.18 52.30
CA LEU A 399 39.45 25.28 51.33
C LEU A 399 40.05 26.06 50.15
N ASN A 400 39.28 26.96 49.56
CA ASN A 400 39.76 27.78 48.45
C ASN A 400 41.00 28.59 48.84
N GLN A 401 40.98 29.15 50.06
CA GLN A 401 42.10 29.94 50.56
C GLN A 401 43.40 29.15 50.60
N ALA A 402 43.31 27.94 51.14
CA ALA A 402 44.46 27.07 51.33
C ALA A 402 44.98 26.55 50.01
N GLN A 403 44.21 26.77 48.95
CA GLN A 403 44.36 26.01 47.73
C GLN A 403 44.69 26.99 46.60
N ASN A 404 44.15 28.21 46.66
CA ASN A 404 44.44 29.20 45.61
C ASN A 404 45.64 30.12 45.92
N GLY A 405 46.46 29.73 46.90
CA GLY A 405 47.58 30.54 47.35
C GLY A 405 47.28 31.66 48.35
N GLY A 406 46.13 31.61 49.01
CA GLY A 406 45.84 32.55 50.11
C GLY A 406 44.82 33.66 49.86
N THR A 407 43.99 33.54 48.83
CA THR A 407 42.94 34.51 48.62
C THR A 407 41.64 34.04 49.24
N ASN A 408 41.18 34.83 50.21
CA ASN A 408 39.95 34.60 50.95
C ASN A 408 38.74 35.09 50.16
N GLN A 409 37.55 34.81 50.68
CA GLN A 409 36.29 35.25 50.09
C GLN A 409 36.06 34.75 48.64
N VAL A 410 36.50 33.50 48.38
CA VAL A 410 36.26 32.80 47.11
C VAL A 410 35.30 31.65 47.37
N PHE A 411 34.15 31.71 46.70
CA PHE A 411 33.03 30.77 46.94
C PHE A 411 32.75 29.85 45.75
N LEU A 412 33.71 29.79 44.83
CA LEU A 412 33.70 28.86 43.70
C LEU A 412 33.70 27.42 44.21
N LEU A 413 33.15 26.50 43.40
CA LEU A 413 33.27 25.07 43.65
C LEU A 413 34.68 24.57 43.41
N PRO A 414 35.38 24.11 44.46
CA PRO A 414 36.68 23.47 44.18
C PRO A 414 36.51 22.19 43.37
N MET A 415 37.23 22.13 42.25
CA MET A 415 37.15 20.99 41.35
C MET A 415 38.21 19.95 41.66
N ALA A 416 37.87 18.70 41.36
CA ALA A 416 38.73 17.54 41.58
C ALA A 416 39.67 17.31 40.39
N VAL A 417 39.40 17.98 39.26
CA VAL A 417 40.33 17.93 38.12
C VAL A 417 40.62 19.32 37.54
N GLY A 418 41.82 19.53 36.99
CA GLY A 418 42.18 20.83 36.47
C GLY A 418 41.30 21.34 35.35
N GLU A 419 40.79 20.43 34.52
CA GLU A 419 40.00 20.84 33.36
C GLU A 419 38.56 21.12 33.72
N GLY A 420 38.16 20.79 34.94
CA GLY A 420 36.76 20.86 35.35
C GLY A 420 35.94 19.91 34.52
N SER A 421 34.68 20.26 34.26
CA SER A 421 33.76 19.44 33.45
C SER A 421 34.19 19.33 31.98
N PRO A 422 33.68 18.31 31.29
CA PRO A 422 33.85 18.28 29.83
C PRO A 422 33.06 19.40 29.15
N VAL A 423 33.43 19.73 27.92
CA VAL A 423 32.76 20.81 27.21
C VAL A 423 31.44 20.32 26.62
N HIS A 424 30.49 20.00 27.48
CA HIS A 424 29.14 19.73 27.01
C HIS A 424 28.15 19.93 28.12
N PRO A 425 26.88 20.24 27.79
CA PRO A 425 25.94 20.62 28.88
C PRO A 425 25.80 19.60 29.99
N ALA A 426 25.36 20.09 31.14
CA ALA A 426 25.34 19.29 32.34
C ALA A 426 24.26 18.20 32.39
N TYR A 427 23.15 18.33 31.65
CA TYR A 427 21.94 17.52 32.00
C TYR A 427 21.30 16.77 30.83
N PRO A 428 21.29 15.43 30.86
CA PRO A 428 21.70 14.50 31.92
C PRO A 428 23.19 14.16 31.88
N SER A 429 23.65 13.36 32.84
CA SER A 429 25.01 12.82 32.77
C SER A 429 25.10 11.67 31.76
N GLY A 430 26.00 11.81 30.79
CA GLY A 430 26.31 10.73 29.86
C GLY A 430 26.75 9.45 30.56
N HIS A 431 27.54 9.57 31.64
CA HIS A 431 27.98 8.40 32.45
C HIS A 431 26.78 7.71 33.02
N ALA A 432 25.79 8.49 33.40
CA ALA A 432 24.61 7.91 34.07
C ALA A 432 23.70 7.18 33.08
N ILE A 433 23.57 7.69 31.86
CA ILE A 433 22.75 6.95 30.94
CA ILE A 433 22.79 6.99 30.84
C ILE A 433 23.46 5.66 30.53
N ASN A 434 24.78 5.72 30.31
CA ASN A 434 25.52 4.51 30.01
C ASN A 434 25.44 3.42 31.08
N LEU A 435 25.82 3.77 32.32
CA LEU A 435 25.81 2.80 33.41
C LEU A 435 24.35 2.42 33.72
N GLY A 436 23.47 3.41 33.74
CA GLY A 436 22.03 3.15 33.77
C GLY A 436 21.61 1.98 32.90
N ALA A 437 22.08 1.97 31.65
CA ALA A 437 21.66 0.99 30.67
C ALA A 437 22.38 -0.33 30.87
N TYR A 438 23.71 -0.27 30.96
CA TYR A 438 24.52 -1.51 31.03
C TYR A 438 24.00 -2.41 32.17
N LEU A 439 23.69 -1.77 33.28
CA LEU A 439 23.41 -2.48 34.49
C LEU A 439 21.97 -3.01 34.48
N THR A 440 21.07 -2.22 33.90
CA THR A 440 19.72 -2.68 33.59
C THR A 440 19.68 -3.94 32.73
N VAL A 441 20.52 -4.01 31.69
CA VAL A 441 20.67 -5.24 30.90
C VAL A 441 21.15 -6.43 31.74
N LEU A 442 22.17 -6.22 32.56
CA LEU A 442 22.67 -7.29 33.42
C LEU A 442 21.58 -7.77 34.40
N LYS A 443 20.84 -6.81 34.98
CA LYS A 443 19.78 -7.13 35.94
C LYS A 443 18.67 -7.93 35.26
N ALA A 444 18.34 -7.58 34.01
CA ALA A 444 17.33 -8.30 33.21
C ALA A 444 17.70 -9.70 32.78
N PHE A 445 18.94 -9.92 32.37
CA PHE A 445 19.36 -11.28 32.06
C PHE A 445 19.47 -12.15 33.29
N LEU A 446 19.94 -11.55 34.40
CA LEU A 446 20.11 -12.28 35.65
C LEU A 446 18.74 -12.71 36.20
N GLY A 447 17.81 -11.77 36.23
CA GLY A 447 16.44 -12.06 36.64
C GLY A 447 16.30 -11.71 38.10
N PHE A 448 15.07 -11.54 38.56
CA PHE A 448 14.84 -11.14 39.94
C PHE A 448 15.31 -12.19 40.99
N GLU A 449 15.06 -13.46 40.71
CA GLU A 449 15.46 -14.52 41.65
C GLU A 449 16.97 -14.59 41.82
N LEU A 450 17.70 -14.72 40.71
CA LEU A 450 19.16 -14.85 40.80
C LEU A 450 19.80 -13.59 41.37
N GLY A 451 19.14 -12.45 41.10
CA GLY A 451 19.45 -11.18 41.73
C GLY A 451 19.50 -11.24 43.25
N GLN A 452 18.79 -12.18 43.86
CA GLN A 452 18.81 -12.26 45.31
C GLN A 452 19.97 -13.10 45.88
N ARG A 453 20.68 -13.85 45.04
CA ARG A 453 21.80 -14.68 45.54
C ARG A 453 22.89 -13.85 46.17
N CYS A 454 23.68 -14.44 47.07
CA CYS A 454 24.74 -13.70 47.79
C CYS A 454 25.92 -13.38 46.90
N PHE A 455 26.42 -12.15 46.98
CA PHE A 455 27.76 -11.89 46.43
C PHE A 455 28.77 -12.53 47.37
N PRO A 456 29.52 -13.55 46.91
CA PRO A 456 30.42 -14.29 47.81
C PRO A 456 31.64 -13.48 48.29
N SER A 457 32.03 -13.70 49.55
CA SER A 457 33.27 -13.20 50.17
C SER A 457 33.42 -11.67 50.04
N PRO A 458 32.40 -10.91 50.53
CA PRO A 458 32.33 -9.45 50.43
C PRO A 458 33.52 -8.80 51.12
N MET A 459 33.96 -7.64 50.62
CA MET A 459 35.16 -6.95 51.13
CA MET A 459 35.15 -6.95 51.16
C MET A 459 34.98 -5.42 51.16
N ILE A 460 35.77 -4.75 51.99
CA ILE A 460 35.90 -3.29 51.95
C ILE A 460 37.37 -3.00 51.88
N SER A 461 37.72 -1.83 51.35
CA SER A 461 39.09 -1.39 51.42
C SER A 461 39.38 -0.89 52.82
N ASN A 462 40.62 -1.09 53.27
CA ASN A 462 41.09 -0.36 54.43
C ASN A 462 41.10 1.14 54.13
N ASP A 463 41.29 1.95 55.17
CA ASP A 463 41.24 3.40 55.07
C ASP A 463 42.35 3.99 54.19
N ALA A 464 43.49 3.30 54.12
CA ALA A 464 44.63 3.77 53.32
C ALA A 464 44.46 3.46 51.81
N GLY A 465 43.49 2.60 51.51
CA GLY A 465 43.25 2.11 50.15
C GLY A 465 44.23 1.07 49.65
N THR A 466 45.13 0.63 50.52
CA THR A 466 46.21 -0.28 50.14
C THR A 466 45.80 -1.78 50.14
N ASP A 467 44.73 -2.14 50.87
CA ASP A 467 44.36 -3.57 51.05
C ASP A 467 42.87 -3.78 51.22
N ARG A 468 42.38 -4.95 50.85
CA ARG A 468 40.99 -5.29 51.14
C ARG A 468 40.91 -6.09 52.41
N ILE A 469 39.76 -5.92 53.10
CA ILE A 469 39.42 -6.48 54.42
C ILE A 469 38.05 -7.12 54.32
N PRO A 470 37.82 -8.28 54.99
CA PRO A 470 36.47 -8.85 54.89
C PRO A 470 35.41 -7.89 55.38
N PHE A 471 34.26 -7.86 54.71
CA PHE A 471 33.10 -7.12 55.23
C PHE A 471 32.23 -8.08 56.03
N VAL A 472 31.94 -7.68 57.27
CA VAL A 472 31.04 -8.44 58.12
C VAL A 472 29.83 -7.59 58.50
N PRO A 473 28.63 -8.08 58.18
CA PRO A 473 27.41 -7.38 58.56
C PRO A 473 27.40 -7.08 60.05
N SER A 474 26.81 -5.96 60.43
CA SER A 474 26.60 -5.64 61.82
C SER A 474 25.31 -4.85 61.88
N ASP A 475 24.67 -4.81 63.04
CA ASP A 475 23.45 -4.05 63.25
C ASP A 475 23.65 -2.60 62.78
N GLY A 476 22.66 -2.05 62.08
CA GLY A 476 22.80 -0.70 61.52
C GLY A 476 23.22 -0.66 60.05
N ASP A 477 23.86 -1.73 59.57
CA ASP A 477 24.27 -1.92 58.16
C ASP A 477 23.13 -1.93 57.14
N ARG A 478 21.90 -2.23 57.58
CA ARG A 478 20.78 -2.49 56.68
C ARG A 478 21.00 -3.62 55.70
N VAL A 479 21.88 -4.56 56.06
CA VAL A 479 22.05 -5.77 55.23
C VAL A 479 20.87 -6.76 55.41
N GLY A 480 20.32 -7.26 54.33
CA GLY A 480 19.18 -8.17 54.43
C GLY A 480 19.45 -9.61 54.05
N THR A 481 18.49 -10.20 53.38
CA THR A 481 18.53 -11.62 53.03
C THR A 481 19.07 -11.81 51.64
N CYS A 482 20.05 -12.72 51.52
CA CYS A 482 20.46 -13.27 50.24
C CYS A 482 20.46 -14.80 50.30
N ILE A 483 20.48 -15.43 49.13
CA ILE A 483 20.47 -16.89 49.00
C ILE A 483 21.82 -17.45 48.55
N ASN A 484 22.31 -18.40 49.34
CA ASN A 484 23.53 -19.18 49.12
C ASN A 484 23.68 -19.86 47.76
N GLU A 485 24.92 -20.17 47.40
CA GLU A 485 25.18 -21.15 46.33
C GLU A 485 24.50 -22.47 46.64
N ASP A 486 23.97 -22.60 47.86
CA ASP A 486 23.29 -23.81 48.30
C ASP A 486 21.76 -23.72 48.43
N GLY A 487 21.19 -22.54 48.14
CA GLY A 487 19.75 -22.32 48.32
C GLY A 487 19.38 -21.88 49.73
N GLU A 488 20.40 -21.71 50.55
CA GLU A 488 20.26 -21.34 51.97
C GLU A 488 20.24 -19.83 52.18
N GLU A 489 19.20 -19.34 52.86
CA GLU A 489 19.10 -17.94 53.25
C GLU A 489 20.29 -17.55 54.14
N GLU A 490 20.88 -16.39 53.85
CA GLU A 490 21.97 -15.80 54.65
C GLU A 490 21.70 -14.32 54.88
N VAL A 491 22.42 -13.74 55.83
CA VAL A 491 22.52 -12.28 55.97
C VAL A 491 23.71 -11.87 55.12
N GLY A 492 23.42 -11.17 54.02
CA GLY A 492 24.45 -10.80 53.03
C GLY A 492 23.97 -9.85 51.94
N LEU A 493 24.93 -9.24 51.27
CA LEU A 493 24.72 -8.33 50.15
C LEU A 493 24.28 -9.15 48.95
N THR A 494 23.23 -8.71 48.26
CA THR A 494 22.73 -9.44 47.09
C THR A 494 23.39 -8.93 45.82
N TYR A 495 23.34 -9.74 44.76
CA TYR A 495 23.77 -9.34 43.40
C TYR A 495 23.00 -8.18 42.86
N GLU A 496 21.68 -8.15 43.08
CA GLU A 496 20.89 -7.03 42.61
C GLU A 496 21.38 -5.74 43.25
N GLY A 497 21.56 -5.77 44.59
CA GLY A 497 21.98 -4.59 45.33
C GLY A 497 23.34 -4.12 44.82
N GLU A 498 24.27 -5.04 44.65
CA GLU A 498 25.63 -4.67 44.22
C GLU A 498 25.69 -4.20 42.77
N LEU A 499 24.82 -4.74 41.93
CA LEU A 499 24.69 -4.20 40.60
C LEU A 499 24.19 -2.75 40.65
N ASN A 500 23.14 -2.47 41.42
CA ASN A 500 22.69 -1.07 41.54
C ASN A 500 23.75 -0.12 42.06
N LYS A 501 24.67 -0.63 42.89
CA LYS A 501 25.74 0.21 43.45
C LYS A 501 26.74 0.67 42.39
N VAL A 502 26.98 -0.16 41.37
CA VAL A 502 27.89 0.22 40.29
C VAL A 502 27.35 1.50 39.64
N THR A 503 26.07 1.51 39.27
CA THR A 503 25.51 2.71 38.65
C THR A 503 25.61 3.90 39.59
N SER A 504 25.29 3.64 40.85
CA SER A 504 25.28 4.71 41.85
C SER A 504 26.68 5.27 42.11
N ASN A 505 27.68 4.38 42.14
CA ASN A 505 29.06 4.77 42.32
C ASN A 505 29.55 5.65 41.17
N VAL A 506 29.26 5.25 39.93
CA VAL A 506 29.73 5.97 38.78
C VAL A 506 29.01 7.30 38.63
N ALA A 507 27.67 7.30 38.73
CA ALA A 507 26.87 8.53 38.58
C ALA A 507 27.21 9.56 39.66
N ILE A 508 27.10 9.17 40.94
CA ILE A 508 27.46 10.06 42.06
C ILE A 508 28.96 10.41 42.04
N GLY A 509 29.78 9.51 41.49
CA GLY A 509 31.20 9.80 41.26
C GLY A 509 31.40 11.10 40.50
N ARG A 510 30.61 11.33 39.45
CA ARG A 510 30.68 12.58 38.68
C ARG A 510 30.39 13.79 39.57
N SER A 511 29.51 13.60 40.54
CA SER A 511 29.22 14.62 41.54
C SER A 511 30.41 14.84 42.51
N HIS A 512 31.12 13.77 42.91
CA HIS A 512 32.32 13.90 43.74
C HIS A 512 33.42 14.62 43.01
N LEU A 513 33.44 14.44 41.68
CA LEU A 513 34.36 15.09 40.76
C LEU A 513 34.01 16.56 40.64
N GLY A 514 32.75 16.88 40.95
CA GLY A 514 32.25 18.24 40.87
C GLY A 514 31.59 18.61 39.54
N VAL A 515 31.36 17.66 38.65
CA VAL A 515 30.86 18.02 37.30
C VAL A 515 29.37 17.82 37.07
N HIS A 516 28.67 17.23 38.03
CA HIS A 516 27.23 16.97 37.91
C HIS A 516 26.51 17.13 39.22
N TRP A 517 25.27 17.62 39.19
CA TRP A 517 24.38 17.51 40.37
C TRP A 517 23.78 16.15 40.43
N ARG A 518 23.20 15.80 41.57
CA ARG A 518 22.48 14.52 41.74
C ARG A 518 21.42 14.26 40.66
N MET A 519 20.65 15.28 40.31
CA MET A 519 19.62 15.14 39.31
CA MET A 519 19.61 15.16 39.30
C MET A 519 20.17 14.59 37.99
N ASP A 520 21.31 15.13 37.53
CA ASP A 520 21.90 14.68 36.29
C ASP A 520 22.06 13.14 36.27
N GLY A 521 22.41 12.57 37.42
CA GLY A 521 22.78 11.18 37.52
C GLY A 521 21.60 10.29 37.82
N VAL A 522 20.74 10.72 38.74
CA VAL A 522 19.60 9.87 39.09
C VAL A 522 18.59 9.85 37.95
N PHE A 523 18.24 11.03 37.41
CA PHE A 523 17.29 11.04 36.28
C PHE A 523 17.94 10.53 35.02
N GLY A 524 19.26 10.72 34.90
CA GLY A 524 20.01 10.21 33.77
C GLY A 524 20.02 8.70 33.73
N ALA A 525 20.14 8.08 34.91
CA ALA A 525 20.09 6.61 34.99
C ALA A 525 18.75 6.07 34.54
N GLU A 526 17.67 6.77 34.88
CA GLU A 526 16.32 6.38 34.44
C GLU A 526 16.25 6.38 32.91
N MET A 527 16.88 7.39 32.30
CA MET A 527 16.89 7.49 30.84
C MET A 527 17.70 6.33 30.27
N GLY A 528 18.86 6.02 30.87
CA GLY A 528 19.65 4.87 30.48
C GLY A 528 18.85 3.54 30.50
N GLU A 529 18.03 3.41 31.53
CA GLU A 529 17.21 2.21 31.79
C GLU A 529 16.12 2.03 30.71
N ALA A 530 15.37 3.09 30.41
CA ALA A 530 14.40 3.04 29.32
C ALA A 530 15.06 2.65 27.98
N GLY A 531 16.23 3.20 27.69
CA GLY A 531 16.94 2.82 26.47
C GLY A 531 17.27 1.34 26.35
N ALA A 532 17.74 0.78 27.44
CA ALA A 532 18.03 -0.65 27.49
C ALA A 532 16.77 -1.53 27.40
N ILE A 533 15.69 -1.14 28.05
CA ILE A 533 14.48 -1.98 28.00
C ILE A 533 13.93 -2.06 26.55
N ARG A 534 13.88 -0.92 25.86
CA ARG A 534 13.45 -0.87 24.44
C ARG A 534 14.21 -1.79 23.49
N ARG A 535 15.53 -1.89 23.66
CA ARG A 535 16.38 -2.84 22.92
C ARG A 535 16.06 -4.27 23.28
N LEU A 536 16.03 -4.55 24.58
CA LEU A 536 15.60 -5.86 25.06
C LEU A 536 14.27 -6.31 24.43
N GLN A 537 13.25 -5.44 24.46
CA GLN A 537 11.91 -5.74 23.93
C GLN A 537 11.87 -6.02 22.43
N GLN A 538 12.61 -5.20 21.65
CA GLN A 538 12.73 -5.36 20.22
C GLN A 538 13.34 -6.69 19.85
N GLU A 539 14.45 -7.05 20.50
CA GLU A 539 15.15 -8.30 20.24
C GLU A 539 14.38 -9.53 20.69
N LEU A 540 13.67 -9.41 21.82
CA LEU A 540 13.16 -10.59 22.53
C LEU A 540 12.33 -11.50 21.66
N GLY A 541 11.32 -10.95 21.01
CA GLY A 541 10.46 -11.78 20.17
C GLY A 541 11.12 -12.55 19.02
N GLY A 542 12.30 -12.12 18.57
CA GLY A 542 12.98 -12.78 17.44
C GLY A 542 13.93 -13.89 17.84
N LEU A 543 14.00 -14.19 19.13
CA LEU A 543 14.90 -15.21 19.67
C LEU A 543 14.21 -16.57 19.75
N PRO A 544 14.95 -17.65 19.42
CA PRO A 544 14.46 -19.02 19.44
C PRO A 544 13.75 -19.45 20.76
N GLU A 545 14.31 -19.04 21.90
CA GLU A 545 13.80 -19.42 23.20
C GLU A 545 12.59 -18.62 23.61
N ALA A 546 12.21 -17.64 22.78
CA ALA A 546 11.00 -16.83 22.97
C ALA A 546 9.74 -17.50 22.40
N ARG A 547 9.92 -18.42 21.47
CA ARG A 547 8.81 -19.16 20.86
C ARG A 547 8.07 -20.05 21.85
N ASP A 548 6.77 -20.22 21.64
CA ASP A 548 5.98 -21.06 22.53
C ASP A 548 6.12 -22.52 22.15
N THR A 549 6.69 -23.35 23.02
CA THR A 549 6.85 -24.77 22.64
C THR A 549 6.01 -25.73 23.47
N GLU A 550 6.05 -27.00 23.10
CA GLU A 550 5.11 -28.00 23.62
C GLU A 550 5.56 -28.63 24.93
N GLY A 551 6.83 -28.41 25.31
CA GLY A 551 7.45 -29.15 26.41
C GLY A 551 7.57 -28.37 27.70
N PRO A 552 8.23 -28.97 28.72
CA PRO A 552 8.34 -28.40 30.07
C PRO A 552 9.18 -27.11 30.22
N ILE A 553 10.17 -26.86 29.36
CA ILE A 553 10.90 -25.58 29.45
C ILE A 553 10.04 -24.45 28.85
N PRO A 554 9.68 -23.44 29.67
CA PRO A 554 8.79 -22.35 29.20
C PRO A 554 9.53 -21.35 28.30
N PRO A 555 8.77 -20.56 27.51
CA PRO A 555 9.36 -19.49 26.71
C PRO A 555 10.01 -18.45 27.60
N ALA A 556 10.97 -17.70 27.04
CA ALA A 556 11.78 -16.74 27.80
C ALA A 556 11.06 -15.43 28.07
N SER A 557 11.36 -14.85 29.21
CA SER A 557 10.85 -13.53 29.57
C SER A 557 11.89 -12.87 30.46
N TYR A 558 11.85 -11.56 30.62
CA TYR A 558 12.77 -10.92 31.55
C TYR A 558 12.06 -10.30 32.75
N LYS A 559 12.40 -10.78 33.94
CA LYS A 559 11.76 -10.35 35.16
C LYS A 559 12.83 -9.79 36.11
N PHE A 560 12.71 -8.51 36.44
CA PHE A 560 13.63 -7.87 37.34
C PHE A 560 12.99 -6.65 37.96
N ARG A 561 13.73 -6.01 38.84
CA ARG A 561 13.22 -4.80 39.46
C ARG A 561 14.03 -3.61 38.93
N LEU A 562 13.33 -2.53 38.63
CA LEU A 562 13.92 -1.28 38.14
C LEU A 562 14.57 -0.46 39.26
N TYR A 563 15.32 0.57 38.90
CA TYR A 563 16.00 1.37 39.91
C TYR A 563 15.04 1.96 40.98
N SER A 564 13.84 2.29 40.53
CA SER A 564 12.82 2.89 41.36
C SER A 564 12.20 1.86 42.31
N GLY A 565 12.55 0.59 42.16
CA GLY A 565 11.93 -0.46 42.96
C GLY A 565 10.69 -1.11 42.37
N THR A 566 10.23 -0.64 41.21
CA THR A 566 9.07 -1.24 40.54
C THR A 566 9.46 -2.53 39.80
N MET A 567 8.65 -3.56 39.97
CA MET A 567 8.85 -4.81 39.25
CA MET A 567 8.82 -4.81 39.25
C MET A 567 8.43 -4.66 37.77
N ILE A 568 9.25 -5.21 36.88
CA ILE A 568 8.89 -5.33 35.47
C ILE A 568 9.09 -6.79 35.05
N GLU A 569 8.24 -7.28 34.16
CA GLU A 569 8.49 -8.52 33.46
C GLU A 569 8.18 -8.27 32.01
N LEU A 570 9.17 -8.53 31.15
CA LEU A 570 9.04 -8.28 29.71
C LEU A 570 8.79 -9.60 28.94
N PHE A 571 7.71 -9.65 28.15
CA PHE A 571 7.37 -10.86 27.39
C PHE A 571 7.58 -10.65 25.88
N PRO A 572 7.68 -11.75 25.12
CA PRO A 572 7.82 -11.67 23.66
C PRO A 572 6.72 -10.82 23.02
N ASP A 573 7.07 -10.01 22.03
CA ASP A 573 6.04 -9.29 21.23
C ASP A 573 5.29 -8.18 21.98
N ASN A 574 6.06 -7.41 22.74
CA ASN A 574 5.62 -6.13 23.28
C ASN A 574 4.47 -6.23 24.28
N ARG A 575 4.45 -7.33 25.03
CA ARG A 575 3.68 -7.39 26.26
C ARG A 575 4.64 -7.30 27.45
N TYR A 576 4.26 -6.51 28.45
CA TYR A 576 5.02 -6.40 29.68
C TYR A 576 4.14 -6.09 30.90
N MET A 577 4.60 -6.54 32.05
CA MET A 577 3.89 -6.34 33.29
C MET A 577 4.68 -5.34 34.11
N LEU A 578 4.05 -4.24 34.49
CA LEU A 578 4.74 -3.20 35.23
C LEU A 578 4.02 -3.02 36.56
N GLY A 579 4.70 -3.33 37.65
CA GLY A 579 4.06 -3.46 38.94
C GLY A 579 2.93 -4.45 38.79
N ASP A 580 1.71 -3.96 38.99
CA ASP A 580 0.53 -4.81 38.87
C ASP A 580 -0.25 -4.58 37.57
N GLN A 581 0.29 -3.78 36.66
CA GLN A 581 -0.41 -3.51 35.42
C GLN A 581 0.05 -4.36 34.23
N MET A 582 -0.89 -4.94 33.49
CA MET A 582 -0.55 -5.52 32.20
C MET A 582 -0.40 -4.43 31.13
N CYS A 583 0.72 -4.43 30.41
CA CYS A 583 0.95 -3.38 29.43
C CYS A 583 1.21 -3.83 27.99
N LYS A 584 0.97 -2.93 27.06
CA LYS A 584 1.03 -3.18 25.62
C LYS A 584 2.07 -2.23 25.02
N GLY A 585 2.84 -2.67 24.03
CA GLY A 585 3.73 -1.75 23.28
C GLY A 585 5.09 -1.47 23.89
N PHE A 586 5.80 -0.47 23.36
CA PHE A 586 7.16 -0.15 23.84
C PHE A 586 7.19 0.60 25.18
N PHE A 587 8.04 0.14 26.09
CA PHE A 587 8.21 0.79 27.40
C PHE A 587 8.77 2.20 27.23
N THR A 588 8.19 3.18 27.91
CA THR A 588 8.70 4.54 27.88
C THR A 588 9.26 4.93 29.25
N GLY A 589 8.74 4.29 30.30
CA GLY A 589 9.13 4.66 31.67
C GLY A 589 8.21 4.04 32.71
N ASP A 590 8.65 4.10 33.97
CA ASP A 590 7.93 3.45 35.08
C ASP A 590 6.67 4.21 35.52
N ASP A 591 6.44 5.38 34.94
CA ASP A 591 5.25 6.18 35.23
C ASP A 591 4.17 6.06 34.16
N PHE A 592 4.28 5.09 33.25
CA PHE A 592 3.42 5.07 32.07
C PHE A 592 3.14 3.65 31.66
N CYS A 593 1.92 3.39 31.19
CA CYS A 593 1.53 2.05 30.74
C CYS A 593 0.31 2.09 29.80
N VAL A 594 0.47 1.63 28.57
CA VAL A 594 -0.70 1.40 27.72
C VAL A 594 -1.31 0.05 28.13
N PRO A 595 -2.51 0.08 28.76
CA PRO A 595 -3.15 -1.14 29.26
C PRO A 595 -3.32 -2.15 28.14
N ALA A 596 -2.86 -3.38 28.38
CA ALA A 596 -2.80 -4.44 27.37
C ALA A 596 -4.14 -4.64 26.68
N GLN B 1 -45.70 -1.46 -13.92
CA GLN B 1 -45.20 -0.56 -15.00
C GLN B 1 -46.25 0.48 -15.35
N THR B 2 -46.61 1.28 -14.34
CA THR B 2 -47.71 2.24 -14.38
C THR B 2 -47.64 3.23 -15.55
N VAL B 3 -48.76 3.91 -15.84
CA VAL B 3 -48.79 4.94 -16.88
C VAL B 3 -47.69 5.97 -16.71
N ASN B 4 -47.57 6.52 -15.49
CA ASN B 4 -46.57 7.53 -15.15
C ASN B 4 -45.13 6.98 -15.22
N GLU B 5 -44.88 5.85 -14.56
CA GLU B 5 -43.59 5.14 -14.65
C GLU B 5 -43.11 4.98 -16.10
N LEU B 6 -43.96 4.39 -16.95
CA LEU B 6 -43.68 4.24 -18.38
C LEU B 6 -43.33 5.57 -19.04
N ALA B 7 -44.12 6.61 -18.78
CA ALA B 7 -43.90 7.93 -19.36
C ALA B 7 -42.57 8.57 -18.92
N ASP B 8 -42.06 8.14 -17.76
CA ASP B 8 -40.82 8.69 -17.23
C ASP B 8 -39.50 8.00 -17.68
N MET B 9 -39.60 6.77 -18.15
CA MET B 9 -38.40 6.00 -18.54
C MET B 9 -37.66 6.69 -19.65
N GLN B 10 -36.33 6.63 -19.57
CA GLN B 10 -35.47 7.29 -20.54
C GLN B 10 -34.42 6.31 -21.06
N THR B 11 -33.82 6.63 -22.19
CA THR B 11 -32.74 5.79 -22.69
C THR B 11 -31.51 6.63 -22.98
N ARG B 12 -30.38 5.96 -23.16
CA ARG B 12 -29.20 6.64 -23.63
C ARG B 12 -28.41 5.74 -24.60
N PRO B 13 -27.44 6.32 -25.33
CA PRO B 13 -26.59 5.52 -26.20
C PRO B 13 -26.00 4.29 -25.48
N LEU B 14 -26.24 3.09 -26.01
CA LEU B 14 -25.47 1.89 -25.63
C LEU B 14 -24.16 1.81 -26.45
N LEU B 15 -23.03 2.11 -25.81
CA LEU B 15 -21.73 2.16 -26.51
C LEU B 15 -20.74 1.09 -25.99
N SER B 16 -19.68 0.83 -26.77
CA SER B 16 -18.70 -0.17 -26.40
C SER B 16 -18.04 0.14 -25.07
N GLY B 17 -17.84 1.42 -24.80
CA GLY B 17 -17.23 1.86 -23.57
C GLY B 17 -18.19 2.20 -22.45
N SER B 18 -19.49 1.94 -22.63
CA SER B 18 -20.43 2.14 -21.54
C SER B 18 -20.14 1.17 -20.40
N VAL B 19 -20.41 1.58 -19.16
CA VAL B 19 -20.10 0.78 -17.99
C VAL B 19 -21.39 0.40 -17.23
N CYS B 20 -21.54 -0.87 -16.86
CA CYS B 20 -22.76 -1.36 -16.21
C CYS B 20 -22.38 -2.23 -15.05
N ARG B 21 -22.53 -1.73 -13.82
CA ARG B 21 -22.16 -2.49 -12.61
C ARG B 21 -23.24 -3.51 -12.34
N VAL B 22 -24.39 -3.29 -12.94
CA VAL B 22 -25.49 -4.24 -12.87
C VAL B 22 -25.88 -4.55 -14.32
N ARG B 23 -26.06 -5.84 -14.62
CA ARG B 23 -26.50 -6.30 -15.95
C ARG B 23 -27.18 -7.67 -15.77
N ASP B 24 -27.96 -8.12 -16.74
CA ASP B 24 -28.69 -9.39 -16.56
C ASP B 24 -27.96 -10.63 -17.10
N THR B 25 -26.64 -10.68 -16.95
CA THR B 25 -25.87 -11.82 -17.45
C THR B 25 -26.11 -13.04 -16.58
N VAL B 26 -26.27 -14.21 -17.21
CA VAL B 26 -26.50 -15.48 -16.50
C VAL B 26 -25.13 -16.04 -16.07
N ASP B 27 -24.69 -15.62 -14.88
CA ASP B 27 -23.30 -15.76 -14.44
C ASP B 27 -23.29 -15.62 -12.91
N PHE B 28 -22.79 -16.64 -12.20
CA PHE B 28 -22.80 -16.60 -10.73
C PHE B 28 -21.90 -15.51 -10.15
N LEU B 29 -21.03 -14.95 -10.97
CA LEU B 29 -20.22 -13.80 -10.61
C LEU B 29 -20.82 -12.51 -11.12
N SER B 30 -20.83 -11.50 -10.26
CA SER B 30 -21.31 -10.18 -10.64
C SER B 30 -20.34 -9.52 -11.61
N PRO B 31 -20.78 -8.48 -12.34
CA PRO B 31 -19.80 -7.79 -13.19
C PRO B 31 -18.49 -7.37 -12.49
N THR B 32 -18.59 -6.73 -11.33
CA THR B 32 -17.38 -6.19 -10.70
C THR B 32 -16.57 -7.31 -10.03
N LYS B 33 -17.28 -8.35 -9.59
CA LYS B 33 -16.68 -9.51 -8.93
C LYS B 33 -15.83 -10.34 -9.89
N ARG B 34 -16.23 -10.37 -11.16
CA ARG B 34 -15.50 -11.11 -12.21
C ARG B 34 -14.21 -10.36 -12.54
N ALA B 35 -14.33 -9.03 -12.66
CA ALA B 35 -13.20 -8.16 -12.97
C ALA B 35 -12.14 -8.22 -11.87
N LYS B 36 -12.58 -8.23 -10.60
CA LYS B 36 -11.69 -8.26 -9.43
C LYS B 36 -10.89 -9.55 -9.35
N ILE B 37 -11.58 -10.69 -9.47
CA ILE B 37 -10.91 -11.99 -9.49
C ILE B 37 -9.89 -12.06 -10.62
N THR B 38 -10.25 -11.59 -11.81
CA THR B 38 -9.31 -11.53 -12.92
C THR B 38 -8.11 -10.62 -12.56
N PHE B 39 -8.40 -9.52 -11.86
CA PHE B 39 -7.38 -8.57 -11.42
C PHE B 39 -6.43 -9.20 -10.40
N LYS B 40 -6.97 -9.77 -9.31
CA LYS B 40 -6.15 -10.39 -8.28
C LYS B 40 -5.23 -11.44 -8.92
N ARG B 41 -5.83 -12.31 -9.72
CA ARG B 41 -5.10 -13.36 -10.40
C ARG B 41 -3.90 -12.82 -11.22
N ARG B 42 -4.12 -11.73 -11.96
CA ARG B 42 -3.05 -11.08 -12.73
C ARG B 42 -1.89 -10.55 -11.87
N ILE B 43 -2.23 -9.87 -10.77
CA ILE B 43 -1.26 -9.46 -9.78
C ILE B 43 -0.44 -10.66 -9.27
N GLY B 44 -1.15 -11.77 -8.98
CA GLY B 44 -0.55 -12.95 -8.40
C GLY B 44 0.49 -13.52 -9.33
N ILE B 45 0.14 -13.53 -10.62
CA ILE B 45 1.04 -14.03 -11.63
C ILE B 45 2.26 -13.12 -11.71
N ALA B 46 2.06 -11.79 -11.70
CA ALA B 46 3.24 -10.88 -11.81
C ALA B 46 4.19 -10.99 -10.61
N VAL B 47 3.63 -11.16 -9.41
CA VAL B 47 4.40 -11.31 -8.17
C VAL B 47 5.15 -12.64 -8.21
N GLY B 48 4.39 -13.70 -8.52
CA GLY B 48 4.90 -15.06 -8.66
C GLY B 48 6.00 -15.13 -9.70
N GLU B 49 5.81 -14.46 -10.83
CA GLU B 49 6.87 -14.45 -11.84
C GLU B 49 8.13 -13.78 -11.31
N LEU B 50 8.01 -12.60 -10.70
CA LEU B 50 9.15 -11.90 -10.11
C LEU B 50 9.89 -12.73 -9.02
N ALA B 51 9.12 -13.53 -8.25
CA ALA B 51 9.67 -14.33 -7.14
C ALA B 51 10.66 -15.40 -7.59
N VAL B 52 10.64 -15.73 -8.87
CA VAL B 52 11.55 -16.71 -9.43
C VAL B 52 12.99 -16.24 -9.33
N GLY B 53 13.19 -14.92 -9.38
CA GLY B 53 14.52 -14.31 -9.34
C GLY B 53 15.23 -14.48 -10.65
N PRO B 54 16.21 -13.58 -10.96
CA PRO B 54 16.93 -13.61 -12.25
C PRO B 54 17.71 -14.91 -12.54
N THR B 55 17.69 -15.33 -13.79
CA THR B 55 18.34 -16.52 -14.28
C THR B 55 19.87 -16.33 -14.32
N CYS B 56 20.59 -17.41 -14.02
CA CYS B 56 22.05 -17.47 -14.13
C CYS B 56 22.47 -17.71 -15.59
N HIS B 57 22.29 -16.66 -16.37
CA HIS B 57 22.75 -16.65 -17.73
C HIS B 57 24.19 -16.23 -17.72
N LEU B 58 25.08 -17.22 -17.85
CA LEU B 58 26.52 -16.96 -17.72
C LEU B 58 27.30 -17.35 -18.98
N ASN B 59 28.00 -16.36 -19.54
CA ASN B 59 28.88 -16.59 -20.67
C ASN B 59 29.95 -17.64 -20.32
N ASN B 60 30.27 -18.51 -21.28
CA ASN B 60 31.18 -19.62 -21.01
C ASN B 60 32.67 -19.23 -20.86
N GLY B 61 32.99 -17.95 -21.03
CA GLY B 61 34.36 -17.50 -20.87
C GLY B 61 35.14 -17.29 -22.16
N ASP B 62 34.66 -17.89 -23.24
CA ASP B 62 35.34 -17.84 -24.54
C ASP B 62 35.59 -16.43 -25.05
N GLU B 63 34.62 -15.54 -24.85
CA GLU B 63 34.72 -14.18 -25.41
C GLU B 63 35.85 -13.37 -24.77
N ALA B 64 36.07 -13.58 -23.47
CA ALA B 64 37.17 -12.93 -22.75
C ALA B 64 38.52 -13.62 -23.00
N ASN B 65 38.51 -14.94 -23.18
CA ASN B 65 39.76 -15.72 -23.20
C ASN B 65 40.32 -16.20 -24.53
N ILE B 66 39.48 -16.40 -25.55
CA ILE B 66 39.99 -16.75 -26.89
C ILE B 66 40.42 -15.49 -27.61
N PRO B 67 41.62 -15.49 -28.22
CA PRO B 67 42.10 -14.40 -29.09
C PRO B 67 41.19 -14.05 -30.27
N LEU B 68 41.24 -12.77 -30.64
CA LEU B 68 40.35 -12.10 -31.61
C LEU B 68 38.96 -12.69 -31.90
N PHE B 69 38.23 -13.00 -30.85
CA PHE B 69 36.81 -13.39 -30.93
C PHE B 69 36.52 -14.57 -31.84
N ASP B 70 37.48 -15.50 -31.95
CA ASP B 70 37.35 -16.65 -32.85
C ASP B 70 36.26 -17.63 -32.38
N GLY B 71 35.90 -17.52 -31.11
CA GLY B 71 34.81 -18.32 -30.58
C GLY B 71 33.45 -17.65 -30.64
N GLN B 72 33.36 -16.50 -31.30
CA GLN B 72 32.14 -15.68 -31.28
C GLN B 72 31.45 -15.52 -32.65
N PHE B 73 30.13 -15.36 -32.63
CA PHE B 73 29.34 -15.01 -33.82
C PHE B 73 29.72 -13.62 -34.31
N HIS B 74 30.10 -13.52 -35.60
CA HIS B 74 30.25 -12.24 -36.29
C HIS B 74 30.01 -12.33 -37.78
N LYS B 75 29.07 -13.20 -38.17
CA LYS B 75 28.74 -13.35 -39.59
C LYS B 75 28.10 -12.05 -40.10
N SER B 76 28.41 -11.69 -41.35
CA SER B 76 27.97 -10.43 -42.01
C SER B 76 28.80 -9.22 -41.60
N LEU B 77 29.79 -9.42 -40.73
CA LEU B 77 30.73 -8.36 -40.34
C LEU B 77 32.02 -8.39 -41.20
N PRO B 78 32.87 -7.35 -41.10
CA PRO B 78 34.15 -7.34 -41.82
C PRO B 78 35.19 -8.35 -41.27
N HIS B 79 35.81 -9.12 -42.17
CA HIS B 79 36.81 -10.13 -41.82
C HIS B 79 38.05 -10.02 -42.63
N ASP B 80 39.15 -10.58 -42.12
CA ASP B 80 40.37 -10.69 -42.90
C ASP B 80 40.29 -11.93 -43.80
N ASP B 81 41.37 -12.27 -44.49
CA ASP B 81 41.33 -13.35 -45.47
C ASP B 81 41.23 -14.75 -44.84
N MET B 82 41.50 -14.82 -43.53
CA MET B 82 41.35 -16.07 -42.76
C MET B 82 39.99 -16.11 -42.02
N GLY B 83 39.16 -15.09 -42.24
CA GLY B 83 37.84 -14.98 -41.62
C GLY B 83 37.89 -14.55 -40.15
N ARG B 84 38.95 -13.87 -39.75
CA ARG B 84 39.04 -13.29 -38.42
C ARG B 84 38.40 -11.88 -38.40
N VAL B 85 37.70 -11.56 -37.32
CA VAL B 85 36.83 -10.39 -37.29
C VAL B 85 37.64 -9.13 -37.03
N ASN B 86 37.24 -8.06 -37.71
CA ASN B 86 37.73 -6.72 -37.40
C ASN B 86 37.23 -6.36 -36.01
N PRO B 87 38.15 -6.23 -35.04
CA PRO B 87 37.81 -6.08 -33.61
C PRO B 87 36.92 -4.85 -33.29
N GLU B 88 37.19 -3.72 -33.94
CA GLU B 88 36.33 -2.54 -33.86
C GLU B 88 34.89 -2.92 -34.22
N ALA B 89 34.77 -3.63 -35.33
CA ALA B 89 33.50 -4.06 -35.90
C ALA B 89 32.69 -4.90 -34.91
N TYR B 90 33.34 -5.89 -34.29
CA TYR B 90 32.76 -6.67 -33.20
C TYR B 90 32.44 -5.82 -31.96
N GLN B 91 33.31 -4.87 -31.62
CA GLN B 91 33.05 -3.92 -30.54
C GLN B 91 31.74 -3.13 -30.79
N LEU B 92 31.55 -2.71 -32.04
CA LEU B 92 30.32 -2.01 -32.40
C LEU B 92 29.08 -2.93 -32.35
N LEU B 93 29.28 -4.22 -32.57
CA LEU B 93 28.16 -5.16 -32.45
C LEU B 93 27.76 -5.36 -30.99
N LEU B 94 28.75 -5.43 -30.11
CA LEU B 94 28.48 -5.46 -28.67
C LEU B 94 27.72 -4.22 -28.18
N ASP B 95 28.06 -3.03 -28.70
CA ASP B 95 27.35 -1.79 -28.34
C ASP B 95 25.91 -1.90 -28.73
N CYS B 96 25.71 -2.52 -29.88
CA CYS B 96 24.38 -2.77 -30.40
C CYS B 96 23.55 -3.63 -29.46
N ILE B 97 24.07 -4.79 -29.07
CA ILE B 97 23.30 -5.77 -28.28
C ILE B 97 23.01 -5.18 -26.90
N GLU B 98 24.08 -4.68 -26.28
CA GLU B 98 24.05 -3.89 -25.04
C GLU B 98 22.92 -2.85 -25.03
N SER B 99 22.88 -2.01 -26.06
CA SER B 99 21.95 -0.89 -26.09
C SER B 99 20.48 -1.26 -26.33
N ASN B 100 20.22 -2.40 -26.97
CA ASN B 100 18.85 -2.77 -27.35
C ASN B 100 18.14 -1.64 -28.11
N ASP B 101 18.93 -0.82 -28.79
CA ASP B 101 18.45 0.34 -29.51
C ASP B 101 18.69 0.18 -31.01
N ILE B 102 17.60 0.21 -31.77
CA ILE B 102 17.60 0.00 -33.23
C ILE B 102 18.50 0.91 -34.06
N ASN B 103 18.77 2.12 -33.56
CA ASN B 103 19.58 3.08 -34.30
C ASN B 103 21.07 2.90 -34.13
N VAL B 104 21.46 2.51 -32.92
CA VAL B 104 22.82 2.07 -32.62
C VAL B 104 23.19 0.84 -33.44
N CYS B 105 22.28 -0.14 -33.47
CA CYS B 105 22.55 -1.39 -34.18
C CYS B 105 22.73 -1.16 -35.67
N ASP B 106 22.18 -0.07 -36.19
CA ASP B 106 22.30 0.22 -37.62
C ASP B 106 23.70 0.70 -38.01
N GLN B 107 24.54 0.98 -37.01
CA GLN B 107 25.93 1.46 -37.20
C GLN B 107 26.94 0.31 -37.23
N VAL B 108 26.46 -0.92 -37.13
CA VAL B 108 27.34 -2.07 -37.11
C VAL B 108 27.89 -2.28 -38.52
N PRO B 109 29.22 -2.30 -38.66
CA PRO B 109 29.80 -2.46 -39.99
C PRO B 109 29.37 -3.75 -40.69
N SER B 110 29.20 -3.65 -42.00
CA SER B 110 28.96 -4.78 -42.90
C SER B 110 30.26 -5.17 -43.60
N GLY B 111 30.38 -6.45 -43.96
CA GLY B 111 31.63 -6.98 -44.52
C GLY B 111 31.76 -6.86 -46.04
N VAL B 112 30.76 -6.30 -46.71
CA VAL B 112 30.88 -5.99 -48.13
C VAL B 112 30.43 -4.56 -48.38
N GLU B 113 30.78 -4.02 -49.54
CA GLU B 113 30.53 -2.59 -49.78
C GLU B 113 29.04 -2.17 -49.90
N SER B 114 28.19 -3.00 -50.48
CA SER B 114 26.75 -2.74 -50.45
C SER B 114 25.87 -3.99 -50.57
N ASP B 115 24.60 -3.86 -50.19
CA ASP B 115 23.64 -4.98 -50.19
C ASP B 115 24.04 -6.13 -49.27
N GLY B 116 24.90 -5.86 -48.29
CA GLY B 116 25.34 -6.89 -47.34
C GLY B 116 24.18 -7.44 -46.55
N ARG B 117 24.29 -8.70 -46.13
CA ARG B 117 23.22 -9.39 -45.41
C ARG B 117 22.96 -8.79 -44.04
N LYS B 118 21.68 -8.72 -43.66
CA LYS B 118 21.25 -8.12 -42.39
C LYS B 118 21.41 -8.99 -41.13
N LEU B 119 21.80 -8.34 -40.02
CA LEU B 119 21.66 -8.97 -38.70
C LEU B 119 20.18 -9.35 -38.48
N VAL B 120 19.95 -10.60 -38.07
CA VAL B 120 18.59 -11.03 -37.76
C VAL B 120 18.23 -10.67 -36.32
N ASN B 121 17.66 -9.48 -36.17
CA ASN B 121 17.00 -9.03 -34.96
C ASN B 121 17.85 -9.02 -33.68
N PRO B 122 19.00 -8.33 -33.70
CA PRO B 122 19.77 -8.26 -32.44
C PRO B 122 19.01 -7.62 -31.26
N LEU B 123 17.95 -6.86 -31.52
CA LEU B 123 17.07 -6.35 -30.44
C LEU B 123 16.07 -7.40 -29.90
N GLY B 124 16.02 -8.56 -30.52
CA GLY B 124 14.90 -9.50 -30.34
C GLY B 124 14.62 -10.08 -28.96
N GLY B 125 15.61 -10.06 -28.08
CA GLY B 125 15.46 -10.67 -26.77
C GLY B 125 15.12 -9.67 -25.68
N GLY B 126 15.05 -8.38 -26.02
CA GLY B 126 15.03 -7.31 -25.02
C GLY B 126 13.66 -6.79 -24.62
N GLY B 127 12.61 -7.50 -25.02
CA GLY B 127 11.28 -7.00 -24.85
C GLY B 127 10.76 -7.38 -23.48
N HIS B 128 9.87 -6.55 -22.94
CA HIS B 128 9.23 -6.82 -21.66
C HIS B 128 7.93 -7.53 -21.89
N GLN B 129 7.91 -8.81 -21.57
CA GLN B 129 6.87 -9.71 -22.02
C GLN B 129 5.63 -9.49 -21.19
N VAL B 130 4.45 -9.40 -21.80
CA VAL B 130 3.27 -9.14 -20.97
C VAL B 130 2.94 -10.33 -20.06
N ASP B 131 3.11 -11.55 -20.57
CA ASP B 131 2.76 -12.72 -19.78
C ASP B 131 3.79 -13.84 -20.01
N GLY B 132 3.53 -15.04 -19.51
CA GLY B 132 4.53 -16.12 -19.57
C GLY B 132 5.76 -15.77 -18.73
N ALA B 133 6.89 -16.41 -19.03
CA ALA B 133 8.15 -16.08 -18.40
C ALA B 133 8.88 -15.03 -19.25
N ASP B 134 9.34 -13.96 -18.61
CA ASP B 134 10.03 -12.90 -19.33
C ASP B 134 11.22 -13.34 -20.20
N SER B 135 11.55 -12.50 -21.18
CA SER B 135 12.56 -12.83 -22.18
C SER B 135 13.86 -13.37 -21.59
N ASP B 136 14.31 -12.80 -20.48
CA ASP B 136 15.59 -13.21 -19.87
C ASP B 136 15.47 -14.21 -18.72
N ASN B 137 14.27 -14.78 -18.54
CA ASN B 137 13.94 -15.58 -17.35
C ASN B 137 13.58 -17.04 -17.66
N ILE B 138 14.13 -17.57 -18.73
CA ILE B 138 14.16 -19.03 -18.90
C ILE B 138 15.58 -19.50 -19.08
N PHE B 139 16.02 -20.39 -18.18
CA PHE B 139 17.37 -20.91 -18.23
C PHE B 139 17.57 -21.79 -19.46
N ILE B 140 18.77 -21.71 -20.02
CA ILE B 140 19.33 -22.75 -20.87
C ILE B 140 20.75 -23.06 -20.37
N LYS B 141 21.24 -24.28 -20.57
CA LYS B 141 22.61 -24.66 -20.21
C LYS B 141 23.64 -23.82 -20.97
N GLN B 142 24.80 -23.62 -20.33
CA GLN B 142 25.94 -22.99 -21.00
C GLN B 142 26.36 -23.85 -22.19
N PRO B 143 26.66 -23.23 -23.34
CA PRO B 143 27.21 -24.01 -24.45
C PRO B 143 28.64 -24.50 -24.17
N ASP B 144 29.02 -25.60 -24.79
CA ASP B 144 30.38 -26.11 -24.66
C ASP B 144 31.38 -25.09 -25.25
N ASN B 145 32.59 -25.03 -24.69
CA ASN B 145 33.62 -24.08 -25.14
C ASN B 145 34.21 -24.40 -26.49
N LEU B 146 34.59 -23.35 -27.20
CA LEU B 146 35.25 -23.46 -28.51
C LEU B 146 36.30 -24.57 -28.53
N LEU B 147 37.22 -24.53 -27.59
CA LEU B 147 38.29 -25.52 -27.52
C LEU B 147 37.91 -26.84 -26.83
N SER B 148 36.65 -27.02 -26.43
CA SER B 148 36.28 -28.22 -25.64
C SER B 148 36.36 -29.54 -26.42
N GLU B 149 36.52 -30.63 -25.68
CA GLU B 149 36.46 -31.95 -26.27
C GLU B 149 35.08 -32.23 -26.91
N ARG B 150 34.01 -31.89 -26.20
CA ARG B 150 32.65 -32.26 -26.63
C ARG B 150 32.18 -31.45 -27.85
N LEU B 151 32.63 -30.19 -27.94
CA LEU B 151 32.44 -29.41 -29.17
C LEU B 151 33.07 -30.04 -30.44
N ALA B 152 34.27 -30.61 -30.31
CA ALA B 152 34.93 -31.29 -31.44
C ALA B 152 34.09 -32.46 -31.88
N ALA B 153 33.63 -33.22 -30.88
CA ALA B 153 32.77 -34.36 -31.14
C ALA B 153 31.51 -33.90 -31.87
N GLN B 154 30.94 -32.77 -31.46
CA GLN B 154 29.73 -32.23 -32.10
C GLN B 154 29.95 -31.73 -33.52
N GLN B 155 31.06 -31.04 -33.73
CA GLN B 155 31.45 -30.69 -35.06
C GLN B 155 31.62 -31.93 -35.93
N ALA B 156 32.24 -32.98 -35.38
CA ALA B 156 32.35 -34.26 -36.09
C ALA B 156 30.98 -34.87 -36.46
N GLU B 157 30.02 -34.79 -35.55
CA GLU B 157 28.68 -35.25 -35.88
C GLU B 157 28.17 -34.47 -37.11
N VAL B 158 28.37 -33.16 -37.12
CA VAL B 158 27.82 -32.32 -38.21
C VAL B 158 28.50 -32.58 -39.58
N TYR B 159 29.80 -32.85 -39.57
CA TYR B 159 30.50 -33.22 -40.79
C TYR B 159 29.97 -34.55 -41.31
N TRP B 160 29.80 -35.50 -40.40
CA TRP B 160 29.22 -36.78 -40.75
C TRP B 160 27.85 -36.66 -41.35
N MET B 161 27.02 -35.84 -40.73
CA MET B 161 25.69 -35.58 -41.26
C MET B 161 25.76 -35.02 -42.67
N ALA B 162 26.72 -34.12 -42.91
CA ALA B 162 26.92 -33.51 -44.22
C ALA B 162 27.32 -34.58 -45.25
N LEU B 163 28.27 -35.44 -44.86
CA LEU B 163 28.67 -36.57 -45.70
C LEU B 163 27.55 -37.55 -46.03
N LEU B 164 26.55 -37.71 -45.15
CA LEU B 164 25.46 -38.70 -45.35
C LEU B 164 24.11 -38.14 -45.83
N ARG B 165 24.07 -36.86 -46.16
CA ARG B 165 22.80 -36.18 -46.48
C ARG B 165 21.87 -36.95 -47.41
N ASP B 166 22.42 -37.62 -48.44
CA ASP B 166 21.60 -38.25 -49.52
C ASP B 166 21.23 -39.71 -49.29
N ILE B 167 21.75 -40.31 -48.23
CA ILE B 167 21.56 -41.72 -47.93
C ILE B 167 20.24 -41.91 -47.21
N PRO B 168 19.28 -42.66 -47.82
CA PRO B 168 17.96 -42.89 -47.19
C PRO B 168 18.02 -43.62 -45.85
N PHE B 169 17.27 -43.13 -44.87
CA PHE B 169 17.24 -43.72 -43.52
C PHE B 169 16.97 -45.23 -43.50
N SER B 170 16.17 -45.67 -44.48
CA SER B 170 15.87 -47.07 -44.74
CA SER B 170 15.86 -47.07 -44.70
C SER B 170 17.09 -47.99 -44.79
N GLN B 171 18.20 -47.46 -45.32
CA GLN B 171 19.42 -48.22 -45.57
C GLN B 171 20.58 -47.94 -44.60
N PHE B 172 20.30 -47.30 -43.46
CA PHE B 172 21.33 -47.04 -42.46
C PHE B 172 21.90 -48.33 -41.86
N GLY B 173 21.07 -49.37 -41.68
CA GLY B 173 21.52 -50.62 -41.07
C GLY B 173 22.51 -51.39 -41.93
N THR B 174 22.43 -51.20 -43.24
CA THR B 174 23.20 -52.00 -44.18
C THR B 174 24.25 -51.18 -44.92
N ASN B 175 24.27 -49.88 -44.73
CA ASN B 175 25.17 -49.05 -45.50
C ASN B 175 26.57 -49.00 -44.91
N ASN B 176 27.58 -49.04 -45.77
CA ASN B 176 28.98 -49.06 -45.35
C ASN B 176 29.43 -47.72 -44.78
N THR B 177 29.07 -46.62 -45.43
CA THR B 177 29.56 -45.32 -44.99
C THR B 177 28.88 -44.84 -43.73
N VAL B 178 27.66 -45.30 -43.46
CA VAL B 178 27.03 -45.00 -42.18
C VAL B 178 27.64 -45.83 -41.06
N GLN B 179 28.13 -47.03 -41.37
CA GLN B 179 28.83 -47.82 -40.36
C GLN B 179 30.13 -47.14 -40.00
N MET B 180 30.82 -46.62 -41.02
CA MET B 180 32.06 -45.91 -40.79
C MET B 180 31.85 -44.68 -39.92
N ALA B 181 30.79 -43.92 -40.21
CA ALA B 181 30.42 -42.71 -39.43
C ALA B 181 30.21 -43.05 -37.97
N VAL B 182 29.50 -44.15 -37.74
CA VAL B 182 29.24 -44.64 -36.39
C VAL B 182 30.52 -45.00 -35.65
N VAL B 183 31.38 -45.82 -36.26
CA VAL B 183 32.63 -46.23 -35.61
C VAL B 183 33.41 -44.99 -35.26
N ASN B 184 33.52 -44.08 -36.24
CA ASN B 184 34.27 -42.85 -36.02
C ASN B 184 33.76 -42.08 -34.81
N LEU B 185 32.45 -41.86 -34.75
CA LEU B 185 31.78 -41.15 -33.65
C LEU B 185 31.91 -41.80 -32.26
N GLN B 186 31.79 -43.12 -32.17
CA GLN B 186 32.05 -43.81 -30.89
C GLN B 186 33.50 -43.67 -30.41
N GLY B 187 34.44 -43.46 -31.32
CA GLY B 187 35.82 -43.18 -30.92
C GLY B 187 36.02 -41.90 -30.08
N PHE B 188 35.04 -40.97 -30.15
CA PHE B 188 35.01 -39.78 -29.29
C PHE B 188 34.49 -40.10 -27.89
N ASP B 189 35.41 -40.07 -26.94
CA ASP B 189 35.09 -40.27 -25.52
C ASP B 189 34.23 -39.17 -24.92
N ALA B 190 34.32 -37.95 -25.46
CA ALA B 190 33.57 -36.81 -24.95
C ALA B 190 32.13 -36.69 -25.49
N PHE B 191 31.67 -37.70 -26.24
CA PHE B 191 30.38 -37.67 -26.96
C PHE B 191 29.26 -38.39 -26.19
N ASN B 192 28.84 -37.79 -25.08
CA ASN B 192 27.84 -38.32 -24.15
C ASN B 192 27.12 -37.09 -23.60
N GLY B 193 25.97 -37.27 -22.96
CA GLY B 193 25.10 -36.12 -22.66
C GLY B 193 24.37 -35.74 -23.93
N LEU B 194 23.83 -34.52 -24.00
CA LEU B 194 23.23 -33.99 -25.22
C LEU B 194 22.16 -34.92 -25.82
N SER B 195 21.50 -35.69 -24.95
CA SER B 195 20.44 -36.62 -25.33
C SER B 195 20.89 -37.62 -26.40
N ILE B 196 22.18 -37.94 -26.39
CA ILE B 196 22.76 -38.88 -27.35
C ILE B 196 22.16 -40.27 -27.12
N SER B 197 21.81 -40.91 -28.22
CA SER B 197 21.10 -42.18 -28.19
C SER B 197 22.07 -43.33 -28.47
N ARG B 198 22.19 -44.22 -27.49
CA ARG B 198 22.99 -45.42 -27.64
C ARG B 198 22.13 -46.65 -27.31
N ASP B 199 22.57 -47.83 -27.71
CA ASP B 199 21.83 -49.04 -27.37
C ASP B 199 22.12 -49.58 -25.98
N ALA B 200 21.46 -50.67 -25.62
CA ALA B 200 21.64 -51.32 -24.33
C ALA B 200 23.11 -51.60 -23.93
N ASP B 201 23.96 -51.94 -24.90
CA ASP B 201 25.40 -52.21 -24.68
C ASP B 201 26.26 -50.93 -24.76
N GLY B 202 25.62 -49.77 -24.93
CA GLY B 202 26.37 -48.51 -25.02
C GLY B 202 26.89 -48.10 -26.38
N ASN B 203 26.57 -48.87 -27.42
CA ASN B 203 27.00 -48.49 -28.79
C ASN B 203 25.93 -47.70 -29.50
N ILE B 204 26.36 -47.05 -30.59
CA ILE B 204 25.47 -46.29 -31.45
C ILE B 204 25.01 -47.14 -32.64
N ASP B 205 23.83 -47.76 -32.51
CA ASP B 205 23.28 -48.50 -33.65
C ASP B 205 23.05 -47.58 -34.87
N PRO B 206 23.62 -47.93 -36.04
CA PRO B 206 23.40 -47.08 -37.24
C PRO B 206 21.91 -46.86 -37.57
N MET B 207 21.11 -47.92 -37.58
CA MET B 207 19.68 -47.81 -37.93
C MET B 207 18.86 -46.98 -36.92
N GLN B 208 19.08 -47.19 -35.61
CA GLN B 208 18.14 -46.68 -34.60
C GLN B 208 18.64 -45.52 -33.76
N ASP B 209 19.94 -45.25 -33.76
CA ASP B 209 20.56 -44.28 -32.82
C ASP B 209 21.23 -43.12 -33.51
N LEU B 210 21.90 -43.40 -34.64
CA LEU B 210 22.71 -42.39 -35.30
C LEU B 210 21.86 -41.18 -35.70
N PHE B 211 22.24 -40.01 -35.18
CA PHE B 211 21.60 -38.75 -35.51
C PHE B 211 20.25 -38.56 -34.88
N ARG B 212 19.95 -39.34 -33.84
CA ARG B 212 18.68 -39.24 -33.12
C ARG B 212 18.89 -38.80 -31.68
N THR B 213 17.79 -38.54 -30.96
CA THR B 213 17.81 -38.29 -29.53
C THR B 213 17.27 -39.49 -28.71
N ASP B 214 17.50 -39.44 -27.38
CA ASP B 214 17.00 -40.49 -26.49
C ASP B 214 15.68 -40.13 -25.81
N TRP B 215 15.05 -39.06 -26.29
CA TRP B 215 13.74 -38.68 -25.76
C TRP B 215 12.82 -39.85 -25.98
N PRO B 216 11.80 -40.06 -25.10
CA PRO B 216 10.95 -41.29 -25.22
C PRO B 216 10.36 -41.47 -26.62
N GLY B 217 10.67 -42.60 -27.25
CA GLY B 217 10.07 -42.92 -28.53
C GLY B 217 10.89 -42.52 -29.76
N VAL B 218 11.91 -41.70 -29.61
CA VAL B 218 12.60 -41.17 -30.81
C VAL B 218 13.42 -42.22 -31.54
N SER B 219 13.99 -43.15 -30.77
CA SER B 219 14.79 -44.22 -31.36
C SER B 219 13.99 -45.51 -31.68
N SER B 220 12.65 -45.48 -31.57
CA SER B 220 11.80 -46.60 -32.02
C SER B 220 11.28 -46.34 -33.42
N GLY B 221 11.28 -47.37 -34.26
CA GLY B 221 10.80 -47.24 -35.64
C GLY B 221 11.62 -46.27 -36.48
N PRO B 222 10.99 -45.70 -37.51
CA PRO B 222 11.65 -44.85 -38.51
C PRO B 222 12.19 -43.54 -37.92
N MET B 223 13.18 -42.97 -38.57
CA MET B 223 13.75 -41.67 -38.18
C MET B 223 12.64 -40.60 -38.29
N VAL B 224 11.88 -40.62 -39.37
CA VAL B 224 10.90 -39.55 -39.66
C VAL B 224 9.58 -39.73 -38.92
N SER B 225 9.14 -38.69 -38.22
CA SER B 225 7.86 -38.70 -37.51
C SER B 225 6.73 -39.09 -38.45
N GLN B 226 5.82 -39.93 -37.96
CA GLN B 226 4.60 -40.20 -38.68
C GLN B 226 3.89 -38.90 -39.09
N PHE B 227 4.03 -37.84 -38.29
CA PHE B 227 3.29 -36.62 -38.54
C PHE B 227 3.84 -35.89 -39.76
N MET B 228 5.14 -36.07 -40.06
CA MET B 228 5.78 -35.44 -41.23
CA MET B 228 5.71 -35.40 -41.24
C MET B 228 5.49 -36.24 -42.51
N LEU B 229 4.84 -37.39 -42.33
CA LEU B 229 4.56 -38.30 -43.43
C LEU B 229 3.10 -38.46 -43.79
N ALA B 230 2.20 -38.02 -42.92
CA ALA B 230 0.77 -38.25 -43.16
C ALA B 230 0.10 -37.15 -43.98
N ASN B 231 -0.90 -37.53 -44.76
CA ASN B 231 -1.85 -36.55 -45.28
C ASN B 231 -2.44 -35.69 -44.16
N PHE B 232 -2.50 -34.39 -44.42
CA PHE B 232 -3.24 -33.51 -43.55
C PHE B 232 -4.27 -32.75 -44.38
N ASP B 233 -5.36 -32.40 -43.74
CA ASP B 233 -6.44 -31.71 -44.39
C ASP B 233 -6.57 -30.25 -43.91
N ILE B 234 -6.51 -29.31 -44.84
CA ILE B 234 -6.69 -27.89 -44.50
C ILE B 234 -7.75 -27.16 -45.36
N ASP B 235 -8.81 -26.73 -44.68
CA ASP B 235 -9.94 -26.04 -45.29
C ASP B 235 -10.55 -26.87 -46.39
N GLY B 236 -10.64 -28.17 -46.13
CA GLY B 236 -11.05 -29.17 -47.11
C GLY B 236 -10.05 -29.49 -48.22
N ILE B 237 -8.88 -28.84 -48.22
CA ILE B 237 -7.77 -29.19 -49.12
C ILE B 237 -7.04 -30.38 -48.49
N VAL B 238 -7.06 -31.53 -49.17
CA VAL B 238 -6.34 -32.75 -48.73
C VAL B 238 -4.90 -32.71 -49.28
N VAL B 239 -3.91 -32.66 -48.40
CA VAL B 239 -2.53 -32.38 -48.83
C VAL B 239 -1.61 -33.56 -48.58
N GLU B 240 -0.89 -34.01 -49.62
CA GLU B 240 0.13 -35.02 -49.44
C GLU B 240 1.43 -34.31 -49.10
N PRO B 241 2.14 -34.80 -48.07
CA PRO B 241 3.32 -34.03 -47.71
C PRO B 241 4.54 -34.30 -48.62
N LYS B 242 4.41 -34.02 -49.91
CA LYS B 242 5.57 -34.04 -50.82
C LYS B 242 6.06 -32.63 -51.02
N ALA B 243 7.34 -32.44 -50.80
CA ALA B 243 7.90 -31.12 -50.70
C ALA B 243 8.88 -30.91 -51.82
N LYS B 244 9.00 -29.67 -52.30
N LYS B 244 8.97 -29.67 -52.31
CA LYS B 244 10.03 -29.32 -53.26
CA LYS B 244 10.03 -29.30 -53.23
C LYS B 244 11.35 -29.18 -52.50
C LYS B 244 11.29 -29.18 -52.39
N THR B 245 11.96 -30.33 -52.21
CA THR B 245 13.12 -30.47 -51.35
C THR B 245 14.43 -30.01 -52.02
N LEU B 246 15.51 -29.91 -51.25
CA LEU B 246 16.81 -29.58 -51.80
C LEU B 246 17.31 -30.68 -52.77
N VAL B 247 18.08 -30.30 -53.78
CA VAL B 247 18.53 -31.28 -54.78
C VAL B 247 19.69 -32.13 -54.23
N PRO B 248 19.71 -33.42 -54.58
CA PRO B 248 20.79 -34.26 -54.11
C PRO B 248 22.10 -33.89 -54.79
N GLU B 249 23.23 -34.18 -54.14
CA GLU B 249 24.59 -34.03 -54.67
C GLU B 249 25.16 -32.60 -54.73
N MET B 250 24.43 -31.59 -54.25
CA MET B 250 24.96 -30.21 -54.22
C MET B 250 25.25 -29.74 -52.81
N GLU B 251 26.44 -29.17 -52.63
CA GLU B 251 26.83 -28.54 -51.37
C GLU B 251 27.39 -27.13 -51.66
N TYR B 252 27.47 -26.26 -50.65
CA TYR B 252 28.01 -24.91 -50.84
C TYR B 252 29.05 -24.55 -49.82
N MET B 253 29.76 -23.47 -50.11
CA MET B 253 30.71 -22.91 -49.19
C MET B 253 31.80 -23.97 -49.01
N THR B 254 32.09 -24.66 -50.12
CA THR B 254 33.09 -25.73 -50.18
C THR B 254 34.49 -25.24 -50.56
N GLY B 255 34.64 -23.92 -50.68
CA GLY B 255 35.95 -23.32 -50.94
C GLY B 255 36.11 -22.05 -50.13
N VAL B 256 37.35 -21.73 -49.74
CA VAL B 256 37.61 -20.50 -48.98
C VAL B 256 36.93 -19.27 -49.60
N ASP B 257 36.92 -19.19 -50.92
CA ASP B 257 36.31 -18.03 -51.59
C ASP B 257 34.80 -17.91 -51.33
N THR B 258 34.06 -18.99 -51.52
CA THR B 258 32.61 -18.98 -51.31
C THR B 258 32.28 -18.88 -49.81
N TRP B 259 33.03 -19.60 -48.99
CA TRP B 259 32.87 -19.54 -47.53
C TRP B 259 33.07 -18.16 -46.97
N LEU B 260 34.17 -17.51 -47.39
CA LEU B 260 34.52 -16.17 -46.89
C LEU B 260 33.53 -15.11 -47.35
N ASN B 261 33.09 -15.20 -48.60
CA ASN B 261 32.09 -14.28 -49.12
C ASN B 261 30.81 -14.30 -48.29
N ILE B 262 30.43 -15.48 -47.81
CA ILE B 262 29.26 -15.65 -46.94
C ILE B 262 29.52 -15.03 -45.57
N GLN B 263 30.68 -15.33 -44.99
CA GLN B 263 31.00 -14.86 -43.64
C GLN B 263 30.98 -13.36 -43.59
N ASN B 264 31.32 -12.72 -44.73
CA ASN B 264 31.28 -11.26 -44.89
C ASN B 264 29.91 -10.66 -45.24
N GLY B 265 28.92 -11.48 -45.59
CA GLY B 265 27.62 -10.95 -45.94
C GLY B 265 27.37 -10.72 -47.42
N GLY B 266 28.16 -11.36 -48.30
CA GLY B 266 28.01 -11.17 -49.74
C GLY B 266 26.96 -12.10 -50.30
N PRO B 267 26.61 -11.95 -51.61
CA PRO B 267 25.54 -12.73 -52.25
C PRO B 267 25.83 -14.23 -52.20
N PRO B 268 24.84 -15.04 -51.85
CA PRO B 268 25.09 -16.49 -51.78
C PRO B 268 25.02 -17.21 -53.14
N GLU B 269 25.63 -18.41 -53.22
CA GLU B 269 25.33 -19.38 -54.27
C GLU B 269 23.82 -19.64 -54.28
N ASP B 270 23.29 -19.84 -55.49
CA ASP B 270 21.92 -20.19 -55.78
C ASP B 270 21.53 -21.55 -55.13
N THR B 271 20.70 -21.51 -54.08
CA THR B 271 20.14 -22.74 -53.52
C THR B 271 19.12 -23.34 -54.49
N LEU B 272 19.18 -24.65 -54.71
CA LEU B 272 18.37 -25.33 -55.73
C LEU B 272 17.44 -26.37 -55.14
N PHE B 273 16.21 -26.41 -55.65
CA PHE B 273 15.19 -27.35 -55.21
C PHE B 273 14.75 -28.30 -56.32
N VAL B 274 14.31 -29.50 -55.96
CA VAL B 274 13.78 -30.47 -56.95
C VAL B 274 12.56 -29.91 -57.70
N ASP B 275 12.30 -30.46 -58.89
CA ASP B 275 11.17 -30.09 -59.74
C ASP B 275 9.93 -30.88 -59.30
N GLU B 276 10.06 -32.20 -59.12
CA GLU B 276 8.95 -33.02 -58.64
C GLU B 276 9.04 -33.21 -57.12
N PRO B 277 7.96 -32.87 -56.39
CA PRO B 277 8.05 -32.90 -54.92
C PRO B 277 8.16 -34.31 -54.38
N LEU B 278 8.76 -34.48 -53.22
CA LEU B 278 9.07 -35.82 -52.67
C LEU B 278 8.75 -35.90 -51.20
N PHE B 279 8.50 -37.11 -50.71
CA PHE B 279 8.42 -37.33 -49.26
C PHE B 279 9.80 -37.24 -48.61
N ILE B 280 9.82 -36.96 -47.31
CA ILE B 280 11.06 -36.90 -46.54
C ILE B 280 11.62 -38.32 -46.37
N ARG B 281 12.85 -38.54 -46.84
CA ARG B 281 13.46 -39.88 -46.72
C ARG B 281 14.96 -39.95 -46.39
N ASN B 282 15.63 -38.80 -46.32
CA ASN B 282 17.06 -38.71 -45.96
C ASN B 282 17.38 -37.42 -45.19
N GLY B 283 18.59 -37.33 -44.64
CA GLY B 283 19.10 -36.14 -43.95
C GLY B 283 18.93 -34.81 -44.69
N ARG B 284 19.11 -34.80 -46.02
CA ARG B 284 18.91 -33.59 -46.82
C ARG B 284 17.47 -33.10 -46.84
N ASP B 285 16.52 -34.02 -46.65
CA ASP B 285 15.09 -33.68 -46.62
C ASP B 285 14.71 -33.07 -45.27
N LEU B 286 15.34 -33.56 -44.19
CA LEU B 286 15.18 -32.95 -42.86
C LEU B 286 15.82 -31.56 -42.87
N ALA B 287 16.99 -31.42 -43.49
CA ALA B 287 17.59 -30.12 -43.66
C ALA B 287 16.60 -29.16 -44.39
N ALA B 288 16.01 -29.66 -45.49
CA ALA B 288 15.03 -28.90 -46.27
C ALA B 288 13.82 -28.51 -45.41
N LEU B 289 13.33 -29.47 -44.62
CA LEU B 289 12.18 -29.24 -43.78
C LEU B 289 12.45 -28.07 -42.85
N SER B 290 13.65 -28.06 -42.27
CA SER B 290 13.99 -27.04 -41.29
C SER B 290 14.38 -25.70 -41.92
N PHE B 291 14.55 -25.69 -43.23
CA PHE B 291 14.93 -24.48 -43.96
C PHE B 291 13.72 -23.81 -44.55
N ASN B 292 12.72 -24.60 -44.93
CA ASN B 292 11.55 -24.15 -45.67
C ASN B 292 10.37 -23.92 -44.73
N ASP B 293 10.53 -24.22 -43.45
CA ASP B 293 9.38 -24.08 -42.54
C ASP B 293 9.26 -22.63 -42.05
N VAL B 294 8.21 -22.35 -41.29
CA VAL B 294 7.95 -21.01 -40.75
C VAL B 294 7.27 -21.20 -39.39
N LEU B 295 8.02 -21.00 -38.32
CA LEU B 295 7.49 -21.13 -36.94
C LEU B 295 6.57 -22.38 -36.77
N TYR B 296 5.25 -22.20 -36.66
CA TYR B 296 4.41 -23.34 -36.32
C TYR B 296 3.84 -24.19 -37.47
N THR B 297 4.41 -24.08 -38.67
CA THR B 297 4.00 -24.93 -39.83
C THR B 297 3.95 -26.43 -39.49
N GLU B 298 5.05 -26.98 -38.97
CA GLU B 298 5.09 -28.42 -38.66
C GLU B 298 4.14 -28.79 -37.54
N ALA B 299 4.09 -27.93 -36.51
CA ALA B 299 3.21 -28.17 -35.38
C ALA B 299 1.75 -28.03 -35.80
N PHE B 300 1.47 -27.12 -36.72
CA PHE B 300 0.12 -26.91 -37.25
C PHE B 300 -0.35 -28.19 -38.00
N ARG B 301 0.50 -28.73 -38.87
CA ARG B 301 0.24 -30.00 -39.53
C ARG B 301 -0.08 -31.11 -38.56
N THR B 302 0.79 -31.27 -37.55
CA THR B 302 0.59 -32.29 -36.56
C THR B 302 -0.70 -32.17 -35.76
N ILE B 303 -1.09 -30.97 -35.31
CA ILE B 303 -2.40 -30.82 -34.63
C ILE B 303 -3.59 -31.09 -35.57
N LEU B 304 -3.48 -30.65 -36.84
CA LEU B 304 -4.54 -30.97 -37.83
C LEU B 304 -4.73 -32.48 -37.96
N ILE B 305 -3.63 -33.21 -38.00
CA ILE B 305 -3.70 -34.68 -38.07
C ILE B 305 -4.35 -35.25 -36.80
N MET B 306 -3.90 -34.79 -35.63
CA MET B 306 -4.45 -35.26 -34.36
C MET B 306 -5.95 -35.03 -34.23
N PHE B 307 -6.44 -33.92 -34.77
CA PHE B 307 -7.87 -33.65 -34.80
C PHE B 307 -8.61 -34.57 -35.70
N ASN B 308 -8.13 -34.63 -36.94
CA ASN B 308 -8.67 -35.52 -37.95
C ASN B 308 -8.82 -36.94 -37.41
N GLU B 309 -7.87 -37.39 -36.60
CA GLU B 309 -7.89 -38.74 -36.07
C GLU B 309 -8.83 -38.88 -34.86
N SER B 310 -9.29 -37.73 -34.36
CA SER B 310 -10.19 -37.58 -33.22
C SER B 310 -9.63 -37.95 -31.83
N ILE B 311 -8.31 -37.92 -31.67
CA ILE B 311 -7.67 -38.32 -30.44
C ILE B 311 -7.83 -37.26 -29.33
N LEU B 312 -7.73 -35.99 -29.71
CA LEU B 312 -7.86 -34.87 -28.78
C LEU B 312 -9.29 -34.73 -28.19
N ALA B 313 -10.28 -35.33 -28.84
CA ALA B 313 -11.66 -35.33 -28.36
C ALA B 313 -11.81 -36.11 -27.06
N GLU B 314 -10.86 -37.00 -26.82
CA GLU B 314 -10.86 -37.88 -25.63
C GLU B 314 -10.02 -37.36 -24.48
N ALA B 315 -9.29 -36.27 -24.74
CA ALA B 315 -8.40 -35.65 -23.74
C ALA B 315 -9.14 -34.72 -22.76
N GLY B 316 -8.53 -34.45 -21.61
CA GLY B 316 -9.07 -33.49 -20.64
C GLY B 316 -10.37 -33.96 -19.99
N PRO B 317 -10.95 -33.12 -19.11
CA PRO B 317 -12.20 -33.36 -18.38
C PRO B 317 -13.33 -33.88 -19.28
N TYR B 318 -13.57 -33.21 -20.41
CA TYR B 318 -14.56 -33.62 -21.41
C TYR B 318 -14.32 -35.02 -22.03
N GLY B 319 -13.12 -35.56 -21.80
CA GLY B 319 -12.89 -36.96 -22.09
C GLY B 319 -13.81 -37.85 -21.29
N SER B 320 -14.34 -37.33 -20.19
CA SER B 320 -15.30 -38.04 -19.35
C SER B 320 -16.71 -37.46 -19.47
N SER B 321 -16.95 -36.56 -20.42
CA SER B 321 -18.25 -35.91 -20.45
C SER B 321 -19.17 -36.53 -21.49
N THR B 322 -20.36 -36.86 -21.02
CA THR B 322 -21.35 -37.53 -21.83
C THR B 322 -22.27 -36.51 -22.51
N ARG B 323 -22.36 -35.31 -21.93
CA ARG B 323 -23.29 -34.29 -22.37
C ARG B 323 -22.62 -33.07 -23.01
N GLN B 324 -21.29 -32.91 -22.80
CA GLN B 324 -20.59 -31.70 -23.27
C GLN B 324 -19.26 -32.02 -23.93
N GLU B 325 -18.74 -31.01 -24.65
CA GLU B 325 -17.40 -31.04 -25.25
C GLU B 325 -16.83 -29.62 -25.18
N GLY B 326 -15.52 -29.52 -24.96
CA GLY B 326 -14.89 -28.21 -24.83
C GLY B 326 -14.60 -27.59 -26.17
N PHE B 327 -14.34 -26.29 -26.17
CA PHE B 327 -13.85 -25.63 -27.36
C PHE B 327 -12.85 -24.57 -26.92
N THR B 328 -13.34 -23.52 -26.24
CA THR B 328 -12.48 -22.37 -25.94
C THR B 328 -11.61 -22.63 -24.69
N THR B 329 -12.05 -23.56 -23.86
CA THR B 329 -11.26 -24.05 -22.73
C THR B 329 -11.40 -25.58 -22.79
N LEU B 330 -10.25 -26.26 -22.83
CA LEU B 330 -10.14 -27.73 -22.86
C LEU B 330 -10.85 -28.41 -24.04
N GLY B 331 -10.77 -27.74 -25.16
CA GLY B 331 -11.23 -28.24 -26.45
C GLY B 331 -10.34 -27.62 -27.53
N THR B 332 -10.72 -27.85 -28.78
CA THR B 332 -9.95 -27.52 -29.95
C THR B 332 -9.35 -26.12 -30.03
N SER B 333 -10.16 -25.08 -29.83
CA SER B 333 -9.67 -23.69 -29.96
C SER B 333 -8.58 -23.40 -28.95
N HIS B 334 -8.79 -23.89 -27.74
CA HIS B 334 -7.83 -23.73 -26.66
C HIS B 334 -6.55 -24.40 -27.02
N TYR B 335 -6.64 -25.65 -27.45
CA TYR B 335 -5.46 -26.43 -27.80
C TYR B 335 -4.66 -25.74 -28.90
N ILE B 336 -5.33 -25.30 -29.95
CA ILE B 336 -4.63 -24.80 -31.11
C ILE B 336 -4.04 -23.40 -30.87
N HIS B 337 -4.73 -22.57 -30.08
CA HIS B 337 -4.18 -21.25 -29.74
C HIS B 337 -3.11 -21.37 -28.70
N ALA B 338 -3.29 -22.25 -27.72
CA ALA B 338 -2.25 -22.38 -26.70
C ALA B 338 -1.00 -22.96 -27.32
N MET B 339 -1.15 -23.85 -28.30
CA MET B 339 0.03 -24.41 -28.95
CA MET B 339 0.01 -24.42 -28.99
C MET B 339 0.88 -23.30 -29.54
N ALA B 340 0.26 -22.40 -30.32
CA ALA B 340 1.02 -21.37 -31.05
C ALA B 340 1.72 -20.37 -30.13
N ALA B 341 1.09 -20.11 -28.97
CA ALA B 341 1.60 -19.12 -28.01
C ALA B 341 2.69 -19.71 -27.15
N GLY B 342 2.81 -21.02 -27.18
CA GLY B 342 3.63 -21.73 -26.24
C GLY B 342 5.10 -21.39 -26.28
N SER B 343 5.60 -20.91 -27.43
CA SER B 343 7.03 -20.57 -27.54
C SER B 343 7.42 -19.13 -27.26
N SER B 344 6.50 -18.34 -26.71
CA SER B 344 6.76 -16.92 -26.38
C SER B 344 7.44 -16.17 -27.52
N SER B 345 6.92 -16.35 -28.74
CA SER B 345 7.47 -15.83 -30.00
C SER B 345 9.00 -15.94 -30.14
N THR B 346 9.54 -17.09 -29.73
CA THR B 346 10.97 -17.37 -29.83
C THR B 346 11.87 -16.38 -29.08
N ARG B 347 11.29 -15.55 -28.20
CA ARG B 347 12.05 -14.48 -27.53
C ARG B 347 13.15 -14.93 -26.52
N HIS B 348 12.96 -16.06 -25.83
CA HIS B 348 14.02 -16.57 -24.93
C HIS B 348 15.26 -16.94 -25.70
N ALA B 349 15.07 -17.60 -26.85
CA ALA B 349 16.15 -17.99 -27.73
C ALA B 349 16.91 -16.74 -28.14
N TRP B 350 16.19 -15.68 -28.49
CA TRP B 350 16.87 -14.42 -28.83
C TRP B 350 17.63 -13.79 -27.71
N TYR B 351 17.09 -13.80 -26.48
CA TYR B 351 17.88 -13.30 -25.34
C TYR B 351 19.17 -14.10 -25.15
N ALA B 352 19.04 -15.42 -25.06
CA ALA B 352 20.21 -16.30 -24.97
C ALA B 352 21.23 -16.11 -26.13
N LYS B 353 20.74 -15.96 -27.35
CA LYS B 353 21.63 -15.87 -28.51
C LYS B 353 22.55 -14.67 -28.41
N TRP B 354 21.98 -13.49 -28.22
CA TRP B 354 22.72 -12.23 -28.24
C TRP B 354 23.19 -11.66 -26.90
N GLN B 355 22.29 -11.49 -25.93
CA GLN B 355 22.66 -10.91 -24.63
C GLN B 355 23.57 -11.85 -23.80
N VAL B 356 23.49 -13.16 -24.03
CA VAL B 356 24.23 -14.11 -23.19
C VAL B 356 25.43 -14.75 -23.89
N HIS B 357 25.20 -15.60 -24.90
CA HIS B 357 26.25 -16.51 -25.35
C HIS B 357 27.02 -16.11 -26.61
N ARG B 358 26.33 -15.51 -27.60
CA ARG B 358 26.97 -15.04 -28.84
C ARG B 358 27.87 -16.10 -29.51
N VAL B 359 27.41 -17.36 -29.53
CA VAL B 359 28.23 -18.51 -29.96
C VAL B 359 28.44 -18.51 -31.48
N LEU B 360 29.62 -18.94 -31.93
CA LEU B 360 29.89 -19.03 -33.37
C LEU B 360 29.12 -20.19 -33.99
N ARG B 361 28.88 -20.13 -35.30
CA ARG B 361 28.19 -21.19 -36.05
C ARG B 361 29.11 -22.32 -36.49
N PRO B 362 28.56 -23.54 -36.71
CA PRO B 362 29.41 -24.65 -37.16
C PRO B 362 30.22 -24.39 -38.45
N GLU B 363 29.74 -23.49 -39.31
CA GLU B 363 30.47 -23.14 -40.53
C GLU B 363 31.66 -22.24 -40.21
N ALA B 364 31.58 -21.53 -39.08
CA ALA B 364 32.69 -20.68 -38.63
C ALA B 364 33.74 -21.55 -37.94
N TYR B 365 33.29 -22.55 -37.19
CA TYR B 365 34.20 -23.48 -36.59
C TYR B 365 35.04 -24.18 -37.69
N GLY B 366 34.36 -24.57 -38.78
CA GLY B 366 34.96 -25.34 -39.86
C GLY B 366 36.00 -24.53 -40.57
N GLY B 367 35.80 -23.21 -40.58
CA GLY B 367 36.77 -22.28 -41.11
C GLY B 367 38.06 -22.35 -40.32
N LEU B 368 37.98 -22.19 -39.00
CA LEU B 368 39.15 -22.34 -38.10
C LEU B 368 39.80 -23.69 -38.27
N LEU B 369 39.00 -24.76 -38.34
CA LEU B 369 39.54 -26.09 -38.54
C LEU B 369 40.32 -26.14 -39.85
N HIS B 370 39.72 -25.64 -40.93
CA HIS B 370 40.45 -25.51 -42.21
C HIS B 370 41.78 -24.80 -42.09
N PHE B 371 41.80 -23.68 -41.38
CA PHE B 371 43.05 -22.92 -41.27
C PHE B 371 43.99 -23.35 -40.16
N VAL B 372 43.48 -24.14 -39.21
CA VAL B 372 44.38 -24.75 -38.25
C VAL B 372 45.17 -25.86 -38.97
N ILE B 373 44.48 -26.73 -39.69
CA ILE B 373 45.16 -27.81 -40.42
C ILE B 373 46.14 -27.27 -41.48
N ASN B 374 45.70 -26.27 -42.23
CA ASN B 374 46.56 -25.68 -43.24
C ASN B 374 47.41 -24.57 -42.63
N ILE B 377 47.34 -21.94 -41.61
CA ILE B 377 47.55 -20.52 -41.34
C ILE B 377 47.44 -20.07 -39.85
N ASP B 378 46.43 -20.57 -39.11
CA ASP B 378 46.05 -20.14 -37.74
C ASP B 378 46.55 -21.02 -36.58
N ASP B 379 46.60 -20.45 -35.38
CA ASP B 379 47.14 -21.12 -34.20
C ASP B 379 46.10 -21.39 -33.11
N VAL B 380 44.94 -21.95 -33.46
CA VAL B 380 43.89 -22.21 -32.47
C VAL B 380 43.96 -23.68 -32.02
N PRO B 381 44.14 -23.93 -30.72
CA PRO B 381 44.36 -25.30 -30.27
C PRO B 381 43.12 -26.24 -30.15
N LEU B 382 42.40 -26.42 -31.26
CA LEU B 382 41.33 -27.43 -31.38
C LEU B 382 41.84 -28.83 -31.05
N PRO B 383 40.98 -29.67 -30.43
CA PRO B 383 41.37 -31.04 -30.04
C PRO B 383 41.94 -31.94 -31.15
N ALA B 384 42.87 -32.82 -30.76
CA ALA B 384 43.49 -33.79 -31.66
C ALA B 384 42.46 -34.75 -32.22
N SER B 385 41.39 -34.96 -31.45
CA SER B 385 40.30 -35.83 -31.85
C SER B 385 39.62 -35.36 -33.14
N ILE B 386 39.66 -34.07 -33.44
CA ILE B 386 39.21 -33.64 -34.76
C ILE B 386 40.33 -33.26 -35.72
N VAL B 387 41.38 -32.62 -35.19
CA VAL B 387 42.50 -32.09 -36.01
C VAL B 387 43.26 -33.20 -36.75
N SER B 388 43.28 -34.38 -36.14
CA SER B 388 44.05 -35.53 -36.62
C SER B 388 43.14 -36.71 -36.91
N ASN B 389 41.85 -36.43 -37.12
CA ASN B 389 40.87 -37.46 -37.45
C ASN B 389 40.89 -37.69 -38.96
N THR B 390 41.85 -38.49 -39.45
CA THR B 390 42.07 -38.65 -40.90
C THR B 390 40.92 -39.36 -41.60
N GLU B 391 40.34 -40.35 -40.93
CA GLU B 391 39.11 -40.97 -41.42
C GLU B 391 38.10 -39.86 -41.87
N LEU B 392 37.67 -39.00 -40.93
CA LEU B 392 36.71 -37.94 -41.27
C LEU B 392 37.28 -36.89 -42.22
N LEU B 393 38.53 -36.48 -42.00
CA LEU B 393 39.10 -35.36 -42.77
C LEU B 393 39.38 -35.70 -44.22
N ASN B 394 39.74 -36.96 -44.49
CA ASN B 394 39.91 -37.40 -45.87
C ASN B 394 38.57 -37.40 -46.60
N ALA B 395 37.55 -37.95 -45.94
CA ALA B 395 36.22 -37.96 -46.50
C ALA B 395 35.75 -36.53 -46.72
N VAL B 396 35.97 -35.67 -45.73
CA VAL B 396 35.58 -34.25 -45.90
C VAL B 396 36.26 -33.56 -47.08
N GLU B 397 37.56 -33.76 -47.27
CA GLU B 397 38.22 -32.99 -48.33
C GLU B 397 37.84 -33.47 -49.74
N SER B 398 37.52 -34.77 -49.86
CA SER B 398 37.11 -35.32 -51.15
C SER B 398 35.81 -34.70 -51.65
N LEU B 399 34.85 -34.57 -50.73
CA LEU B 399 33.56 -33.94 -51.00
C LEU B 399 33.73 -32.47 -51.41
N ASN B 400 34.59 -31.75 -50.70
CA ASN B 400 34.87 -30.36 -51.05
C ASN B 400 35.52 -30.27 -52.40
N GLN B 401 36.41 -31.20 -52.69
CA GLN B 401 37.07 -31.22 -54.00
C GLN B 401 36.08 -31.42 -55.15
N ALA B 402 35.28 -32.48 -55.04
CA ALA B 402 34.26 -32.75 -56.05
C ALA B 402 33.38 -31.52 -56.26
N GLN B 403 33.13 -30.83 -55.16
CA GLN B 403 32.08 -29.85 -55.13
C GLN B 403 32.63 -28.46 -55.47
N ASN B 404 33.93 -28.22 -55.21
CA ASN B 404 34.49 -26.84 -55.28
C ASN B 404 35.22 -26.52 -56.58
N GLY B 405 35.23 -27.49 -57.48
CA GLY B 405 35.91 -27.38 -58.74
C GLY B 405 37.34 -27.89 -58.70
N GLY B 406 37.62 -28.83 -57.78
CA GLY B 406 38.91 -29.53 -57.75
C GLY B 406 40.04 -29.07 -56.84
N THR B 407 39.77 -28.24 -55.85
CA THR B 407 40.82 -27.76 -54.94
C THR B 407 40.89 -28.67 -53.73
N ASN B 408 42.07 -29.22 -53.51
CA ASN B 408 42.26 -30.23 -52.50
C ASN B 408 42.56 -29.65 -51.13
N GLN B 409 42.41 -30.48 -50.10
CA GLN B 409 42.82 -30.11 -48.74
C GLN B 409 42.02 -28.94 -48.21
N VAL B 410 40.73 -28.89 -48.55
CA VAL B 410 39.84 -27.94 -47.90
C VAL B 410 38.93 -28.68 -46.93
N PHE B 411 38.91 -28.21 -45.68
CA PHE B 411 38.23 -28.96 -44.62
C PHE B 411 37.02 -28.24 -44.04
N LEU B 412 36.45 -27.33 -44.85
CA LEU B 412 35.27 -26.56 -44.49
C LEU B 412 34.05 -27.47 -44.40
N LEU B 413 33.09 -27.05 -43.59
CA LEU B 413 31.81 -27.76 -43.49
C LEU B 413 30.96 -27.54 -44.75
N PRO B 414 30.84 -28.58 -45.60
CA PRO B 414 29.98 -28.38 -46.75
C PRO B 414 28.54 -28.11 -46.31
N MET B 415 28.01 -26.99 -46.77
CA MET B 415 26.68 -26.52 -46.34
C MET B 415 25.59 -26.96 -47.29
N ALA B 416 24.38 -27.16 -46.77
CA ALA B 416 23.26 -27.66 -47.58
C ALA B 416 22.46 -26.55 -48.29
N VAL B 417 22.73 -25.29 -47.94
CA VAL B 417 22.10 -24.14 -48.60
C VAL B 417 23.17 -23.07 -48.87
N GLY B 418 22.98 -22.27 -49.91
CA GLY B 418 23.97 -21.31 -50.35
C GLY B 418 24.28 -20.21 -49.35
N GLU B 419 23.27 -19.81 -48.57
CA GLU B 419 23.40 -18.72 -47.58
C GLU B 419 24.05 -19.16 -46.25
N GLY B 420 24.29 -20.45 -46.09
CA GLY B 420 24.80 -21.00 -44.83
C GLY B 420 23.76 -20.70 -43.75
N SER B 421 24.20 -20.61 -42.50
CA SER B 421 23.33 -20.27 -41.39
C SER B 421 22.65 -18.90 -41.57
N PRO B 422 21.51 -18.70 -40.87
CA PRO B 422 20.95 -17.35 -40.64
C PRO B 422 21.97 -16.49 -39.91
N VAL B 423 21.84 -15.17 -40.07
CA VAL B 423 22.79 -14.23 -39.47
C VAL B 423 22.33 -13.92 -38.06
N HIS B 424 22.36 -14.94 -37.21
CA HIS B 424 22.25 -14.76 -35.79
C HIS B 424 23.03 -15.86 -35.15
N PRO B 425 23.45 -15.68 -33.87
CA PRO B 425 24.33 -16.62 -33.17
C PRO B 425 23.79 -18.05 -33.12
N ALA B 426 24.71 -19.01 -32.96
CA ALA B 426 24.36 -20.43 -33.02
C ALA B 426 23.57 -20.98 -31.80
N TYR B 427 23.75 -20.38 -30.61
CA TYR B 427 23.23 -21.02 -29.41
C TYR B 427 22.22 -20.20 -28.59
N PRO B 428 21.00 -20.74 -28.38
CA PRO B 428 20.44 -22.00 -28.90
C PRO B 428 19.80 -21.85 -30.30
N SER B 429 19.26 -22.93 -30.84
CA SER B 429 18.45 -22.86 -32.07
C SER B 429 17.04 -22.34 -31.81
N GLY B 430 16.63 -21.38 -32.61
CA GLY B 430 15.26 -20.83 -32.51
C GLY B 430 14.21 -21.85 -32.90
N HIS B 431 14.51 -22.62 -33.94
CA HIS B 431 13.66 -23.78 -34.33
C HIS B 431 13.44 -24.75 -33.20
N ALA B 432 14.50 -25.01 -32.45
CA ALA B 432 14.42 -25.89 -31.31
C ALA B 432 13.53 -25.29 -30.21
N ILE B 433 13.65 -23.99 -29.96
CA ILE B 433 12.79 -23.39 -28.95
C ILE B 433 11.33 -23.54 -29.36
N ASN B 434 11.06 -23.10 -30.61
CA ASN B 434 9.71 -23.09 -31.17
C ASN B 434 9.04 -24.48 -31.09
N LEU B 435 9.64 -25.47 -31.74
CA LEU B 435 9.12 -26.84 -31.78
C LEU B 435 9.08 -27.48 -30.40
N GLY B 436 10.13 -27.23 -29.61
CA GLY B 436 10.16 -27.74 -28.25
C GLY B 436 8.92 -27.33 -27.48
N ALA B 437 8.54 -26.07 -27.67
CA ALA B 437 7.40 -25.53 -26.99
C ALA B 437 6.09 -26.06 -27.57
N TYR B 438 5.90 -25.92 -28.90
CA TYR B 438 4.63 -26.29 -29.54
C TYR B 438 4.20 -27.68 -29.12
N LEU B 439 5.19 -28.55 -29.04
CA LEU B 439 4.94 -29.95 -28.85
C LEU B 439 4.75 -30.34 -27.41
N THR B 440 5.54 -29.71 -26.54
CA THR B 440 5.24 -29.78 -25.13
C THR B 440 3.76 -29.47 -24.93
N VAL B 441 3.27 -28.38 -25.54
CA VAL B 441 1.86 -28.01 -25.36
C VAL B 441 0.93 -29.17 -25.79
N LEU B 442 1.25 -29.79 -26.94
CA LEU B 442 0.44 -30.89 -27.46
C LEU B 442 0.41 -32.08 -26.50
N LYS B 443 1.59 -32.42 -25.99
CA LYS B 443 1.77 -33.54 -25.06
C LYS B 443 1.02 -33.32 -23.79
N ALA B 444 1.06 -32.07 -23.33
CA ALA B 444 0.33 -31.65 -22.13
C ALA B 444 -1.17 -31.81 -22.29
N PHE B 445 -1.73 -31.43 -23.45
CA PHE B 445 -3.18 -31.51 -23.59
C PHE B 445 -3.64 -32.94 -23.83
N LEU B 446 -2.83 -33.70 -24.55
CA LEU B 446 -3.09 -35.11 -24.82
C LEU B 446 -3.08 -35.86 -23.52
N GLY B 447 -2.04 -35.61 -22.71
CA GLY B 447 -1.84 -36.36 -21.49
C GLY B 447 -1.00 -37.59 -21.72
N PHE B 448 -0.33 -38.06 -20.67
CA PHE B 448 0.57 -39.22 -20.73
C PHE B 448 -0.11 -40.45 -21.30
N GLU B 449 -1.31 -40.72 -20.76
CA GLU B 449 -2.06 -41.94 -21.06
C GLU B 449 -2.49 -42.07 -22.51
N LEU B 450 -3.22 -41.07 -23.00
CA LEU B 450 -3.49 -40.99 -24.43
C LEU B 450 -2.20 -40.89 -25.26
N GLY B 451 -1.10 -40.43 -24.66
CA GLY B 451 0.21 -40.41 -25.33
C GLY B 451 0.69 -41.81 -25.74
N GLN B 452 0.22 -42.81 -25.02
CA GLN B 452 0.59 -44.19 -25.26
C GLN B 452 -0.29 -44.83 -26.34
N ARG B 453 -1.25 -44.08 -26.88
CA ARG B 453 -2.08 -44.64 -27.93
CA ARG B 453 -2.12 -44.56 -27.97
C ARG B 453 -1.34 -44.76 -29.27
N CYS B 454 -1.69 -45.80 -30.03
CA CYS B 454 -0.99 -46.11 -31.29
C CYS B 454 -1.28 -45.06 -32.34
N PHE B 455 -0.25 -44.63 -33.04
CA PHE B 455 -0.45 -43.84 -34.25
C PHE B 455 -0.99 -44.80 -35.34
N PRO B 456 -2.23 -44.55 -35.83
CA PRO B 456 -2.86 -45.49 -36.74
C PRO B 456 -2.23 -45.49 -38.12
N SER B 457 -2.03 -46.69 -38.66
CA SER B 457 -1.52 -46.90 -40.03
C SER B 457 -0.18 -46.17 -40.30
N PRO B 458 0.90 -46.58 -39.58
CA PRO B 458 2.23 -46.01 -39.79
C PRO B 458 2.77 -46.27 -41.20
N MET B 459 3.51 -45.30 -41.75
CA MET B 459 4.04 -45.38 -43.10
CA MET B 459 4.06 -45.43 -43.09
C MET B 459 5.52 -44.98 -43.10
N ILE B 460 6.24 -45.34 -44.16
CA ILE B 460 7.55 -44.80 -44.47
C ILE B 460 7.60 -44.56 -45.96
N SER B 461 8.42 -43.58 -46.34
CA SER B 461 8.67 -43.26 -47.73
C SER B 461 9.52 -44.35 -48.38
N ASN B 462 9.33 -44.59 -49.68
CA ASN B 462 10.33 -45.37 -50.42
C ASN B 462 11.60 -44.54 -50.61
N ASP B 463 12.64 -45.14 -51.17
CA ASP B 463 13.95 -44.48 -51.29
C ASP B 463 13.97 -43.27 -52.23
N ALA B 464 13.20 -43.30 -53.31
CA ALA B 464 13.17 -42.14 -54.19
C ALA B 464 12.28 -41.01 -53.62
N GLY B 465 11.46 -41.33 -52.60
CA GLY B 465 10.49 -40.38 -52.05
C GLY B 465 9.33 -40.06 -52.96
N THR B 466 8.97 -41.01 -53.84
CA THR B 466 7.82 -40.85 -54.73
C THR B 466 6.55 -41.54 -54.18
N ASP B 467 6.68 -42.37 -53.16
CA ASP B 467 5.54 -43.13 -52.65
C ASP B 467 5.76 -43.54 -51.19
N ARG B 468 4.65 -43.74 -50.47
CA ARG B 468 4.76 -44.29 -49.12
C ARG B 468 4.42 -45.78 -49.09
N ILE B 469 5.01 -46.48 -48.12
CA ILE B 469 4.89 -47.93 -47.90
C ILE B 469 4.41 -48.13 -46.47
N PRO B 470 3.62 -49.18 -46.21
CA PRO B 470 3.25 -49.33 -44.80
C PRO B 470 4.46 -49.69 -43.93
N PHE B 471 4.54 -49.10 -42.73
CA PHE B 471 5.55 -49.50 -41.76
C PHE B 471 5.10 -50.73 -40.95
N VAL B 472 5.93 -51.77 -40.98
CA VAL B 472 5.73 -52.99 -40.18
C VAL B 472 6.94 -53.28 -39.28
N PRO B 473 6.74 -53.31 -37.95
CA PRO B 473 7.82 -53.65 -37.03
C PRO B 473 8.51 -54.97 -37.35
N SER B 474 9.84 -55.01 -37.19
CA SER B 474 10.63 -56.25 -37.23
C SER B 474 11.48 -56.39 -35.95
N ASP B 475 12.51 -57.23 -35.95
CA ASP B 475 13.28 -57.45 -34.71
C ASP B 475 14.12 -56.26 -34.24
N GLY B 476 14.88 -55.64 -35.13
CA GLY B 476 15.77 -54.51 -34.77
C GLY B 476 15.15 -53.17 -34.32
N ASP B 477 13.93 -52.90 -34.79
CA ASP B 477 13.22 -51.61 -34.69
C ASP B 477 13.08 -50.89 -33.34
N ARG B 478 13.21 -51.60 -32.22
CA ARG B 478 12.90 -51.03 -30.89
C ARG B 478 11.43 -50.58 -30.71
N VAL B 479 10.49 -51.24 -31.38
CA VAL B 479 9.09 -50.86 -31.25
C VAL B 479 8.44 -51.55 -30.06
N GLY B 480 7.88 -50.75 -29.15
CA GLY B 480 7.24 -51.28 -27.96
C GLY B 480 5.74 -51.34 -28.07
N THR B 481 5.11 -51.40 -26.90
CA THR B 481 3.67 -51.54 -26.83
C THR B 481 3.03 -50.17 -26.94
N CYS B 482 1.91 -50.14 -27.64
CA CYS B 482 1.02 -48.99 -27.67
C CYS B 482 -0.39 -49.51 -27.50
N ILE B 483 -1.36 -48.61 -27.44
CA ILE B 483 -2.74 -48.99 -27.16
C ILE B 483 -3.65 -48.47 -28.26
N ASN B 484 -4.48 -49.33 -28.82
CA ASN B 484 -5.28 -48.93 -29.98
C ASN B 484 -6.58 -48.25 -29.58
N GLU B 485 -7.36 -47.85 -30.58
CA GLU B 485 -8.72 -47.32 -30.39
C GLU B 485 -9.57 -48.11 -29.35
N ASP B 486 -9.29 -49.40 -29.15
CA ASP B 486 -10.01 -50.26 -28.18
C ASP B 486 -9.30 -50.50 -26.84
N GLY B 487 -8.27 -49.72 -26.52
CA GLY B 487 -7.49 -49.98 -25.30
C GLY B 487 -6.89 -51.37 -25.36
N GLU B 488 -6.99 -51.95 -26.55
CA GLU B 488 -6.50 -53.27 -26.90
C GLU B 488 -5.00 -53.18 -27.28
N GLU B 489 -4.12 -53.79 -26.47
CA GLU B 489 -2.65 -53.64 -26.65
C GLU B 489 -2.09 -54.15 -27.98
N GLU B 490 -1.23 -53.36 -28.61
CA GLU B 490 -0.49 -53.75 -29.84
C GLU B 490 1.00 -53.41 -29.75
N VAL B 491 1.79 -54.02 -30.63
CA VAL B 491 3.18 -53.59 -30.84
C VAL B 491 3.13 -52.45 -31.88
N GLY B 492 3.51 -51.24 -31.48
CA GLY B 492 3.45 -50.11 -32.44
C GLY B 492 3.95 -48.77 -31.94
N LEU B 493 3.98 -47.79 -32.84
CA LEU B 493 4.42 -46.43 -32.52
C LEU B 493 3.36 -45.65 -31.74
N THR B 494 3.78 -44.98 -30.67
CA THR B 494 2.89 -44.18 -29.78
C THR B 494 2.84 -42.71 -30.21
N TYR B 495 1.74 -42.03 -29.90
CA TYR B 495 1.60 -40.63 -30.23
C TYR B 495 2.71 -39.83 -29.58
N GLU B 496 2.93 -40.11 -28.30
CA GLU B 496 3.98 -39.42 -27.55
C GLU B 496 5.30 -39.57 -28.32
N GLY B 497 5.63 -40.80 -28.68
CA GLY B 497 6.85 -41.07 -29.43
C GLY B 497 6.88 -40.32 -30.75
N GLU B 498 5.75 -40.27 -31.44
CA GLU B 498 5.75 -39.61 -32.73
C GLU B 498 5.76 -38.08 -32.61
N LEU B 499 5.22 -37.58 -31.50
CA LEU B 499 5.31 -36.17 -31.17
C LEU B 499 6.76 -35.78 -30.86
N ASN B 500 7.48 -36.60 -30.09
CA ASN B 500 8.86 -36.25 -29.78
C ASN B 500 9.71 -36.17 -31.07
N LYS B 501 9.41 -37.05 -32.03
CA LYS B 501 10.14 -37.06 -33.29
C LYS B 501 9.98 -35.80 -34.10
N VAL B 502 8.88 -35.06 -33.92
CA VAL B 502 8.66 -33.88 -34.75
C VAL B 502 9.67 -32.81 -34.30
N THR B 503 9.84 -32.69 -32.99
CA THR B 503 10.77 -31.67 -32.51
C THR B 503 12.19 -32.11 -32.84
N SER B 504 12.46 -33.38 -32.54
CA SER B 504 13.68 -34.05 -32.93
C SER B 504 14.04 -33.95 -34.44
N ASN B 505 13.08 -34.17 -35.34
CA ASN B 505 13.32 -34.03 -36.78
C ASN B 505 13.64 -32.59 -37.19
N VAL B 506 13.01 -31.61 -36.54
CA VAL B 506 13.22 -30.24 -36.94
C VAL B 506 14.52 -29.72 -36.35
N ALA B 507 14.71 -29.97 -35.05
CA ALA B 507 15.92 -29.51 -34.34
C ALA B 507 17.13 -30.18 -34.95
N ILE B 508 17.11 -31.52 -35.07
CA ILE B 508 18.24 -32.18 -35.70
C ILE B 508 18.33 -31.90 -37.20
N GLY B 509 17.24 -31.44 -37.82
CA GLY B 509 17.26 -31.09 -39.23
C GLY B 509 18.20 -29.94 -39.46
N ARG B 510 18.22 -29.01 -38.50
CA ARG B 510 19.07 -27.82 -38.59
C ARG B 510 20.52 -28.27 -38.59
N SER B 511 20.81 -29.39 -37.92
CA SER B 511 22.14 -29.95 -37.93
C SER B 511 22.49 -30.57 -39.30
N HIS B 512 21.55 -31.27 -39.92
CA HIS B 512 21.74 -31.79 -41.28
C HIS B 512 21.96 -30.68 -42.28
N LEU B 513 21.29 -29.55 -42.05
CA LEU B 513 21.43 -28.35 -42.88
C LEU B 513 22.85 -27.77 -42.76
N GLY B 514 23.53 -28.06 -41.63
CA GLY B 514 24.89 -27.59 -41.36
C GLY B 514 24.97 -26.34 -40.47
N VAL B 515 23.82 -25.87 -39.97
CA VAL B 515 23.77 -24.60 -39.20
C VAL B 515 23.76 -24.70 -37.67
N HIS B 516 23.70 -25.92 -37.13
CA HIS B 516 23.64 -26.15 -35.68
C HIS B 516 24.34 -27.40 -35.26
N TRP B 517 24.99 -27.33 -34.09
CA TRP B 517 25.36 -28.55 -33.34
C TRP B 517 24.19 -29.14 -32.63
N ARG B 518 24.33 -30.39 -32.24
CA ARG B 518 23.35 -31.09 -31.44
C ARG B 518 22.90 -30.29 -30.19
N MET B 519 23.86 -29.68 -29.48
CA MET B 519 23.53 -28.99 -28.22
CA MET B 519 23.51 -29.01 -28.22
C MET B 519 22.52 -27.86 -28.40
N ASP B 520 22.63 -27.16 -29.54
CA ASP B 520 21.82 -25.98 -29.85
C ASP B 520 20.37 -26.42 -29.94
N GLY B 521 20.16 -27.61 -30.49
CA GLY B 521 18.82 -28.19 -30.63
C GLY B 521 18.31 -28.96 -29.43
N VAL B 522 19.21 -29.64 -28.71
CA VAL B 522 18.82 -30.48 -27.59
C VAL B 522 18.44 -29.67 -26.32
N PHE B 523 19.34 -28.77 -25.91
CA PHE B 523 19.10 -27.86 -24.79
C PHE B 523 18.15 -26.75 -25.21
N GLY B 524 18.14 -26.43 -26.51
CA GLY B 524 17.15 -25.52 -27.11
C GLY B 524 15.72 -26.03 -26.92
N ALA B 525 15.51 -27.32 -27.14
CA ALA B 525 14.20 -27.91 -26.96
C ALA B 525 13.77 -27.87 -25.49
N GLU B 526 14.71 -28.08 -24.57
CA GLU B 526 14.47 -27.88 -23.14
C GLU B 526 13.97 -26.46 -22.83
N MET B 527 14.61 -25.45 -23.41
CA MET B 527 14.22 -24.08 -23.14
C MET B 527 12.79 -23.81 -23.61
N GLY B 528 12.46 -24.35 -24.79
CA GLY B 528 11.10 -24.26 -25.29
C GLY B 528 10.10 -25.01 -24.40
N GLU B 529 10.49 -26.16 -23.89
CA GLU B 529 9.58 -26.93 -23.05
C GLU B 529 9.25 -26.13 -21.78
N ALA B 530 10.24 -25.40 -21.27
CA ALA B 530 10.06 -24.56 -20.09
C ALA B 530 9.18 -23.33 -20.35
N GLY B 531 9.37 -22.66 -21.48
CA GLY B 531 8.52 -21.52 -21.81
C GLY B 531 7.04 -21.92 -21.90
N ALA B 532 6.79 -23.08 -22.48
CA ALA B 532 5.43 -23.59 -22.68
C ALA B 532 4.79 -23.88 -21.34
N ILE B 533 5.55 -24.57 -20.47
CA ILE B 533 5.05 -25.00 -19.16
C ILE B 533 4.69 -23.79 -18.30
N ARG B 534 5.52 -22.76 -18.37
CA ARG B 534 5.23 -21.51 -17.68
C ARG B 534 3.89 -20.92 -18.11
N ARG B 535 3.61 -20.93 -19.41
CA ARG B 535 2.34 -20.42 -19.94
C ARG B 535 1.17 -21.25 -19.48
N LEU B 536 1.31 -22.56 -19.60
CA LEU B 536 0.27 -23.50 -19.18
C LEU B 536 -0.09 -23.29 -17.73
N GLN B 537 0.91 -23.01 -16.90
CA GLN B 537 0.72 -22.94 -15.47
C GLN B 537 -0.07 -21.71 -15.14
N GLN B 538 0.34 -20.58 -15.73
CA GLN B 538 -0.32 -19.29 -15.53
C GLN B 538 -1.79 -19.40 -15.91
N GLU B 539 -2.07 -20.04 -17.04
CA GLU B 539 -3.40 -20.08 -17.59
C GLU B 539 -4.31 -21.03 -16.77
N LEU B 540 -3.78 -22.16 -16.33
CA LEU B 540 -4.61 -23.22 -15.78
C LEU B 540 -5.61 -22.76 -14.70
N GLY B 541 -5.12 -22.07 -13.67
CA GLY B 541 -5.97 -21.70 -12.53
C GLY B 541 -7.21 -20.89 -12.84
N GLY B 542 -7.13 -20.05 -13.87
CA GLY B 542 -8.26 -19.24 -14.29
C GLY B 542 -9.30 -19.93 -15.17
N LEU B 543 -9.04 -21.17 -15.58
CA LEU B 543 -9.97 -21.90 -16.44
C LEU B 543 -11.18 -22.45 -15.65
N PRO B 544 -12.40 -22.41 -16.21
CA PRO B 544 -13.53 -22.94 -15.45
C PRO B 544 -13.27 -24.33 -14.92
N GLU B 545 -12.77 -25.21 -15.79
CA GLU B 545 -12.60 -26.63 -15.47
C GLU B 545 -11.45 -26.88 -14.47
N ALA B 546 -10.84 -25.80 -13.99
CA ALA B 546 -9.82 -25.93 -12.93
C ALA B 546 -10.42 -25.88 -11.54
N ARG B 547 -11.68 -25.46 -11.42
CA ARG B 547 -12.34 -25.45 -10.11
C ARG B 547 -12.62 -26.84 -9.56
N ASP B 548 -12.48 -27.00 -8.26
CA ASP B 548 -12.89 -28.25 -7.61
C ASP B 548 -14.38 -28.17 -7.37
N THR B 549 -15.15 -29.06 -8.00
CA THR B 549 -16.61 -29.06 -7.88
C THR B 549 -17.12 -30.42 -7.42
N GLU B 550 -18.39 -30.47 -7.00
CA GLU B 550 -19.07 -31.71 -6.61
C GLU B 550 -19.49 -32.47 -7.84
N GLY B 551 -19.08 -33.74 -7.95
CA GLY B 551 -19.55 -34.52 -9.08
C GLY B 551 -18.55 -35.49 -9.64
N PRO B 552 -18.97 -36.31 -10.62
CA PRO B 552 -18.09 -37.36 -11.18
C PRO B 552 -16.84 -36.83 -11.91
N ILE B 553 -16.93 -35.63 -12.49
CA ILE B 553 -15.83 -35.07 -13.30
C ILE B 553 -14.90 -34.23 -12.43
N PRO B 554 -13.63 -34.63 -12.33
CA PRO B 554 -12.66 -33.96 -11.45
C PRO B 554 -12.02 -32.72 -12.09
N PRO B 555 -11.38 -31.87 -11.28
CA PRO B 555 -10.73 -30.66 -11.81
C PRO B 555 -9.62 -30.99 -12.81
N ALA B 556 -9.34 -30.05 -13.72
CA ALA B 556 -8.31 -30.25 -14.77
C ALA B 556 -6.90 -30.29 -14.19
N SER B 557 -6.05 -31.11 -14.80
CA SER B 557 -4.64 -31.06 -14.53
C SER B 557 -3.95 -31.54 -15.79
N TYR B 558 -2.67 -31.19 -15.97
CA TYR B 558 -1.84 -31.67 -17.10
C TYR B 558 -0.75 -32.62 -16.61
N LYS B 559 -0.95 -33.90 -16.91
CA LYS B 559 -0.01 -34.97 -16.56
CA LYS B 559 0.04 -34.93 -16.57
C LYS B 559 0.65 -35.48 -17.84
N PHE B 560 1.96 -35.38 -17.93
CA PHE B 560 2.67 -35.86 -19.11
C PHE B 560 4.19 -36.07 -18.85
N ARG B 561 4.95 -36.28 -19.91
CA ARG B 561 6.32 -36.66 -19.75
C ARG B 561 7.21 -35.72 -20.57
N LEU B 562 8.27 -35.20 -19.96
CA LEU B 562 9.21 -34.29 -20.62
C LEU B 562 10.11 -35.03 -21.58
N TYR B 563 10.89 -34.25 -22.35
CA TYR B 563 11.84 -34.79 -23.32
C TYR B 563 12.89 -35.61 -22.61
N SER B 564 13.27 -35.12 -21.43
CA SER B 564 14.25 -35.80 -20.58
C SER B 564 13.69 -37.12 -20.04
N GLY B 565 12.38 -37.28 -20.07
CA GLY B 565 11.77 -38.50 -19.58
C GLY B 565 11.18 -38.37 -18.19
N THR B 566 11.45 -37.28 -17.49
CA THR B 566 10.86 -37.16 -16.17
C THR B 566 9.39 -36.75 -16.31
N MET B 567 8.57 -37.34 -15.45
CA MET B 567 7.12 -37.14 -15.45
CA MET B 567 7.13 -37.11 -15.50
C MET B 567 6.75 -35.85 -14.75
N ILE B 568 5.89 -35.05 -15.37
CA ILE B 568 5.43 -33.80 -14.75
C ILE B 568 3.90 -33.81 -14.67
N GLU B 569 3.37 -33.22 -13.61
CA GLU B 569 1.95 -33.07 -13.46
C GLU B 569 1.67 -31.67 -12.93
N LEU B 570 0.92 -30.89 -13.72
CA LEU B 570 0.65 -29.50 -13.43
C LEU B 570 -0.75 -29.35 -12.83
N PHE B 571 -0.83 -28.69 -11.68
CA PHE B 571 -2.12 -28.49 -10.98
C PHE B 571 -2.50 -27.01 -11.00
N PRO B 572 -3.80 -26.70 -10.79
CA PRO B 572 -4.24 -25.30 -10.86
C PRO B 572 -3.49 -24.33 -9.93
N ASP B 573 -3.25 -24.71 -8.69
CA ASP B 573 -2.85 -23.71 -7.70
C ASP B 573 -1.32 -23.46 -7.63
N ASN B 574 -0.69 -23.33 -8.80
CA ASN B 574 0.78 -23.40 -8.93
C ASN B 574 1.51 -24.39 -8.03
N ARG B 575 1.03 -25.61 -8.05
CA ARG B 575 1.76 -26.72 -7.50
C ARG B 575 1.90 -27.71 -8.63
N TYR B 576 3.01 -28.44 -8.63
CA TYR B 576 3.24 -29.47 -9.65
C TYR B 576 4.03 -30.63 -9.09
N MET B 577 3.81 -31.82 -9.64
CA MET B 577 4.66 -32.96 -9.30
C MET B 577 5.76 -33.08 -10.34
N LEU B 578 7.00 -33.21 -9.85
CA LEU B 578 8.14 -33.51 -10.69
C LEU B 578 8.80 -34.82 -10.22
N GLY B 579 8.71 -35.86 -11.05
CA GLY B 579 9.13 -37.19 -10.66
C GLY B 579 8.32 -37.66 -9.47
N ASP B 580 9.01 -37.99 -8.37
CA ASP B 580 8.33 -38.38 -7.13
CA ASP B 580 8.38 -38.39 -7.11
C ASP B 580 8.31 -37.22 -6.12
N GLN B 581 8.57 -36.01 -6.61
CA GLN B 581 8.68 -34.82 -5.78
C GLN B 581 7.53 -33.81 -5.98
N MET B 582 7.00 -33.26 -4.89
N MET B 582 7.07 -33.23 -4.87
CA MET B 582 5.97 -32.23 -5.00
CA MET B 582 5.97 -32.24 -4.84
C MET B 582 6.60 -30.85 -4.83
C MET B 582 6.54 -30.81 -4.73
N CYS B 583 6.19 -29.94 -5.68
CA CYS B 583 6.83 -28.62 -5.79
C CYS B 583 5.78 -27.52 -5.90
N LYS B 584 6.20 -26.29 -5.67
CA LYS B 584 5.31 -25.16 -5.80
C LYS B 584 5.95 -24.02 -6.57
N GLY B 585 5.13 -23.15 -7.14
CA GLY B 585 5.62 -22.02 -7.93
C GLY B 585 5.82 -22.34 -9.41
N PHE B 586 6.52 -21.45 -10.11
CA PHE B 586 6.72 -21.57 -11.55
C PHE B 586 7.91 -22.47 -11.92
N PHE B 587 7.63 -23.51 -12.72
CA PHE B 587 8.63 -24.42 -13.25
C PHE B 587 9.75 -23.64 -13.94
N THR B 588 11.00 -24.00 -13.65
CA THR B 588 12.19 -23.42 -14.28
C THR B 588 12.90 -24.50 -15.12
N GLY B 589 12.75 -25.77 -14.74
CA GLY B 589 13.44 -26.88 -15.42
C GLY B 589 13.38 -28.18 -14.61
N ASP B 590 13.84 -29.29 -15.19
CA ASP B 590 13.65 -30.56 -14.52
C ASP B 590 14.67 -30.84 -13.42
N ASP B 591 15.69 -29.99 -13.33
CA ASP B 591 16.74 -30.12 -12.33
C ASP B 591 16.46 -29.26 -11.09
N PHE B 592 15.25 -28.71 -10.98
CA PHE B 592 14.97 -27.76 -9.92
C PHE B 592 13.55 -27.89 -9.37
N CYS B 593 13.39 -27.66 -8.08
CA CYS B 593 12.11 -27.85 -7.41
C CYS B 593 12.13 -27.12 -6.08
N VAL B 594 11.27 -26.11 -5.92
CA VAL B 594 11.01 -25.54 -4.61
C VAL B 594 9.99 -26.46 -3.89
N PRO B 595 10.45 -27.19 -2.86
CA PRO B 595 9.59 -28.19 -2.19
C PRO B 595 8.25 -27.57 -1.79
N ALA B 596 7.16 -28.29 -2.02
CA ALA B 596 5.83 -27.74 -1.71
C ALA B 596 5.58 -27.84 -0.22
N ASP B 597 5.08 -26.74 0.37
CA ASP B 597 4.69 -26.69 1.79
C ASP B 597 4.04 -25.36 2.13
N GLN C 1 44.09 -15.77 -9.93
CA GLN C 1 45.26 -14.83 -9.91
C GLN C 1 46.44 -15.30 -9.02
N THR C 2 46.39 -15.05 -7.71
CA THR C 2 47.45 -15.61 -6.85
C THR C 2 47.22 -17.09 -6.55
N VAL C 3 48.30 -17.78 -6.21
CA VAL C 3 48.26 -19.17 -5.79
C VAL C 3 47.18 -19.36 -4.72
N ASN C 4 47.18 -18.50 -3.70
CA ASN C 4 46.21 -18.58 -2.60
C ASN C 4 44.74 -18.41 -3.07
N GLU C 5 44.48 -17.33 -3.81
CA GLU C 5 43.17 -17.05 -4.41
C GLU C 5 42.63 -18.19 -5.25
N LEU C 6 43.46 -18.71 -6.15
CA LEU C 6 43.07 -19.85 -6.97
C LEU C 6 42.64 -21.05 -6.13
N ALA C 7 43.41 -21.37 -5.09
CA ALA C 7 43.17 -22.53 -4.24
C ALA C 7 41.88 -22.45 -3.42
N ASP C 8 41.40 -21.23 -3.17
CA ASP C 8 40.22 -21.00 -2.32
C ASP C 8 38.94 -20.91 -3.14
N MET C 9 39.07 -20.81 -4.47
CA MET C 9 37.92 -20.73 -5.38
C MET C 9 37.01 -21.93 -5.27
N GLN C 10 35.71 -21.67 -5.28
CA GLN C 10 34.73 -22.75 -5.10
C GLN C 10 33.65 -22.65 -6.17
N THR C 11 33.04 -23.79 -6.46
CA THR C 11 31.96 -23.83 -7.40
C THR C 11 30.76 -24.53 -6.76
N ARG C 12 29.60 -24.36 -7.39
CA ARG C 12 28.41 -25.09 -7.00
C ARG C 12 27.60 -25.42 -8.26
N PRO C 13 26.53 -26.22 -8.12
CA PRO C 13 25.75 -26.62 -9.30
C PRO C 13 25.09 -25.43 -10.00
N LEU C 14 25.08 -25.44 -11.32
CA LEU C 14 24.34 -24.47 -12.12
C LEU C 14 23.00 -25.09 -12.51
N LEU C 15 21.94 -24.70 -11.81
CA LEU C 15 20.60 -25.24 -12.10
C LEU C 15 19.68 -24.20 -12.73
N SER C 16 18.59 -24.68 -13.33
CA SER C 16 17.63 -23.80 -14.01
C SER C 16 17.04 -22.74 -13.08
N GLY C 17 16.95 -23.11 -11.80
CA GLY C 17 16.37 -22.30 -10.73
C GLY C 17 17.38 -21.55 -9.86
N SER C 18 18.67 -21.62 -10.21
CA SER C 18 19.69 -20.78 -9.59
C SER C 18 19.39 -19.30 -9.80
N VAL C 19 19.82 -18.44 -8.87
CA VAL C 19 19.53 -17.01 -8.95
C VAL C 19 20.83 -16.21 -8.99
N CYS C 20 20.94 -15.27 -9.91
CA CYS C 20 22.17 -14.52 -10.12
C CYS C 20 21.84 -13.04 -10.25
N ARG C 21 21.89 -12.30 -9.14
CA ARG C 21 21.69 -10.86 -9.18
C ARG C 21 22.75 -10.14 -10.03
N VAL C 22 23.91 -10.78 -10.19
CA VAL C 22 24.96 -10.30 -11.06
C VAL C 22 25.34 -11.43 -12.03
N ARG C 23 25.46 -11.07 -13.31
CA ARG C 23 25.82 -12.02 -14.35
C ARG C 23 26.47 -11.18 -15.44
N ASP C 24 27.22 -11.76 -16.35
CA ASP C 24 27.92 -10.91 -17.34
C ASP C 24 27.17 -10.59 -18.65
N THR C 25 25.84 -10.68 -18.64
CA THR C 25 25.03 -10.41 -19.85
C THR C 25 25.33 -9.04 -20.50
N VAL C 26 25.29 -9.00 -21.82
CA VAL C 26 25.50 -7.79 -22.60
C VAL C 26 24.17 -7.10 -22.86
N ASP C 27 23.79 -6.29 -21.88
CA ASP C 27 22.44 -5.78 -21.67
C ASP C 27 22.61 -4.49 -20.84
N PHE C 28 22.02 -3.38 -21.30
CA PHE C 28 22.11 -2.10 -20.58
C PHE C 28 21.32 -2.11 -19.28
N LEU C 29 20.41 -3.07 -19.14
CA LEU C 29 19.65 -3.28 -17.90
C LEU C 29 20.27 -4.38 -17.08
N SER C 30 20.36 -4.17 -15.77
CA SER C 30 20.82 -5.22 -14.86
C SER C 30 19.76 -6.31 -14.71
N PRO C 31 20.17 -7.47 -14.17
CA PRO C 31 19.16 -8.55 -14.06
C PRO C 31 17.94 -8.14 -13.20
N THR C 32 18.16 -7.38 -12.12
CA THR C 32 17.05 -6.96 -11.27
CA THR C 32 17.08 -6.94 -11.25
C THR C 32 16.28 -5.77 -11.86
N LYS C 33 16.99 -4.91 -12.59
N LYS C 33 16.95 -4.85 -12.56
CA LYS C 33 16.39 -3.73 -13.24
CA LYS C 33 16.18 -3.77 -13.15
C LYS C 33 15.53 -4.06 -14.47
C LYS C 33 15.21 -4.34 -14.16
N ARG C 34 15.69 -5.27 -14.99
CA ARG C 34 14.87 -5.81 -16.09
C ARG C 34 13.61 -6.48 -15.59
N ALA C 35 13.77 -7.28 -14.54
CA ALA C 35 12.65 -7.95 -13.90
C ALA C 35 11.66 -6.95 -13.30
N LYS C 36 12.18 -5.83 -12.79
CA LYS C 36 11.31 -4.82 -12.15
C LYS C 36 10.43 -4.09 -13.16
N ILE C 37 11.05 -3.57 -14.21
CA ILE C 37 10.32 -2.91 -15.29
C ILE C 37 9.25 -3.82 -15.88
N THR C 38 9.61 -5.10 -16.10
CA THR C 38 8.63 -6.11 -16.51
C THR C 38 7.49 -6.25 -15.50
N PHE C 39 7.84 -6.23 -14.22
CA PHE C 39 6.84 -6.35 -13.13
C PHE C 39 5.95 -5.13 -13.16
N LYS C 40 6.58 -3.96 -13.26
CA LYS C 40 5.84 -2.72 -13.26
C LYS C 40 4.82 -2.67 -14.41
N ARG C 41 5.22 -3.14 -15.60
CA ARG C 41 4.35 -3.14 -16.78
C ARG C 41 3.14 -4.08 -16.63
N ARG C 42 3.35 -5.25 -16.06
CA ARG C 42 2.25 -6.19 -15.82
C ARG C 42 1.17 -5.60 -14.89
N ILE C 43 1.62 -5.00 -13.77
CA ILE C 43 0.78 -4.28 -12.82
C ILE C 43 -0.04 -3.25 -13.60
N GLY C 44 0.66 -2.36 -14.30
CA GLY C 44 0.02 -1.32 -15.10
C GLY C 44 -1.02 -1.81 -16.09
N ILE C 45 -0.70 -2.88 -16.83
CA ILE C 45 -1.69 -3.49 -17.74
C ILE C 45 -2.93 -3.98 -16.96
N ALA C 46 -2.70 -4.65 -15.86
CA ALA C 46 -3.76 -5.17 -14.99
C ALA C 46 -4.67 -4.06 -14.45
N VAL C 47 -4.06 -2.93 -14.10
CA VAL C 47 -4.81 -1.79 -13.56
C VAL C 47 -5.59 -1.09 -14.67
N GLY C 48 -4.98 -0.94 -15.85
CA GLY C 48 -5.65 -0.36 -17.01
C GLY C 48 -6.86 -1.19 -17.42
N GLU C 49 -6.73 -2.51 -17.35
CA GLU C 49 -7.83 -3.39 -17.71
C GLU C 49 -8.98 -3.24 -16.74
N LEU C 50 -8.68 -3.25 -15.45
CA LEU C 50 -9.67 -3.02 -14.39
C LEU C 50 -10.40 -1.68 -14.64
N ALA C 51 -9.63 -0.63 -14.95
CA ALA C 51 -10.16 0.71 -15.22
C ALA C 51 -11.22 0.85 -16.33
N VAL C 52 -11.20 0.00 -17.34
CA VAL C 52 -12.21 0.05 -18.42
C VAL C 52 -13.62 -0.06 -17.81
N GLY C 53 -13.79 -0.95 -16.85
CA GLY C 53 -15.06 -1.12 -16.15
C GLY C 53 -15.94 -2.17 -16.80
N PRO C 54 -16.89 -2.72 -16.06
CA PRO C 54 -17.70 -3.79 -16.65
C PRO C 54 -18.55 -3.37 -17.86
N THR C 55 -18.42 -4.13 -18.95
CA THR C 55 -19.17 -3.95 -20.20
C THR C 55 -20.70 -4.07 -20.02
N CYS C 56 -21.45 -3.20 -20.71
CA CYS C 56 -22.91 -3.31 -20.71
C CYS C 56 -23.38 -4.44 -21.63
N HIS C 57 -23.23 -5.70 -21.15
CA HIS C 57 -23.74 -6.88 -21.83
C HIS C 57 -25.16 -7.05 -21.38
N LEU C 58 -26.09 -6.71 -22.27
CA LEU C 58 -27.49 -6.61 -21.88
C LEU C 58 -28.30 -7.51 -22.77
N ASN C 59 -29.01 -8.45 -22.15
CA ASN C 59 -29.94 -9.34 -22.83
C ASN C 59 -31.02 -8.53 -23.58
N ASN C 60 -31.39 -9.06 -24.75
N ASN C 60 -31.42 -8.99 -24.77
CA ASN C 60 -32.35 -8.46 -25.67
CA ASN C 60 -32.32 -8.20 -25.62
C ASN C 60 -33.71 -8.12 -25.07
C ASN C 60 -33.81 -8.24 -25.22
N GLY C 61 -34.15 -8.96 -24.14
CA GLY C 61 -35.51 -8.92 -23.64
C GLY C 61 -36.35 -10.13 -24.05
N ASP C 62 -35.95 -10.82 -25.11
CA ASP C 62 -36.76 -11.95 -25.64
C ASP C 62 -36.98 -13.05 -24.63
N GLU C 63 -36.01 -13.32 -23.76
CA GLU C 63 -36.13 -14.47 -22.88
C GLU C 63 -37.15 -14.23 -21.78
N ALA C 64 -37.31 -12.98 -21.38
CA ALA C 64 -38.36 -12.62 -20.44
C ALA C 64 -39.74 -12.57 -21.12
N ASN C 65 -39.76 -12.18 -22.40
CA ASN C 65 -41.02 -11.78 -23.04
C ASN C 65 -41.66 -12.73 -24.07
N ILE C 66 -40.86 -13.40 -24.90
CA ILE C 66 -41.39 -14.42 -25.80
C ILE C 66 -41.80 -15.66 -24.98
N PRO C 67 -43.03 -16.18 -25.18
CA PRO C 67 -43.48 -17.41 -24.46
C PRO C 67 -42.70 -18.68 -24.80
N LEU C 68 -42.74 -19.65 -23.88
CA LEU C 68 -42.06 -20.95 -24.03
C LEU C 68 -40.68 -20.92 -24.70
N PHE C 69 -39.94 -19.83 -24.43
CA PHE C 69 -38.54 -19.65 -24.84
C PHE C 69 -38.31 -19.80 -26.35
N ASP C 70 -39.26 -19.34 -27.17
CA ASP C 70 -39.17 -19.61 -28.60
C ASP C 70 -38.09 -18.78 -29.34
N GLY C 71 -37.53 -17.78 -28.66
CA GLY C 71 -36.42 -17.00 -29.23
C GLY C 71 -35.03 -17.35 -28.69
N GLN C 72 -34.93 -18.44 -27.95
CA GLN C 72 -33.68 -18.80 -27.27
C GLN C 72 -33.01 -20.03 -27.88
N PHE C 73 -31.74 -20.24 -27.59
CA PHE C 73 -31.07 -21.45 -28.05
C PHE C 73 -31.41 -22.66 -27.18
N HIS C 74 -31.81 -23.76 -27.81
CA HIS C 74 -31.94 -25.05 -27.09
C HIS C 74 -31.77 -26.25 -27.97
N LYS C 75 -30.94 -26.15 -29.01
CA LYS C 75 -30.65 -27.34 -29.81
C LYS C 75 -30.04 -28.44 -28.92
N SER C 76 -30.47 -29.69 -29.14
CA SER C 76 -30.02 -30.90 -28.43
C SER C 76 -30.81 -31.24 -27.16
N LEU C 77 -31.65 -30.30 -26.73
CA LEU C 77 -32.54 -30.51 -25.58
C LEU C 77 -33.85 -31.15 -26.08
N PRO C 78 -34.72 -31.59 -25.14
CA PRO C 78 -36.02 -32.12 -25.58
C PRO C 78 -37.01 -31.06 -26.10
N HIS C 79 -37.79 -31.45 -27.11
CA HIS C 79 -38.85 -30.62 -27.67
C HIS C 79 -40.10 -31.42 -27.95
N ASP C 80 -41.20 -30.71 -28.22
CA ASP C 80 -42.45 -31.33 -28.64
C ASP C 80 -42.47 -31.43 -30.17
N ASP C 81 -43.53 -32.00 -30.75
CA ASP C 81 -43.56 -32.17 -32.20
C ASP C 81 -43.45 -30.85 -32.99
N MET C 82 -43.51 -29.71 -32.31
CA MET C 82 -43.37 -28.41 -32.99
C MET C 82 -42.02 -27.72 -32.73
N GLY C 83 -41.14 -28.39 -32.01
CA GLY C 83 -39.84 -27.81 -31.69
C GLY C 83 -39.89 -26.81 -30.54
N ARG C 84 -40.94 -26.88 -29.74
CA ARG C 84 -41.02 -26.05 -28.55
C ARG C 84 -40.27 -26.76 -27.45
N VAL C 85 -39.33 -26.03 -26.86
CA VAL C 85 -38.49 -26.58 -25.80
C VAL C 85 -39.33 -26.98 -24.57
N ASN C 86 -38.94 -28.10 -23.99
CA ASN C 86 -39.36 -28.51 -22.65
C ASN C 86 -38.86 -27.48 -21.66
N PRO C 87 -39.79 -26.71 -21.05
CA PRO C 87 -39.33 -25.57 -20.25
C PRO C 87 -38.43 -25.94 -19.04
N GLU C 88 -38.67 -27.11 -18.44
CA GLU C 88 -37.81 -27.60 -17.34
C GLU C 88 -36.38 -27.97 -17.80
N ALA C 89 -36.24 -28.49 -19.02
CA ALA C 89 -34.93 -28.76 -19.57
C ALA C 89 -34.16 -27.44 -19.79
N TYR C 90 -34.88 -26.40 -20.19
CA TYR C 90 -34.25 -25.09 -20.45
C TYR C 90 -33.76 -24.38 -19.18
N GLN C 91 -34.55 -24.48 -18.10
CA GLN C 91 -34.13 -24.03 -16.78
C GLN C 91 -32.79 -24.65 -16.34
N LEU C 92 -32.70 -25.97 -16.49
CA LEU C 92 -31.47 -26.69 -16.19
C LEU C 92 -30.28 -26.19 -17.03
N LEU C 93 -30.52 -25.87 -18.31
CA LEU C 93 -29.48 -25.31 -19.15
C LEU C 93 -28.98 -23.96 -18.61
N LEU C 94 -29.90 -23.15 -18.11
CA LEU C 94 -29.51 -21.86 -17.51
C LEU C 94 -28.79 -22.07 -16.18
N ASP C 95 -29.19 -23.06 -15.41
CA ASP C 95 -28.44 -23.41 -14.18
C ASP C 95 -26.99 -23.72 -14.56
N CYS C 96 -26.83 -24.48 -15.63
CA CYS C 96 -25.53 -24.88 -16.14
C CYS C 96 -24.68 -23.62 -16.45
N ILE C 97 -25.24 -22.72 -17.25
CA ILE C 97 -24.52 -21.52 -17.70
C ILE C 97 -24.18 -20.58 -16.52
N GLU C 98 -25.12 -20.46 -15.59
CA GLU C 98 -24.98 -19.58 -14.43
C GLU C 98 -23.85 -20.11 -13.58
N SER C 99 -23.91 -21.40 -13.26
CA SER C 99 -22.97 -22.02 -12.35
C SER C 99 -21.53 -22.12 -12.87
N ASN C 100 -21.34 -22.14 -14.18
CA ASN C 100 -19.99 -22.29 -14.79
C ASN C 100 -19.24 -23.52 -14.26
N ASP C 101 -20.01 -24.57 -13.98
CA ASP C 101 -19.60 -25.75 -13.23
C ASP C 101 -19.83 -26.94 -14.13
N ILE C 102 -18.75 -27.66 -14.48
CA ILE C 102 -18.82 -28.74 -15.44
C ILE C 102 -19.85 -29.83 -15.08
N ASN C 103 -20.02 -30.09 -13.79
CA ASN C 103 -20.84 -31.21 -13.34
C ASN C 103 -22.33 -30.88 -13.32
N VAL C 104 -22.64 -29.61 -13.10
CA VAL C 104 -24.00 -29.17 -13.22
C VAL C 104 -24.43 -29.34 -14.68
N CYS C 105 -23.60 -28.87 -15.61
CA CYS C 105 -23.92 -28.96 -17.03
C CYS C 105 -24.16 -30.39 -17.55
N ASP C 106 -23.49 -31.40 -16.97
CA ASP C 106 -23.73 -32.79 -17.37
C ASP C 106 -25.16 -33.26 -17.05
N GLN C 107 -25.94 -32.41 -16.37
CA GLN C 107 -27.35 -32.71 -16.08
C GLN C 107 -28.39 -32.04 -16.95
N VAL C 108 -27.97 -31.23 -17.92
CA VAL C 108 -28.89 -30.70 -18.93
C VAL C 108 -29.42 -31.91 -19.73
N PRO C 109 -30.76 -32.09 -19.75
CA PRO C 109 -31.41 -33.18 -20.51
C PRO C 109 -31.03 -33.19 -22.01
N SER C 110 -31.05 -34.38 -22.60
CA SER C 110 -30.85 -34.55 -24.03
C SER C 110 -32.21 -34.79 -24.68
N GLY C 111 -32.32 -34.42 -25.95
CA GLY C 111 -33.58 -34.58 -26.68
C GLY C 111 -33.79 -35.94 -27.29
N VAL C 112 -32.82 -36.85 -27.12
CA VAL C 112 -32.93 -38.22 -27.62
C VAL C 112 -32.55 -39.24 -26.54
N GLU C 113 -33.16 -40.43 -26.60
CA GLU C 113 -33.02 -41.47 -25.55
C GLU C 113 -31.56 -41.87 -25.29
N SER C 114 -30.71 -41.81 -26.32
CA SER C 114 -29.31 -42.22 -26.22
C SER C 114 -28.44 -41.63 -27.35
N ASP C 115 -27.16 -41.39 -27.04
CA ASP C 115 -26.14 -40.89 -28.02
C ASP C 115 -26.24 -39.43 -28.51
N GLY C 116 -27.03 -38.60 -27.84
CA GLY C 116 -27.32 -37.24 -28.31
C GLY C 116 -26.19 -36.25 -28.45
N ARG C 117 -26.40 -35.30 -29.36
CA ARG C 117 -25.38 -34.32 -29.67
C ARG C 117 -25.04 -33.52 -28.44
N LYS C 118 -23.76 -33.23 -28.27
CA LYS C 118 -23.27 -32.62 -27.03
C LYS C 118 -23.34 -31.11 -27.11
N LEU C 119 -23.60 -30.49 -25.97
CA LEU C 119 -23.47 -29.03 -25.84
C LEU C 119 -22.04 -28.65 -26.11
N VAL C 120 -21.86 -27.58 -26.88
CA VAL C 120 -20.51 -27.10 -27.15
C VAL C 120 -20.05 -26.05 -26.15
N ASN C 121 -19.43 -26.55 -25.08
CA ASN C 121 -18.66 -25.73 -24.12
C ASN C 121 -19.41 -24.54 -23.51
N PRO C 122 -20.56 -24.80 -22.85
CA PRO C 122 -21.24 -23.71 -22.15
C PRO C 122 -20.39 -23.01 -21.08
N LEU C 123 -19.33 -23.68 -20.58
CA LEU C 123 -18.40 -23.08 -19.61
C LEU C 123 -17.38 -22.15 -20.25
N GLY C 124 -17.24 -22.21 -21.57
CA GLY C 124 -16.08 -21.65 -22.26
C GLY C 124 -15.82 -20.16 -22.15
N GLY C 125 -16.86 -19.40 -21.83
CA GLY C 125 -16.77 -17.96 -21.62
C GLY C 125 -16.46 -17.55 -20.18
N GLY C 126 -16.32 -18.52 -19.27
CA GLY C 126 -16.11 -18.20 -17.86
C GLY C 126 -14.67 -18.09 -17.40
N GLY C 127 -13.70 -18.18 -18.31
CA GLY C 127 -12.30 -18.21 -17.89
C GLY C 127 -11.78 -16.82 -17.51
N HIS C 128 -10.86 -16.78 -16.55
CA HIS C 128 -10.23 -15.51 -16.21
C HIS C 128 -8.93 -15.33 -17.00
N GLN C 129 -8.94 -14.44 -17.96
CA GLN C 129 -7.81 -14.29 -18.88
C GLN C 129 -6.53 -13.80 -18.22
N VAL C 130 -5.41 -14.45 -18.56
CA VAL C 130 -4.09 -14.00 -18.08
C VAL C 130 -3.77 -12.64 -18.66
N ASP C 131 -3.97 -12.45 -19.96
CA ASP C 131 -3.79 -11.14 -20.54
C ASP C 131 -4.90 -10.76 -21.52
N GLY C 132 -4.64 -9.71 -22.32
CA GLY C 132 -5.65 -9.12 -23.16
C GLY C 132 -6.86 -8.67 -22.35
N ALA C 133 -7.99 -8.55 -23.05
CA ALA C 133 -9.24 -8.13 -22.44
C ALA C 133 -9.92 -9.37 -21.86
N ASP C 134 -10.42 -9.26 -20.63
CA ASP C 134 -10.96 -10.45 -19.97
C ASP C 134 -12.15 -10.99 -20.78
N SER C 135 -12.51 -12.24 -20.47
CA SER C 135 -13.53 -12.97 -21.17
CA SER C 135 -13.54 -12.95 -21.19
C SER C 135 -14.88 -12.23 -21.29
N ASP C 136 -15.23 -11.44 -20.27
CA ASP C 136 -16.51 -10.75 -20.27
C ASP C 136 -16.39 -9.27 -20.62
N ASN C 137 -15.22 -8.86 -21.09
CA ASN C 137 -14.91 -7.44 -21.19
C ASN C 137 -14.60 -6.98 -22.61
N ILE C 138 -15.19 -7.64 -23.60
CA ILE C 138 -15.30 -7.01 -24.93
C ILE C 138 -16.75 -6.81 -25.36
N PHE C 139 -17.08 -5.59 -25.76
CA PHE C 139 -18.41 -5.28 -26.19
C PHE C 139 -18.77 -5.94 -27.54
N ILE C 140 -20.00 -6.44 -27.62
CA ILE C 140 -20.69 -6.66 -28.90
C ILE C 140 -22.10 -6.06 -28.82
N LYS C 141 -22.66 -5.67 -29.95
CA LYS C 141 -23.99 -5.06 -29.97
C LYS C 141 -25.04 -6.08 -29.57
N GLN C 142 -26.20 -5.63 -29.13
CA GLN C 142 -27.29 -6.57 -28.85
C GLN C 142 -27.76 -7.18 -30.18
N PRO C 143 -28.13 -8.47 -30.17
CA PRO C 143 -28.71 -9.00 -31.39
C PRO C 143 -30.15 -8.49 -31.57
N ASP C 144 -30.61 -8.37 -32.81
CA ASP C 144 -32.00 -8.00 -33.09
C ASP C 144 -32.93 -9.00 -32.45
N ASN C 145 -34.09 -8.51 -32.03
CA ASN C 145 -35.10 -9.31 -31.37
C ASN C 145 -35.77 -10.25 -32.34
N LEU C 146 -36.37 -11.30 -31.78
CA LEU C 146 -37.04 -12.33 -32.54
C LEU C 146 -38.08 -11.80 -33.51
N LEU C 147 -38.79 -10.77 -33.08
CA LEU C 147 -39.91 -10.22 -33.85
C LEU C 147 -39.53 -8.97 -34.65
N SER C 148 -38.30 -8.51 -34.52
CA SER C 148 -37.87 -7.29 -35.23
C SER C 148 -37.99 -7.39 -36.77
N GLU C 149 -38.27 -6.25 -37.37
CA GLU C 149 -38.26 -6.07 -38.80
C GLU C 149 -36.92 -6.49 -39.40
N ARG C 150 -35.82 -6.23 -38.69
CA ARG C 150 -34.51 -6.56 -39.27
C ARG C 150 -34.17 -8.04 -39.12
N LEU C 151 -34.58 -8.68 -38.03
CA LEU C 151 -34.29 -10.10 -37.98
C LEU C 151 -34.88 -10.79 -39.21
N ALA C 152 -36.10 -10.43 -39.58
CA ALA C 152 -36.79 -11.10 -40.68
C ALA C 152 -36.12 -10.78 -42.01
N ALA C 153 -35.62 -9.57 -42.16
CA ALA C 153 -34.84 -9.23 -43.36
C ALA C 153 -33.56 -10.07 -43.45
N GLN C 154 -32.96 -10.35 -42.29
CA GLN C 154 -31.77 -11.19 -42.19
C GLN C 154 -32.05 -12.66 -42.50
N GLN C 155 -33.10 -13.22 -41.90
CA GLN C 155 -33.55 -14.56 -42.24
C GLN C 155 -33.74 -14.66 -43.75
N ALA C 156 -34.42 -13.67 -44.32
CA ALA C 156 -34.68 -13.64 -45.75
C ALA C 156 -33.38 -13.59 -46.55
N GLU C 157 -32.35 -12.93 -46.02
CA GLU C 157 -31.07 -12.99 -46.72
C GLU C 157 -30.47 -14.42 -46.70
N VAL C 158 -30.74 -15.17 -45.62
CA VAL C 158 -30.19 -16.51 -45.45
C VAL C 158 -30.92 -17.51 -46.36
N TYR C 159 -32.23 -17.36 -46.49
CA TYR C 159 -33.06 -18.15 -47.41
C TYR C 159 -32.57 -17.97 -48.86
N TRP C 160 -32.33 -16.72 -49.26
CA TRP C 160 -31.80 -16.41 -50.60
C TRP C 160 -30.48 -17.04 -50.82
N MET C 161 -29.60 -16.89 -49.84
CA MET C 161 -28.31 -17.57 -49.86
C MET C 161 -28.50 -19.07 -50.16
N ALA C 162 -29.42 -19.72 -49.45
CA ALA C 162 -29.67 -21.12 -49.63
C ALA C 162 -30.03 -21.37 -51.11
N LEU C 163 -31.00 -20.61 -51.62
CA LEU C 163 -31.47 -20.76 -53.00
C LEU C 163 -30.43 -20.41 -54.07
N LEU C 164 -29.40 -19.64 -53.73
CA LEU C 164 -28.40 -19.25 -54.72
C LEU C 164 -27.05 -19.97 -54.61
N ARG C 165 -27.00 -21.01 -53.77
CA ARG C 165 -25.76 -21.76 -53.42
C ARG C 165 -24.94 -22.29 -54.60
N ASP C 166 -25.62 -22.78 -55.64
CA ASP C 166 -24.90 -23.35 -56.79
C ASP C 166 -24.62 -22.40 -57.95
N ILE C 167 -24.98 -21.12 -57.81
CA ILE C 167 -24.76 -20.10 -58.87
C ILE C 167 -23.35 -19.45 -58.79
N PRO C 168 -22.51 -19.67 -59.82
CA PRO C 168 -21.18 -19.07 -59.91
C PRO C 168 -21.16 -17.56 -59.76
N PHE C 169 -20.41 -17.09 -58.77
CA PHE C 169 -20.26 -15.65 -58.52
C PHE C 169 -20.07 -14.80 -59.78
N SER C 170 -19.31 -15.31 -60.74
CA SER C 170 -19.05 -14.60 -61.99
C SER C 170 -20.33 -14.32 -62.82
N GLN C 171 -21.34 -15.19 -62.67
CA GLN C 171 -22.62 -15.04 -63.34
C GLN C 171 -23.70 -14.21 -62.60
N PHE C 172 -23.35 -13.63 -61.45
CA PHE C 172 -24.30 -12.86 -60.63
C PHE C 172 -24.88 -11.63 -61.34
N GLY C 173 -24.07 -10.99 -62.19
CA GLY C 173 -24.54 -9.81 -62.93
C GLY C 173 -25.64 -10.08 -63.94
N THR C 174 -25.74 -11.32 -64.42
CA THR C 174 -26.62 -11.64 -65.54
C THR C 174 -27.67 -12.68 -65.18
N ASN C 175 -27.52 -13.28 -64.01
CA ASN C 175 -28.44 -14.32 -63.61
C ASN C 175 -29.81 -13.77 -63.16
N ASN C 176 -30.85 -14.30 -63.81
CA ASN C 176 -32.27 -14.01 -63.50
C ASN C 176 -32.66 -14.32 -62.05
N THR C 177 -32.26 -15.50 -61.56
CA THR C 177 -32.54 -15.92 -60.19
C THR C 177 -31.91 -14.97 -59.16
N VAL C 178 -30.69 -14.50 -59.47
CA VAL C 178 -29.96 -13.60 -58.60
C VAL C 178 -30.64 -12.23 -58.55
N GLN C 179 -31.28 -11.84 -59.66
CA GLN C 179 -32.08 -10.62 -59.74
C GLN C 179 -33.26 -10.66 -58.78
N MET C 180 -33.99 -11.77 -58.81
CA MET C 180 -35.16 -11.99 -57.95
C MET C 180 -34.87 -11.68 -56.49
N ALA C 181 -33.80 -12.30 -55.96
CA ALA C 181 -33.28 -12.06 -54.62
C ALA C 181 -32.99 -10.59 -54.34
N VAL C 182 -32.11 -9.98 -55.16
CA VAL C 182 -31.77 -8.55 -55.08
C VAL C 182 -33.00 -7.64 -54.97
N VAL C 183 -33.99 -7.87 -55.82
CA VAL C 183 -35.24 -7.14 -55.78
C VAL C 183 -35.96 -7.39 -54.46
N ASN C 184 -36.17 -8.66 -54.12
CA ASN C 184 -36.86 -9.02 -52.90
C ASN C 184 -36.23 -8.41 -51.65
N LEU C 185 -34.91 -8.24 -51.67
CA LEU C 185 -34.18 -7.75 -50.49
C LEU C 185 -34.25 -6.25 -50.31
N GLN C 186 -34.12 -5.51 -51.42
CA GLN C 186 -34.29 -4.05 -51.42
C GLN C 186 -35.68 -3.67 -50.96
N GLY C 187 -36.62 -4.61 -51.09
CA GLY C 187 -37.98 -4.42 -50.64
C GLY C 187 -38.15 -4.28 -49.13
N PHE C 188 -37.22 -4.80 -48.34
CA PHE C 188 -37.28 -4.64 -46.88
C PHE C 188 -36.73 -3.26 -46.54
N ASP C 189 -37.59 -2.37 -46.03
CA ASP C 189 -37.10 -1.10 -45.48
C ASP C 189 -36.12 -1.38 -44.34
N ALA C 190 -36.32 -2.49 -43.63
CA ALA C 190 -35.47 -2.80 -42.47
C ALA C 190 -34.04 -3.26 -42.77
N PHE C 191 -33.75 -3.63 -44.02
CA PHE C 191 -32.45 -4.17 -44.38
C PHE C 191 -31.37 -3.09 -44.56
N ASN C 192 -30.99 -2.45 -43.46
CA ASN C 192 -29.90 -1.46 -43.43
C ASN C 192 -29.08 -1.65 -42.16
N GLY C 193 -27.92 -0.99 -42.08
CA GLY C 193 -26.97 -1.31 -41.02
C GLY C 193 -26.27 -2.59 -41.38
N LEU C 194 -25.78 -3.32 -40.38
CA LEU C 194 -25.06 -4.58 -40.61
C LEU C 194 -24.00 -4.59 -41.77
N SER C 195 -23.30 -3.48 -41.99
CA SER C 195 -22.30 -3.35 -43.07
C SER C 195 -22.83 -3.81 -44.44
N ILE C 196 -24.10 -3.57 -44.68
CA ILE C 196 -24.73 -3.94 -45.94
C ILE C 196 -24.17 -3.11 -47.11
N SER C 197 -23.78 -3.79 -48.19
CA SER C 197 -23.22 -3.14 -49.37
C SER C 197 -24.30 -2.63 -50.34
N ARG C 198 -24.14 -1.38 -50.80
CA ARG C 198 -25.01 -0.71 -51.80
C ARG C 198 -24.17 0.21 -52.68
N ASP C 199 -24.63 0.48 -53.91
CA ASP C 199 -23.87 1.31 -54.90
C ASP C 199 -23.96 2.84 -54.66
N ALA C 200 -23.44 3.67 -55.58
CA ALA C 200 -23.53 5.16 -55.44
C ALA C 200 -24.98 5.66 -55.16
N ASP C 201 -25.96 4.94 -55.71
CA ASP C 201 -27.36 5.10 -55.33
CA ASP C 201 -27.37 5.11 -55.33
C ASP C 201 -27.68 3.98 -54.34
N GLY C 202 -28.66 4.19 -53.46
CA GLY C 202 -28.96 3.15 -52.45
C GLY C 202 -29.44 1.80 -52.94
N ASN C 203 -28.81 1.27 -53.99
CA ASN C 203 -29.22 -0.02 -54.56
C ASN C 203 -28.27 -1.17 -54.30
N ILE C 204 -28.81 -2.38 -54.22
CA ILE C 204 -28.00 -3.60 -54.08
C ILE C 204 -27.70 -4.17 -55.47
N ASP C 205 -26.54 -3.81 -56.01
CA ASP C 205 -26.06 -4.33 -57.29
C ASP C 205 -25.79 -5.84 -57.19
N PRO C 206 -26.41 -6.65 -58.07
CA PRO C 206 -26.25 -8.11 -57.94
C PRO C 206 -24.79 -8.61 -57.94
N MET C 207 -23.92 -8.00 -58.74
CA MET C 207 -22.57 -8.51 -58.93
C MET C 207 -21.59 -8.09 -57.83
N GLN C 208 -21.65 -6.83 -57.42
CA GLN C 208 -20.65 -6.28 -56.49
C GLN C 208 -21.10 -6.11 -55.03
N ASP C 209 -22.41 -6.14 -54.79
CA ASP C 209 -22.97 -5.86 -53.46
C ASP C 209 -23.59 -7.08 -52.75
N LEU C 210 -24.33 -7.92 -53.47
CA LEU C 210 -25.14 -8.94 -52.80
C LEU C 210 -24.31 -9.94 -51.99
N PHE C 211 -24.66 -10.10 -50.72
CA PHE C 211 -23.97 -10.99 -49.76
C PHE C 211 -22.52 -10.53 -49.50
N ARG C 212 -22.24 -9.27 -49.77
CA ARG C 212 -20.97 -8.69 -49.42
C ARG C 212 -21.14 -7.78 -48.20
N THR C 213 -20.06 -7.10 -47.81
CA THR C 213 -20.08 -6.11 -46.74
C THR C 213 -19.43 -4.85 -47.30
N ASP C 214 -19.68 -3.71 -46.65
CA ASP C 214 -19.13 -2.45 -47.13
C ASP C 214 -17.77 -2.14 -46.52
N TRP C 215 -17.04 -3.15 -46.10
CA TRP C 215 -15.71 -2.90 -45.55
C TRP C 215 -14.80 -2.55 -46.70
N PRO C 216 -13.83 -1.65 -46.47
CA PRO C 216 -12.95 -1.16 -47.57
C PRO C 216 -12.43 -2.26 -48.52
N GLY C 217 -12.85 -2.24 -49.78
CA GLY C 217 -12.37 -3.19 -50.79
C GLY C 217 -13.21 -4.45 -50.97
N VAL C 218 -14.11 -4.74 -50.01
CA VAL C 218 -14.85 -6.00 -50.07
C VAL C 218 -15.69 -6.07 -51.33
N SER C 219 -16.40 -4.98 -51.63
CA SER C 219 -17.25 -4.85 -52.79
C SER C 219 -16.52 -4.56 -54.13
N SER C 220 -15.19 -4.58 -54.14
CA SER C 220 -14.43 -4.36 -55.37
C SER C 220 -13.93 -5.67 -55.94
N GLY C 221 -13.84 -5.75 -57.26
CA GLY C 221 -13.42 -6.98 -57.90
C GLY C 221 -14.24 -8.19 -57.48
N PRO C 222 -13.61 -9.36 -57.49
CA PRO C 222 -14.30 -10.65 -57.30
C PRO C 222 -14.76 -10.89 -55.87
N MET C 223 -15.91 -11.54 -55.73
CA MET C 223 -16.40 -12.03 -54.46
C MET C 223 -15.27 -12.61 -53.59
N VAL C 224 -14.67 -13.70 -54.06
CA VAL C 224 -13.66 -14.45 -53.29
C VAL C 224 -12.35 -13.70 -53.16
N SER C 225 -11.80 -13.74 -51.95
CA SER C 225 -10.47 -13.18 -51.67
C SER C 225 -9.37 -13.85 -52.49
N GLN C 226 -8.47 -13.02 -53.04
CA GLN C 226 -7.24 -13.51 -53.66
C GLN C 226 -6.54 -14.55 -52.79
N PHE C 227 -6.49 -14.30 -51.48
CA PHE C 227 -5.80 -15.19 -50.51
C PHE C 227 -6.39 -16.59 -50.45
N MET C 228 -7.67 -16.71 -50.79
CA MET C 228 -8.33 -18.01 -50.75
CA MET C 228 -8.35 -18.01 -50.76
C MET C 228 -8.23 -18.72 -52.11
N LEU C 229 -7.58 -18.04 -53.08
CA LEU C 229 -7.36 -18.62 -54.40
C LEU C 229 -5.89 -18.77 -54.82
N ALA C 230 -4.96 -18.16 -54.08
CA ALA C 230 -3.56 -18.29 -54.45
C ALA C 230 -2.99 -19.61 -53.93
N ASN C 231 -1.93 -20.08 -54.59
CA ASN C 231 -1.12 -21.17 -54.06
C ASN C 231 -0.50 -20.76 -52.74
N PHE C 232 -0.38 -21.70 -51.81
CA PHE C 232 0.50 -21.46 -50.68
C PHE C 232 1.50 -22.58 -50.46
N ASP C 233 2.61 -22.19 -49.84
CA ASP C 233 3.76 -23.03 -49.54
C ASP C 233 3.86 -23.32 -48.04
N ILE C 234 3.65 -24.58 -47.65
CA ILE C 234 3.92 -25.01 -46.29
C ILE C 234 5.05 -26.04 -46.20
N ASP C 235 6.12 -25.70 -45.47
CA ASP C 235 7.30 -26.60 -45.29
C ASP C 235 7.85 -27.14 -46.60
N GLY C 236 7.79 -26.32 -47.66
CA GLY C 236 8.25 -26.74 -48.99
C GLY C 236 7.20 -27.37 -49.89
N ILE C 237 6.04 -27.74 -49.32
CA ILE C 237 4.92 -28.33 -50.04
C ILE C 237 4.07 -27.23 -50.67
N VAL C 238 3.97 -27.23 -52.00
CA VAL C 238 3.17 -26.26 -52.76
C VAL C 238 1.73 -26.74 -52.90
N VAL C 239 0.80 -25.96 -52.34
CA VAL C 239 -0.61 -26.35 -52.26
C VAL C 239 -1.48 -25.48 -53.17
N GLU C 240 -2.23 -26.15 -54.05
CA GLU C 240 -3.31 -25.51 -54.79
C GLU C 240 -4.57 -25.60 -53.95
N PRO C 241 -5.25 -24.47 -53.74
CA PRO C 241 -6.43 -24.47 -52.89
C PRO C 241 -7.65 -25.10 -53.56
N LYS C 242 -7.51 -26.33 -54.02
CA LYS C 242 -8.64 -27.11 -54.51
C LYS C 242 -9.11 -28.02 -53.38
N ALA C 243 -10.38 -27.85 -53.00
CA ALA C 243 -10.96 -28.48 -51.84
C ALA C 243 -12.08 -29.46 -52.17
N LYS C 244 -12.15 -30.55 -51.43
N LYS C 244 -12.15 -30.53 -51.40
CA LYS C 244 -13.27 -31.47 -51.59
CA LYS C 244 -13.25 -31.48 -51.51
C LYS C 244 -14.51 -30.85 -50.97
C LYS C 244 -14.49 -30.80 -50.92
N THR C 245 -15.03 -29.84 -51.67
CA THR C 245 -16.19 -29.05 -51.25
C THR C 245 -17.50 -29.87 -51.08
N LEU C 246 -18.59 -29.21 -50.71
CA LEU C 246 -19.88 -29.87 -50.60
C LEU C 246 -20.45 -30.12 -51.98
N VAL C 247 -21.28 -31.14 -52.11
CA VAL C 247 -21.81 -31.57 -53.39
C VAL C 247 -22.94 -30.66 -53.86
N PRO C 248 -22.98 -30.34 -55.17
CA PRO C 248 -24.03 -29.49 -55.72
C PRO C 248 -25.46 -30.06 -55.54
N GLU C 249 -26.46 -29.17 -55.48
CA GLU C 249 -27.90 -29.55 -55.53
C GLU C 249 -28.32 -30.58 -54.45
N MET C 250 -27.85 -30.35 -53.24
CA MET C 250 -28.03 -31.31 -52.18
C MET C 250 -28.27 -30.55 -50.86
N GLU C 251 -29.50 -30.53 -50.35
CA GLU C 251 -29.80 -29.77 -49.12
C GLU C 251 -30.21 -30.74 -48.03
N TYR C 252 -30.25 -30.27 -46.78
CA TYR C 252 -30.58 -31.12 -45.62
C TYR C 252 -31.65 -30.51 -44.75
N MET C 253 -32.24 -31.32 -43.86
CA MET C 253 -33.29 -30.86 -42.93
C MET C 253 -34.41 -30.10 -43.66
N THR C 254 -34.80 -30.63 -44.82
CA THR C 254 -35.74 -30.02 -45.73
C THR C 254 -37.16 -30.50 -45.41
N GLY C 255 -37.29 -31.34 -44.38
CA GLY C 255 -38.56 -31.85 -43.91
C GLY C 255 -38.64 -31.72 -42.40
N VAL C 256 -39.86 -31.76 -41.84
CA VAL C 256 -40.04 -31.55 -40.42
C VAL C 256 -39.37 -32.67 -39.64
N ASP C 257 -39.49 -33.90 -40.12
CA ASP C 257 -38.92 -35.02 -39.38
C ASP C 257 -37.38 -34.98 -39.28
N THR C 258 -36.69 -34.51 -40.33
CA THR C 258 -35.23 -34.39 -40.30
C THR C 258 -34.78 -33.21 -39.43
N TRP C 259 -35.38 -32.04 -39.65
CA TRP C 259 -35.16 -30.81 -38.86
C TRP C 259 -35.38 -31.00 -37.37
N LEU C 260 -36.44 -31.71 -37.00
CA LEU C 260 -36.75 -31.98 -35.58
C LEU C 260 -35.79 -32.97 -34.93
N ASN C 261 -35.55 -34.11 -35.59
CA ASN C 261 -34.51 -35.03 -35.13
C ASN C 261 -33.24 -34.24 -34.74
N ILE C 262 -32.83 -33.32 -35.59
CA ILE C 262 -31.67 -32.47 -35.33
C ILE C 262 -31.85 -31.58 -34.12
N GLN C 263 -32.92 -30.78 -34.10
CA GLN C 263 -33.19 -29.93 -32.94
C GLN C 263 -33.19 -30.74 -31.63
N ASN C 264 -33.54 -32.02 -31.73
CA ASN C 264 -33.51 -32.90 -30.57
C ASN C 264 -32.16 -33.51 -30.28
N GLY C 265 -31.20 -33.30 -31.19
CA GLY C 265 -29.82 -33.76 -30.97
C GLY C 265 -29.49 -35.15 -31.50
N GLY C 266 -30.33 -35.69 -32.41
CA GLY C 266 -30.10 -37.01 -33.00
C GLY C 266 -29.10 -37.07 -34.15
N PRO C 267 -28.77 -38.29 -34.65
CA PRO C 267 -27.81 -38.45 -35.76
C PRO C 267 -28.26 -37.75 -37.04
N PRO C 268 -27.40 -36.86 -37.57
CA PRO C 268 -27.69 -36.14 -38.81
C PRO C 268 -27.65 -37.00 -40.06
N GLU C 269 -28.40 -36.58 -41.08
CA GLU C 269 -28.20 -37.08 -42.43
C GLU C 269 -26.74 -36.87 -42.75
N ASP C 270 -26.21 -37.78 -43.55
CA ASP C 270 -24.80 -37.80 -43.90
C ASP C 270 -24.45 -36.68 -44.90
N THR C 271 -23.52 -35.80 -44.52
CA THR C 271 -23.05 -34.72 -45.40
C THR C 271 -22.03 -35.28 -46.42
N LEU C 272 -22.25 -34.98 -47.71
CA LEU C 272 -21.41 -35.54 -48.79
C LEU C 272 -20.51 -34.49 -49.42
N PHE C 273 -19.26 -34.86 -49.66
CA PHE C 273 -18.30 -34.00 -50.35
C PHE C 273 -17.94 -34.55 -51.73
N VAL C 274 -17.42 -33.68 -52.60
CA VAL C 274 -17.09 -34.06 -53.97
C VAL C 274 -15.86 -34.98 -53.99
N ASP C 275 -15.71 -35.72 -55.10
CA ASP C 275 -14.61 -36.68 -55.24
C ASP C 275 -13.40 -35.94 -55.82
N GLU C 276 -13.61 -35.16 -56.87
CA GLU C 276 -12.54 -34.30 -57.40
C GLU C 276 -12.63 -32.87 -56.84
N PRO C 277 -11.54 -32.39 -56.21
CA PRO C 277 -11.52 -31.11 -55.50
C PRO C 277 -11.59 -29.90 -56.43
N LEU C 278 -12.33 -28.87 -55.99
CA LEU C 278 -12.50 -27.64 -56.78
C LEU C 278 -12.09 -26.37 -56.05
N PHE C 279 -11.71 -25.36 -56.82
CA PHE C 279 -11.55 -23.99 -56.33
C PHE C 279 -12.91 -23.41 -55.91
N ILE C 280 -12.89 -22.39 -55.05
CA ILE C 280 -14.11 -21.71 -54.58
C ILE C 280 -14.68 -20.80 -55.68
N ARG C 281 -15.97 -20.94 -56.01
CA ARG C 281 -16.56 -20.04 -57.02
C ARG C 281 -18.09 -19.88 -56.87
N ASN C 282 -18.64 -20.36 -55.78
CA ASN C 282 -20.03 -20.08 -55.47
C ASN C 282 -20.32 -20.15 -53.97
N GLY C 283 -21.52 -19.75 -53.58
CA GLY C 283 -21.93 -19.72 -52.18
C GLY C 283 -21.72 -21.03 -51.45
N ARG C 284 -22.01 -22.14 -52.11
CA ARG C 284 -21.85 -23.44 -51.45
C ARG C 284 -20.38 -23.74 -51.14
N ASP C 285 -19.46 -23.23 -51.95
CA ASP C 285 -18.02 -23.34 -51.70
C ASP C 285 -17.59 -22.58 -50.44
N LEU C 286 -17.99 -21.30 -50.32
CA LEU C 286 -17.75 -20.52 -49.07
C LEU C 286 -18.41 -21.18 -47.81
N ALA C 287 -19.62 -21.71 -47.93
CA ALA C 287 -20.18 -22.54 -46.88
C ALA C 287 -19.25 -23.72 -46.51
N ALA C 288 -18.73 -24.41 -47.52
CA ALA C 288 -17.81 -25.53 -47.29
C ALA C 288 -16.54 -25.11 -46.56
N LEU C 289 -15.93 -24.00 -47.00
CA LEU C 289 -14.75 -23.43 -46.37
C LEU C 289 -15.01 -23.26 -44.88
N SER C 290 -16.15 -22.63 -44.57
CA SER C 290 -16.51 -22.26 -43.20
C SER C 290 -16.90 -23.45 -42.33
N PHE C 291 -17.07 -24.61 -42.95
CA PHE C 291 -17.49 -25.80 -42.23
C PHE C 291 -16.27 -26.66 -42.02
N ASN C 292 -15.36 -26.59 -42.99
CA ASN C 292 -14.19 -27.45 -43.05
C ASN C 292 -12.93 -26.82 -42.47
N ASP C 293 -12.99 -25.53 -42.13
CA ASP C 293 -11.84 -24.85 -41.55
C ASP C 293 -11.60 -25.23 -40.08
N VAL C 294 -10.48 -24.78 -39.51
CA VAL C 294 -10.17 -24.99 -38.09
C VAL C 294 -9.43 -23.75 -37.60
N LEU C 295 -10.12 -22.96 -36.77
CA LEU C 295 -9.56 -21.72 -36.21
C LEU C 295 -8.75 -20.88 -37.23
N TYR C 296 -7.42 -20.80 -37.08
CA TYR C 296 -6.59 -19.95 -37.96
C TYR C 296 -6.07 -20.57 -39.30
N THR C 297 -6.70 -21.65 -39.78
CA THR C 297 -6.37 -22.22 -41.10
C THR C 297 -6.29 -21.18 -42.22
N GLU C 298 -7.40 -20.50 -42.45
CA GLU C 298 -7.46 -19.50 -43.50
C GLU C 298 -6.45 -18.37 -43.29
N ALA C 299 -6.32 -17.88 -42.05
CA ALA C 299 -5.39 -16.81 -41.72
C ALA C 299 -3.93 -17.24 -41.88
N PHE C 300 -3.67 -18.51 -41.57
CA PHE C 300 -2.33 -19.10 -41.78
C PHE C 300 -1.96 -19.13 -43.25
N ARG C 301 -2.89 -19.60 -44.09
CA ARG C 301 -2.73 -19.53 -45.53
C ARG C 301 -2.43 -18.12 -45.97
N THR C 302 -3.16 -17.15 -45.42
CA THR C 302 -2.96 -15.78 -45.92
C THR C 302 -1.58 -15.18 -45.53
N ILE C 303 -1.16 -15.33 -44.28
CA ILE C 303 0.17 -14.83 -43.88
C ILE C 303 1.31 -15.59 -44.60
N LEU C 304 1.16 -16.90 -44.80
CA LEU C 304 2.12 -17.64 -45.63
C LEU C 304 2.24 -17.00 -47.01
N ILE C 305 1.10 -16.72 -47.66
CA ILE C 305 1.09 -16.06 -48.96
C ILE C 305 1.79 -14.67 -48.90
N MET C 306 1.43 -13.83 -47.94
CA MET C 306 2.10 -12.52 -47.74
C MET C 306 3.62 -12.61 -47.51
N PHE C 307 4.07 -13.63 -46.78
CA PHE C 307 5.47 -13.88 -46.61
C PHE C 307 6.15 -14.24 -47.91
N ASN C 308 5.53 -15.17 -48.62
CA ASN C 308 6.07 -15.58 -49.88
C ASN C 308 6.34 -14.38 -50.79
N GLU C 309 5.39 -13.44 -50.86
CA GLU C 309 5.51 -12.27 -51.73
C GLU C 309 6.47 -11.18 -51.22
N SER C 310 6.87 -11.29 -49.96
CA SER C 310 7.84 -10.37 -49.36
C SER C 310 7.28 -9.02 -48.90
N ILE C 311 5.95 -8.92 -48.78
CA ILE C 311 5.33 -7.67 -48.39
C ILE C 311 5.58 -7.33 -46.91
N LEU C 312 5.63 -8.35 -46.04
CA LEU C 312 5.92 -8.10 -44.60
C LEU C 312 7.39 -7.72 -44.33
N ALA C 313 8.29 -8.06 -45.26
CA ALA C 313 9.68 -7.59 -45.17
C ALA C 313 9.80 -6.05 -45.16
N GLU C 314 8.80 -5.36 -45.74
CA GLU C 314 8.82 -3.88 -45.87
C GLU C 314 8.21 -3.12 -44.72
N ALA C 315 7.43 -3.83 -43.89
CA ALA C 315 6.59 -3.20 -42.87
C ALA C 315 7.37 -2.92 -41.60
N GLY C 316 6.81 -2.01 -40.80
CA GLY C 316 7.36 -1.63 -39.50
C GLY C 316 8.71 -0.95 -39.59
N PRO C 317 9.32 -0.71 -38.44
CA PRO C 317 10.63 -0.02 -38.34
C PRO C 317 11.70 -0.57 -39.28
N TYR C 318 11.83 -1.89 -39.36
CA TYR C 318 12.88 -2.52 -40.17
C TYR C 318 12.69 -2.33 -41.67
N GLY C 319 11.50 -1.85 -42.04
CA GLY C 319 11.23 -1.38 -43.40
C GLY C 319 12.19 -0.26 -43.75
N SER C 320 12.66 0.49 -42.73
CA SER C 320 13.64 1.57 -42.89
C SER C 320 15.09 1.16 -42.58
N SER C 321 15.35 -0.12 -42.33
CA SER C 321 16.68 -0.57 -41.88
C SER C 321 17.48 -1.18 -43.01
N THR C 322 18.70 -0.67 -43.17
CA THR C 322 19.64 -1.14 -44.17
C THR C 322 20.52 -2.27 -43.61
N ARG C 323 20.62 -2.33 -42.29
CA ARG C 323 21.57 -3.24 -41.65
C ARG C 323 20.91 -4.37 -40.84
N GLN C 324 19.60 -4.28 -40.62
CA GLN C 324 18.91 -5.27 -39.78
C GLN C 324 17.55 -5.73 -40.30
N GLU C 325 17.13 -6.92 -39.88
CA GLU C 325 15.72 -7.31 -40.01
C GLU C 325 15.15 -7.77 -38.68
N GLY C 326 13.84 -7.59 -38.48
CA GLY C 326 13.17 -8.12 -37.29
C GLY C 326 12.84 -9.60 -37.41
N PHE C 327 12.46 -10.23 -36.29
CA PHE C 327 12.04 -11.62 -36.27
C PHE C 327 11.12 -11.86 -35.09
N THR C 328 11.72 -11.87 -33.89
CA THR C 328 10.95 -12.08 -32.65
C THR C 328 10.15 -10.86 -32.24
N THR C 329 10.64 -9.67 -32.61
CA THR C 329 9.83 -8.47 -32.46
C THR C 329 9.93 -7.66 -33.74
N LEU C 330 8.77 -7.32 -34.26
CA LEU C 330 8.60 -6.54 -35.46
C LEU C 330 9.20 -7.20 -36.69
N GLY C 331 9.07 -8.53 -36.70
CA GLY C 331 9.37 -9.41 -37.83
C GLY C 331 8.50 -10.65 -37.84
N THR C 332 8.89 -11.62 -38.66
CA THR C 332 8.08 -12.82 -38.95
C THR C 332 7.50 -13.60 -37.75
N SER C 333 8.36 -13.95 -36.78
CA SER C 333 7.90 -14.68 -35.60
C SER C 333 6.85 -13.95 -34.78
N HIS C 334 7.06 -12.65 -34.56
CA HIS C 334 6.10 -11.78 -33.88
C HIS C 334 4.78 -11.76 -34.63
N TYR C 335 4.85 -11.53 -35.94
CA TYR C 335 3.64 -11.40 -36.78
C TYR C 335 2.76 -12.63 -36.70
N ILE C 336 3.36 -13.81 -36.84
CA ILE C 336 2.59 -15.05 -36.94
C ILE C 336 2.05 -15.54 -35.60
N HIS C 337 2.85 -15.39 -34.55
CA HIS C 337 2.40 -15.73 -33.19
C HIS C 337 1.40 -14.73 -32.68
N ALA C 338 1.62 -13.44 -32.90
CA ALA C 338 0.60 -12.45 -32.46
C ALA C 338 -0.70 -12.59 -33.26
N MET C 339 -0.60 -13.01 -34.53
CA MET C 339 -1.78 -13.21 -35.33
CA MET C 339 -1.78 -13.22 -35.35
C MET C 339 -2.68 -14.25 -34.66
N ALA C 340 -2.11 -15.40 -34.31
CA ALA C 340 -2.89 -16.52 -33.74
C ALA C 340 -3.47 -16.22 -32.35
N ALA C 341 -2.69 -15.47 -31.56
CA ALA C 341 -3.11 -15.12 -30.22
C ALA C 341 -4.20 -14.01 -30.20
N GLY C 342 -4.39 -13.34 -31.33
CA GLY C 342 -5.25 -12.16 -31.37
C GLY C 342 -6.72 -12.40 -31.08
N SER C 343 -7.15 -13.66 -31.16
CA SER C 343 -8.57 -13.94 -30.97
C SER C 343 -8.94 -14.34 -29.56
N SER C 344 -7.96 -14.28 -28.65
CA SER C 344 -8.15 -14.64 -27.24
C SER C 344 -8.89 -15.96 -27.07
N SER C 345 -8.49 -16.94 -27.89
CA SER C 345 -9.07 -18.30 -27.90
C SER C 345 -10.57 -18.33 -28.07
N THR C 346 -11.12 -17.32 -28.75
CA THR C 346 -12.57 -17.26 -29.04
C THR C 346 -13.47 -17.05 -27.81
N ARG C 347 -12.87 -16.81 -26.66
CA ARG C 347 -13.60 -16.82 -25.39
C ARG C 347 -14.56 -15.64 -25.19
N HIS C 348 -14.27 -14.48 -25.81
CA HIS C 348 -15.22 -13.36 -25.82
C HIS C 348 -16.50 -13.78 -26.52
N ALA C 349 -16.37 -14.47 -27.66
CA ALA C 349 -17.54 -14.99 -28.37
C ALA C 349 -18.33 -15.95 -27.50
N TRP C 350 -17.63 -16.77 -26.72
CA TRP C 350 -18.30 -17.73 -25.87
C TRP C 350 -19.07 -17.11 -24.70
N TYR C 351 -18.50 -16.12 -24.03
CA TYR C 351 -19.24 -15.43 -22.97
C TYR C 351 -20.54 -14.80 -23.51
N ALA C 352 -20.41 -14.06 -24.61
CA ALA C 352 -21.54 -13.45 -25.29
C ALA C 352 -22.60 -14.50 -25.72
N LYS C 353 -22.19 -15.60 -26.34
CA LYS C 353 -23.10 -16.70 -26.69
C LYS C 353 -23.98 -17.20 -25.55
N TRP C 354 -23.33 -17.57 -24.44
CA TRP C 354 -23.98 -18.32 -23.37
C TRP C 354 -24.45 -17.44 -22.24
N GLN C 355 -23.55 -16.62 -21.70
CA GLN C 355 -23.82 -15.87 -20.48
C GLN C 355 -24.74 -14.67 -20.74
N VAL C 356 -24.61 -14.07 -21.93
CA VAL C 356 -25.34 -12.86 -22.30
C VAL C 356 -26.62 -13.09 -23.14
N HIS C 357 -26.48 -13.65 -24.34
CA HIS C 357 -27.55 -13.56 -25.35
C HIS C 357 -28.41 -14.78 -25.61
N ARG C 358 -27.80 -15.96 -25.70
CA ARG C 358 -28.55 -17.22 -25.85
C ARG C 358 -29.53 -17.22 -27.03
N VAL C 359 -29.06 -16.65 -28.14
CA VAL C 359 -29.85 -16.47 -29.34
C VAL C 359 -30.11 -17.79 -30.11
N LEU C 360 -31.33 -17.98 -30.59
CA LEU C 360 -31.64 -19.12 -31.48
C LEU C 360 -30.88 -19.02 -32.80
N ARG C 361 -30.68 -20.16 -33.46
CA ARG C 361 -30.06 -20.25 -34.80
C ARG C 361 -31.07 -20.02 -35.95
N PRO C 362 -30.59 -19.52 -37.10
CA PRO C 362 -31.48 -19.36 -38.26
C PRO C 362 -32.40 -20.58 -38.58
N GLU C 363 -31.88 -21.80 -38.42
CA GLU C 363 -32.69 -23.00 -38.67
C GLU C 363 -33.85 -23.16 -37.66
N ALA C 364 -33.71 -22.57 -36.47
CA ALA C 364 -34.75 -22.64 -35.42
C ALA C 364 -35.87 -21.65 -35.69
N TYR C 365 -35.51 -20.48 -36.22
CA TYR C 365 -36.46 -19.46 -36.65
C TYR C 365 -37.25 -19.97 -37.85
N GLY C 366 -36.55 -20.65 -38.77
CA GLY C 366 -37.13 -21.25 -39.94
C GLY C 366 -38.26 -22.17 -39.54
N GLY C 367 -38.03 -22.92 -38.46
CA GLY C 367 -39.04 -23.83 -37.91
C GLY C 367 -40.19 -23.10 -37.26
N LEU C 368 -39.93 -21.92 -36.69
CA LEU C 368 -41.02 -21.03 -36.26
C LEU C 368 -41.84 -20.57 -37.46
N LEU C 369 -41.16 -20.02 -38.47
CA LEU C 369 -41.82 -19.52 -39.67
C LEU C 369 -42.69 -20.58 -40.32
N HIS C 370 -42.19 -21.82 -40.37
CA HIS C 370 -42.92 -22.97 -40.93
C HIS C 370 -44.19 -23.26 -40.17
N PHE C 371 -44.12 -23.28 -38.84
CA PHE C 371 -45.30 -23.61 -38.06
C PHE C 371 -46.21 -22.42 -37.86
N VAL C 372 -45.74 -21.24 -38.24
CA VAL C 372 -46.58 -20.06 -38.25
C VAL C 372 -47.48 -20.06 -39.50
N ILE C 373 -46.89 -20.19 -40.70
CA ILE C 373 -47.68 -20.24 -41.93
C ILE C 373 -48.65 -21.43 -41.92
N ASN C 374 -48.17 -22.60 -41.55
CA ASN C 374 -49.03 -23.77 -41.49
C ASN C 374 -49.77 -23.82 -40.15
N ILE C 377 -49.29 -24.44 -37.23
CA ILE C 377 -49.58 -24.95 -35.88
C ILE C 377 -49.37 -23.97 -34.71
N ASP C 378 -48.74 -22.81 -34.95
CA ASP C 378 -48.25 -21.88 -33.90
C ASP C 378 -48.83 -20.48 -33.96
N ASP C 379 -48.36 -19.60 -33.07
CA ASP C 379 -48.90 -18.24 -32.94
C ASP C 379 -47.94 -17.05 -32.82
N VAL C 380 -46.62 -17.27 -32.91
CA VAL C 380 -45.69 -16.16 -32.66
C VAL C 380 -45.85 -15.12 -33.77
N PRO C 381 -45.97 -13.84 -33.40
CA PRO C 381 -46.25 -12.79 -34.40
C PRO C 381 -45.03 -12.28 -35.21
N LEU C 382 -44.47 -13.12 -36.08
CA LEU C 382 -43.38 -12.68 -36.98
C LEU C 382 -43.86 -11.63 -38.00
N PRO C 383 -42.98 -10.69 -38.38
CA PRO C 383 -43.34 -9.69 -39.38
C PRO C 383 -44.03 -10.30 -40.61
N ALA C 384 -45.01 -9.58 -41.14
CA ALA C 384 -45.71 -9.98 -42.34
C ALA C 384 -44.77 -9.88 -43.53
N SER C 385 -43.76 -9.03 -43.45
CA SER C 385 -42.80 -8.87 -44.54
C SER C 385 -41.96 -10.15 -44.80
N ILE C 386 -42.07 -11.13 -43.91
CA ILE C 386 -41.58 -12.46 -44.23
C ILE C 386 -42.71 -13.51 -44.27
N VAL C 387 -43.65 -13.43 -43.34
CA VAL C 387 -44.82 -14.33 -43.30
C VAL C 387 -45.70 -14.23 -44.56
N SER C 388 -45.69 -13.06 -45.22
CA SER C 388 -46.43 -12.84 -46.47
C SER C 388 -45.49 -12.51 -47.65
N ASN C 389 -44.22 -12.89 -47.53
CA ASN C 389 -43.27 -12.73 -48.64
C ASN C 389 -43.36 -13.88 -49.66
N THR C 390 -44.45 -13.91 -50.43
CA THR C 390 -44.77 -15.06 -51.30
C THR C 390 -43.73 -15.32 -52.41
N GLU C 391 -43.16 -14.27 -53.01
CA GLU C 391 -41.99 -14.43 -53.88
C GLU C 391 -40.94 -15.36 -53.23
N LEU C 392 -40.48 -15.00 -52.02
CA LEU C 392 -39.51 -15.83 -51.29
C LEU C 392 -40.08 -17.16 -50.78
N LEU C 393 -41.29 -17.14 -50.25
CA LEU C 393 -41.85 -18.36 -49.68
C LEU C 393 -42.12 -19.48 -50.71
N ASN C 394 -42.50 -19.10 -51.94
CA ASN C 394 -42.69 -20.06 -53.05
C ASN C 394 -41.39 -20.77 -53.43
N ALA C 395 -40.33 -19.97 -53.63
CA ALA C 395 -39.00 -20.46 -53.92
C ALA C 395 -38.55 -21.47 -52.84
N VAL C 396 -38.81 -21.14 -51.57
CA VAL C 396 -38.38 -21.97 -50.44
C VAL C 396 -39.06 -23.32 -50.45
N GLU C 397 -40.41 -23.34 -50.47
CA GLU C 397 -41.11 -24.63 -50.52
C GLU C 397 -40.77 -25.40 -51.80
N SER C 398 -40.50 -24.70 -52.90
CA SER C 398 -40.03 -25.40 -54.11
C SER C 398 -38.74 -26.14 -53.81
N LEU C 399 -37.74 -25.43 -53.30
CA LEU C 399 -36.48 -26.06 -52.92
C LEU C 399 -36.71 -27.25 -52.02
N ASN C 400 -37.44 -27.03 -50.93
CA ASN C 400 -37.62 -28.10 -49.96
C ASN C 400 -38.31 -29.29 -50.63
N GLN C 401 -39.38 -29.02 -51.38
CA GLN C 401 -40.15 -30.04 -52.07
C GLN C 401 -39.33 -30.84 -53.08
N ALA C 402 -38.45 -30.15 -53.79
CA ALA C 402 -37.52 -30.79 -54.72
C ALA C 402 -36.45 -31.63 -53.98
N GLN C 403 -36.49 -31.62 -52.64
CA GLN C 403 -35.38 -32.12 -51.84
C GLN C 403 -35.77 -33.12 -50.75
N ASN C 404 -37.01 -33.02 -50.25
CA ASN C 404 -37.58 -34.07 -49.40
CA ASN C 404 -37.61 -34.05 -49.39
C ASN C 404 -38.31 -35.04 -50.30
N GLY C 405 -39.15 -35.92 -49.77
CA GLY C 405 -39.84 -36.86 -50.69
C GLY C 405 -40.87 -36.32 -51.69
N GLY C 406 -40.94 -34.99 -51.85
CA GLY C 406 -41.98 -34.35 -52.65
C GLY C 406 -43.10 -33.78 -51.79
N THR C 407 -42.82 -33.53 -50.51
CA THR C 407 -43.77 -32.88 -49.61
C THR C 407 -43.89 -31.37 -49.85
N ASN C 408 -45.13 -30.93 -49.97
CA ASN C 408 -45.48 -29.55 -50.22
C ASN C 408 -45.46 -28.73 -48.93
N GLN C 409 -45.36 -27.41 -49.09
CA GLN C 409 -45.61 -26.44 -48.02
C GLN C 409 -44.81 -26.60 -46.72
N VAL C 410 -43.52 -26.91 -46.88
CA VAL C 410 -42.59 -26.75 -45.78
C VAL C 410 -41.71 -25.54 -46.09
N PHE C 411 -41.53 -24.70 -45.08
CA PHE C 411 -40.82 -23.44 -45.27
C PHE C 411 -39.59 -23.39 -44.37
N LEU C 412 -39.19 -24.56 -43.84
CA LEU C 412 -37.92 -24.74 -43.12
C LEU C 412 -36.77 -24.20 -43.95
N LEU C 413 -35.71 -23.76 -43.28
CA LEU C 413 -34.51 -23.33 -43.97
C LEU C 413 -33.71 -24.56 -44.43
N PRO C 414 -33.45 -24.67 -45.76
CA PRO C 414 -32.66 -25.79 -46.27
C PRO C 414 -31.19 -25.63 -45.88
N MET C 415 -30.70 -26.61 -45.12
CA MET C 415 -29.37 -26.52 -44.56
C MET C 415 -28.31 -27.12 -45.49
N ALA C 416 -27.11 -26.55 -45.47
CA ALA C 416 -26.06 -27.02 -46.35
C ALA C 416 -25.33 -28.26 -45.79
N VAL C 417 -25.47 -28.53 -44.49
CA VAL C 417 -24.89 -29.72 -43.85
C VAL C 417 -25.90 -30.48 -43.02
N GLY C 418 -25.75 -31.81 -43.01
CA GLY C 418 -26.72 -32.71 -42.36
C GLY C 418 -27.00 -32.36 -40.93
N GLU C 419 -25.99 -31.86 -40.23
CA GLU C 419 -26.07 -31.65 -38.78
C GLU C 419 -26.64 -30.30 -38.40
N GLY C 420 -26.93 -29.48 -39.40
CA GLY C 420 -27.31 -28.09 -39.17
C GLY C 420 -26.19 -27.34 -38.49
N SER C 421 -26.56 -26.42 -37.60
CA SER C 421 -25.60 -25.60 -36.84
C SER C 421 -24.90 -26.37 -35.72
N PRO C 422 -23.71 -25.90 -35.31
CA PRO C 422 -23.11 -26.46 -34.10
C PRO C 422 -24.09 -26.36 -32.95
N VAL C 423 -23.91 -27.20 -31.92
CA VAL C 423 -24.70 -27.09 -30.68
C VAL C 423 -24.20 -25.95 -29.78
N HIS C 424 -24.33 -24.73 -30.29
CA HIS C 424 -24.13 -23.52 -29.46
C HIS C 424 -24.89 -22.33 -30.00
N PRO C 425 -25.15 -21.32 -29.16
CA PRO C 425 -26.01 -20.25 -29.64
C PRO C 425 -25.45 -19.43 -30.82
N ALA C 426 -26.36 -18.69 -31.44
CA ALA C 426 -26.11 -18.10 -32.74
C ALA C 426 -25.30 -16.83 -32.66
N TYR C 427 -25.39 -16.14 -31.53
CA TYR C 427 -24.86 -14.78 -31.49
C TYR C 427 -23.79 -14.50 -30.42
N PRO C 428 -22.56 -14.07 -30.85
CA PRO C 428 -22.14 -13.91 -32.25
C PRO C 428 -21.53 -15.17 -32.80
N SER C 429 -21.00 -15.08 -34.02
CA SER C 429 -20.28 -16.17 -34.65
C SER C 429 -18.81 -16.27 -34.18
N GLY C 430 -18.46 -17.45 -33.63
CA GLY C 430 -17.09 -17.71 -33.22
C GLY C 430 -16.13 -17.53 -34.39
N HIS C 431 -16.56 -17.94 -35.59
CA HIS C 431 -15.75 -17.82 -36.79
C HIS C 431 -15.43 -16.38 -37.07
N ALA C 432 -16.43 -15.53 -36.84
CA ALA C 432 -16.30 -14.11 -37.09
C ALA C 432 -15.32 -13.44 -36.11
N ILE C 433 -15.42 -13.75 -34.81
CA ILE C 433 -14.47 -13.13 -33.88
CA ILE C 433 -14.47 -13.20 -33.82
C ILE C 433 -13.07 -13.66 -34.18
N ASN C 434 -12.94 -14.97 -34.44
CA ASN C 434 -11.62 -15.52 -34.78
C ASN C 434 -10.99 -14.81 -35.97
N LEU C 435 -11.69 -14.79 -37.10
CA LEU C 435 -11.18 -14.20 -38.34
C LEU C 435 -11.06 -12.70 -38.24
N GLY C 436 -12.02 -12.08 -37.54
CA GLY C 436 -12.01 -10.66 -37.24
C GLY C 436 -10.71 -10.25 -36.58
N ALA C 437 -10.32 -11.01 -35.55
CA ALA C 437 -9.02 -10.81 -34.88
C ALA C 437 -7.78 -11.05 -35.74
N TYR C 438 -7.70 -12.23 -36.35
CA TYR C 438 -6.49 -12.60 -37.15
C TYR C 438 -6.15 -11.55 -38.21
N LEU C 439 -7.15 -11.20 -39.01
CA LEU C 439 -6.93 -10.23 -40.08
CA LEU C 439 -7.03 -10.22 -40.07
C LEU C 439 -6.66 -8.82 -39.53
N THR C 440 -7.28 -8.46 -38.40
CA THR C 440 -6.96 -7.19 -37.77
C THR C 440 -5.45 -7.13 -37.48
N VAL C 441 -4.94 -8.19 -36.84
CA VAL C 441 -3.52 -8.27 -36.56
C VAL C 441 -2.73 -8.06 -37.86
N LEU C 442 -3.13 -8.81 -38.90
CA LEU C 442 -2.45 -8.70 -40.19
C LEU C 442 -2.42 -7.27 -40.75
N LYS C 443 -3.55 -6.56 -40.61
CA LYS C 443 -3.64 -5.19 -41.13
C LYS C 443 -2.81 -4.22 -40.30
N ALA C 444 -2.81 -4.43 -38.98
CA ALA C 444 -1.96 -3.65 -38.07
C ALA C 444 -0.48 -3.78 -38.41
N PHE C 445 0.02 -5.01 -38.58
CA PHE C 445 1.46 -5.14 -38.85
C PHE C 445 1.84 -4.63 -40.25
N LEU C 446 0.98 -4.90 -41.23
CA LEU C 446 1.19 -4.45 -42.60
C LEU C 446 1.25 -2.94 -42.67
N GLY C 447 0.29 -2.29 -42.00
CA GLY C 447 0.14 -0.85 -42.02
C GLY C 447 -0.82 -0.44 -43.13
N PHE C 448 -1.26 0.81 -43.05
CA PHE C 448 -2.18 1.37 -44.05
C PHE C 448 -1.51 1.60 -45.41
N GLU C 449 -0.30 2.14 -45.40
CA GLU C 449 0.40 2.52 -46.62
C GLU C 449 0.68 1.29 -47.47
N LEU C 450 1.29 0.27 -46.87
CA LEU C 450 1.51 -1.02 -47.52
C LEU C 450 0.21 -1.80 -47.79
N GLY C 451 -0.83 -1.48 -47.04
CA GLY C 451 -2.14 -2.09 -47.27
C GLY C 451 -2.74 -1.64 -48.59
N GLN C 452 -2.18 -0.55 -49.13
CA GLN C 452 -2.67 0.07 -50.38
C GLN C 452 -1.96 -0.49 -51.59
N ARG C 453 -1.16 -1.52 -51.37
CA ARG C 453 -0.32 -2.05 -52.41
C ARG C 453 -1.10 -3.06 -53.22
N CYS C 454 -0.71 -3.18 -54.50
CA CYS C 454 -1.38 -4.03 -55.47
C CYS C 454 -1.07 -5.48 -55.17
N PHE C 455 -2.13 -6.29 -55.00
CA PHE C 455 -1.97 -7.73 -54.88
C PHE C 455 -1.50 -8.26 -56.24
N PRO C 456 -0.29 -8.87 -56.30
CA PRO C 456 0.25 -9.29 -57.60
C PRO C 456 -0.50 -10.45 -58.30
N SER C 457 -0.68 -10.30 -59.61
CA SER C 457 -1.30 -11.33 -60.47
C SER C 457 -2.62 -11.89 -59.94
N PRO C 458 -3.65 -11.04 -59.82
CA PRO C 458 -4.93 -11.49 -59.28
C PRO C 458 -5.51 -12.53 -60.20
N MET C 459 -6.28 -13.46 -59.64
CA MET C 459 -6.91 -14.57 -60.38
CA MET C 459 -6.97 -14.44 -60.47
C MET C 459 -8.37 -14.76 -59.91
N ILE C 460 -9.19 -15.43 -60.72
CA ILE C 460 -10.50 -15.98 -60.27
C ILE C 460 -10.60 -17.38 -60.82
N SER C 461 -11.43 -18.20 -60.18
CA SER C 461 -11.78 -19.52 -60.68
C SER C 461 -12.64 -19.36 -61.92
N ASN C 462 -12.59 -20.33 -62.82
CA ASN C 462 -13.62 -20.48 -63.84
C ASN C 462 -14.91 -20.98 -63.13
N ASP C 463 -16.02 -21.05 -63.85
CA ASP C 463 -17.30 -21.47 -63.22
C ASP C 463 -17.37 -22.94 -62.80
N ALA C 464 -16.50 -23.76 -63.39
CA ALA C 464 -16.48 -25.19 -63.12
C ALA C 464 -15.73 -25.50 -61.81
N GLY C 465 -14.82 -24.60 -61.45
CA GLY C 465 -14.04 -24.73 -60.23
C GLY C 465 -12.75 -25.50 -60.45
N THR C 466 -12.39 -25.72 -61.72
CA THR C 466 -11.31 -26.64 -62.07
C THR C 466 -10.07 -25.92 -62.50
N ASP C 467 -10.20 -24.63 -62.79
CA ASP C 467 -9.06 -23.82 -63.22
C ASP C 467 -9.16 -22.35 -62.84
N ARG C 468 -8.01 -21.70 -62.73
CA ARG C 468 -7.97 -20.26 -62.55
C ARG C 468 -7.69 -19.50 -63.84
N ILE C 469 -8.18 -18.25 -63.89
CA ILE C 469 -8.14 -17.31 -65.01
C ILE C 469 -7.59 -15.98 -64.47
N PRO C 470 -6.74 -15.25 -65.25
CA PRO C 470 -6.33 -13.92 -64.77
C PRO C 470 -7.54 -13.02 -64.52
N PHE C 471 -7.49 -12.20 -63.47
CA PHE C 471 -8.59 -11.28 -63.26
C PHE C 471 -8.26 -9.95 -63.91
N VAL C 472 -9.20 -9.47 -64.71
CA VAL C 472 -9.03 -8.17 -65.37
C VAL C 472 -10.14 -7.20 -65.03
N PRO C 473 -9.75 -6.02 -64.53
CA PRO C 473 -10.68 -4.96 -64.17
C PRO C 473 -11.39 -4.40 -65.40
N SER C 474 -12.65 -4.04 -65.24
CA SER C 474 -13.48 -3.43 -66.29
C SER C 474 -14.52 -2.49 -65.64
N ASP C 475 -15.23 -1.70 -66.45
CA ASP C 475 -16.24 -0.81 -65.92
C ASP C 475 -17.27 -1.58 -65.10
N GLY C 476 -17.47 -1.14 -63.86
CA GLY C 476 -18.46 -1.75 -62.97
C GLY C 476 -17.90 -2.80 -61.99
N ASP C 477 -16.56 -2.90 -61.91
CA ASP C 477 -15.89 -3.78 -60.96
C ASP C 477 -15.66 -3.09 -59.62
N ARG C 478 -15.70 -1.75 -59.65
CA ARG C 478 -15.36 -0.87 -58.52
C ARG C 478 -13.91 -1.06 -58.09
N VAL C 479 -13.11 -1.64 -58.96
CA VAL C 479 -11.68 -1.77 -58.71
C VAL C 479 -11.11 -0.36 -58.73
N GLY C 480 -10.42 0.01 -57.65
CA GLY C 480 -9.87 1.34 -57.49
C GLY C 480 -8.37 1.37 -57.72
N THR C 481 -7.71 2.32 -57.08
CA THR C 481 -6.28 2.56 -57.22
C THR C 481 -5.46 1.74 -56.23
N CYS C 482 -4.37 1.15 -56.69
CA CYS C 482 -3.38 0.54 -55.81
C CYS C 482 -1.95 0.95 -56.20
N ILE C 483 -1.00 0.86 -55.27
CA ILE C 483 0.38 1.24 -55.52
C ILE C 483 1.21 0.00 -55.84
N ASN C 484 1.95 0.03 -56.94
CA ASN C 484 2.68 -1.16 -57.38
C ASN C 484 4.05 -1.23 -56.73
N GLU C 485 4.80 -2.28 -57.08
CA GLU C 485 6.17 -2.56 -56.60
C GLU C 485 7.21 -1.49 -56.92
N ASP C 486 6.88 -0.57 -57.83
CA ASP C 486 7.74 0.57 -58.16
C ASP C 486 7.25 1.88 -57.57
N GLY C 487 6.08 1.84 -56.91
CA GLY C 487 5.54 3.02 -56.25
C GLY C 487 4.69 3.94 -57.12
N GLU C 488 4.28 3.44 -58.29
CA GLU C 488 3.37 4.15 -59.19
C GLU C 488 1.96 3.55 -59.10
N GLU C 489 0.95 4.39 -59.29
CA GLU C 489 -0.45 4.00 -59.11
C GLU C 489 -1.03 3.22 -60.29
N GLU C 490 -1.63 2.07 -59.98
CA GLU C 490 -2.29 1.18 -60.94
C GLU C 490 -3.79 1.16 -60.65
N VAL C 491 -4.56 0.44 -61.45
CA VAL C 491 -5.93 0.08 -61.07
C VAL C 491 -5.88 -1.41 -60.71
N GLY C 492 -6.20 -1.74 -59.48
CA GLY C 492 -6.22 -3.15 -59.08
C GLY C 492 -6.51 -3.32 -57.62
N LEU C 493 -6.64 -4.57 -57.20
CA LEU C 493 -7.03 -4.89 -55.83
C LEU C 493 -5.90 -4.61 -54.86
N THR C 494 -6.25 -4.09 -53.68
CA THR C 494 -5.24 -3.80 -52.66
C THR C 494 -5.12 -4.98 -51.69
N TYR C 495 -3.98 -5.08 -51.01
CA TYR C 495 -3.85 -6.06 -49.94
C TYR C 495 -4.94 -5.90 -48.88
N GLU C 496 -5.17 -4.65 -48.47
CA GLU C 496 -6.20 -4.35 -47.47
C GLU C 496 -7.59 -4.87 -47.88
N GLY C 497 -8.00 -4.56 -49.11
CA GLY C 497 -9.27 -5.10 -49.62
C GLY C 497 -9.29 -6.62 -49.55
N GLU C 498 -8.25 -7.25 -50.09
CA GLU C 498 -8.14 -8.71 -50.12
C GLU C 498 -8.06 -9.32 -48.73
N LEU C 499 -7.34 -8.64 -47.84
CA LEU C 499 -7.35 -9.01 -46.43
C LEU C 499 -8.79 -9.00 -45.89
N ASN C 500 -9.49 -7.87 -46.01
CA ASN C 500 -10.90 -7.77 -45.59
C ASN C 500 -11.84 -8.86 -46.16
N LYS C 501 -11.60 -9.27 -47.40
CA LYS C 501 -12.41 -10.29 -48.05
C LYS C 501 -12.27 -11.62 -47.34
N VAL C 502 -11.08 -11.89 -46.81
CA VAL C 502 -10.88 -13.13 -46.08
C VAL C 502 -11.87 -13.27 -44.93
N THR C 503 -11.96 -12.24 -44.09
CA THR C 503 -12.87 -12.31 -42.96
CA THR C 503 -12.87 -12.26 -42.95
C THR C 503 -14.33 -12.27 -43.43
N SER C 504 -14.57 -11.55 -44.52
CA SER C 504 -15.91 -11.49 -45.08
C SER C 504 -16.36 -12.87 -45.62
N ASN C 505 -15.52 -13.48 -46.47
CA ASN C 505 -15.74 -14.82 -47.02
C ASN C 505 -16.06 -15.85 -45.95
N VAL C 506 -15.24 -15.91 -44.91
CA VAL C 506 -15.49 -16.89 -43.84
C VAL C 506 -16.70 -16.54 -42.98
N ALA C 507 -16.80 -15.28 -42.56
CA ALA C 507 -17.95 -14.84 -41.78
C ALA C 507 -19.27 -15.11 -42.53
N ILE C 508 -19.38 -14.54 -43.73
CA ILE C 508 -20.61 -14.70 -44.52
C ILE C 508 -20.75 -16.15 -45.00
N GLY C 509 -19.61 -16.83 -45.12
CA GLY C 509 -19.55 -18.26 -45.34
C GLY C 509 -20.51 -19.04 -44.46
N ARG C 510 -20.52 -18.74 -43.16
CA ARG C 510 -21.43 -19.41 -42.21
C ARG C 510 -22.90 -19.17 -42.55
N SER C 511 -23.21 -17.99 -43.10
CA SER C 511 -24.57 -17.69 -43.56
C SER C 511 -24.92 -18.53 -44.77
N HIS C 512 -24.03 -18.59 -45.77
CA HIS C 512 -24.24 -19.49 -46.91
C HIS C 512 -24.44 -20.91 -46.47
N LEU C 513 -23.90 -21.21 -45.28
CA LEU C 513 -24.03 -22.53 -44.73
C LEU C 513 -25.42 -22.71 -44.13
N GLY C 514 -26.08 -21.59 -43.83
CA GLY C 514 -27.34 -21.62 -43.08
C GLY C 514 -27.23 -21.58 -41.56
N VAL C 515 -26.07 -21.21 -40.99
CA VAL C 515 -25.93 -21.31 -39.53
C VAL C 515 -25.87 -19.96 -38.78
N HIS C 516 -25.79 -18.86 -39.52
CA HIS C 516 -25.69 -17.55 -38.92
C HIS C 516 -26.35 -16.52 -39.79
N TRP C 517 -26.98 -15.53 -39.15
CA TRP C 517 -27.39 -14.31 -39.83
C TRP C 517 -26.20 -13.43 -40.04
N ARG C 518 -26.34 -12.46 -40.93
CA ARG C 518 -25.38 -11.40 -41.11
C ARG C 518 -24.85 -10.74 -39.79
N MET C 519 -25.79 -10.42 -38.90
CA MET C 519 -25.46 -9.78 -37.63
CA MET C 519 -25.59 -9.90 -37.54
C MET C 519 -24.39 -10.56 -36.84
N ASP C 520 -24.52 -11.87 -36.75
CA ASP C 520 -23.58 -12.73 -36.03
C ASP C 520 -22.16 -12.52 -36.54
N GLY C 521 -22.02 -12.41 -37.86
CA GLY C 521 -20.73 -12.27 -38.50
C GLY C 521 -20.19 -10.87 -38.48
N VAL C 522 -21.01 -9.91 -38.87
CA VAL C 522 -20.58 -8.52 -39.00
C VAL C 522 -20.21 -7.87 -37.64
N PHE C 523 -21.10 -8.02 -36.65
CA PHE C 523 -20.85 -7.52 -35.30
C PHE C 523 -19.79 -8.37 -34.59
N GLY C 524 -19.80 -9.68 -34.87
CA GLY C 524 -18.82 -10.61 -34.31
C GLY C 524 -17.43 -10.30 -34.79
N ALA C 525 -17.30 -10.03 -36.09
CA ALA C 525 -16.04 -9.53 -36.64
C ALA C 525 -15.53 -8.31 -35.86
N GLU C 526 -16.41 -7.36 -35.53
CA GLU C 526 -16.00 -6.17 -34.77
C GLU C 526 -15.57 -6.54 -33.33
N MET C 527 -16.20 -7.56 -32.75
CA MET C 527 -15.80 -8.08 -31.47
C MET C 527 -14.36 -8.64 -31.52
N GLY C 528 -14.03 -9.36 -32.60
CA GLY C 528 -12.70 -9.95 -32.78
C GLY C 528 -11.63 -8.86 -32.98
N GLU C 529 -11.99 -7.86 -33.76
CA GLU C 529 -11.15 -6.70 -34.01
C GLU C 529 -10.72 -6.04 -32.70
N ALA C 530 -11.62 -5.85 -31.76
CA ALA C 530 -11.26 -5.21 -30.48
C ALA C 530 -10.39 -6.13 -29.60
N GLY C 531 -10.79 -7.42 -29.51
CA GLY C 531 -9.96 -8.43 -28.86
C GLY C 531 -8.49 -8.33 -29.27
N ALA C 532 -8.30 -8.24 -30.59
CA ALA C 532 -6.99 -8.12 -31.19
C ALA C 532 -6.25 -6.81 -30.85
N ILE C 533 -6.93 -5.68 -30.98
CA ILE C 533 -6.32 -4.39 -30.70
C ILE C 533 -5.88 -4.28 -29.24
N ARG C 534 -6.69 -4.81 -28.34
CA ARG C 534 -6.40 -4.82 -26.93
C ARG C 534 -5.10 -5.55 -26.63
N ARG C 535 -4.80 -6.62 -27.39
CA ARG C 535 -3.57 -7.39 -27.17
C ARG C 535 -2.37 -6.64 -27.75
N LEU C 536 -2.56 -6.02 -28.91
CA LEU C 536 -1.50 -5.25 -29.54
C LEU C 536 -1.07 -4.06 -28.65
N GLN C 537 -2.05 -3.43 -28.01
CA GLN C 537 -1.80 -2.28 -27.16
C GLN C 537 -0.98 -2.67 -25.97
N GLN C 538 -1.41 -3.73 -25.29
CA GLN C 538 -0.71 -4.27 -24.13
C GLN C 538 0.72 -4.64 -24.47
N GLU C 539 0.94 -5.23 -25.65
CA GLU C 539 2.29 -5.70 -25.97
C GLU C 539 3.21 -4.55 -26.39
N LEU C 540 2.67 -3.60 -27.15
CA LEU C 540 3.49 -2.59 -27.84
C LEU C 540 4.48 -1.85 -26.94
N GLY C 541 4.00 -1.33 -25.80
CA GLY C 541 4.87 -0.52 -24.94
C GLY C 541 6.16 -1.23 -24.54
N GLY C 542 6.08 -2.55 -24.36
CA GLY C 542 7.25 -3.33 -23.95
C GLY C 542 8.22 -3.78 -25.04
N LEU C 543 7.95 -3.45 -26.31
CA LEU C 543 8.82 -3.88 -27.39
C LEU C 543 10.03 -2.98 -27.59
N PRO C 544 11.19 -3.59 -27.93
CA PRO C 544 12.40 -2.79 -28.07
C PRO C 544 12.25 -1.65 -29.09
N GLU C 545 11.56 -1.93 -30.20
CA GLU C 545 11.44 -0.96 -31.30
C GLU C 545 10.38 0.11 -31.00
N ALA C 546 9.67 -0.08 -29.88
CA ALA C 546 8.69 0.86 -29.35
C ALA C 546 9.35 1.95 -28.53
N ARG C 547 10.56 1.72 -28.04
CA ARG C 547 11.29 2.73 -27.27
C ARG C 547 11.71 3.91 -28.12
N ASP C 548 11.76 5.08 -27.49
CA ASP C 548 12.14 6.29 -28.19
C ASP C 548 13.65 6.41 -28.17
N THR C 549 14.26 6.49 -29.34
CA THR C 549 15.72 6.50 -29.45
C THR C 549 16.13 7.73 -30.23
N GLU C 550 17.42 8.06 -30.21
CA GLU C 550 17.92 9.03 -31.18
C GLU C 550 18.33 8.25 -32.40
N GLY C 551 18.29 8.90 -33.56
CA GLY C 551 18.67 8.28 -34.82
C GLY C 551 17.52 8.35 -35.79
N PRO C 552 17.78 8.11 -37.09
CA PRO C 552 16.80 8.25 -38.18
C PRO C 552 15.58 7.33 -38.10
N ILE C 553 15.73 6.09 -37.61
CA ILE C 553 14.61 5.13 -37.52
C ILE C 553 13.64 5.45 -36.37
N PRO C 554 12.36 5.67 -36.69
CA PRO C 554 11.41 6.11 -35.68
C PRO C 554 10.78 4.96 -34.88
N PRO C 555 10.29 5.26 -33.66
CA PRO C 555 9.67 4.24 -32.78
C PRO C 555 8.49 3.55 -33.45
N ALA C 556 8.18 2.33 -33.06
CA ALA C 556 7.10 1.57 -33.72
C ALA C 556 5.71 2.01 -33.33
N SER C 557 4.76 1.83 -34.25
CA SER C 557 3.35 2.07 -34.03
C SER C 557 2.50 1.30 -35.07
N TYR C 558 1.25 1.06 -34.76
CA TYR C 558 0.36 0.37 -35.71
C TYR C 558 -0.68 1.32 -36.24
N LYS C 559 -0.57 1.59 -37.53
CA LYS C 559 -1.44 2.53 -38.22
C LYS C 559 -2.13 1.80 -39.38
N PHE C 560 -3.45 1.67 -39.26
CA PHE C 560 -4.26 0.94 -40.22
C PHE C 560 -5.73 1.40 -40.14
N ARG C 561 -6.63 0.63 -40.72
CA ARG C 561 -8.01 1.03 -40.86
C ARG C 561 -8.96 -0.11 -40.46
N LEU C 562 -9.94 0.22 -39.63
CA LEU C 562 -10.89 -0.77 -39.12
C LEU C 562 -11.82 -1.25 -40.21
N TYR C 563 -12.50 -2.37 -39.93
CA TYR C 563 -13.57 -2.84 -40.78
C TYR C 563 -14.57 -1.75 -41.12
N SER C 564 -14.89 -0.93 -40.12
CA SER C 564 -15.85 0.14 -40.32
C SER C 564 -15.29 1.27 -41.18
N GLY C 565 -14.01 1.26 -41.51
CA GLY C 565 -13.43 2.29 -42.38
C GLY C 565 -12.73 3.41 -41.60
N THR C 566 -12.94 3.47 -40.29
CA THR C 566 -12.26 4.50 -39.49
C THR C 566 -10.78 4.16 -39.25
N MET C 567 -9.94 5.16 -39.46
CA MET C 567 -8.49 5.05 -39.29
CA MET C 567 -8.50 5.03 -39.28
C MET C 567 -8.13 4.93 -37.80
N ILE C 568 -7.21 4.03 -37.49
CA ILE C 568 -6.68 3.93 -36.12
C ILE C 568 -5.16 3.97 -36.11
N GLU C 569 -4.60 4.63 -35.09
CA GLU C 569 -3.17 4.59 -34.88
C GLU C 569 -2.86 4.31 -33.42
N LEU C 570 -2.21 3.17 -33.17
CA LEU C 570 -1.86 2.74 -31.82
C LEU C 570 -0.42 3.07 -31.51
N PHE C 571 -0.23 3.78 -30.40
CA PHE C 571 1.10 4.19 -29.93
C PHE C 571 1.46 3.47 -28.63
N PRO C 572 2.77 3.44 -28.29
CA PRO C 572 3.29 2.74 -27.11
C PRO C 572 2.69 3.13 -25.76
N ASP C 573 2.27 4.38 -25.62
CA ASP C 573 1.92 4.89 -24.30
C ASP C 573 0.47 4.57 -23.87
N ASN C 574 -0.11 3.55 -24.50
CA ASN C 574 -1.55 3.29 -24.41
C ASN C 574 -2.38 4.50 -24.93
N ARG C 575 -1.75 5.29 -25.80
CA ARG C 575 -2.41 6.38 -26.52
C ARG C 575 -2.80 5.88 -27.90
N TYR C 576 -3.87 6.41 -28.46
CA TYR C 576 -4.24 6.05 -29.81
C TYR C 576 -5.08 7.09 -30.51
N MET C 577 -4.89 7.22 -31.81
CA MET C 577 -5.73 8.12 -32.62
CA MET C 577 -5.72 8.12 -32.63
C MET C 577 -6.85 7.33 -33.26
N LEU C 578 -8.07 7.82 -33.09
CA LEU C 578 -9.28 7.21 -33.65
C LEU C 578 -9.97 8.30 -34.48
N GLY C 579 -10.01 8.12 -35.80
CA GLY C 579 -10.53 9.15 -36.69
C GLY C 579 -9.65 10.38 -36.52
N ASP C 580 -10.23 11.51 -36.11
CA ASP C 580 -9.41 12.70 -35.86
C ASP C 580 -9.14 12.99 -34.36
N GLN C 581 -9.59 12.09 -33.48
CA GLN C 581 -9.46 12.27 -32.04
C GLN C 581 -8.29 11.56 -31.40
N MET C 582 -7.55 12.26 -30.53
CA MET C 582 -6.49 11.67 -29.70
CA MET C 582 -6.51 11.61 -29.72
C MET C 582 -7.11 11.10 -28.41
N CYS C 583 -7.05 9.77 -28.23
CA CYS C 583 -7.62 9.08 -27.08
C CYS C 583 -6.55 8.44 -26.22
N LYS C 584 -6.88 8.14 -24.98
CA LYS C 584 -5.98 7.44 -24.06
C LYS C 584 -6.64 6.18 -23.53
N GLY C 585 -5.81 5.25 -23.07
CA GLY C 585 -6.28 4.02 -22.46
C GLY C 585 -6.56 2.90 -23.47
N PHE C 586 -7.38 1.95 -23.03
CA PHE C 586 -7.62 0.74 -23.79
C PHE C 586 -8.81 0.85 -24.75
N PHE C 587 -8.58 0.50 -26.02
CA PHE C 587 -9.61 0.49 -27.04
C PHE C 587 -10.82 -0.42 -26.69
N THR C 588 -12.03 0.12 -26.85
CA THR C 588 -13.27 -0.66 -26.61
C THR C 588 -14.08 -0.83 -27.90
N GLY C 589 -13.89 0.08 -28.84
CA GLY C 589 -14.68 0.12 -30.05
C GLY C 589 -14.49 1.45 -30.75
N ASP C 590 -14.88 1.51 -32.01
CA ASP C 590 -14.79 2.79 -32.72
C ASP C 590 -15.91 3.80 -32.42
N ASP C 591 -16.80 3.46 -31.50
CA ASP C 591 -17.85 4.39 -31.10
C ASP C 591 -17.52 5.04 -29.74
N PHE C 592 -16.30 4.81 -29.25
CA PHE C 592 -15.94 5.23 -27.90
C PHE C 592 -14.48 5.66 -27.80
N CYS C 593 -14.26 6.76 -27.09
CA CYS C 593 -12.95 7.33 -26.96
C CYS C 593 -12.85 8.11 -25.64
N VAL C 594 -11.92 7.74 -24.76
CA VAL C 594 -11.61 8.61 -23.62
C VAL C 594 -10.56 9.63 -24.10
N PRO C 595 -10.92 10.94 -24.15
CA PRO C 595 -9.95 11.85 -24.78
C PRO C 595 -8.63 11.97 -24.03
N ALA C 596 -7.56 12.21 -24.80
CA ALA C 596 -6.17 12.10 -24.29
C ALA C 596 -5.84 13.19 -23.28
N GLN D 1 3.11 6.67 46.37
CA GLN D 1 3.12 8.07 46.85
C GLN D 1 4.09 8.30 48.03
N THR D 2 5.31 7.79 47.90
CA THR D 2 6.38 8.08 48.85
C THR D 2 6.75 9.55 48.80
N VAL D 3 7.44 10.02 49.84
CA VAL D 3 7.95 11.40 49.89
C VAL D 3 8.79 11.74 48.63
N ASN D 4 9.61 10.79 48.17
CA ASN D 4 10.43 11.03 46.97
C ASN D 4 9.62 11.02 45.67
N GLU D 5 8.71 10.06 45.53
CA GLU D 5 7.81 10.00 44.37
C GLU D 5 7.10 11.34 44.22
N LEU D 6 6.49 11.78 45.31
CA LEU D 6 5.81 13.07 45.37
C LEU D 6 6.66 14.23 44.90
N ALA D 7 7.91 14.32 45.37
CA ALA D 7 8.76 15.46 45.02
C ALA D 7 9.30 15.40 43.58
N ASP D 8 9.12 14.24 42.94
CA ASP D 8 9.64 14.00 41.59
C ASP D 8 8.63 14.27 40.46
N MET D 9 7.34 14.32 40.80
CA MET D 9 6.30 14.51 39.81
CA MET D 9 6.25 14.55 39.85
C MET D 9 6.43 15.89 39.15
N GLN D 10 6.31 15.91 37.83
CA GLN D 10 6.38 17.16 37.10
C GLN D 10 5.09 17.39 36.34
N THR D 11 4.80 18.66 36.08
CA THR D 11 3.63 19.01 35.29
C THR D 11 4.10 19.67 34.00
N ARG D 12 3.20 19.76 33.03
CA ARG D 12 3.48 20.60 31.89
C ARG D 12 2.19 21.28 31.49
N PRO D 13 2.25 22.20 30.52
CA PRO D 13 0.99 22.84 30.14
C PRO D 13 -0.03 21.86 29.54
N LEU D 14 -1.29 21.96 29.96
CA LEU D 14 -2.38 21.25 29.32
C LEU D 14 -2.92 22.17 28.20
N LEU D 15 -2.53 21.89 26.96
CA LEU D 15 -2.95 22.67 25.80
C LEU D 15 -3.95 21.88 24.99
N SER D 16 -4.72 22.59 24.15
CA SER D 16 -5.74 21.94 23.29
C SER D 16 -5.12 20.98 22.27
N GLY D 17 -3.86 21.21 21.91
CA GLY D 17 -3.14 20.34 20.99
C GLY D 17 -2.26 19.27 21.65
N SER D 18 -2.24 19.23 22.98
CA SER D 18 -1.54 18.18 23.69
C SER D 18 -2.05 16.82 23.23
N VAL D 19 -1.22 15.78 23.31
CA VAL D 19 -1.62 14.44 22.85
C VAL D 19 -1.45 13.41 23.99
N CYS D 20 -2.48 12.62 24.19
CA CYS D 20 -2.54 11.65 25.28
C CYS D 20 -3.03 10.33 24.72
N ARG D 21 -2.07 9.44 24.42
CA ARG D 21 -2.31 8.04 24.08
C ARG D 21 -3.03 7.29 25.21
N VAL D 22 -2.79 7.71 26.45
CA VAL D 22 -3.48 7.16 27.60
C VAL D 22 -4.08 8.33 28.37
N ARG D 23 -5.34 8.17 28.71
CA ARG D 23 -6.10 9.12 29.52
C ARG D 23 -7.15 8.28 30.25
N ASP D 24 -7.69 8.76 31.36
CA ASP D 24 -8.63 7.90 32.11
C ASP D 24 -10.10 8.02 31.68
N THR D 25 -10.36 8.19 30.39
CA THR D 25 -11.75 8.27 29.93
C THR D 25 -12.54 6.98 30.21
N VAL D 26 -13.84 7.13 30.48
CA VAL D 26 -14.70 6.00 30.72
C VAL D 26 -15.32 5.60 29.37
N ASP D 27 -14.67 4.63 28.72
CA ASP D 27 -14.84 4.36 27.29
C ASP D 27 -14.17 3.01 26.96
N PHE D 28 -14.93 2.07 26.41
CA PHE D 28 -14.35 0.74 26.08
C PHE D 28 -13.31 0.84 24.96
N LEU D 29 -13.26 1.96 24.27
CA LEU D 29 -12.21 2.14 23.28
C LEU D 29 -11.09 2.96 23.89
N SER D 30 -9.87 2.50 23.71
CA SER D 30 -8.72 3.30 24.08
C SER D 30 -8.70 4.49 23.13
N PRO D 31 -8.04 5.59 23.51
CA PRO D 31 -7.90 6.75 22.61
C PRO D 31 -7.48 6.43 21.15
N THR D 32 -6.50 5.55 20.97
CA THR D 32 -5.98 5.24 19.63
CA THR D 32 -5.96 5.19 19.66
C THR D 32 -6.94 4.36 18.82
N LYS D 33 -7.60 3.40 19.48
CA LYS D 33 -8.61 2.56 18.84
C LYS D 33 -9.76 3.40 18.29
N ARG D 34 -10.31 4.30 19.10
CA ARG D 34 -11.38 5.18 18.65
C ARG D 34 -10.92 5.95 17.41
N ALA D 35 -9.75 6.60 17.51
CA ALA D 35 -9.24 7.37 16.37
C ALA D 35 -9.10 6.48 15.13
N LYS D 36 -8.67 5.24 15.36
CA LYS D 36 -8.42 4.28 14.29
C LYS D 36 -9.72 3.75 13.72
N ILE D 37 -10.68 3.42 14.56
CA ILE D 37 -11.97 3.00 14.01
C ILE D 37 -12.55 4.13 13.15
N THR D 38 -12.48 5.36 13.65
CA THR D 38 -12.99 6.51 12.91
C THR D 38 -12.26 6.70 11.60
N PHE D 39 -10.95 6.46 11.60
CA PHE D 39 -10.16 6.63 10.41
C PHE D 39 -10.60 5.61 9.37
N LYS D 40 -10.85 4.39 9.83
CA LYS D 40 -11.21 3.31 8.93
C LYS D 40 -12.56 3.49 8.25
N ARG D 41 -13.57 3.91 9.02
CA ARG D 41 -14.87 4.26 8.46
C ARG D 41 -14.80 5.37 7.39
N ARG D 42 -13.94 6.37 7.63
CA ARG D 42 -13.77 7.48 6.70
C ARG D 42 -13.19 7.05 5.35
N ILE D 43 -12.17 6.20 5.34
CA ILE D 43 -11.62 5.84 4.03
C ILE D 43 -12.56 4.81 3.37
N GLY D 44 -13.27 4.06 4.20
CA GLY D 44 -14.28 3.12 3.72
C GLY D 44 -15.35 3.90 2.96
N ILE D 45 -15.80 5.02 3.55
CA ILE D 45 -16.78 5.89 2.89
C ILE D 45 -16.21 6.40 1.57
N ALA D 46 -14.97 6.88 1.59
CA ALA D 46 -14.35 7.44 0.38
C ALA D 46 -14.21 6.40 -0.72
N VAL D 47 -13.73 5.20 -0.37
CA VAL D 47 -13.70 4.10 -1.33
C VAL D 47 -15.11 3.77 -1.87
N GLY D 48 -16.10 3.59 -0.99
CA GLY D 48 -17.46 3.20 -1.42
C GLY D 48 -18.13 4.24 -2.34
N GLU D 49 -17.89 5.52 -2.05
CA GLU D 49 -18.36 6.58 -2.94
C GLU D 49 -17.68 6.52 -4.29
N LEU D 50 -16.36 6.28 -4.31
CA LEU D 50 -15.57 6.30 -5.54
C LEU D 50 -16.04 5.15 -6.42
N ALA D 51 -16.44 4.07 -5.76
CA ALA D 51 -16.95 2.86 -6.41
C ALA D 51 -18.28 3.03 -7.11
N VAL D 52 -19.03 4.09 -6.82
CA VAL D 52 -20.29 4.31 -7.50
C VAL D 52 -20.05 4.61 -8.99
N GLY D 53 -18.95 5.29 -9.27
CA GLY D 53 -18.56 5.57 -10.66
C GLY D 53 -19.35 6.75 -11.19
N PRO D 54 -18.77 7.45 -12.19
CA PRO D 54 -19.36 8.68 -12.74
C PRO D 54 -20.80 8.54 -13.25
N THR D 55 -21.63 9.48 -12.82
CA THR D 55 -23.04 9.56 -13.15
C THR D 55 -23.22 9.91 -14.63
N CYS D 56 -24.17 9.24 -15.26
CA CYS D 56 -24.52 9.52 -16.66
C CYS D 56 -25.32 10.81 -16.80
N HIS D 57 -24.61 11.93 -16.67
CA HIS D 57 -25.22 13.26 -16.79
C HIS D 57 -25.06 13.65 -18.24
N LEU D 58 -26.15 13.54 -18.98
CA LEU D 58 -26.09 13.80 -20.40
C LEU D 58 -27.05 14.91 -20.81
N ASN D 59 -26.52 15.88 -21.52
CA ASN D 59 -27.30 16.95 -22.16
C ASN D 59 -28.43 16.39 -23.04
N ASN D 60 -29.47 17.20 -23.26
CA ASN D 60 -30.71 16.88 -23.98
CA ASN D 60 -30.63 16.64 -23.93
C ASN D 60 -30.53 16.60 -25.45
N GLY D 61 -29.54 17.29 -26.01
CA GLY D 61 -29.40 17.43 -27.44
C GLY D 61 -29.70 18.85 -27.89
N ASP D 62 -30.57 19.57 -27.18
CA ASP D 62 -31.03 20.89 -27.61
C ASP D 62 -29.93 21.90 -27.88
N GLU D 63 -28.88 21.90 -27.08
CA GLU D 63 -27.84 22.92 -27.21
C GLU D 63 -27.14 22.74 -28.54
N ALA D 64 -26.94 21.48 -28.92
CA ALA D 64 -26.29 21.16 -30.19
C ALA D 64 -27.21 21.46 -31.40
N ASN D 65 -28.51 21.28 -31.24
CA ASN D 65 -29.41 21.21 -32.39
C ASN D 65 -30.41 22.36 -32.64
N ILE D 66 -30.82 23.08 -31.60
CA ILE D 66 -31.79 24.16 -31.77
C ILE D 66 -31.02 25.42 -32.17
N PRO D 67 -31.46 26.12 -33.24
CA PRO D 67 -30.71 27.31 -33.70
C PRO D 67 -30.60 28.44 -32.67
N LEU D 68 -29.54 29.24 -32.77
CA LEU D 68 -29.32 30.47 -32.00
C LEU D 68 -29.51 30.31 -30.47
N PHE D 69 -29.37 29.07 -29.99
CA PHE D 69 -29.48 28.72 -28.57
C PHE D 69 -30.87 28.97 -27.94
N ASP D 70 -31.94 28.79 -28.71
CA ASP D 70 -33.29 29.06 -28.21
C ASP D 70 -33.76 28.17 -27.05
N GLY D 71 -33.12 27.01 -26.86
CA GLY D 71 -33.46 26.13 -25.74
C GLY D 71 -32.64 26.35 -24.47
N GLN D 72 -31.73 27.32 -24.51
CA GLN D 72 -30.78 27.44 -23.42
C GLN D 72 -31.11 28.58 -22.47
N PHE D 73 -30.60 28.48 -21.24
CA PHE D 73 -30.67 29.57 -20.28
C PHE D 73 -29.67 30.67 -20.67
N HIS D 74 -30.10 31.91 -20.72
CA HIS D 74 -29.16 33.03 -20.90
C HIS D 74 -29.69 34.34 -20.37
N LYS D 75 -30.60 34.26 -19.39
CA LYS D 75 -31.10 35.45 -18.72
C LYS D 75 -29.91 36.28 -18.22
N SER D 76 -30.05 37.60 -18.34
CA SER D 76 -29.03 38.61 -17.93
C SER D 76 -27.95 38.90 -18.96
N LEU D 77 -27.96 38.15 -20.06
CA LEU D 77 -27.02 38.40 -21.16
C LEU D 77 -27.60 39.32 -22.24
N PRO D 78 -26.76 39.86 -23.17
CA PRO D 78 -27.40 40.65 -24.25
C PRO D 78 -28.32 39.84 -25.12
N HIS D 79 -29.42 40.45 -25.58
CA HIS D 79 -30.35 39.84 -26.54
C HIS D 79 -30.74 40.81 -27.61
N ASP D 80 -31.26 40.30 -28.74
CA ASP D 80 -31.90 41.16 -29.73
C ASP D 80 -33.36 41.38 -29.30
N ASP D 81 -34.07 42.26 -30.00
CA ASP D 81 -35.47 42.64 -29.65
C ASP D 81 -36.46 41.47 -29.57
N MET D 82 -36.05 40.28 -30.01
CA MET D 82 -36.92 39.11 -29.91
C MET D 82 -36.51 38.12 -28.82
N GLY D 83 -35.52 38.51 -28.03
CA GLY D 83 -35.05 37.69 -26.92
C GLY D 83 -34.07 36.61 -27.33
N ARG D 84 -33.49 36.75 -28.52
CA ARG D 84 -32.47 35.82 -29.00
C ARG D 84 -31.12 36.27 -28.48
N VAL D 85 -30.37 35.33 -27.90
CA VAL D 85 -29.08 35.61 -27.30
C VAL D 85 -28.03 35.97 -28.36
N ASN D 86 -27.19 36.95 -28.02
CA ASN D 86 -25.95 37.21 -28.74
C ASN D 86 -25.02 36.02 -28.53
N PRO D 87 -24.72 35.24 -29.60
CA PRO D 87 -23.97 33.98 -29.51
C PRO D 87 -22.53 34.15 -29.01
N GLU D 88 -21.91 35.28 -29.29
CA GLU D 88 -20.58 35.53 -28.74
C GLU D 88 -20.64 35.55 -27.20
N ALA D 89 -21.71 36.14 -26.66
CA ALA D 89 -21.95 36.21 -25.21
C ALA D 89 -22.27 34.84 -24.62
N TYR D 90 -23.07 34.04 -25.31
CA TYR D 90 -23.40 32.71 -24.81
C TYR D 90 -22.18 31.82 -24.66
N GLN D 91 -21.33 31.82 -25.69
CA GLN D 91 -20.04 31.13 -25.66
C GLN D 91 -19.21 31.59 -24.45
N LEU D 92 -19.19 32.89 -24.17
CA LEU D 92 -18.50 33.39 -22.98
C LEU D 92 -19.05 32.82 -21.65
N LEU D 93 -20.37 32.56 -21.63
CA LEU D 93 -21.02 31.89 -20.51
C LEU D 93 -20.54 30.44 -20.43
N LEU D 94 -20.41 29.77 -21.58
CA LEU D 94 -19.87 28.40 -21.58
C LEU D 94 -18.46 28.33 -20.99
N ASP D 95 -17.57 29.25 -21.41
CA ASP D 95 -16.19 29.27 -20.90
C ASP D 95 -16.18 29.41 -19.38
N CYS D 96 -17.02 30.32 -18.90
CA CYS D 96 -17.21 30.55 -17.46
C CYS D 96 -17.53 29.25 -16.76
N ILE D 97 -18.57 28.56 -17.24
CA ILE D 97 -19.05 27.33 -16.59
C ILE D 97 -17.96 26.24 -16.65
N GLU D 98 -17.42 26.02 -17.84
CA GLU D 98 -16.42 24.98 -18.05
C GLU D 98 -15.23 25.17 -17.11
N SER D 99 -14.70 26.38 -17.08
CA SER D 99 -13.47 26.68 -16.36
C SER D 99 -13.65 26.68 -14.85
N ASN D 100 -14.89 26.88 -14.38
CA ASN D 100 -15.18 26.94 -12.94
C ASN D 100 -14.34 28.00 -12.20
N ASP D 101 -14.13 29.12 -12.87
CA ASP D 101 -13.12 30.12 -12.48
C ASP D 101 -13.83 31.46 -12.30
N ILE D 102 -13.78 31.97 -11.07
CA ILE D 102 -14.51 33.16 -10.69
C ILE D 102 -14.25 34.38 -11.59
N ASN D 103 -13.00 34.58 -11.98
CA ASN D 103 -12.61 35.70 -12.82
C ASN D 103 -12.95 35.51 -14.29
N VAL D 104 -12.99 34.27 -14.77
CA VAL D 104 -13.47 34.07 -16.13
C VAL D 104 -14.94 34.45 -16.13
N CYS D 105 -15.66 34.09 -15.07
CA CYS D 105 -17.09 34.34 -14.99
C CYS D 105 -17.40 35.85 -14.86
N ASP D 106 -16.45 36.64 -14.37
CA ASP D 106 -16.65 38.10 -14.36
C ASP D 106 -16.65 38.75 -15.76
N GLN D 107 -16.08 38.08 -16.75
CA GLN D 107 -16.07 38.58 -18.13
C GLN D 107 -17.33 38.24 -18.96
N VAL D 108 -18.31 37.53 -18.40
CA VAL D 108 -19.55 37.25 -19.13
C VAL D 108 -20.33 38.56 -19.40
N PRO D 109 -20.75 38.79 -20.67
CA PRO D 109 -21.43 40.06 -20.97
C PRO D 109 -22.80 40.22 -20.30
N SER D 110 -23.09 41.43 -19.86
CA SER D 110 -24.42 41.78 -19.35
C SER D 110 -25.26 42.46 -20.44
N GLY D 111 -26.56 42.21 -20.41
CA GLY D 111 -27.46 42.75 -21.42
C GLY D 111 -27.82 44.22 -21.29
N VAL D 112 -27.31 44.88 -20.25
CA VAL D 112 -27.61 46.29 -20.00
C VAL D 112 -26.33 47.08 -19.74
N GLU D 113 -26.37 48.39 -19.92
CA GLU D 113 -25.15 49.21 -19.83
C GLU D 113 -24.50 49.22 -18.45
N SER D 114 -25.29 49.17 -17.39
CA SER D 114 -24.73 49.12 -16.04
C SER D 114 -25.72 48.62 -14.99
N ASP D 115 -25.18 48.29 -13.82
CA ASP D 115 -25.96 47.76 -12.72
C ASP D 115 -26.74 46.56 -13.17
N GLY D 116 -26.16 45.78 -14.07
CA GLY D 116 -26.83 44.60 -14.61
C GLY D 116 -27.06 43.51 -13.57
N ARG D 117 -28.13 42.75 -13.74
CA ARG D 117 -28.44 41.71 -12.79
C ARG D 117 -27.42 40.55 -12.82
N LYS D 118 -27.03 40.07 -11.65
CA LYS D 118 -25.92 39.14 -11.53
C LYS D 118 -26.26 37.66 -11.73
N LEU D 119 -25.32 36.93 -12.30
CA LEU D 119 -25.46 35.48 -12.49
C LEU D 119 -25.36 34.83 -11.12
N VAL D 120 -26.34 34.00 -10.78
CA VAL D 120 -26.36 33.35 -9.46
C VAL D 120 -25.47 32.12 -9.47
N ASN D 121 -24.22 32.33 -9.05
CA ASN D 121 -23.26 31.25 -8.70
C ASN D 121 -23.07 30.16 -9.75
N PRO D 122 -22.60 30.55 -10.96
CA PRO D 122 -22.28 29.53 -11.97
C PRO D 122 -21.08 28.67 -11.59
N LEU D 123 -20.39 28.98 -10.50
CA LEU D 123 -19.36 28.06 -9.96
C LEU D 123 -19.93 27.04 -8.95
N GLY D 124 -21.20 27.20 -8.56
CA GLY D 124 -21.75 26.49 -7.41
C GLY D 124 -21.77 24.97 -7.47
N GLY D 125 -21.57 24.38 -8.64
CA GLY D 125 -21.50 22.92 -8.72
C GLY D 125 -20.09 22.33 -8.68
N GLY D 126 -19.04 23.17 -8.65
CA GLY D 126 -17.67 22.69 -8.82
C GLY D 126 -16.95 22.22 -7.55
N GLY D 127 -17.60 22.40 -6.40
CA GLY D 127 -17.06 21.97 -5.11
C GLY D 127 -16.87 20.47 -4.92
N HIS D 128 -15.70 20.12 -4.41
CA HIS D 128 -15.36 18.77 -4.02
C HIS D 128 -15.85 18.57 -2.60
N GLN D 129 -16.96 17.83 -2.45
CA GLN D 129 -17.63 17.66 -1.16
C GLN D 129 -16.73 16.91 -0.17
N VAL D 130 -16.71 17.32 1.09
CA VAL D 130 -16.05 16.55 2.14
C VAL D 130 -16.77 15.20 2.35
N ASP D 131 -18.11 15.21 2.41
CA ASP D 131 -18.88 13.97 2.56
C ASP D 131 -20.14 13.95 1.70
N GLY D 132 -21.03 13.00 2.02
CA GLY D 132 -22.18 12.66 1.20
C GLY D 132 -21.71 12.24 -0.19
N ALA D 133 -22.61 12.32 -1.15
CA ALA D 133 -22.29 12.12 -2.55
C ALA D 133 -21.66 13.40 -3.12
N ASP D 134 -20.69 13.27 -4.03
CA ASP D 134 -20.02 14.46 -4.60
C ASP D 134 -20.97 15.26 -5.50
N SER D 135 -20.63 16.55 -5.63
CA SER D 135 -21.43 17.51 -6.37
CA SER D 135 -21.40 17.54 -6.40
C SER D 135 -21.91 17.02 -7.76
N ASP D 136 -21.11 16.21 -8.45
CA ASP D 136 -21.57 15.66 -9.73
C ASP D 136 -22.13 14.22 -9.63
N ASN D 137 -22.27 13.68 -8.43
CA ASN D 137 -22.53 12.25 -8.33
C ASN D 137 -23.93 11.83 -7.84
N ILE D 138 -24.92 12.71 -8.04
CA ILE D 138 -26.34 12.33 -7.85
C ILE D 138 -27.11 12.45 -9.19
N PHE D 139 -27.65 11.34 -9.68
CA PHE D 139 -28.40 11.36 -10.92
C PHE D 139 -29.67 12.23 -10.81
N ILE D 140 -29.97 12.94 -11.90
CA ILE D 140 -31.34 13.41 -12.15
C ILE D 140 -31.68 13.09 -13.62
N LYS D 141 -32.96 12.84 -13.89
CA LYS D 141 -33.41 12.53 -15.25
C LYS D 141 -33.16 13.68 -16.19
N GLN D 142 -33.02 13.38 -17.47
CA GLN D 142 -32.87 14.46 -18.44
C GLN D 142 -34.16 15.26 -18.48
N PRO D 143 -34.07 16.58 -18.75
CA PRO D 143 -35.27 17.38 -18.98
C PRO D 143 -35.83 17.18 -20.39
N ASP D 144 -37.16 17.16 -20.51
CA ASP D 144 -37.82 17.14 -21.83
C ASP D 144 -37.20 18.16 -22.75
N ASN D 145 -37.14 17.86 -24.04
CA ASN D 145 -36.65 18.78 -25.07
C ASN D 145 -37.54 20.00 -25.37
N LEU D 146 -36.92 21.08 -25.83
CA LEU D 146 -37.63 22.30 -26.17
C LEU D 146 -38.88 22.02 -26.99
N LEU D 147 -38.70 21.26 -28.07
CA LEU D 147 -39.77 20.99 -29.00
C LEU D 147 -40.70 19.88 -28.57
N SER D 148 -40.38 19.21 -27.46
CA SER D 148 -41.13 18.00 -27.05
C SER D 148 -42.59 18.25 -26.78
N GLU D 149 -43.38 17.18 -26.87
CA GLU D 149 -44.80 17.28 -26.61
C GLU D 149 -45.04 17.58 -25.13
N ARG D 150 -44.32 16.89 -24.25
CA ARG D 150 -44.58 17.03 -22.81
C ARG D 150 -44.20 18.41 -22.27
N LEU D 151 -43.14 19.01 -22.82
CA LEU D 151 -42.76 20.36 -22.42
C LEU D 151 -43.91 21.32 -22.72
N ALA D 152 -44.50 21.23 -23.93
CA ALA D 152 -45.64 22.06 -24.31
C ALA D 152 -46.74 21.92 -23.26
N ALA D 153 -46.99 20.68 -22.84
CA ALA D 153 -48.02 20.42 -21.84
C ALA D 153 -47.65 21.06 -20.50
N GLN D 154 -46.39 20.91 -20.09
CA GLN D 154 -45.96 21.49 -18.84
C GLN D 154 -46.12 23.00 -18.84
N GLN D 155 -45.66 23.67 -19.89
CA GLN D 155 -45.88 25.11 -20.05
C GLN D 155 -47.39 25.46 -19.95
N ALA D 156 -48.23 24.81 -20.75
CA ALA D 156 -49.70 24.86 -20.53
C ALA D 156 -50.09 24.83 -19.05
N GLU D 157 -49.61 23.82 -18.32
CA GLU D 157 -49.92 23.75 -16.89
C GLU D 157 -49.53 25.02 -16.14
N VAL D 158 -48.36 25.57 -16.45
CA VAL D 158 -47.86 26.79 -15.78
C VAL D 158 -48.66 28.05 -16.13
N TYR D 159 -49.06 28.19 -17.39
CA TYR D 159 -50.01 29.25 -17.80
C TYR D 159 -51.35 29.17 -17.05
N TRP D 160 -51.88 27.95 -16.91
CA TRP D 160 -53.12 27.71 -16.21
C TRP D 160 -53.00 28.08 -14.77
N MET D 161 -51.87 27.68 -14.14
CA MET D 161 -51.59 28.03 -12.77
C MET D 161 -51.60 29.55 -12.64
N ALA D 162 -50.94 30.21 -13.58
CA ALA D 162 -50.86 31.68 -13.62
C ALA D 162 -52.25 32.31 -13.60
N LEU D 163 -53.15 31.81 -14.45
CA LEU D 163 -54.49 32.35 -14.56
C LEU D 163 -55.34 32.05 -13.32
N LEU D 164 -54.94 31.03 -12.54
CA LEU D 164 -55.80 30.58 -11.43
C LEU D 164 -55.24 30.92 -10.06
N ARG D 165 -54.20 31.78 -10.08
CA ARG D 165 -53.44 32.26 -8.93
C ARG D 165 -54.31 32.71 -7.75
N ASP D 166 -55.35 33.50 -8.04
CA ASP D 166 -56.23 34.03 -7.00
C ASP D 166 -57.49 33.23 -6.69
N ILE D 167 -57.62 32.01 -7.19
CA ILE D 167 -58.77 31.20 -6.77
C ILE D 167 -58.54 30.33 -5.52
N PRO D 168 -59.31 30.58 -4.46
CA PRO D 168 -59.17 29.79 -3.24
C PRO D 168 -59.25 28.30 -3.52
N PHE D 169 -58.30 27.53 -3.03
CA PHE D 169 -58.24 26.09 -3.25
C PHE D 169 -59.57 25.42 -2.87
N SER D 170 -60.30 26.03 -1.94
CA SER D 170 -61.57 25.52 -1.46
C SER D 170 -62.66 25.58 -2.52
N GLN D 171 -62.45 26.40 -3.54
CA GLN D 171 -63.43 26.57 -4.61
C GLN D 171 -63.11 25.73 -5.84
N PHE D 172 -62.12 24.85 -5.76
CA PHE D 172 -61.64 24.12 -6.93
C PHE D 172 -62.66 23.13 -7.46
N GLY D 173 -63.42 22.50 -6.56
CA GLY D 173 -64.50 21.58 -6.92
C GLY D 173 -65.64 22.19 -7.74
N THR D 174 -65.94 23.47 -7.54
CA THR D 174 -67.15 24.08 -8.11
C THR D 174 -66.89 25.14 -9.15
N ASN D 175 -65.71 25.75 -9.09
CA ASN D 175 -65.37 26.85 -9.95
C ASN D 175 -65.33 26.48 -11.44
N ASN D 176 -65.97 27.31 -12.25
CA ASN D 176 -65.99 27.15 -13.71
C ASN D 176 -64.61 27.28 -14.38
N THR D 177 -63.82 28.26 -13.96
CA THR D 177 -62.54 28.50 -14.61
C THR D 177 -61.48 27.43 -14.26
N VAL D 178 -61.59 26.84 -13.07
CA VAL D 178 -60.78 25.69 -12.71
C VAL D 178 -61.15 24.53 -13.63
N GLN D 179 -62.45 24.32 -13.80
CA GLN D 179 -62.94 23.23 -14.64
C GLN D 179 -62.52 23.40 -16.10
N MET D 180 -62.49 24.65 -16.57
CA MET D 180 -61.98 24.94 -17.91
C MET D 180 -60.49 24.60 -18.06
N ALA D 181 -59.74 24.79 -16.97
CA ALA D 181 -58.31 24.45 -16.96
C ALA D 181 -58.13 22.95 -17.00
N VAL D 182 -58.91 22.23 -16.19
CA VAL D 182 -58.83 20.79 -16.14
C VAL D 182 -59.14 20.14 -17.49
N VAL D 183 -60.17 20.63 -18.17
CA VAL D 183 -60.60 20.01 -19.42
C VAL D 183 -59.49 20.25 -20.44
N ASN D 184 -58.92 21.46 -20.42
CA ASN D 184 -57.86 21.78 -21.34
C ASN D 184 -56.64 20.85 -21.21
N LEU D 185 -56.16 20.62 -19.99
CA LEU D 185 -54.93 19.84 -19.78
C LEU D 185 -55.14 18.36 -20.02
N GLN D 186 -56.36 17.90 -19.76
CA GLN D 186 -56.70 16.52 -20.11
C GLN D 186 -56.63 16.29 -21.60
N GLY D 187 -56.82 17.35 -22.39
CA GLY D 187 -56.61 17.30 -23.83
C GLY D 187 -55.17 17.04 -24.30
N PHE D 188 -54.19 17.22 -23.42
CA PHE D 188 -52.79 16.95 -23.78
C PHE D 188 -52.51 15.46 -23.54
N ASP D 189 -52.27 14.73 -24.62
CA ASP D 189 -52.01 13.29 -24.54
C ASP D 189 -50.68 13.04 -23.87
N ALA D 190 -49.76 13.97 -24.09
CA ALA D 190 -48.42 13.91 -23.53
C ALA D 190 -48.30 14.27 -22.04
N PHE D 191 -49.43 14.58 -21.36
CA PHE D 191 -49.40 15.03 -19.96
C PHE D 191 -49.50 13.83 -19.03
N ASN D 192 -48.40 13.07 -19.01
CA ASN D 192 -48.24 11.90 -18.17
C ASN D 192 -46.79 11.80 -17.72
N GLY D 193 -46.57 10.97 -16.71
CA GLY D 193 -45.29 10.95 -16.02
C GLY D 193 -45.35 12.08 -15.01
N LEU D 194 -44.17 12.52 -14.57
CA LEU D 194 -44.00 13.69 -13.70
C LEU D 194 -44.83 13.68 -12.42
N SER D 195 -45.07 12.51 -11.83
CA SER D 195 -45.96 12.38 -10.66
C SER D 195 -47.32 13.09 -10.80
N ILE D 196 -47.81 13.24 -12.04
CA ILE D 196 -49.12 13.84 -12.26
C ILE D 196 -50.15 12.96 -11.56
N SER D 197 -51.12 13.59 -10.89
CA SER D 197 -52.07 12.94 -10.02
C SER D 197 -53.43 12.80 -10.76
N ARG D 198 -54.03 11.61 -10.68
CA ARG D 198 -55.29 11.31 -11.38
C ARG D 198 -56.24 10.47 -10.52
N ASP D 199 -57.53 10.46 -10.84
CA ASP D 199 -58.45 9.62 -10.10
C ASP D 199 -58.46 8.20 -10.68
N ALA D 200 -59.15 7.30 -10.00
CA ALA D 200 -59.21 5.90 -10.39
C ALA D 200 -59.63 5.67 -11.85
N ASP D 201 -60.23 6.68 -12.49
CA ASP D 201 -60.60 6.60 -13.91
C ASP D 201 -59.59 7.22 -14.86
N GLY D 202 -58.57 7.90 -14.34
CA GLY D 202 -57.56 8.52 -15.21
C GLY D 202 -57.89 9.96 -15.53
N ASN D 203 -58.94 10.48 -14.89
CA ASN D 203 -59.32 11.88 -14.98
C ASN D 203 -58.58 12.75 -13.95
N ILE D 204 -58.43 14.03 -14.24
CA ILE D 204 -57.84 14.97 -13.29
C ILE D 204 -58.96 15.68 -12.49
N ASP D 205 -59.23 15.18 -11.29
CA ASP D 205 -60.20 15.83 -10.41
C ASP D 205 -59.75 17.27 -10.05
N PRO D 206 -60.62 18.26 -10.27
CA PRO D 206 -60.24 19.63 -9.92
C PRO D 206 -59.85 19.82 -8.44
N MET D 207 -60.66 19.33 -7.51
CA MET D 207 -60.41 19.53 -6.08
CA MET D 207 -60.43 19.51 -6.07
C MET D 207 -59.18 18.78 -5.59
N GLN D 208 -59.04 17.52 -5.99
CA GLN D 208 -57.99 16.68 -5.42
C GLN D 208 -56.72 16.43 -6.26
N ASP D 209 -56.81 16.61 -7.58
CA ASP D 209 -55.70 16.27 -8.48
C ASP D 209 -55.00 17.48 -9.07
N LEU D 210 -55.78 18.47 -9.50
CA LEU D 210 -55.20 19.63 -10.19
C LEU D 210 -54.04 20.26 -9.42
N PHE D 211 -52.89 20.41 -10.11
CA PHE D 211 -51.65 20.99 -9.55
C PHE D 211 -51.03 20.20 -8.38
N ARG D 212 -51.42 18.93 -8.26
CA ARG D 212 -50.87 18.09 -7.20
C ARG D 212 -49.89 17.06 -7.73
N THR D 213 -49.20 16.37 -6.81
CA THR D 213 -48.38 15.20 -7.17
C THR D 213 -49.07 13.95 -6.65
N ASP D 214 -48.78 12.79 -7.27
CA ASP D 214 -49.32 11.53 -6.74
C ASP D 214 -48.49 10.87 -5.62
N TRP D 215 -47.55 11.58 -5.01
CA TRP D 215 -46.80 11.03 -3.89
C TRP D 215 -47.76 10.74 -2.80
N PRO D 216 -47.47 9.75 -1.93
CA PRO D 216 -48.47 9.28 -0.98
C PRO D 216 -49.06 10.39 -0.11
N GLY D 217 -50.37 10.58 -0.24
CA GLY D 217 -51.10 11.46 0.67
C GLY D 217 -51.28 12.85 0.14
N VAL D 218 -50.46 13.24 -0.82
CA VAL D 218 -50.48 14.60 -1.34
C VAL D 218 -51.84 14.98 -1.96
N SER D 219 -52.60 13.98 -2.44
CA SER D 219 -53.90 14.28 -3.02
C SER D 219 -55.08 13.86 -2.12
N SER D 220 -54.79 13.59 -0.85
CA SER D 220 -55.82 13.40 0.18
C SER D 220 -56.04 14.71 0.92
N GLY D 221 -57.30 15.09 1.07
CA GLY D 221 -57.63 16.27 1.84
C GLY D 221 -57.12 17.52 1.17
N PRO D 222 -56.84 18.57 1.96
CA PRO D 222 -56.53 19.92 1.48
C PRO D 222 -55.22 19.97 0.68
N MET D 223 -55.15 20.93 -0.23
CA MET D 223 -53.93 21.17 -1.02
C MET D 223 -52.73 21.47 -0.10
N VAL D 224 -52.92 22.38 0.84
CA VAL D 224 -51.83 22.90 1.68
C VAL D 224 -51.48 22.02 2.87
N SER D 225 -50.22 21.63 2.97
CA SER D 225 -49.78 20.88 4.14
C SER D 225 -50.27 21.45 5.48
N GLN D 226 -50.77 20.55 6.33
CA GLN D 226 -51.03 20.86 7.74
C GLN D 226 -49.88 21.60 8.43
N PHE D 227 -48.65 21.24 8.10
CA PHE D 227 -47.47 21.90 8.69
C PHE D 227 -47.31 23.37 8.31
N MET D 228 -47.84 23.77 7.15
CA MET D 228 -47.75 25.16 6.71
CA MET D 228 -47.77 25.16 6.67
C MET D 228 -48.92 26.03 7.22
N LEU D 229 -49.81 25.42 7.99
CA LEU D 229 -50.99 26.09 8.52
C LEU D 229 -51.02 26.12 10.04
N ALA D 230 -50.16 25.34 10.68
CA ALA D 230 -50.15 25.21 12.14
C ALA D 230 -49.27 26.29 12.79
N ASN D 231 -49.64 26.68 14.01
CA ASN D 231 -48.75 27.44 14.87
C ASN D 231 -47.45 26.69 15.19
N PHE D 232 -46.35 27.42 15.26
CA PHE D 232 -45.10 26.89 15.76
C PHE D 232 -44.51 27.84 16.80
N ASP D 233 -43.66 27.27 17.65
CA ASP D 233 -43.03 27.95 18.76
CA ASP D 233 -43.03 27.99 18.74
C ASP D 233 -41.55 28.14 18.45
N ILE D 234 -41.05 29.37 18.50
CA ILE D 234 -39.61 29.57 18.41
C ILE D 234 -39.09 30.35 19.62
N ASP D 235 -38.24 29.72 20.42
CA ASP D 235 -37.73 30.34 21.65
C ASP D 235 -38.83 30.86 22.60
N GLY D 236 -39.97 30.17 22.64
CA GLY D 236 -41.07 30.58 23.52
C GLY D 236 -41.96 31.62 22.84
N ILE D 237 -41.67 31.92 21.57
CA ILE D 237 -42.48 32.84 20.77
C ILE D 237 -43.44 32.01 19.95
N VAL D 238 -44.72 32.11 20.28
CA VAL D 238 -45.77 31.44 19.56
C VAL D 238 -46.07 32.20 18.28
N VAL D 239 -45.93 31.53 17.13
CA VAL D 239 -46.13 32.14 15.83
C VAL D 239 -47.29 31.51 15.05
N GLU D 240 -48.26 32.31 14.61
CA GLU D 240 -49.25 31.91 13.59
C GLU D 240 -48.70 32.16 12.19
N PRO D 241 -48.78 31.15 11.31
CA PRO D 241 -48.23 31.30 9.96
C PRO D 241 -49.11 32.22 9.09
N LYS D 242 -49.25 33.49 9.51
CA LYS D 242 -49.86 34.55 8.69
C LYS D 242 -48.77 35.34 8.00
N ALA D 243 -48.80 35.35 6.67
CA ALA D 243 -47.67 35.81 5.90
C ALA D 243 -47.99 37.03 5.04
N LYS D 244 -47.00 37.92 4.91
N LYS D 244 -46.99 37.90 4.91
CA LYS D 244 -47.08 39.04 3.99
CA LYS D 244 -47.02 39.03 4.00
C LYS D 244 -46.85 38.53 2.58
C LYS D 244 -46.83 38.50 2.58
N THR D 245 -47.85 37.79 2.11
CA THR D 245 -47.94 37.23 0.76
C THR D 245 -47.92 38.26 -0.39
N LEU D 246 -47.96 37.75 -1.62
CA LEU D 246 -47.97 38.57 -2.82
C LEU D 246 -49.33 39.21 -3.05
N VAL D 247 -49.35 40.44 -3.53
CA VAL D 247 -50.63 41.15 -3.78
C VAL D 247 -51.56 40.48 -4.83
N PRO D 248 -52.84 40.21 -4.47
CA PRO D 248 -53.81 39.67 -5.45
C PRO D 248 -53.94 40.54 -6.71
N GLU D 249 -54.11 39.88 -7.85
CA GLU D 249 -54.45 40.55 -9.12
C GLU D 249 -53.41 41.54 -9.68
N MET D 250 -52.14 41.19 -9.51
CA MET D 250 -51.05 42.01 -10.00
C MET D 250 -49.96 41.06 -10.57
N GLU D 251 -49.83 41.00 -11.89
CA GLU D 251 -48.80 40.16 -12.53
C GLU D 251 -47.70 41.03 -13.10
N TYR D 252 -46.67 40.38 -13.66
CA TYR D 252 -45.49 41.07 -14.21
C TYR D 252 -45.05 40.48 -15.51
N MET D 253 -44.27 41.27 -16.24
CA MET D 253 -43.63 40.85 -17.47
C MET D 253 -44.71 40.47 -18.49
N THR D 254 -45.72 41.32 -18.57
CA THR D 254 -46.91 41.03 -19.39
C THR D 254 -46.87 41.80 -20.71
N GLY D 255 -45.76 42.48 -20.99
CA GLY D 255 -45.54 43.15 -22.25
C GLY D 255 -44.11 42.94 -22.72
N VAL D 256 -43.90 42.90 -24.02
CA VAL D 256 -42.55 42.66 -24.54
C VAL D 256 -41.55 43.58 -23.86
N ASP D 257 -41.89 44.85 -23.69
CA ASP D 257 -40.91 45.78 -23.11
C ASP D 257 -40.40 45.34 -21.72
N THR D 258 -41.30 44.90 -20.84
CA THR D 258 -40.92 44.57 -19.46
C THR D 258 -40.30 43.18 -19.38
N TRP D 259 -40.79 42.26 -20.22
CA TRP D 259 -40.18 40.94 -20.33
C TRP D 259 -38.79 41.07 -20.92
N LEU D 260 -38.67 41.73 -22.07
CA LEU D 260 -37.33 41.96 -22.66
C LEU D 260 -36.36 42.57 -21.65
N ASN D 261 -36.80 43.60 -20.94
CA ASN D 261 -35.95 44.29 -19.97
C ASN D 261 -35.37 43.30 -18.95
N ILE D 262 -36.22 42.39 -18.47
CA ILE D 262 -35.84 41.37 -17.50
C ILE D 262 -34.86 40.35 -18.08
N GLN D 263 -35.10 39.92 -19.33
CA GLN D 263 -34.18 38.97 -19.96
C GLN D 263 -32.77 39.57 -20.08
N ASN D 264 -32.70 40.88 -20.28
CA ASN D 264 -31.41 41.57 -20.43
C ASN D 264 -30.65 41.91 -19.15
N GLY D 265 -31.30 41.73 -18.01
CA GLY D 265 -30.68 42.03 -16.74
C GLY D 265 -31.01 43.39 -16.14
N GLY D 266 -31.94 44.12 -16.74
CA GLY D 266 -32.37 45.44 -16.21
C GLY D 266 -33.20 45.38 -14.91
N PRO D 267 -33.37 46.54 -14.22
CA PRO D 267 -34.21 46.63 -13.01
C PRO D 267 -35.62 46.15 -13.24
N PRO D 268 -36.07 45.21 -12.40
CA PRO D 268 -37.44 44.71 -12.50
C PRO D 268 -38.47 45.70 -11.97
N GLU D 269 -39.73 45.53 -12.38
CA GLU D 269 -40.86 46.20 -11.70
C GLU D 269 -40.85 45.77 -10.22
N ASP D 270 -41.22 46.73 -9.37
CA ASP D 270 -41.33 46.57 -7.91
C ASP D 270 -42.27 45.41 -7.51
N THR D 271 -41.75 44.38 -6.86
CA THR D 271 -42.60 43.28 -6.38
C THR D 271 -43.32 43.78 -5.12
N LEU D 272 -44.61 43.47 -5.01
CA LEU D 272 -45.45 44.07 -3.98
C LEU D 272 -46.05 42.98 -3.08
N PHE D 273 -46.06 43.24 -1.78
CA PHE D 273 -46.51 42.29 -0.75
C PHE D 273 -47.65 42.90 0.06
N VAL D 274 -48.62 42.09 0.48
CA VAL D 274 -49.75 42.60 1.24
C VAL D 274 -49.34 43.28 2.56
N ASP D 275 -50.13 44.28 2.95
CA ASP D 275 -49.90 45.03 4.19
C ASP D 275 -50.25 44.14 5.37
N GLU D 276 -51.36 43.42 5.23
CA GLU D 276 -51.92 42.63 6.31
C GLU D 276 -51.74 41.14 6.00
N PRO D 277 -50.98 40.43 6.86
CA PRO D 277 -50.56 39.03 6.72
C PRO D 277 -51.75 38.06 6.72
N LEU D 278 -51.60 36.98 5.97
CA LEU D 278 -52.70 36.08 5.69
C LEU D 278 -52.18 34.63 5.69
N PHE D 279 -53.06 33.68 5.99
CA PHE D 279 -52.77 32.25 5.88
C PHE D 279 -52.80 31.83 4.40
N ILE D 280 -52.08 30.77 4.03
CA ILE D 280 -52.08 30.26 2.63
C ILE D 280 -53.44 29.69 2.18
N ARG D 281 -54.01 30.32 1.16
CA ARG D 281 -55.33 29.89 0.66
C ARG D 281 -55.47 29.73 -0.86
N ASN D 282 -54.44 30.08 -1.63
CA ASN D 282 -54.52 29.97 -3.09
C ASN D 282 -53.12 29.83 -3.75
N GLY D 283 -53.09 29.63 -5.06
CA GLY D 283 -51.82 29.44 -5.75
C GLY D 283 -50.86 30.61 -5.57
N ARG D 284 -51.37 31.84 -5.57
CA ARG D 284 -50.50 33.00 -5.34
C ARG D 284 -49.81 32.94 -3.96
N ASP D 285 -50.50 32.40 -2.94
CA ASP D 285 -49.90 32.18 -1.61
C ASP D 285 -48.76 31.15 -1.58
N LEU D 286 -48.95 30.03 -2.31
CA LEU D 286 -47.90 29.03 -2.55
C LEU D 286 -46.70 29.61 -3.29
N ALA D 287 -46.98 30.35 -4.36
CA ALA D 287 -45.96 31.10 -5.03
C ALA D 287 -45.17 31.94 -4.03
N ALA D 288 -45.90 32.65 -3.15
CA ALA D 288 -45.26 33.61 -2.23
C ALA D 288 -44.35 32.86 -1.24
N LEU D 289 -44.88 31.76 -0.70
CA LEU D 289 -44.10 30.91 0.17
C LEU D 289 -42.72 30.57 -0.44
N SER D 290 -42.72 30.18 -1.71
CA SER D 290 -41.53 29.72 -2.41
C SER D 290 -40.64 30.87 -2.90
N PHE D 291 -41.13 32.09 -2.83
CA PHE D 291 -40.32 33.27 -3.09
C PHE D 291 -39.74 33.82 -1.78
N ASN D 292 -40.48 33.65 -0.68
CA ASN D 292 -40.20 34.30 0.60
C ASN D 292 -39.35 33.41 1.53
N ASP D 293 -39.16 32.16 1.15
CA ASP D 293 -38.46 31.21 2.01
C ASP D 293 -36.94 31.31 1.88
N VAL D 294 -36.23 30.67 2.80
CA VAL D 294 -34.75 30.68 2.76
C VAL D 294 -34.29 29.31 3.19
N LEU D 295 -33.90 28.50 2.22
CA LEU D 295 -33.41 27.14 2.47
C LEU D 295 -34.34 26.33 3.41
N TYR D 296 -33.87 25.94 4.59
CA TYR D 296 -34.69 25.10 5.48
C TYR D 296 -35.77 25.79 6.34
N THR D 297 -36.20 27.00 5.97
CA THR D 297 -37.23 27.67 6.78
C THR D 297 -38.51 26.85 6.95
N GLU D 298 -39.09 26.35 5.85
CA GLU D 298 -40.33 25.55 5.93
C GLU D 298 -40.08 24.24 6.64
N ALA D 299 -38.91 23.64 6.42
CA ALA D 299 -38.57 22.38 7.07
C ALA D 299 -38.38 22.56 8.59
N PHE D 300 -37.78 23.69 8.95
CA PHE D 300 -37.56 24.08 10.34
C PHE D 300 -38.90 24.23 11.05
N ARG D 301 -39.85 24.88 10.41
CA ARG D 301 -41.17 25.01 10.98
C ARG D 301 -41.77 23.64 11.23
N THR D 302 -41.63 22.73 10.26
CA THR D 302 -42.33 21.46 10.38
C THR D 302 -41.71 20.54 11.44
N ILE D 303 -40.39 20.57 11.58
CA ILE D 303 -39.78 19.78 12.66
C ILE D 303 -40.13 20.35 14.04
N LEU D 304 -40.17 21.69 14.17
CA LEU D 304 -40.55 22.31 15.44
C LEU D 304 -42.00 21.92 15.80
N ILE D 305 -42.89 21.85 14.81
CA ILE D 305 -44.23 21.35 15.06
C ILE D 305 -44.22 19.89 15.51
N MET D 306 -43.49 19.04 14.78
CA MET D 306 -43.33 17.63 15.14
C MET D 306 -42.81 17.39 16.56
N PHE D 307 -41.80 18.15 16.96
CA PHE D 307 -41.34 18.20 18.35
C PHE D 307 -42.41 18.59 19.32
N ASN D 308 -42.98 19.78 19.14
CA ASN D 308 -43.96 20.28 20.08
C ASN D 308 -45.05 19.22 20.28
N GLU D 309 -45.42 18.55 19.20
CA GLU D 309 -46.48 17.54 19.25
C GLU D 309 -46.03 16.23 19.93
N SER D 310 -44.74 16.05 20.10
CA SER D 310 -44.14 14.90 20.78
C SER D 310 -44.05 13.59 19.98
N ILE D 311 -44.35 13.63 18.70
CA ILE D 311 -44.25 12.46 17.81
C ILE D 311 -42.81 11.91 17.60
N LEU D 312 -41.81 12.79 17.61
CA LEU D 312 -40.42 12.37 17.43
C LEU D 312 -39.81 11.79 18.70
N ALA D 313 -40.42 12.03 19.85
CA ALA D 313 -39.97 11.42 21.12
C ALA D 313 -40.08 9.91 21.04
N GLU D 314 -40.99 9.42 20.19
CA GLU D 314 -41.23 7.97 20.06
C GLU D 314 -40.55 7.24 18.90
N ALA D 315 -39.85 7.98 18.04
CA ALA D 315 -39.18 7.37 16.89
C ALA D 315 -37.86 6.68 17.28
N GLY D 316 -37.40 5.74 16.47
CA GLY D 316 -36.06 5.16 16.65
C GLY D 316 -35.96 4.32 17.91
N PRO D 317 -34.75 3.81 18.22
CA PRO D 317 -34.55 2.89 19.36
C PRO D 317 -35.07 3.44 20.71
N TYR D 318 -34.88 4.73 20.97
CA TYR D 318 -35.30 5.29 22.25
C TYR D 318 -36.81 5.28 22.39
N GLY D 319 -37.49 5.03 21.28
CA GLY D 319 -38.92 4.75 21.28
C GLY D 319 -39.27 3.50 22.09
N SER D 320 -38.28 2.64 22.35
CA SER D 320 -38.50 1.44 23.15
C SER D 320 -37.84 1.55 24.52
N SER D 321 -37.16 2.66 24.78
CA SER D 321 -36.37 2.81 26.02
C SER D 321 -37.17 3.41 27.14
N THR D 322 -36.98 2.83 28.30
CA THR D 322 -37.73 3.24 29.45
C THR D 322 -36.81 4.08 30.36
N ARG D 323 -35.51 3.84 30.26
CA ARG D 323 -34.56 4.53 31.09
C ARG D 323 -33.88 5.73 30.43
N GLN D 324 -33.90 5.80 29.10
CA GLN D 324 -33.13 6.82 28.36
C GLN D 324 -33.96 7.46 27.25
N GLU D 325 -33.55 8.67 26.85
CA GLU D 325 -34.03 9.31 25.61
C GLU D 325 -32.79 9.73 24.80
N GLY D 326 -32.94 9.89 23.48
CA GLY D 326 -31.83 10.24 22.61
C GLY D 326 -31.62 11.75 22.55
N PHE D 327 -30.47 12.19 22.04
CA PHE D 327 -30.28 13.61 21.77
C PHE D 327 -29.34 13.85 20.59
N THR D 328 -28.05 13.62 20.80
CA THR D 328 -27.04 13.88 19.79
C THR D 328 -27.04 12.77 18.74
N THR D 329 -27.50 11.59 19.15
CA THR D 329 -27.60 10.47 18.25
C THR D 329 -28.95 9.80 18.48
N LEU D 330 -29.77 9.77 17.42
CA LEU D 330 -31.14 9.26 17.46
C LEU D 330 -32.05 9.95 18.49
N GLY D 331 -31.94 11.27 18.50
CA GLY D 331 -32.79 12.17 19.25
C GLY D 331 -32.78 13.54 18.57
N THR D 332 -33.36 14.52 19.25
CA THR D 332 -33.60 15.88 18.73
C THR D 332 -32.44 16.62 18.03
N SER D 333 -31.27 16.67 18.66
CA SER D 333 -30.10 17.32 18.04
C SER D 333 -29.71 16.63 16.74
N HIS D 334 -29.63 15.32 16.77
CA HIS D 334 -29.29 14.58 15.56
C HIS D 334 -30.29 14.89 14.47
N TYR D 335 -31.56 14.66 14.80
CA TYR D 335 -32.66 14.91 13.88
C TYR D 335 -32.62 16.27 13.21
N ILE D 336 -32.55 17.32 14.02
CA ILE D 336 -32.63 18.68 13.49
C ILE D 336 -31.37 19.06 12.71
N HIS D 337 -30.21 18.59 13.13
CA HIS D 337 -28.97 18.89 12.39
C HIS D 337 -28.85 18.11 11.11
N ALA D 338 -29.17 16.81 11.18
CA ALA D 338 -29.14 15.94 9.98
C ALA D 338 -30.10 16.40 8.89
N MET D 339 -31.20 16.99 9.32
CA MET D 339 -32.20 17.50 8.39
CA MET D 339 -32.21 17.52 8.41
C MET D 339 -31.61 18.63 7.57
N ALA D 340 -31.04 19.61 8.25
CA ALA D 340 -30.45 20.78 7.58
C ALA D 340 -29.33 20.42 6.60
N ALA D 341 -28.55 19.40 6.94
CA ALA D 341 -27.39 18.99 6.14
C ALA D 341 -27.80 18.14 4.96
N GLY D 342 -29.05 17.71 4.94
CA GLY D 342 -29.49 16.64 4.03
C GLY D 342 -29.43 17.00 2.55
N SER D 343 -29.38 18.28 2.24
CA SER D 343 -29.49 18.68 0.85
C SER D 343 -28.14 18.96 0.22
N SER D 344 -27.06 18.74 0.96
CA SER D 344 -25.69 18.99 0.48
C SER D 344 -25.55 20.44 -0.04
N SER D 345 -26.20 21.38 0.64
CA SER D 345 -26.15 22.81 0.32
C SER D 345 -26.59 23.10 -1.09
N THR D 346 -27.52 22.30 -1.59
CA THR D 346 -28.05 22.50 -2.93
C THR D 346 -26.97 22.36 -4.02
N ARG D 347 -25.84 21.73 -3.71
CA ARG D 347 -24.73 21.69 -4.67
C ARG D 347 -24.99 20.78 -5.87
N HIS D 348 -25.73 19.69 -5.66
CA HIS D 348 -26.09 18.78 -6.74
C HIS D 348 -26.98 19.45 -7.73
N ALA D 349 -27.85 20.36 -7.25
CA ALA D 349 -28.71 21.11 -8.15
C ALA D 349 -27.89 22.07 -8.99
N TRP D 350 -26.89 22.72 -8.37
CA TRP D 350 -26.05 23.63 -9.12
C TRP D 350 -25.25 22.91 -10.18
N TYR D 351 -24.81 21.68 -9.92
CA TYR D 351 -24.05 20.95 -10.94
C TYR D 351 -24.92 20.65 -12.14
N ALA D 352 -26.09 20.09 -11.87
CA ALA D 352 -27.06 19.76 -12.92
C ALA D 352 -27.57 20.98 -13.72
N LYS D 353 -27.73 22.15 -13.06
CA LYS D 353 -28.24 23.36 -13.72
C LYS D 353 -27.24 23.87 -14.75
N TRP D 354 -25.99 23.96 -14.34
CA TRP D 354 -25.00 24.64 -15.13
C TRP D 354 -24.15 23.69 -15.94
N GLN D 355 -23.39 22.83 -15.29
CA GLN D 355 -22.51 21.90 -16.01
C GLN D 355 -23.25 20.90 -16.90
N VAL D 356 -24.48 20.53 -16.54
CA VAL D 356 -25.19 19.56 -17.37
C VAL D 356 -26.19 20.17 -18.36
N HIS D 357 -27.29 20.75 -17.86
CA HIS D 357 -28.45 20.99 -18.74
C HIS D 357 -28.69 22.37 -19.27
N ARG D 358 -28.45 23.41 -18.47
CA ARG D 358 -28.61 24.82 -18.94
C ARG D 358 -29.95 25.11 -19.64
N VAL D 359 -31.02 24.51 -19.11
CA VAL D 359 -32.37 24.70 -19.64
C VAL D 359 -32.89 26.14 -19.46
N LEU D 360 -33.61 26.64 -20.47
CA LEU D 360 -34.32 27.92 -20.38
C LEU D 360 -35.48 27.86 -19.36
N ARG D 361 -35.83 29.04 -18.84
CA ARG D 361 -36.94 29.15 -17.88
C ARG D 361 -38.27 29.26 -18.63
N PRO D 362 -39.38 28.91 -17.95
CA PRO D 362 -40.71 29.04 -18.54
C PRO D 362 -41.00 30.43 -19.14
N GLU D 363 -40.52 31.50 -18.49
CA GLU D 363 -40.71 32.85 -19.05
C GLU D 363 -40.03 33.03 -20.41
N ALA D 364 -38.90 32.36 -20.60
CA ALA D 364 -38.15 32.44 -21.88
C ALA D 364 -38.87 31.65 -22.96
N TYR D 365 -39.53 30.56 -22.56
CA TYR D 365 -40.32 29.73 -23.46
C TYR D 365 -41.57 30.53 -23.87
N GLY D 366 -42.11 31.31 -22.93
CA GLY D 366 -43.26 32.15 -23.17
C GLY D 366 -42.96 33.17 -24.25
N GLY D 367 -41.74 33.74 -24.21
CA GLY D 367 -41.26 34.66 -25.23
C GLY D 367 -41.25 33.99 -26.60
N LEU D 368 -40.71 32.77 -26.64
CA LEU D 368 -40.78 31.95 -27.83
C LEU D 368 -42.22 31.85 -28.38
N LEU D 369 -43.12 31.35 -27.55
CA LEU D 369 -44.48 31.08 -27.97
C LEU D 369 -45.11 32.37 -28.45
N HIS D 370 -44.81 33.48 -27.77
CA HIS D 370 -45.30 34.79 -28.18
C HIS D 370 -44.80 35.12 -29.56
N PHE D 371 -43.48 35.07 -29.74
CA PHE D 371 -42.90 35.46 -31.03
C PHE D 371 -43.14 34.47 -32.17
N VAL D 372 -43.56 33.26 -31.81
CA VAL D 372 -43.98 32.27 -32.81
C VAL D 372 -45.40 32.60 -33.30
N ILE D 373 -46.30 32.90 -32.37
CA ILE D 373 -47.68 33.21 -32.76
C ILE D 373 -47.80 34.48 -33.60
N ASN D 374 -46.98 35.50 -33.31
CA ASN D 374 -47.00 36.78 -34.04
C ASN D 374 -45.96 36.91 -35.18
N ILE D 377 -42.51 37.12 -34.97
CA ILE D 377 -41.35 37.05 -35.89
C ILE D 377 -40.61 35.68 -36.04
N ASP D 378 -40.79 34.77 -35.09
CA ASP D 378 -39.95 33.55 -34.98
C ASP D 378 -40.47 32.30 -35.69
N ASP D 379 -39.57 31.36 -35.88
CA ASP D 379 -39.85 30.14 -36.62
C ASP D 379 -39.54 28.84 -35.87
N VAL D 380 -39.61 28.83 -34.55
CA VAL D 380 -39.36 27.55 -33.89
C VAL D 380 -40.63 26.68 -33.83
N PRO D 381 -40.51 25.41 -34.20
CA PRO D 381 -41.71 24.56 -34.34
C PRO D 381 -42.28 23.96 -33.05
N LEU D 382 -42.75 24.81 -32.12
CA LEU D 382 -43.40 24.35 -30.90
C LEU D 382 -44.67 23.57 -31.28
N PRO D 383 -45.08 22.58 -30.47
CA PRO D 383 -46.28 21.79 -30.82
C PRO D 383 -47.55 22.63 -31.03
N ALA D 384 -48.44 22.11 -31.88
CA ALA D 384 -49.71 22.78 -32.16
C ALA D 384 -50.62 22.72 -30.93
N SER D 385 -50.37 21.72 -30.07
CA SER D 385 -51.19 21.49 -28.86
C SER D 385 -51.09 22.69 -27.91
N ILE D 386 -50.01 23.46 -28.04
CA ILE D 386 -49.90 24.74 -27.35
C ILE D 386 -50.05 25.94 -28.29
N VAL D 387 -49.52 25.85 -29.51
CA VAL D 387 -49.57 26.94 -30.47
C VAL D 387 -51.00 27.25 -30.99
N SER D 388 -51.83 26.21 -31.06
CA SER D 388 -53.23 26.32 -31.52
C SER D 388 -54.21 26.05 -30.38
N ASN D 389 -53.79 26.30 -29.15
CA ASN D 389 -54.69 26.11 -28.03
C ASN D 389 -55.41 27.43 -27.76
N THR D 390 -56.46 27.68 -28.54
CA THR D 390 -57.19 28.95 -28.44
C THR D 390 -57.87 29.16 -27.07
N GLU D 391 -58.36 28.08 -26.46
CA GLU D 391 -58.92 28.16 -25.13
C GLU D 391 -57.91 28.83 -24.17
N LEU D 392 -56.69 28.27 -24.11
CA LEU D 392 -55.64 28.80 -23.26
C LEU D 392 -55.13 30.18 -23.72
N LEU D 393 -54.82 30.30 -24.99
CA LEU D 393 -54.19 31.52 -25.44
C LEU D 393 -55.11 32.76 -25.37
N ASN D 394 -56.44 32.53 -25.47
CA ASN D 394 -57.40 33.64 -25.28
C ASN D 394 -57.35 34.20 -23.86
N ALA D 395 -57.51 33.32 -22.87
CA ALA D 395 -57.37 33.65 -21.45
C ALA D 395 -56.05 34.38 -21.09
N VAL D 396 -54.95 33.84 -21.62
CA VAL D 396 -53.63 34.40 -21.37
C VAL D 396 -53.52 35.83 -21.88
N GLU D 397 -53.89 36.04 -23.15
CA GLU D 397 -53.78 37.36 -23.80
C GLU D 397 -54.65 38.42 -23.13
N SER D 398 -55.86 38.02 -22.73
CA SER D 398 -56.76 38.75 -21.86
C SER D 398 -56.06 39.25 -20.61
N LEU D 399 -55.51 38.30 -19.83
CA LEU D 399 -54.83 38.62 -18.57
C LEU D 399 -53.67 39.57 -18.82
N ASN D 400 -52.88 39.30 -19.85
CA ASN D 400 -51.78 40.16 -20.19
C ASN D 400 -52.28 41.58 -20.46
N GLN D 401 -53.25 41.70 -21.35
CA GLN D 401 -53.82 42.98 -21.74
C GLN D 401 -54.38 43.78 -20.55
N ALA D 402 -55.06 43.06 -19.64
CA ALA D 402 -55.56 43.62 -18.39
C ALA D 402 -54.43 44.10 -17.46
N GLN D 403 -53.19 43.65 -17.71
CA GLN D 403 -52.07 43.99 -16.84
C GLN D 403 -51.05 44.88 -17.50
N ASN D 404 -50.96 44.90 -18.84
CA ASN D 404 -49.79 45.54 -19.48
C ASN D 404 -49.99 46.94 -20.06
N GLY D 405 -51.07 47.61 -19.70
CA GLY D 405 -51.34 48.93 -20.27
C GLY D 405 -52.30 48.95 -21.45
N GLY D 406 -52.71 47.78 -21.95
CA GLY D 406 -53.73 47.74 -22.99
C GLY D 406 -53.49 46.90 -24.23
N THR D 407 -52.24 46.53 -24.47
CA THR D 407 -51.83 45.77 -25.65
C THR D 407 -52.41 44.36 -25.74
N ASN D 408 -53.11 44.14 -26.84
CA ASN D 408 -53.66 42.85 -27.19
C ASN D 408 -52.57 41.95 -27.77
N GLN D 409 -52.93 40.69 -28.00
CA GLN D 409 -52.13 39.71 -28.75
C GLN D 409 -50.72 39.44 -28.18
N VAL D 410 -50.62 39.51 -26.86
CA VAL D 410 -49.38 39.22 -26.11
C VAL D 410 -49.57 37.90 -25.37
N PHE D 411 -48.66 36.96 -25.58
CA PHE D 411 -48.85 35.58 -25.10
C PHE D 411 -47.78 35.12 -24.12
N LEU D 412 -46.97 36.09 -23.66
CA LEU D 412 -45.96 35.85 -22.65
C LEU D 412 -46.58 35.24 -21.37
N LEU D 413 -45.72 34.70 -20.51
CA LEU D 413 -46.16 34.09 -19.27
C LEU D 413 -46.18 35.17 -18.20
N PRO D 414 -47.39 35.48 -17.68
CA PRO D 414 -47.53 36.49 -16.63
C PRO D 414 -46.90 36.01 -15.34
N MET D 415 -45.82 36.70 -14.94
CA MET D 415 -45.02 36.31 -13.80
C MET D 415 -45.57 36.84 -12.48
N ALA D 416 -45.48 36.01 -11.43
CA ALA D 416 -45.91 36.39 -10.06
C ALA D 416 -45.02 37.41 -9.36
N VAL D 417 -43.77 37.59 -9.83
CA VAL D 417 -42.83 38.54 -9.23
C VAL D 417 -42.14 39.39 -10.29
N GLY D 418 -41.84 40.64 -9.96
CA GLY D 418 -41.28 41.56 -10.94
C GLY D 418 -39.97 41.12 -11.57
N GLU D 419 -39.13 40.43 -10.79
CA GLU D 419 -37.81 40.02 -11.27
C GLU D 419 -37.86 38.79 -12.16
N GLY D 420 -38.99 38.07 -12.13
CA GLY D 420 -39.13 36.79 -12.80
C GLY D 420 -38.29 35.72 -12.12
N SER D 421 -37.72 34.81 -12.89
CA SER D 421 -36.92 33.76 -12.30
C SER D 421 -35.60 34.30 -11.76
N PRO D 422 -35.02 33.57 -10.81
CA PRO D 422 -33.63 33.87 -10.51
C PRO D 422 -32.76 33.72 -11.78
N VAL D 423 -31.59 34.34 -11.77
CA VAL D 423 -30.66 34.32 -12.91
C VAL D 423 -29.82 33.04 -12.84
N HIS D 424 -30.51 31.90 -12.93
CA HIS D 424 -29.84 30.61 -13.07
C HIS D 424 -30.75 29.63 -13.78
N PRO D 425 -30.18 28.60 -14.47
CA PRO D 425 -30.99 27.73 -15.33
C PRO D 425 -32.18 27.10 -14.59
N ALA D 426 -33.15 26.63 -15.35
CA ALA D 426 -34.44 26.12 -14.83
C ALA D 426 -34.43 24.70 -14.26
N TYR D 427 -33.43 23.93 -14.63
CA TYR D 427 -33.49 22.51 -14.36
C TYR D 427 -32.21 21.95 -13.75
N PRO D 428 -32.31 21.38 -12.53
CA PRO D 428 -33.56 21.24 -11.78
C PRO D 428 -33.85 22.46 -10.90
N SER D 429 -34.92 22.36 -10.12
CA SER D 429 -35.26 23.37 -9.14
C SER D 429 -34.48 23.22 -7.82
N GLY D 430 -33.75 24.25 -7.43
CA GLY D 430 -33.01 24.24 -6.17
C GLY D 430 -33.93 24.08 -4.97
N HIS D 431 -35.10 24.72 -5.02
CA HIS D 431 -36.11 24.54 -3.98
C HIS D 431 -36.52 23.11 -3.82
N ALA D 432 -36.74 22.44 -4.95
CA ALA D 432 -37.15 21.06 -4.96
C ALA D 432 -36.07 20.16 -4.38
N ILE D 433 -34.77 20.37 -4.70
CA ILE D 433 -33.78 19.50 -4.10
CA ILE D 433 -33.74 19.53 -4.10
C ILE D 433 -33.71 19.76 -2.60
N ASN D 434 -33.83 21.02 -2.18
CA ASN D 434 -33.76 21.34 -0.73
C ASN D 434 -34.85 20.62 0.10
N LEU D 435 -36.12 20.96 -0.17
CA LEU D 435 -37.24 20.31 0.49
C LEU D 435 -37.24 18.80 0.20
N GLY D 436 -37.00 18.41 -1.05
CA GLY D 436 -36.83 17.01 -1.39
C GLY D 436 -36.00 16.30 -0.33
N ALA D 437 -34.79 16.82 -0.10
CA ALA D 437 -33.86 16.35 0.95
C ALA D 437 -34.33 16.50 2.41
N TYR D 438 -34.67 17.72 2.81
CA TYR D 438 -35.05 17.98 4.21
C TYR D 438 -36.15 17.03 4.70
N LEU D 439 -37.19 16.82 3.88
CA LEU D 439 -38.35 16.02 4.29
C LEU D 439 -38.09 14.56 4.13
N THR D 440 -37.13 14.23 3.28
CA THR D 440 -36.68 12.85 3.23
C THR D 440 -36.08 12.51 4.59
N VAL D 441 -35.26 13.40 5.17
CA VAL D 441 -34.66 13.10 6.47
C VAL D 441 -35.71 12.93 7.58
N LEU D 442 -36.70 13.82 7.63
CA LEU D 442 -37.76 13.73 8.61
C LEU D 442 -38.57 12.41 8.50
N LYS D 443 -38.92 12.01 7.28
CA LYS D 443 -39.65 10.77 7.07
C LYS D 443 -38.78 9.61 7.51
N ALA D 444 -37.47 9.71 7.27
CA ALA D 444 -36.56 8.63 7.68
C ALA D 444 -36.48 8.50 9.21
N PHE D 445 -36.39 9.63 9.91
CA PHE D 445 -36.27 9.57 11.36
C PHE D 445 -37.60 9.17 11.98
N LEU D 446 -38.70 9.62 11.41
CA LEU D 446 -40.03 9.27 11.86
C LEU D 446 -40.25 7.75 11.76
N GLY D 447 -39.92 7.18 10.61
CA GLY D 447 -40.26 5.80 10.33
C GLY D 447 -41.64 5.69 9.72
N PHE D 448 -41.86 4.58 9.02
CA PHE D 448 -43.09 4.37 8.29
C PHE D 448 -44.30 4.22 9.21
N GLU D 449 -44.15 3.46 10.29
CA GLU D 449 -45.26 3.17 11.19
C GLU D 449 -45.78 4.44 11.88
N LEU D 450 -44.86 5.31 12.31
CA LEU D 450 -45.27 6.55 12.99
C LEU D 450 -45.73 7.59 11.98
N GLY D 451 -45.29 7.43 10.72
CA GLY D 451 -45.75 8.26 9.61
C GLY D 451 -47.22 8.06 9.26
N GLN D 452 -47.79 6.96 9.75
CA GLN D 452 -49.21 6.64 9.63
C GLN D 452 -50.05 7.23 10.76
N ARG D 453 -49.42 7.92 11.69
CA ARG D 453 -50.17 8.53 12.77
C ARG D 453 -51.00 9.70 12.22
N CYS D 454 -52.21 9.86 12.76
CA CYS D 454 -53.10 10.98 12.44
C CYS D 454 -52.38 12.27 12.78
N PHE D 455 -52.42 13.24 11.88
CA PHE D 455 -52.03 14.59 12.24
C PHE D 455 -53.13 15.21 13.09
N PRO D 456 -52.79 15.70 14.29
CA PRO D 456 -53.82 16.08 15.26
C PRO D 456 -54.45 17.45 14.98
N SER D 457 -55.76 17.60 15.18
CA SER D 457 -56.50 18.88 14.96
C SER D 457 -56.28 19.57 13.61
N PRO D 458 -56.58 18.88 12.50
CA PRO D 458 -56.28 19.47 11.21
C PRO D 458 -57.15 20.69 10.91
N MET D 459 -56.56 21.67 10.23
CA MET D 459 -57.22 22.92 9.87
CA MET D 459 -57.27 22.87 9.87
C MET D 459 -56.99 23.31 8.42
N ILE D 460 -57.86 24.19 7.90
CA ILE D 460 -57.63 24.85 6.62
C ILE D 460 -57.86 26.33 6.88
N SER D 461 -57.45 27.16 5.94
CA SER D 461 -57.68 28.60 6.00
C SER D 461 -59.08 28.85 5.46
N ASN D 462 -59.75 29.90 5.94
CA ASN D 462 -60.94 30.37 5.21
C ASN D 462 -60.53 30.99 3.87
N ASP D 463 -61.50 31.37 3.03
CA ASP D 463 -61.14 31.91 1.72
C ASP D 463 -60.47 33.29 1.79
N ALA D 464 -60.71 34.05 2.86
CA ALA D 464 -60.05 35.35 2.99
C ALA D 464 -58.58 35.24 3.43
N GLY D 465 -58.20 34.07 3.96
CA GLY D 465 -56.90 33.87 4.57
C GLY D 465 -56.71 34.64 5.88
N THR D 466 -57.82 35.04 6.51
CA THR D 466 -57.77 35.83 7.74
C THR D 466 -57.97 34.94 8.96
N ASP D 467 -58.40 33.72 8.72
CA ASP D 467 -58.71 32.78 9.79
C ASP D 467 -58.64 31.32 9.36
N ARG D 468 -58.43 30.42 10.32
CA ARG D 468 -58.40 28.96 10.08
C ARG D 468 -59.66 28.31 10.66
N ILE D 469 -60.16 27.29 9.95
CA ILE D 469 -61.39 26.53 10.26
C ILE D 469 -60.97 25.07 10.48
N PRO D 470 -61.72 24.30 11.30
CA PRO D 470 -61.41 22.86 11.39
C PRO D 470 -61.69 22.08 10.09
N PHE D 471 -60.83 21.10 9.78
CA PHE D 471 -61.00 20.28 8.60
C PHE D 471 -61.80 19.02 8.96
N VAL D 472 -62.90 18.80 8.23
CA VAL D 472 -63.75 17.60 8.39
C VAL D 472 -63.71 16.81 7.09
N PRO D 473 -63.30 15.54 7.16
CA PRO D 473 -63.28 14.70 5.97
C PRO D 473 -64.68 14.55 5.35
N SER D 474 -64.75 14.53 4.03
CA SER D 474 -66.00 14.47 3.28
C SER D 474 -66.00 13.25 2.35
N ASP D 475 -66.89 13.26 1.36
CA ASP D 475 -67.08 12.11 0.48
C ASP D 475 -65.85 11.79 -0.35
N GLY D 476 -65.60 12.60 -1.38
CA GLY D 476 -64.45 12.40 -2.25
C GLY D 476 -63.17 13.11 -1.85
N ASP D 477 -62.95 13.27 -0.54
CA ASP D 477 -61.71 13.88 0.01
C ASP D 477 -60.47 13.00 -0.18
N ARG D 478 -60.67 11.70 -0.41
CA ARG D 478 -59.58 10.73 -0.52
C ARG D 478 -58.81 10.64 0.79
N VAL D 479 -59.47 10.99 1.89
CA VAL D 479 -58.83 10.82 3.18
C VAL D 479 -58.91 9.35 3.59
N GLY D 480 -57.75 8.76 3.85
CA GLY D 480 -57.66 7.36 4.27
C GLY D 480 -57.61 7.18 5.78
N THR D 481 -57.07 6.04 6.19
CA THR D 481 -56.93 5.68 7.58
C THR D 481 -55.68 6.28 8.20
N CYS D 482 -55.76 6.54 9.50
CA CYS D 482 -54.62 6.89 10.32
C CYS D 482 -54.81 6.32 11.74
N ILE D 483 -53.73 6.27 12.50
CA ILE D 483 -53.75 5.71 13.83
C ILE D 483 -53.61 6.86 14.82
N ASN D 484 -54.53 6.96 15.78
CA ASN D 484 -54.52 8.09 16.73
C ASN D 484 -53.67 7.83 17.96
N GLU D 485 -53.62 8.82 18.85
CA GLU D 485 -52.83 8.75 20.09
C GLU D 485 -53.10 7.50 20.93
N ASP D 486 -54.24 6.83 20.69
CA ASP D 486 -54.62 5.62 21.44
C ASP D 486 -54.43 4.31 20.66
N GLY D 487 -53.79 4.39 19.48
CA GLY D 487 -53.55 3.20 18.67
C GLY D 487 -54.71 2.71 17.81
N GLU D 488 -55.85 3.39 17.88
CA GLU D 488 -57.02 3.01 17.10
C GLU D 488 -56.96 3.54 15.68
N GLU D 489 -57.82 3.02 14.82
CA GLU D 489 -57.93 3.48 13.45
C GLU D 489 -59.02 4.55 13.29
N GLU D 490 -58.68 5.64 12.59
CA GLU D 490 -59.61 6.72 12.24
C GLU D 490 -59.46 7.06 10.75
N VAL D 491 -60.44 7.77 10.19
CA VAL D 491 -60.28 8.44 8.91
C VAL D 491 -59.60 9.78 9.19
N GLY D 492 -58.42 10.00 8.61
CA GLY D 492 -57.64 11.20 8.91
C GLY D 492 -56.39 11.37 8.08
N LEU D 493 -55.82 12.58 8.11
CA LEU D 493 -54.58 12.90 7.40
C LEU D 493 -53.42 12.31 8.17
N THR D 494 -52.47 11.71 7.46
CA THR D 494 -51.27 11.12 8.11
C THR D 494 -50.08 12.12 8.18
N TYR D 495 -49.13 11.86 9.07
CA TYR D 495 -47.90 12.65 9.10
C TYR D 495 -47.14 12.52 7.79
N GLU D 496 -46.99 11.29 7.33
CA GLU D 496 -46.32 11.03 6.06
C GLU D 496 -46.99 11.83 4.97
N GLY D 497 -48.32 11.72 4.90
CA GLY D 497 -49.10 12.47 3.90
C GLY D 497 -48.72 13.93 3.94
N GLU D 498 -48.74 14.51 5.14
CA GLU D 498 -48.59 15.94 5.33
C GLU D 498 -47.15 16.45 5.13
N LEU D 499 -46.17 15.60 5.43
CA LEU D 499 -44.76 15.82 5.17
C LEU D 499 -44.56 15.90 3.66
N ASN D 500 -45.06 14.89 2.95
CA ASN D 500 -45.02 14.89 1.49
C ASN D 500 -45.64 16.17 0.90
N LYS D 501 -46.75 16.61 1.48
CA LYS D 501 -47.34 17.88 1.06
C LYS D 501 -46.41 19.09 1.24
N VAL D 502 -45.53 19.08 2.25
CA VAL D 502 -44.60 20.21 2.37
C VAL D 502 -43.74 20.37 1.11
N THR D 503 -43.03 19.31 0.71
CA THR D 503 -42.14 19.40 -0.45
C THR D 503 -42.94 19.76 -1.73
N SER D 504 -44.10 19.13 -1.83
CA SER D 504 -45.02 19.33 -2.92
C SER D 504 -45.50 20.79 -2.95
N ASN D 505 -45.77 21.35 -1.77
CA ASN D 505 -46.26 22.72 -1.68
C ASN D 505 -45.21 23.67 -2.18
N VAL D 506 -43.96 23.48 -1.75
CA VAL D 506 -42.89 24.44 -2.05
C VAL D 506 -42.49 24.34 -3.50
N ALA D 507 -42.35 23.11 -3.96
CA ALA D 507 -41.85 22.84 -5.31
C ALA D 507 -42.87 23.22 -6.39
N ILE D 508 -44.13 22.84 -6.23
CA ILE D 508 -45.14 23.26 -7.20
C ILE D 508 -45.36 24.77 -7.03
N GLY D 509 -45.23 25.25 -5.79
CA GLY D 509 -45.13 26.66 -5.50
C GLY D 509 -44.27 27.45 -6.48
N ARG D 510 -43.11 26.90 -6.87
CA ARG D 510 -42.21 27.57 -7.84
C ARG D 510 -42.83 27.66 -9.25
N SER D 511 -43.72 26.73 -9.55
CA SER D 511 -44.48 26.76 -10.78
C SER D 511 -45.63 27.78 -10.70
N HIS D 512 -46.37 27.78 -9.58
CA HIS D 512 -47.36 28.80 -9.31
C HIS D 512 -46.76 30.15 -9.44
N LEU D 513 -45.47 30.24 -9.15
CA LEU D 513 -44.71 31.49 -9.25
C LEU D 513 -44.34 31.80 -10.71
N GLY D 514 -44.32 30.79 -11.54
CA GLY D 514 -43.95 30.98 -12.94
C GLY D 514 -42.50 30.67 -13.28
N VAL D 515 -41.70 30.31 -12.27
CA VAL D 515 -40.25 30.13 -12.46
C VAL D 515 -39.76 28.71 -12.81
N HIS D 516 -40.60 27.71 -12.55
CA HIS D 516 -40.28 26.32 -12.87
C HIS D 516 -41.41 25.62 -13.52
N TRP D 517 -41.10 24.62 -14.36
CA TRP D 517 -42.08 23.57 -14.75
C TRP D 517 -42.14 22.52 -13.71
N ARG D 518 -43.19 21.70 -13.80
CA ARG D 518 -43.35 20.50 -12.97
C ARG D 518 -42.09 19.60 -12.94
N MET D 519 -41.52 19.34 -14.11
CA MET D 519 -40.34 18.50 -14.18
CA MET D 519 -40.24 18.63 -14.30
C MET D 519 -39.25 18.95 -13.21
N ASP D 520 -38.99 20.26 -13.13
CA ASP D 520 -37.90 20.84 -12.35
C ASP D 520 -38.14 20.50 -10.91
N GLY D 521 -39.42 20.55 -10.54
CA GLY D 521 -39.89 20.23 -9.20
C GLY D 521 -39.85 18.76 -8.85
N VAL D 522 -40.49 17.94 -9.67
CA VAL D 522 -40.74 16.53 -9.33
C VAL D 522 -39.47 15.68 -9.46
N PHE D 523 -38.71 15.91 -10.51
CA PHE D 523 -37.43 15.21 -10.66
C PHE D 523 -36.37 15.83 -9.73
N GLY D 524 -36.53 17.11 -9.40
CA GLY D 524 -35.69 17.74 -8.38
C GLY D 524 -35.78 17.15 -6.97
N ALA D 525 -37.00 16.79 -6.53
CA ALA D 525 -37.24 16.23 -5.21
C ALA D 525 -36.57 14.88 -5.05
N GLU D 526 -36.58 14.13 -6.16
CA GLU D 526 -35.88 12.85 -6.30
C GLU D 526 -34.39 13.05 -6.18
N MET D 527 -33.88 14.15 -6.73
CA MET D 527 -32.46 14.41 -6.63
C MET D 527 -32.16 14.72 -5.17
N GLY D 528 -32.96 15.59 -4.57
CA GLY D 528 -32.83 15.88 -3.14
C GLY D 528 -32.89 14.63 -2.26
N GLU D 529 -33.87 13.78 -2.55
CA GLU D 529 -34.12 12.54 -1.81
C GLU D 529 -32.87 11.68 -1.79
N ALA D 530 -32.22 11.58 -2.95
CA ALA D 530 -31.00 10.81 -3.10
C ALA D 530 -29.84 11.42 -2.31
N GLY D 531 -29.74 12.75 -2.34
CA GLY D 531 -28.70 13.46 -1.60
C GLY D 531 -28.76 13.12 -0.12
N ALA D 532 -29.99 13.12 0.40
CA ALA D 532 -30.29 12.84 1.81
C ALA D 532 -29.98 11.39 2.24
N ILE D 533 -30.43 10.41 1.46
CA ILE D 533 -30.19 9.00 1.79
C ILE D 533 -28.68 8.67 1.84
N ARG D 534 -27.90 9.26 0.94
CA ARG D 534 -26.47 9.04 0.89
C ARG D 534 -25.81 9.49 2.18
N ARG D 535 -26.16 10.69 2.64
CA ARG D 535 -25.73 11.19 3.95
C ARG D 535 -26.21 10.32 5.11
N LEU D 536 -27.48 9.90 5.08
CA LEU D 536 -28.03 9.07 6.18
C LEU D 536 -27.29 7.75 6.28
N GLN D 537 -27.11 7.11 5.11
CA GLN D 537 -26.34 5.89 4.95
C GLN D 537 -24.93 6.00 5.52
N GLN D 538 -24.21 7.04 5.13
CA GLN D 538 -22.84 7.22 5.57
C GLN D 538 -22.74 7.26 7.10
N GLU D 539 -23.59 8.09 7.72
CA GLU D 539 -23.56 8.37 9.15
C GLU D 539 -23.96 7.15 9.98
N LEU D 540 -24.95 6.41 9.48
CA LEU D 540 -25.66 5.41 10.29
C LEU D 540 -24.71 4.46 10.98
N GLY D 541 -23.78 3.91 10.21
CA GLY D 541 -22.85 2.89 10.73
C GLY D 541 -21.98 3.38 11.88
N GLY D 542 -21.64 4.67 11.88
CA GLY D 542 -20.83 5.23 12.96
C GLY D 542 -21.58 5.51 14.24
N LEU D 543 -22.90 5.33 14.27
CA LEU D 543 -23.74 5.69 15.46
C LEU D 543 -23.76 4.61 16.52
N PRO D 544 -23.75 5.01 17.80
CA PRO D 544 -23.80 4.03 18.89
C PRO D 544 -24.99 3.05 18.80
N GLU D 545 -26.16 3.55 18.44
CA GLU D 545 -27.39 2.73 18.43
C GLU D 545 -27.45 1.84 17.19
N ALA D 546 -26.48 2.01 16.30
CA ALA D 546 -26.42 1.22 15.08
C ALA D 546 -25.55 -0.02 15.23
N ARG D 547 -24.83 -0.11 16.34
CA ARG D 547 -24.10 -1.32 16.71
C ARG D 547 -25.03 -2.45 17.14
N ASP D 548 -24.51 -3.67 17.15
CA ASP D 548 -25.30 -4.85 17.53
C ASP D 548 -25.27 -5.04 19.04
N THR D 549 -26.42 -5.30 19.64
CA THR D 549 -26.50 -5.16 21.08
C THR D 549 -26.97 -6.38 21.84
N GLU D 550 -26.45 -6.50 23.06
CA GLU D 550 -26.79 -7.56 24.01
C GLU D 550 -28.05 -7.23 24.79
N GLY D 551 -29.18 -7.16 24.10
CA GLY D 551 -30.46 -6.85 24.74
C GLY D 551 -31.64 -6.69 23.79
N PRO D 552 -32.83 -6.50 24.37
CA PRO D 552 -34.09 -6.41 23.64
C PRO D 552 -34.23 -5.17 22.75
N ILE D 553 -33.48 -4.10 23.01
CA ILE D 553 -33.54 -2.95 22.11
C ILE D 553 -32.70 -3.20 20.86
N PRO D 554 -33.35 -3.27 19.69
CA PRO D 554 -32.61 -3.64 18.48
C PRO D 554 -31.84 -2.47 17.87
N PRO D 555 -30.86 -2.78 16.99
CA PRO D 555 -30.12 -1.71 16.34
C PRO D 555 -30.97 -0.85 15.40
N ALA D 556 -30.59 0.42 15.34
CA ALA D 556 -31.20 1.43 14.49
C ALA D 556 -31.18 1.07 13.01
N SER D 557 -32.29 1.39 12.35
CA SER D 557 -32.38 1.36 10.91
C SER D 557 -33.45 2.36 10.51
N TYR D 558 -33.50 2.77 9.25
CA TYR D 558 -34.49 3.77 8.84
C TYR D 558 -35.39 3.14 7.80
N LYS D 559 -36.63 2.90 8.21
CA LYS D 559 -37.59 2.32 7.32
C LYS D 559 -38.64 3.39 7.02
N PHE D 560 -38.70 3.82 5.76
CA PHE D 560 -39.69 4.79 5.36
C PHE D 560 -40.10 4.50 3.95
N ARG D 561 -40.81 5.46 3.35
CA ARG D 561 -41.37 5.28 2.03
C ARG D 561 -41.04 6.50 1.17
N LEU D 562 -40.58 6.26 -0.04
CA LEU D 562 -40.08 7.33 -0.91
C LEU D 562 -41.21 8.13 -1.56
N TYR D 563 -40.88 9.25 -2.22
CA TYR D 563 -41.89 10.04 -2.88
C TYR D 563 -42.59 9.18 -3.90
N SER D 564 -41.83 8.32 -4.58
CA SER D 564 -42.35 7.41 -5.61
C SER D 564 -43.26 6.32 -5.01
N GLY D 565 -43.41 6.27 -3.70
CA GLY D 565 -44.22 5.24 -3.09
C GLY D 565 -43.47 3.94 -2.82
N THR D 566 -42.21 3.84 -3.24
CA THR D 566 -41.48 2.58 -2.98
C THR D 566 -40.90 2.58 -1.57
N MET D 567 -40.99 1.40 -0.96
CA MET D 567 -40.62 1.16 0.41
C MET D 567 -39.10 1.00 0.51
N ILE D 568 -38.47 1.68 1.45
CA ILE D 568 -37.01 1.56 1.63
C ILE D 568 -36.65 1.31 3.09
N GLU D 569 -35.57 0.55 3.30
CA GLU D 569 -35.05 0.34 4.64
C GLU D 569 -33.55 0.38 4.68
N LEU D 570 -33.02 1.39 5.37
CA LEU D 570 -31.58 1.63 5.45
C LEU D 570 -31.00 0.92 6.68
N PHE D 571 -29.91 0.18 6.47
CA PHE D 571 -29.18 -0.51 7.54
C PHE D 571 -27.73 -0.01 7.65
N PRO D 572 -27.06 -0.29 8.80
CA PRO D 572 -25.65 0.08 9.09
C PRO D 572 -24.54 -0.40 8.12
N ASP D 573 -24.77 -1.50 7.41
CA ASP D 573 -23.70 -2.08 6.63
C ASP D 573 -23.44 -1.44 5.26
N ASN D 574 -24.22 -0.43 4.88
CA ASN D 574 -24.44 -0.12 3.45
C ASN D 574 -25.18 -1.30 2.85
N ARG D 575 -26.13 -1.80 3.63
CA ARG D 575 -27.14 -2.72 3.16
C ARG D 575 -28.48 -2.01 3.24
N TYR D 576 -29.27 -2.11 2.18
CA TYR D 576 -30.62 -1.59 2.25
C TYR D 576 -31.55 -2.46 1.44
N MET D 577 -32.83 -2.38 1.78
CA MET D 577 -33.88 -3.07 1.06
C MET D 577 -34.64 -2.01 0.24
N LEU D 578 -35.01 -2.36 -0.99
CA LEU D 578 -35.75 -1.46 -1.86
C LEU D 578 -36.89 -2.26 -2.44
N GLY D 579 -38.10 -2.01 -1.95
CA GLY D 579 -39.25 -2.84 -2.30
C GLY D 579 -38.99 -4.28 -1.89
N ASP D 580 -39.00 -5.17 -2.89
CA ASP D 580 -38.68 -6.59 -2.66
C ASP D 580 -37.19 -6.81 -2.49
N GLN D 581 -36.36 -6.03 -3.17
CA GLN D 581 -34.91 -6.32 -3.31
C GLN D 581 -33.98 -5.96 -2.13
N MET D 582 -33.06 -6.88 -1.81
CA MET D 582 -31.97 -6.62 -0.88
CA MET D 582 -31.98 -6.58 -0.88
C MET D 582 -30.78 -6.09 -1.66
N CYS D 583 -30.24 -4.96 -1.23
CA CYS D 583 -29.21 -4.27 -2.00
C CYS D 583 -27.99 -3.91 -1.14
N LYS D 584 -26.84 -3.78 -1.79
CA LYS D 584 -25.60 -3.39 -1.11
C LYS D 584 -25.06 -2.11 -1.71
N GLY D 585 -24.33 -1.34 -0.91
CA GLY D 585 -23.64 -0.12 -1.38
C GLY D 585 -24.46 1.13 -1.21
N PHE D 586 -24.00 2.20 -1.83
CA PHE D 586 -24.61 3.52 -1.72
C PHE D 586 -25.79 3.71 -2.67
N PHE D 587 -26.91 4.25 -2.14
CA PHE D 587 -28.14 4.52 -2.90
C PHE D 587 -27.90 5.52 -4.04
N THR D 588 -28.43 5.20 -5.21
CA THR D 588 -28.39 6.09 -6.37
C THR D 588 -29.79 6.60 -6.71
N GLY D 589 -30.80 5.75 -6.52
CA GLY D 589 -32.16 6.10 -6.89
C GLY D 589 -33.05 4.87 -6.85
N ASP D 590 -34.36 5.05 -7.00
CA ASP D 590 -35.26 3.90 -6.83
C ASP D 590 -35.32 2.98 -8.04
N ASP D 591 -34.61 3.33 -9.12
CA ASP D 591 -34.58 2.50 -10.34
C ASP D 591 -33.34 1.59 -10.41
N PHE D 592 -32.61 1.44 -9.30
CA PHE D 592 -31.29 0.82 -9.34
C PHE D 592 -30.93 0.15 -8.03
N CYS D 593 -30.39 -1.07 -8.12
CA CYS D 593 -30.00 -1.88 -6.97
C CYS D 593 -28.80 -2.77 -7.35
N VAL D 594 -27.66 -2.59 -6.68
CA VAL D 594 -26.63 -3.63 -6.67
C VAL D 594 -27.10 -4.68 -5.65
N PRO D 595 -27.44 -5.90 -6.13
CA PRO D 595 -28.02 -6.94 -5.26
C PRO D 595 -27.03 -7.33 -4.18
N ALA D 596 -27.52 -7.59 -2.97
CA ALA D 596 -26.67 -8.11 -1.92
C ALA D 596 -26.44 -9.59 -2.15
N GLN E 1 -24.13 9.23 -38.97
CA GLN E 1 -24.11 9.88 -40.32
C GLN E 1 -24.79 9.03 -41.38
N THR E 2 -24.05 8.04 -41.92
CA THR E 2 -24.54 7.17 -43.01
C THR E 2 -25.80 6.43 -42.63
N VAL E 3 -26.48 5.85 -43.60
CA VAL E 3 -27.72 5.11 -43.33
C VAL E 3 -27.42 3.93 -42.41
N ASN E 4 -26.30 3.24 -42.70
CA ASN E 4 -25.89 2.06 -41.96
C ASN E 4 -25.57 2.37 -40.51
N GLU E 5 -24.69 3.36 -40.30
CA GLU E 5 -24.32 3.83 -38.95
C GLU E 5 -25.57 4.14 -38.15
N LEU E 6 -26.42 5.00 -38.71
CA LEU E 6 -27.73 5.31 -38.16
C LEU E 6 -28.52 4.05 -37.81
N ALA E 7 -28.66 3.13 -38.76
CA ALA E 7 -29.41 1.89 -38.53
C ALA E 7 -28.79 0.98 -37.46
N ASP E 8 -27.50 1.18 -37.20
CA ASP E 8 -26.74 0.36 -36.24
C ASP E 8 -26.66 0.95 -34.84
N MET E 9 -27.15 2.17 -34.67
CA MET E 9 -27.12 2.78 -33.34
C MET E 9 -28.04 2.06 -32.36
N GLN E 10 -27.59 1.95 -31.11
CA GLN E 10 -28.32 1.20 -30.10
C GLN E 10 -28.51 2.05 -28.83
N THR E 11 -29.45 1.63 -27.98
CA THR E 11 -29.92 2.41 -26.85
C THR E 11 -30.06 1.48 -25.66
N ARG E 12 -29.92 1.99 -24.44
CA ARG E 12 -30.26 1.18 -23.25
C ARG E 12 -30.92 1.99 -22.12
N PRO E 13 -31.46 1.32 -21.09
CA PRO E 13 -32.04 2.12 -20.01
C PRO E 13 -31.05 3.12 -19.43
N LEU E 14 -31.45 4.39 -19.29
CA LEU E 14 -30.71 5.40 -18.51
C LEU E 14 -31.20 5.41 -17.06
N LEU E 15 -30.36 4.92 -16.16
CA LEU E 15 -30.74 4.68 -14.77
C LEU E 15 -29.87 5.48 -13.83
N SER E 16 -30.34 5.64 -12.58
CA SER E 16 -29.59 6.42 -11.59
C SER E 16 -28.17 5.88 -11.33
N GLY E 17 -28.03 4.56 -11.45
CA GLY E 17 -26.78 3.89 -11.18
C GLY E 17 -25.94 3.63 -12.42
N SER E 18 -26.35 4.18 -13.57
CA SER E 18 -25.57 3.98 -14.79
C SER E 18 -24.22 4.68 -14.63
N VAL E 19 -23.20 4.13 -15.28
CA VAL E 19 -21.86 4.71 -15.19
C VAL E 19 -21.39 5.22 -16.55
N CYS E 20 -20.73 6.38 -16.55
CA CYS E 20 -20.35 7.07 -17.77
C CYS E 20 -18.97 7.71 -17.63
N ARG E 21 -17.92 7.04 -18.11
CA ARG E 21 -16.55 7.58 -18.03
C ARG E 21 -16.38 8.82 -18.93
N VAL E 22 -17.14 8.86 -20.02
CA VAL E 22 -17.16 10.04 -20.89
C VAL E 22 -18.63 10.49 -20.95
N ARG E 23 -18.84 11.79 -20.75
CA ARG E 23 -20.17 12.42 -20.85
C ARG E 23 -19.95 13.83 -21.43
N ASP E 24 -21.00 14.58 -21.76
CA ASP E 24 -20.78 15.87 -22.42
C ASP E 24 -20.95 17.08 -21.52
N THR E 25 -20.46 16.99 -20.29
CA THR E 25 -20.65 18.05 -19.32
C THR E 25 -19.64 19.17 -19.51
N VAL E 26 -20.09 20.41 -19.34
CA VAL E 26 -19.27 21.59 -19.58
C VAL E 26 -18.44 21.87 -18.31
N ASP E 27 -17.34 21.13 -18.20
CA ASP E 27 -16.54 20.98 -16.98
C ASP E 27 -15.09 20.80 -17.41
N PHE E 28 -14.15 21.57 -16.86
CA PHE E 28 -12.74 21.36 -17.24
C PHE E 28 -12.21 20.01 -16.75
N LEU E 29 -12.87 19.40 -15.77
CA LEU E 29 -12.47 18.08 -15.29
C LEU E 29 -13.25 16.96 -15.96
N SER E 30 -12.58 15.87 -16.32
CA SER E 30 -13.27 14.66 -16.80
C SER E 30 -14.07 14.03 -15.65
N PRO E 31 -15.13 13.25 -15.98
CA PRO E 31 -15.86 12.57 -14.91
C PRO E 31 -14.93 11.83 -13.93
N THR E 32 -13.90 11.13 -14.45
CA THR E 32 -12.94 10.37 -13.63
C THR E 32 -12.09 11.28 -12.74
N LYS E 33 -11.56 12.35 -13.34
CA LYS E 33 -10.63 13.25 -12.68
C LYS E 33 -11.27 13.93 -11.49
N ARG E 34 -12.51 14.37 -11.64
CA ARG E 34 -13.29 15.01 -10.57
C ARG E 34 -13.58 14.03 -9.42
N ALA E 35 -13.84 12.77 -9.78
CA ALA E 35 -14.04 11.74 -8.76
C ALA E 35 -12.72 11.48 -8.01
N LYS E 36 -11.60 11.48 -8.73
CA LYS E 36 -10.29 11.18 -8.15
C LYS E 36 -9.90 12.30 -7.17
N ILE E 37 -10.04 13.55 -7.59
CA ILE E 37 -9.62 14.68 -6.81
C ILE E 37 -10.44 14.73 -5.51
N THR E 38 -11.76 14.54 -5.65
CA THR E 38 -12.64 14.37 -4.49
C THR E 38 -12.18 13.21 -3.58
N PHE E 39 -11.75 12.12 -4.17
CA PHE E 39 -11.35 10.96 -3.37
C PHE E 39 -10.03 11.28 -2.67
N LYS E 40 -9.14 11.96 -3.37
CA LYS E 40 -7.87 12.31 -2.77
C LYS E 40 -8.00 13.27 -1.57
N ARG E 41 -8.88 14.26 -1.68
CA ARG E 41 -9.10 15.23 -0.60
C ARG E 41 -9.70 14.55 0.62
N ARG E 42 -10.61 13.60 0.40
CA ARG E 42 -11.23 12.86 1.52
C ARG E 42 -10.20 12.07 2.34
N ILE E 43 -9.30 11.33 1.68
CA ILE E 43 -8.31 10.58 2.46
CA ILE E 43 -8.26 10.58 2.39
C ILE E 43 -7.30 11.55 3.10
N GLY E 44 -7.01 12.65 2.42
CA GLY E 44 -6.14 13.68 2.98
C GLY E 44 -6.76 14.23 4.26
N ILE E 45 -8.07 14.51 4.22
CA ILE E 45 -8.78 15.00 5.42
C ILE E 45 -8.72 13.95 6.56
N ALA E 46 -8.99 12.69 6.23
CA ALA E 46 -8.96 11.63 7.23
C ALA E 46 -7.55 11.48 7.85
N VAL E 47 -6.53 11.46 6.99
CA VAL E 47 -5.15 11.37 7.45
C VAL E 47 -4.82 12.60 8.30
N GLY E 48 -5.13 13.78 7.77
CA GLY E 48 -4.93 15.04 8.50
C GLY E 48 -5.57 15.03 9.88
N GLU E 49 -6.80 14.50 9.97
CA GLU E 49 -7.50 14.35 11.24
C GLU E 49 -6.80 13.33 12.15
N LEU E 50 -6.36 12.21 11.59
CA LEU E 50 -5.64 11.20 12.38
C LEU E 50 -4.36 11.79 12.98
N ALA E 51 -3.64 12.62 12.21
CA ALA E 51 -2.37 13.21 12.66
C ALA E 51 -2.44 14.11 13.92
N VAL E 52 -3.63 14.68 14.19
CA VAL E 52 -3.84 15.54 15.37
C VAL E 52 -3.51 14.77 16.66
N GLY E 53 -3.86 13.50 16.69
CA GLY E 53 -3.52 12.66 17.83
C GLY E 53 -4.55 12.86 18.92
N PRO E 54 -4.68 11.87 19.83
CA PRO E 54 -5.77 11.86 20.84
C PRO E 54 -5.69 12.99 21.83
N THR E 55 -6.79 13.75 21.92
CA THR E 55 -6.98 14.81 22.89
C THR E 55 -6.76 14.39 24.37
N CYS E 56 -6.12 15.28 25.13
CA CYS E 56 -5.89 15.09 26.55
C CYS E 56 -7.14 15.48 27.36
N HIS E 57 -8.19 14.67 27.20
CA HIS E 57 -9.36 14.74 28.04
C HIS E 57 -9.03 14.06 29.31
N LEU E 58 -8.76 14.86 30.33
CA LEU E 58 -8.39 14.31 31.62
C LEU E 58 -9.36 14.76 32.72
N ASN E 59 -9.98 13.77 33.38
CA ASN E 59 -10.79 14.02 34.56
C ASN E 59 -10.03 14.79 35.66
N ASN E 60 -10.72 15.68 36.38
CA ASN E 60 -10.08 16.54 37.39
C ASN E 60 -9.71 15.87 38.72
N GLY E 61 -10.03 14.58 38.85
CA GLY E 61 -9.66 13.83 40.02
C GLY E 61 -10.69 13.68 41.12
N ASP E 62 -11.78 14.42 41.05
CA ASP E 62 -12.83 14.35 42.12
C ASP E 62 -13.44 12.96 42.26
N GLU E 63 -13.59 12.28 41.14
CA GLU E 63 -14.29 10.99 41.13
C GLU E 63 -13.54 9.99 41.99
N ALA E 64 -12.22 10.05 41.94
CA ALA E 64 -11.38 9.11 42.66
C ALA E 64 -11.21 9.54 44.11
N ASN E 65 -11.41 10.83 44.41
CA ASN E 65 -10.94 11.38 45.71
C ASN E 65 -11.96 12.00 46.64
N ILE E 66 -13.11 12.43 46.11
CA ILE E 66 -14.18 12.92 46.98
C ILE E 66 -15.03 11.71 47.38
N PRO E 67 -15.28 11.55 48.69
CA PRO E 67 -16.14 10.45 49.20
C PRO E 67 -17.53 10.36 48.55
N LEU E 68 -17.95 9.14 48.25
CA LEU E 68 -19.24 8.85 47.61
C LEU E 68 -19.68 9.72 46.42
N PHE E 69 -18.76 10.01 45.53
CA PHE E 69 -19.11 10.57 44.23
C PHE E 69 -19.87 11.88 44.36
N ASP E 70 -19.56 12.65 45.39
CA ASP E 70 -20.31 13.87 45.67
C ASP E 70 -20.01 14.98 44.67
N GLY E 71 -18.90 14.83 43.95
CA GLY E 71 -18.59 15.78 42.88
C GLY E 71 -19.12 15.32 41.53
N GLN E 72 -19.90 14.23 41.50
CA GLN E 72 -20.27 13.60 40.22
C GLN E 72 -21.77 13.72 39.92
N PHE E 73 -22.10 13.78 38.63
CA PHE E 73 -23.50 13.79 38.21
C PHE E 73 -24.14 12.44 38.44
N HIS E 74 -25.32 12.44 39.05
CA HIS E 74 -26.11 11.20 39.21
C HIS E 74 -27.57 11.47 39.43
N LYS E 75 -28.01 12.66 39.02
CA LYS E 75 -29.42 13.01 38.95
C LYS E 75 -30.23 11.89 38.31
N SER E 76 -31.35 11.55 38.95
CA SER E 76 -32.31 10.50 38.56
C SER E 76 -31.92 9.09 38.95
N LEU E 77 -30.78 8.95 39.62
CA LEU E 77 -30.44 7.70 40.26
C LEU E 77 -31.02 7.73 41.69
N PRO E 78 -31.03 6.57 42.39
CA PRO E 78 -31.47 6.57 43.77
C PRO E 78 -30.48 7.25 44.66
N HIS E 79 -30.96 8.04 45.63
CA HIS E 79 -30.14 8.69 46.67
C HIS E 79 -30.76 8.48 48.00
N ASP E 80 -30.00 8.70 49.07
CA ASP E 80 -30.55 8.72 50.41
C ASP E 80 -31.18 10.09 50.68
N ASP E 81 -31.53 10.38 51.93
CA ASP E 81 -32.26 11.62 52.25
C ASP E 81 -31.40 12.89 52.25
N MET E 82 -30.08 12.71 52.20
CA MET E 82 -29.14 13.83 52.18
C MET E 82 -28.70 14.10 50.73
N GLY E 83 -29.21 13.29 49.80
CA GLY E 83 -28.87 13.43 48.40
C GLY E 83 -27.63 12.65 48.01
N ARG E 84 -27.07 11.89 48.93
CA ARG E 84 -25.92 11.02 48.60
C ARG E 84 -26.38 9.86 47.70
N VAL E 85 -25.71 9.69 46.56
CA VAL E 85 -26.00 8.59 45.64
C VAL E 85 -25.73 7.20 46.23
N ASN E 86 -26.51 6.22 45.79
CA ASN E 86 -26.24 4.84 46.01
C ASN E 86 -25.03 4.36 45.16
N PRO E 87 -23.95 3.91 45.81
CA PRO E 87 -22.72 3.58 45.08
C PRO E 87 -22.90 2.52 44.03
N GLU E 88 -23.66 1.48 44.35
CA GLU E 88 -23.92 0.38 43.42
C GLU E 88 -24.56 0.90 42.13
N ALA E 89 -25.52 1.82 42.30
CA ALA E 89 -26.22 2.48 41.20
C ALA E 89 -25.30 3.36 40.37
N TYR E 90 -24.44 4.13 41.02
CA TYR E 90 -23.50 4.94 40.28
C TYR E 90 -22.52 4.06 39.49
N GLN E 91 -22.19 2.89 40.03
CA GLN E 91 -21.27 1.98 39.34
C GLN E 91 -21.87 1.50 38.04
N LEU E 92 -23.16 1.14 38.10
CA LEU E 92 -23.91 0.77 36.92
C LEU E 92 -23.99 1.92 35.87
N LEU E 93 -24.03 3.18 36.32
CA LEU E 93 -24.02 4.32 35.39
C LEU E 93 -22.71 4.31 34.59
N LEU E 94 -21.60 4.20 35.32
CA LEU E 94 -20.27 4.19 34.74
C LEU E 94 -20.11 3.08 33.72
N ASP E 95 -20.70 1.93 34.03
CA ASP E 95 -20.69 0.74 33.17
C ASP E 95 -21.38 1.08 31.86
N CYS E 96 -22.49 1.80 32.00
CA CYS E 96 -23.36 2.15 30.90
C CYS E 96 -22.56 3.07 29.99
N ILE E 97 -22.01 4.14 30.57
CA ILE E 97 -21.15 5.10 29.87
C ILE E 97 -19.99 4.36 29.18
N GLU E 98 -19.33 3.50 29.94
CA GLU E 98 -18.16 2.80 29.43
C GLU E 98 -18.46 1.95 28.18
N SER E 99 -19.50 1.13 28.29
CA SER E 99 -19.92 0.20 27.26
C SER E 99 -20.42 0.83 25.96
N ASN E 100 -20.96 2.05 26.05
CA ASN E 100 -21.59 2.73 24.90
C ASN E 100 -22.72 1.89 24.26
N ASP E 101 -23.42 1.17 25.13
CA ASP E 101 -24.32 0.13 24.71
C ASP E 101 -25.69 0.41 25.34
N ILE E 102 -26.69 0.56 24.49
CA ILE E 102 -28.02 1.03 24.85
C ILE E 102 -28.74 0.10 25.84
N ASN E 103 -28.56 -1.19 25.67
CA ASN E 103 -29.21 -2.19 26.53
C ASN E 103 -28.54 -2.34 27.89
N VAL E 104 -27.25 -2.01 27.97
CA VAL E 104 -26.57 -1.96 29.27
C VAL E 104 -27.07 -0.73 30.01
N CYS E 105 -27.26 0.35 29.25
CA CYS E 105 -27.71 1.60 29.81
C CYS E 105 -29.16 1.56 30.33
N ASP E 106 -29.98 0.63 29.81
CA ASP E 106 -31.35 0.50 30.31
C ASP E 106 -31.38 -0.06 31.74
N GLN E 107 -30.31 -0.74 32.16
CA GLN E 107 -30.23 -1.35 33.50
C GLN E 107 -29.87 -0.39 34.64
N VAL E 108 -29.39 0.82 34.35
CA VAL E 108 -29.07 1.83 35.38
C VAL E 108 -30.32 2.12 36.22
N PRO E 109 -30.19 1.99 37.56
CA PRO E 109 -31.26 2.21 38.55
C PRO E 109 -31.94 3.56 38.44
N SER E 110 -33.22 3.61 38.77
CA SER E 110 -33.99 4.84 38.76
C SER E 110 -34.28 5.20 40.21
N GLY E 111 -34.22 6.47 40.57
CA GLY E 111 -34.36 6.86 41.97
C GLY E 111 -35.79 6.92 42.51
N VAL E 112 -36.76 6.66 41.63
CA VAL E 112 -38.18 6.51 41.99
C VAL E 112 -38.74 5.18 41.45
N GLU E 113 -39.86 4.76 42.04
CA GLU E 113 -40.53 3.50 41.71
C GLU E 113 -41.05 3.38 40.27
N SER E 114 -41.72 4.43 39.77
CA SER E 114 -42.36 4.43 38.44
C SER E 114 -42.20 5.76 37.74
N ASP E 115 -42.13 5.72 36.40
CA ASP E 115 -42.05 6.92 35.56
C ASP E 115 -40.84 7.80 35.84
N GLY E 116 -39.70 7.21 36.20
CA GLY E 116 -38.50 8.00 36.52
C GLY E 116 -38.01 8.87 35.36
N ARG E 117 -37.44 10.03 35.68
CA ARG E 117 -36.91 10.87 34.61
C ARG E 117 -35.74 10.17 33.93
N LYS E 118 -35.68 10.29 32.62
CA LYS E 118 -34.78 9.53 31.79
C LYS E 118 -33.42 10.19 31.68
N LEU E 119 -32.40 9.34 31.54
CA LEU E 119 -31.06 9.77 31.23
C LEU E 119 -31.02 10.28 29.79
N VAL E 120 -30.48 11.49 29.62
CA VAL E 120 -30.40 12.11 28.28
C VAL E 120 -29.17 11.63 27.51
N ASN E 121 -29.40 10.59 26.72
CA ASN E 121 -28.41 10.08 25.78
C ASN E 121 -26.96 9.84 26.29
N PRO E 122 -26.79 8.99 27.34
CA PRO E 122 -25.40 8.68 27.75
C PRO E 122 -24.54 8.03 26.66
N LEU E 123 -25.13 7.71 25.52
CA LEU E 123 -24.39 7.10 24.42
C LEU E 123 -23.93 8.17 23.44
N GLY E 124 -24.45 9.39 23.60
CA GLY E 124 -24.35 10.44 22.60
C GLY E 124 -22.98 10.89 22.15
N GLY E 125 -21.97 10.67 22.98
CA GLY E 125 -20.61 10.97 22.59
C GLY E 125 -19.90 9.82 21.90
N GLY E 126 -20.54 8.66 21.77
CA GLY E 126 -19.84 7.48 21.25
C GLY E 126 -19.67 7.43 19.72
N GLY E 127 -20.31 8.34 19.00
CA GLY E 127 -20.37 8.19 17.55
C GLY E 127 -19.03 8.38 16.85
N HIS E 128 -18.82 7.63 15.77
CA HIS E 128 -17.69 7.88 14.91
C HIS E 128 -18.12 8.79 13.80
N GLN E 129 -17.61 10.02 13.85
CA GLN E 129 -18.00 11.06 12.91
C GLN E 129 -17.43 10.91 11.51
N VAL E 130 -18.28 11.20 10.54
CA VAL E 130 -17.99 11.05 9.14
C VAL E 130 -17.01 12.16 8.73
N ASP E 131 -17.22 13.37 9.24
CA ASP E 131 -16.31 14.48 9.00
C ASP E 131 -16.23 15.37 10.22
N GLY E 132 -15.60 16.54 10.08
CA GLY E 132 -15.26 17.39 11.19
C GLY E 132 -14.26 16.67 12.09
N ALA E 133 -14.08 17.19 13.31
CA ALA E 133 -13.30 16.45 14.29
C ALA E 133 -14.17 15.37 14.92
N ASP E 134 -13.58 14.21 15.18
CA ASP E 134 -14.32 13.10 15.77
C ASP E 134 -14.85 13.54 17.13
N SER E 135 -15.85 12.82 17.64
CA SER E 135 -16.53 13.15 18.90
CA SER E 135 -16.53 13.14 18.90
C SER E 135 -15.63 13.39 20.11
N ASP E 136 -14.48 12.73 20.15
CA ASP E 136 -13.61 12.77 21.33
C ASP E 136 -12.39 13.64 21.10
N ASN E 137 -12.40 14.39 20.00
CA ASN E 137 -11.18 14.98 19.46
C ASN E 137 -11.27 16.50 19.31
N ILE E 138 -12.14 17.10 20.12
CA ILE E 138 -12.10 18.54 20.43
C ILE E 138 -11.82 18.70 21.95
N PHE E 139 -10.75 19.44 22.26
CA PHE E 139 -10.33 19.73 23.62
C PHE E 139 -11.28 20.72 24.30
N ILE E 140 -11.40 20.60 25.62
CA ILE E 140 -11.97 21.66 26.43
C ILE E 140 -11.15 21.64 27.71
N LYS E 141 -10.94 22.81 28.32
CA LYS E 141 -10.32 22.89 29.64
C LYS E 141 -10.99 21.92 30.63
N GLN E 142 -10.20 21.38 31.57
CA GLN E 142 -10.75 20.70 32.76
C GLN E 142 -11.67 21.62 33.59
N PRO E 143 -12.76 21.06 34.17
CA PRO E 143 -13.64 21.86 35.02
C PRO E 143 -13.02 22.04 36.39
N ASP E 144 -13.39 23.13 37.08
CA ASP E 144 -12.92 23.41 38.44
C ASP E 144 -13.31 22.30 39.39
N ASN E 145 -12.41 21.95 40.32
CA ASN E 145 -12.66 20.91 41.33
C ASN E 145 -13.78 21.27 42.29
N LEU E 146 -14.51 20.26 42.77
CA LEU E 146 -15.62 20.46 43.71
C LEU E 146 -15.24 21.38 44.86
N LEU E 147 -14.08 21.12 45.47
CA LEU E 147 -13.59 21.88 46.62
C LEU E 147 -12.83 23.16 46.25
N SER E 148 -12.80 23.54 44.97
CA SER E 148 -11.97 24.69 44.57
C SER E 148 -12.56 26.02 44.99
N GLU E 149 -11.68 27.01 45.09
CA GLU E 149 -12.10 28.35 45.44
C GLU E 149 -12.96 28.98 44.32
N ARG E 150 -12.54 28.76 43.07
CA ARG E 150 -13.23 29.37 41.94
C ARG E 150 -14.58 28.71 41.71
N LEU E 151 -14.72 27.42 41.97
CA LEU E 151 -16.07 26.81 41.96
C LEU E 151 -17.03 27.46 42.98
N ALA E 152 -16.54 27.71 44.18
CA ALA E 152 -17.34 28.41 45.19
C ALA E 152 -17.77 29.80 44.65
N ALA E 153 -16.82 30.53 44.06
CA ALA E 153 -17.08 31.85 43.45
C ALA E 153 -18.14 31.78 42.34
N GLN E 154 -18.00 30.78 41.46
CA GLN E 154 -18.94 30.56 40.39
C GLN E 154 -20.32 30.16 40.92
N GLN E 155 -20.37 29.29 41.93
CA GLN E 155 -21.65 28.93 42.52
C GLN E 155 -22.31 30.18 43.11
N ALA E 156 -21.48 31.07 43.64
CA ALA E 156 -21.95 32.31 44.21
C ALA E 156 -22.53 33.22 43.13
N GLU E 157 -21.97 33.18 41.94
CA GLU E 157 -22.51 33.98 40.85
C GLU E 157 -23.89 33.42 40.46
N VAL E 158 -24.02 32.11 40.46
CA VAL E 158 -25.30 31.50 40.12
C VAL E 158 -26.38 31.79 41.16
N TYR E 159 -26.00 31.86 42.43
CA TYR E 159 -26.94 32.23 43.51
C TYR E 159 -27.40 33.67 43.33
N TRP E 160 -26.48 34.55 42.96
CA TRP E 160 -26.80 35.95 42.79
C TRP E 160 -27.71 36.15 41.60
N MET E 161 -27.44 35.47 40.50
CA MET E 161 -28.32 35.47 39.35
C MET E 161 -29.73 35.11 39.75
N ALA E 162 -29.87 34.05 40.55
CA ALA E 162 -31.18 33.64 41.04
C ALA E 162 -31.89 34.74 41.87
N LEU E 163 -31.11 35.49 42.65
CA LEU E 163 -31.71 36.53 43.48
C LEU E 163 -32.10 37.72 42.63
N LEU E 164 -31.35 37.98 41.54
CA LEU E 164 -31.61 39.15 40.69
C LEU E 164 -32.52 38.92 39.48
N ARG E 165 -33.00 37.69 39.33
CA ARG E 165 -33.78 37.31 38.15
C ARG E 165 -34.78 38.35 37.66
N ASP E 166 -35.54 38.97 38.57
CA ASP E 166 -36.58 39.90 38.15
C ASP E 166 -36.16 41.39 38.01
N ILE E 167 -34.90 41.74 38.28
CA ILE E 167 -34.44 43.14 38.13
C ILE E 167 -34.23 43.49 36.66
N PRO E 168 -34.94 44.50 36.15
CA PRO E 168 -34.68 44.87 34.74
C PRO E 168 -33.21 45.31 34.52
N PHE E 169 -32.62 44.87 33.42
CA PHE E 169 -31.23 45.21 33.07
C PHE E 169 -30.91 46.72 33.11
N SER E 170 -31.88 47.55 32.72
CA SER E 170 -31.64 48.99 32.66
CA SER E 170 -31.67 48.99 32.66
C SER E 170 -31.54 49.62 34.04
N GLN E 171 -31.90 48.88 35.08
CA GLN E 171 -31.82 49.41 36.44
C GLN E 171 -30.53 48.94 37.15
N PHE E 172 -29.76 48.07 36.51
CA PHE E 172 -28.56 47.51 37.13
C PHE E 172 -27.61 48.58 37.68
N GLY E 173 -27.54 49.69 36.97
CA GLY E 173 -26.65 50.80 37.36
C GLY E 173 -27.04 51.53 38.63
N THR E 174 -28.33 51.54 38.95
CA THR E 174 -28.83 52.26 40.11
C THR E 174 -29.35 51.34 41.21
N ASN E 175 -29.82 50.18 40.82
CA ASN E 175 -30.39 49.28 41.80
C ASN E 175 -29.47 48.89 42.97
N ASN E 176 -30.02 48.95 44.18
CA ASN E 176 -29.30 48.63 45.38
C ASN E 176 -28.91 47.16 45.48
N THR E 177 -29.86 46.27 45.20
CA THR E 177 -29.60 44.84 45.33
C THR E 177 -28.59 44.30 44.31
N VAL E 178 -28.50 44.94 43.15
CA VAL E 178 -27.44 44.64 42.18
C VAL E 178 -26.11 45.09 42.76
N GLN E 179 -26.07 46.30 43.33
CA GLN E 179 -24.86 46.83 44.00
C GLN E 179 -24.31 45.84 45.02
N MET E 180 -25.21 45.29 45.85
CA MET E 180 -24.92 44.26 46.87
C MET E 180 -24.26 43.01 46.27
N ALA E 181 -24.81 42.53 45.15
CA ALA E 181 -24.27 41.36 44.45
C ALA E 181 -22.87 41.62 43.91
N VAL E 182 -22.69 42.80 43.35
CA VAL E 182 -21.41 43.17 42.77
C VAL E 182 -20.34 43.19 43.86
N VAL E 183 -20.64 43.86 44.98
CA VAL E 183 -19.71 43.92 46.09
C VAL E 183 -19.37 42.53 46.62
N ASN E 184 -20.39 41.71 46.86
CA ASN E 184 -20.18 40.35 47.37
C ASN E 184 -19.37 39.44 46.45
N LEU E 185 -19.59 39.57 45.14
CA LEU E 185 -18.82 38.84 44.16
C LEU E 185 -17.41 39.35 44.05
N GLN E 186 -17.25 40.67 44.08
CA GLN E 186 -15.91 41.25 44.04
C GLN E 186 -15.06 40.79 45.23
N GLY E 187 -15.73 40.27 46.26
CA GLY E 187 -15.08 39.74 47.45
C GLY E 187 -14.34 38.43 47.23
N PHE E 188 -14.66 37.70 46.16
CA PHE E 188 -14.00 36.44 45.84
C PHE E 188 -12.69 36.67 45.07
N ASP E 189 -11.55 36.37 45.72
CA ASP E 189 -10.25 36.52 45.07
C ASP E 189 -10.11 35.58 43.88
N ALA E 190 -10.77 34.44 43.95
CA ALA E 190 -10.62 33.48 42.87
C ALA E 190 -11.57 33.71 41.67
N PHE E 191 -12.32 34.81 41.66
CA PHE E 191 -13.24 35.12 40.56
C PHE E 191 -12.48 35.91 39.48
N ASN E 192 -11.69 35.15 38.73
CA ASN E 192 -10.87 35.66 37.67
C ASN E 192 -10.75 34.51 36.70
N GLY E 193 -10.41 34.82 35.44
CA GLY E 193 -10.49 33.84 34.36
C GLY E 193 -11.89 33.79 33.81
N LEU E 194 -12.25 32.71 33.10
CA LEU E 194 -13.64 32.42 32.70
C LEU E 194 -14.33 33.57 31.95
N SER E 195 -13.52 34.36 31.24
CA SER E 195 -13.98 35.50 30.47
C SER E 195 -14.78 36.48 31.31
N ILE E 196 -14.42 36.59 32.59
CA ILE E 196 -15.09 37.56 33.47
C ILE E 196 -14.84 39.01 33.03
N SER E 197 -15.91 39.84 33.01
CA SER E 197 -15.77 41.23 32.56
C SER E 197 -15.53 42.15 33.73
N ARG E 198 -14.61 43.11 33.55
CA ARG E 198 -14.24 44.10 34.56
C ARG E 198 -13.86 45.41 33.89
N ASP E 199 -13.80 46.50 34.64
CA ASP E 199 -13.44 47.78 34.02
C ASP E 199 -11.93 48.03 34.10
N ALA E 200 -11.49 49.15 33.53
CA ALA E 200 -10.07 49.53 33.54
C ALA E 200 -9.45 49.46 34.94
N ASP E 201 -10.26 49.63 35.99
CA ASP E 201 -9.76 49.52 37.39
C ASP E 201 -9.90 48.14 38.04
N GLY E 202 -10.49 47.18 37.33
CA GLY E 202 -10.59 45.81 37.83
C GLY E 202 -11.84 45.58 38.66
N ASN E 203 -12.77 46.51 38.62
CA ASN E 203 -14.05 46.33 39.31
C ASN E 203 -15.09 45.76 38.34
N ILE E 204 -16.14 45.18 38.91
CA ILE E 204 -17.26 44.73 38.12
C ILE E 204 -18.30 45.88 38.14
N ASP E 205 -18.34 46.63 37.03
CA ASP E 205 -19.42 47.61 36.78
C ASP E 205 -20.76 46.91 36.79
N PRO E 206 -21.71 47.40 37.60
CA PRO E 206 -22.99 46.71 37.62
C PRO E 206 -23.67 46.72 36.25
N MET E 207 -23.77 47.89 35.63
CA MET E 207 -24.50 48.00 34.37
CA MET E 207 -24.50 48.01 34.36
C MET E 207 -23.81 47.25 33.24
N GLN E 208 -22.48 47.36 33.16
CA GLN E 208 -21.76 46.88 32.00
C GLN E 208 -20.99 45.56 32.15
N ASP E 209 -20.69 45.14 33.39
CA ASP E 209 -19.84 43.96 33.60
C ASP E 209 -20.55 42.76 34.24
N LEU E 210 -21.50 43.03 35.15
CA LEU E 210 -22.15 41.96 35.90
C LEU E 210 -22.80 40.97 34.97
N PHE E 211 -22.46 39.70 35.18
CA PHE E 211 -23.07 38.56 34.47
C PHE E 211 -22.76 38.51 32.96
N ARG E 212 -21.78 39.29 32.52
CA ARG E 212 -21.40 39.25 31.11
C ARG E 212 -20.08 38.50 30.92
N THR E 213 -19.65 38.40 29.67
CA THR E 213 -18.29 37.93 29.34
C THR E 213 -17.44 39.08 28.79
N ASP E 214 -16.12 38.90 28.72
CA ASP E 214 -15.26 39.95 28.13
C ASP E 214 -14.97 39.70 26.65
N TRP E 215 -15.81 38.91 25.97
CA TRP E 215 -15.68 38.76 24.52
C TRP E 215 -15.92 40.08 23.82
N PRO E 216 -15.17 40.34 22.72
CA PRO E 216 -15.24 41.62 22.00
C PRO E 216 -16.67 42.11 21.85
N GLY E 217 -16.94 43.30 22.40
CA GLY E 217 -18.23 43.96 22.22
C GLY E 217 -19.33 43.57 23.20
N VAL E 218 -19.12 42.51 23.97
CA VAL E 218 -20.17 41.99 24.87
C VAL E 218 -20.54 42.96 26.00
N SER E 219 -19.53 43.65 26.53
CA SER E 219 -19.79 44.62 27.58
C SER E 219 -19.97 46.04 27.03
N SER E 220 -20.17 46.16 25.71
CA SER E 220 -20.51 47.45 25.10
C SER E 220 -22.00 47.56 24.88
N GLY E 221 -22.58 48.64 25.39
CA GLY E 221 -24.01 48.86 25.29
C GLY E 221 -24.82 47.83 26.08
N PRO E 222 -26.03 47.56 25.61
CA PRO E 222 -27.00 46.78 26.35
C PRO E 222 -26.64 45.31 26.48
N MET E 223 -27.09 44.72 27.57
CA MET E 223 -26.90 43.33 27.88
C MET E 223 -27.41 42.43 26.72
N VAL E 224 -28.62 42.71 26.23
CA VAL E 224 -29.29 41.83 25.26
C VAL E 224 -28.83 42.10 23.83
N SER E 225 -28.48 41.02 23.15
CA SER E 225 -28.13 41.09 21.75
C SER E 225 -29.25 41.73 20.93
N GLN E 226 -28.86 42.61 20.01
CA GLN E 226 -29.78 43.25 19.07
C GLN E 226 -30.55 42.22 18.26
N PHE E 227 -29.96 41.04 18.05
CA PHE E 227 -30.56 40.00 17.21
C PHE E 227 -31.67 39.30 17.94
N MET E 228 -31.65 39.41 19.27
CA MET E 228 -32.66 38.78 20.11
CA MET E 228 -32.66 38.78 20.11
C MET E 228 -33.82 39.75 20.34
N LEU E 229 -33.69 40.97 19.79
CA LEU E 229 -34.75 41.99 19.92
C LEU E 229 -35.39 42.38 18.60
N ALA E 230 -34.72 42.08 17.49
CA ALA E 230 -35.21 42.54 16.19
C ALA E 230 -36.26 41.58 15.67
N ASN E 231 -37.19 42.12 14.87
CA ASN E 231 -38.09 41.28 14.11
C ASN E 231 -37.26 40.36 13.23
N PHE E 232 -37.78 39.16 12.97
CA PHE E 232 -37.20 38.33 11.93
C PHE E 232 -38.33 37.87 11.02
N ASP E 233 -37.97 37.64 9.76
CA ASP E 233 -38.91 37.25 8.74
C ASP E 233 -38.66 35.79 8.32
N ILE E 234 -39.65 34.93 8.59
CA ILE E 234 -39.59 33.52 8.15
C ILE E 234 -40.74 33.19 7.19
N ASP E 235 -40.40 32.89 5.93
CA ASP E 235 -41.40 32.54 4.89
C ASP E 235 -42.45 33.63 4.66
N GLY E 236 -42.04 34.90 4.71
CA GLY E 236 -43.00 35.99 4.69
C GLY E 236 -43.78 36.27 5.99
N ILE E 237 -43.54 35.46 7.03
CA ILE E 237 -44.11 35.74 8.36
C ILE E 237 -43.17 36.62 9.15
N VAL E 238 -43.64 37.82 9.48
CA VAL E 238 -42.86 38.79 10.24
C VAL E 238 -43.13 38.56 11.72
N VAL E 239 -42.07 38.28 12.48
CA VAL E 239 -42.25 37.85 13.85
C VAL E 239 -41.58 38.81 14.84
N GLU E 240 -42.37 39.34 15.75
CA GLU E 240 -41.84 40.15 16.87
C GLU E 240 -41.39 39.23 18.01
N PRO E 241 -40.12 39.31 18.45
CA PRO E 241 -39.65 38.36 19.46
C PRO E 241 -40.20 38.63 20.88
N LYS E 242 -41.52 38.47 21.02
CA LYS E 242 -42.13 38.56 22.34
C LYS E 242 -42.53 37.17 22.73
N ALA E 243 -41.89 36.66 23.77
CA ALA E 243 -42.05 35.28 24.16
C ALA E 243 -42.92 35.15 25.38
N LYS E 244 -43.58 34.01 25.49
N LYS E 244 -43.58 34.02 25.51
CA LYS E 244 -44.24 33.62 26.75
CA LYS E 244 -44.25 33.68 26.76
C LYS E 244 -43.17 33.16 27.74
C LYS E 244 -43.21 33.17 27.75
N THR E 245 -42.56 34.13 28.40
CA THR E 245 -41.41 33.92 29.27
C THR E 245 -41.86 33.36 30.62
N LEU E 246 -40.89 33.08 31.49
CA LEU E 246 -41.14 32.52 32.81
C LEU E 246 -41.82 33.54 33.73
N VAL E 247 -42.72 33.04 34.57
CA VAL E 247 -43.52 33.87 35.48
C VAL E 247 -42.62 34.53 36.50
N PRO E 248 -42.78 35.86 36.70
CA PRO E 248 -42.06 36.60 37.74
C PRO E 248 -42.25 35.97 39.14
N GLU E 249 -41.21 36.10 39.98
CA GLU E 249 -41.18 35.68 41.40
C GLU E 249 -41.67 34.28 41.78
N MET E 250 -41.49 33.33 40.89
CA MET E 250 -41.73 31.92 41.21
C MET E 250 -40.40 31.20 41.06
N GLU E 251 -39.97 30.50 42.11
CA GLU E 251 -38.77 29.68 42.05
C GLU E 251 -39.15 28.25 42.44
N TYR E 252 -38.23 27.33 42.22
CA TYR E 252 -38.50 25.92 42.41
C TYR E 252 -37.40 25.22 43.16
N MET E 253 -37.73 24.01 43.65
CA MET E 253 -36.76 23.19 44.37
C MET E 253 -36.20 23.99 45.55
N THR E 254 -37.10 24.76 46.15
CA THR E 254 -36.76 25.64 47.28
C THR E 254 -36.85 24.92 48.65
N GLY E 255 -37.35 23.68 48.63
CA GLY E 255 -37.41 22.85 49.83
C GLY E 255 -36.66 21.56 49.60
N VAL E 256 -36.15 20.96 50.67
CA VAL E 256 -35.49 19.66 50.60
C VAL E 256 -36.37 18.63 49.89
N ASP E 257 -37.62 18.49 50.34
CA ASP E 257 -38.50 17.51 49.73
C ASP E 257 -38.67 17.66 48.20
N THR E 258 -38.92 18.89 47.74
CA THR E 258 -39.02 19.14 46.30
C THR E 258 -37.68 18.95 45.60
N TRP E 259 -36.60 19.40 46.22
CA TRP E 259 -35.24 19.26 45.65
C TRP E 259 -34.79 17.81 45.51
N LEU E 260 -35.09 17.00 46.52
CA LEU E 260 -34.68 15.61 46.55
C LEU E 260 -35.46 14.79 45.55
N ASN E 261 -36.75 15.07 45.45
CA ASN E 261 -37.62 14.38 44.51
C ASN E 261 -37.11 14.53 43.07
N ILE E 262 -36.63 15.73 42.76
CA ILE E 262 -36.02 16.02 41.47
C ILE E 262 -34.71 15.25 41.29
N GLN E 263 -33.85 15.26 42.33
CA GLN E 263 -32.58 14.52 42.26
C GLN E 263 -32.81 13.03 41.98
N ASN E 264 -33.90 12.51 42.51
CA ASN E 264 -34.27 11.11 42.32
C ASN E 264 -35.08 10.78 41.05
N GLY E 265 -35.35 11.79 40.21
CA GLY E 265 -36.08 11.58 38.94
C GLY E 265 -37.61 11.65 38.98
N GLY E 266 -38.17 12.01 40.14
CA GLY E 266 -39.62 12.19 40.31
C GLY E 266 -40.23 13.33 39.50
N PRO E 267 -41.60 13.39 39.39
CA PRO E 267 -42.25 14.47 38.65
C PRO E 267 -41.95 15.84 39.28
N PRO E 268 -41.55 16.81 38.45
CA PRO E 268 -41.22 18.17 38.90
C PRO E 268 -42.43 18.98 39.30
N GLU E 269 -42.20 20.07 40.03
CA GLU E 269 -43.17 21.15 40.11
C GLU E 269 -43.46 21.59 38.67
N ASP E 270 -44.73 21.87 38.38
CA ASP E 270 -45.15 22.39 37.07
C ASP E 270 -44.54 23.78 36.83
N THR E 271 -43.75 23.92 35.76
CA THR E 271 -43.20 25.24 35.37
C THR E 271 -44.26 26.08 34.63
N LEU E 272 -44.43 27.36 35.02
CA LEU E 272 -45.48 28.22 34.43
C LEU E 272 -44.95 29.38 33.57
N PHE E 273 -45.67 29.69 32.50
CA PHE E 273 -45.31 30.76 31.58
C PHE E 273 -46.38 31.83 31.57
N VAL E 274 -46.00 33.10 31.33
CA VAL E 274 -46.93 34.23 31.33
C VAL E 274 -47.93 34.15 30.16
N ASP E 275 -49.08 34.81 30.33
CA ASP E 275 -50.13 34.82 29.30
C ASP E 275 -49.78 35.82 28.19
N GLU E 276 -49.38 37.02 28.59
CA GLU E 276 -49.00 38.07 27.64
C GLU E 276 -47.49 38.04 27.37
N PRO E 277 -47.10 37.84 26.10
CA PRO E 277 -45.70 37.59 25.76
C PRO E 277 -44.89 38.88 25.77
N LEU E 278 -43.61 38.77 26.05
CA LEU E 278 -42.78 39.92 26.32
C LEU E 278 -41.38 39.85 25.71
N PHE E 279 -40.79 41.01 25.50
CA PHE E 279 -39.39 41.03 25.12
C PHE E 279 -38.49 40.66 26.29
N ILE E 280 -37.31 40.15 25.97
CA ILE E 280 -36.27 39.88 26.95
C ILE E 280 -35.83 41.17 27.64
N ARG E 281 -36.01 41.28 28.95
CA ARG E 281 -35.50 42.48 29.67
C ARG E 281 -34.87 42.21 31.05
N ASN E 282 -34.85 40.95 31.49
CA ASN E 282 -34.26 40.59 32.76
C ASN E 282 -33.65 39.19 32.71
N GLY E 283 -33.01 38.76 33.78
CA GLY E 283 -32.34 37.49 33.79
C GLY E 283 -33.28 36.32 33.68
N ARG E 284 -34.49 36.44 34.23
CA ARG E 284 -35.48 35.38 34.07
C ARG E 284 -35.86 35.18 32.60
N ASP E 285 -35.88 36.28 31.82
CA ASP E 285 -36.18 36.17 30.39
C ASP E 285 -35.04 35.50 29.62
N LEU E 286 -33.79 35.70 30.08
CA LEU E 286 -32.63 35.04 29.44
C LEU E 286 -32.65 33.57 29.83
N ALA E 287 -32.98 33.32 31.09
CA ALA E 287 -33.25 31.95 31.57
C ALA E 287 -34.29 31.31 30.68
N ALA E 288 -35.35 32.03 30.36
CA ALA E 288 -36.48 31.43 29.62
C ALA E 288 -36.10 31.15 28.18
N LEU E 289 -35.32 32.06 27.59
CA LEU E 289 -34.79 31.91 26.26
C LEU E 289 -34.05 30.59 26.13
N SER E 290 -33.11 30.36 27.05
CA SER E 290 -32.22 29.21 27.04
C SER E 290 -32.95 27.91 27.43
N PHE E 291 -34.20 28.04 27.88
CA PHE E 291 -35.04 26.88 28.21
C PHE E 291 -36.01 26.51 27.09
N ASN E 292 -36.56 27.51 26.41
CA ASN E 292 -37.54 27.28 25.36
C ASN E 292 -36.91 27.13 23.95
N ASP E 293 -35.60 27.36 23.81
CA ASP E 293 -34.96 27.26 22.49
C ASP E 293 -34.73 25.83 22.04
N VAL E 294 -34.41 25.64 20.78
CA VAL E 294 -34.15 24.31 20.24
C VAL E 294 -32.98 24.38 19.25
N LEU E 295 -31.79 23.97 19.71
CA LEU E 295 -30.56 23.96 18.92
C LEU E 295 -30.34 25.30 18.21
N TYR E 296 -30.39 25.34 16.87
CA TYR E 296 -30.12 26.61 16.15
C TYR E 296 -31.31 27.56 15.98
N THR E 297 -32.33 27.45 16.82
CA THR E 297 -33.40 28.48 16.75
C THR E 297 -32.82 29.92 16.80
N GLU E 298 -31.99 30.23 17.80
CA GLU E 298 -31.53 31.62 17.98
C GLU E 298 -30.63 32.01 16.84
N ALA E 299 -29.72 31.11 16.46
CA ALA E 299 -28.81 31.35 15.34
C ALA E 299 -29.52 31.48 13.99
N PHE E 300 -30.63 30.76 13.82
CA PHE E 300 -31.47 30.91 12.63
C PHE E 300 -32.01 32.36 12.57
N ARG E 301 -32.59 32.83 13.67
CA ARG E 301 -33.06 34.21 13.75
C ARG E 301 -31.96 35.17 13.36
N THR E 302 -30.77 34.93 13.90
CA THR E 302 -29.69 35.84 13.67
C THR E 302 -29.39 35.95 12.20
N ILE E 303 -29.18 34.80 11.52
CA ILE E 303 -28.90 34.81 10.08
C ILE E 303 -30.03 35.39 9.24
N LEU E 304 -31.28 35.08 9.59
CA LEU E 304 -32.40 35.65 8.85
C LEU E 304 -32.37 37.16 8.92
N ILE E 305 -32.03 37.72 10.08
CA ILE E 305 -31.85 39.17 10.22
C ILE E 305 -30.67 39.68 9.40
N MET E 306 -29.54 38.98 9.39
CA MET E 306 -28.39 39.47 8.62
C MET E 306 -28.65 39.42 7.12
N PHE E 307 -29.46 38.47 6.67
CA PHE E 307 -29.81 38.42 5.25
C PHE E 307 -30.66 39.58 4.84
N ASN E 308 -31.82 39.67 5.50
CA ASN E 308 -32.78 40.75 5.33
C ASN E 308 -32.08 42.13 5.31
N GLU E 309 -31.08 42.32 6.19
CA GLU E 309 -30.29 43.58 6.23
C GLU E 309 -29.28 43.68 5.10
N SER E 310 -28.97 42.54 4.51
CA SER E 310 -28.12 42.39 3.32
C SER E 310 -26.61 42.65 3.54
N ILE E 311 -26.15 42.41 4.76
CA ILE E 311 -24.75 42.55 5.08
C ILE E 311 -23.96 41.37 4.48
N LEU E 312 -24.55 40.18 4.45
CA LEU E 312 -23.86 38.99 3.95
C LEU E 312 -23.62 39.02 2.44
N ALA E 313 -24.45 39.76 1.71
CA ALA E 313 -24.28 39.93 0.28
C ALA E 313 -22.92 40.62 -0.06
N GLU E 314 -22.35 41.31 0.92
CA GLU E 314 -21.08 42.04 0.77
CA GLU E 314 -21.08 42.06 0.80
C GLU E 314 -19.85 41.22 1.17
N ALA E 315 -20.09 40.02 1.70
CA ALA E 315 -19.02 39.22 2.28
C ALA E 315 -18.38 38.26 1.27
N GLY E 316 -17.15 37.85 1.52
CA GLY E 316 -16.52 36.82 0.68
C GLY E 316 -16.07 37.34 -0.67
N PRO E 317 -15.57 36.45 -1.54
CA PRO E 317 -15.13 36.87 -2.89
C PRO E 317 -16.21 37.60 -3.69
N TYR E 318 -17.49 37.21 -3.54
CA TYR E 318 -18.54 37.76 -4.40
C TYR E 318 -18.90 39.17 -4.01
N GLY E 319 -18.45 39.57 -2.81
CA GLY E 319 -18.54 40.95 -2.39
C GLY E 319 -17.69 41.86 -3.25
N SER E 320 -16.77 41.26 -4.00
CA SER E 320 -15.93 42.01 -4.94
C SER E 320 -16.44 41.85 -6.36
N SER E 321 -17.57 41.16 -6.52
CA SER E 321 -18.02 40.80 -7.85
C SER E 321 -19.10 41.74 -8.32
N THR E 322 -19.07 41.99 -9.61
CA THR E 322 -19.97 42.93 -10.20
C THR E 322 -20.91 42.16 -11.14
N ARG E 323 -20.48 40.96 -11.55
CA ARG E 323 -21.22 40.18 -12.51
C ARG E 323 -21.90 38.95 -11.89
N GLN E 324 -21.41 38.56 -10.71
CA GLN E 324 -21.84 37.33 -10.04
C GLN E 324 -22.22 37.53 -8.56
N GLU E 325 -23.05 36.61 -8.05
CA GLU E 325 -23.25 36.44 -6.61
C GLU E 325 -23.21 34.97 -6.22
N GLY E 326 -22.66 34.69 -5.04
CA GLY E 326 -22.57 33.32 -4.56
C GLY E 326 -23.92 32.79 -4.15
N PHE E 327 -24.04 31.47 -4.02
CA PHE E 327 -25.21 30.86 -3.44
C PHE E 327 -24.87 29.50 -2.80
N THR E 328 -24.52 28.49 -3.59
CA THR E 328 -24.21 27.17 -2.98
C THR E 328 -22.82 27.13 -2.37
N THR E 329 -21.93 27.97 -2.88
CA THR E 329 -20.62 28.11 -2.27
C THR E 329 -20.33 29.60 -2.15
N LEU E 330 -20.03 30.06 -0.92
CA LEU E 330 -19.78 31.48 -0.68
C LEU E 330 -20.97 32.39 -0.99
N GLY E 331 -22.16 31.88 -0.72
CA GLY E 331 -23.37 32.67 -0.69
C GLY E 331 -24.35 32.03 0.27
N THR E 332 -25.59 32.50 0.21
CA THR E 332 -26.64 32.18 1.18
C THR E 332 -26.75 30.72 1.56
N SER E 333 -26.82 29.83 0.57
CA SER E 333 -27.02 28.41 0.86
C SER E 333 -25.85 27.82 1.66
N HIS E 334 -24.63 28.14 1.22
CA HIS E 334 -23.44 27.71 1.93
C HIS E 334 -23.49 28.20 3.38
N TYR E 335 -23.80 29.48 3.53
CA TYR E 335 -23.72 30.15 4.84
C TYR E 335 -24.71 29.54 5.84
N ILE E 336 -25.96 29.36 5.42
CA ILE E 336 -27.01 28.88 6.34
C ILE E 336 -26.87 27.37 6.66
N HIS E 337 -26.42 26.59 5.68
CA HIS E 337 -26.16 25.15 5.92
C HIS E 337 -24.88 24.92 6.72
N ALA E 338 -23.81 25.63 6.35
CA ALA E 338 -22.54 25.53 7.12
C ALA E 338 -22.68 26.07 8.54
N MET E 339 -23.56 27.05 8.76
CA MET E 339 -23.85 27.51 10.13
CA MET E 339 -23.86 27.53 10.12
C MET E 339 -24.40 26.38 10.97
N ALA E 340 -25.42 25.69 10.45
CA ALA E 340 -26.16 24.67 11.20
C ALA E 340 -25.29 23.45 11.54
N ALA E 341 -24.54 22.96 10.56
CA ALA E 341 -23.66 21.81 10.70
C ALA E 341 -22.47 22.10 11.60
N GLY E 342 -22.24 23.38 11.89
CA GLY E 342 -21.03 23.81 12.59
C GLY E 342 -20.77 23.24 13.97
N SER E 343 -21.84 22.77 14.65
CA SER E 343 -21.67 22.31 16.01
C SER E 343 -21.57 20.79 16.09
N SER E 344 -21.36 20.15 14.95
CA SER E 344 -21.22 18.67 14.94
C SER E 344 -22.26 17.94 15.79
N SER E 345 -23.54 18.37 15.75
CA SER E 345 -24.66 17.71 16.45
C SER E 345 -24.50 17.66 17.97
N THR E 346 -23.69 18.57 18.50
CA THR E 346 -23.48 18.73 19.94
C THR E 346 -22.65 17.58 20.49
N ARG E 347 -22.16 16.72 19.60
CA ARG E 347 -21.50 15.47 19.97
C ARG E 347 -20.22 15.56 20.82
N HIS E 348 -19.44 16.62 20.65
CA HIS E 348 -18.25 16.85 21.50
C HIS E 348 -18.60 17.15 22.91
N ALA E 349 -19.59 18.02 23.10
CA ALA E 349 -20.15 18.32 24.42
C ALA E 349 -20.53 17.03 25.13
N TRP E 350 -21.12 16.10 24.39
CA TRP E 350 -21.55 14.82 24.96
C TRP E 350 -20.46 13.88 25.35
N TYR E 351 -19.38 13.80 24.56
CA TYR E 351 -18.25 12.98 24.93
C TYR E 351 -17.64 13.51 26.23
N ALA E 352 -17.48 14.83 26.31
CA ALA E 352 -16.89 15.48 27.48
C ALA E 352 -17.81 15.35 28.71
N LYS E 353 -19.12 15.40 28.49
CA LYS E 353 -20.09 15.32 29.59
C LYS E 353 -20.02 13.96 30.29
N TRP E 354 -20.12 12.88 29.50
CA TRP E 354 -20.23 11.53 30.05
C TRP E 354 -18.90 10.74 30.12
N GLN E 355 -18.16 10.64 29.01
CA GLN E 355 -16.93 9.82 29.00
C GLN E 355 -15.81 10.43 29.81
N VAL E 356 -15.73 11.77 29.84
CA VAL E 356 -14.65 12.47 30.51
C VAL E 356 -14.96 12.95 31.96
N HIS E 357 -15.90 13.88 32.14
CA HIS E 357 -15.98 14.65 33.42
C HIS E 357 -17.06 14.27 34.44
N ARG E 358 -18.28 13.97 33.98
CA ARG E 358 -19.38 13.54 34.90
C ARG E 358 -19.57 14.50 36.08
N VAL E 359 -19.42 15.78 35.80
CA VAL E 359 -19.46 16.84 36.81
C VAL E 359 -20.91 17.04 37.26
N LEU E 360 -21.14 17.17 38.58
CA LEU E 360 -22.45 17.58 39.12
C LEU E 360 -22.92 18.98 38.76
N ARG E 361 -24.24 19.17 38.81
CA ARG E 361 -24.91 20.43 38.45
C ARG E 361 -25.03 21.38 39.63
N PRO E 362 -25.27 22.68 39.36
CA PRO E 362 -25.25 23.66 40.44
C PRO E 362 -26.31 23.40 41.52
N GLU E 363 -27.43 22.78 41.14
CA GLU E 363 -28.45 22.40 42.10
C GLU E 363 -27.97 21.29 43.05
N ALA E 364 -26.99 20.51 42.60
CA ALA E 364 -26.41 19.45 43.40
C ALA E 364 -25.35 20.00 44.36
N TYR E 365 -24.49 20.90 43.88
CA TYR E 365 -23.63 21.65 44.77
C TYR E 365 -24.49 22.37 45.82
N GLY E 366 -25.61 22.96 45.37
CA GLY E 366 -26.60 23.56 46.25
C GLY E 366 -27.04 22.69 47.42
N GLY E 367 -27.30 21.41 47.14
CA GLY E 367 -27.65 20.42 48.17
C GLY E 367 -26.54 20.17 49.18
N LEU E 368 -25.33 19.92 48.67
CA LEU E 368 -24.11 19.90 49.48
C LEU E 368 -24.00 21.07 50.45
N LEU E 369 -23.90 22.27 49.91
CA LEU E 369 -23.75 23.48 50.72
C LEU E 369 -24.76 23.50 51.86
N HIS E 370 -26.01 23.19 51.51
CA HIS E 370 -27.13 23.23 52.45
C HIS E 370 -26.89 22.31 53.62
N PHE E 371 -26.63 21.03 53.33
CA PHE E 371 -26.41 20.01 54.34
C PHE E 371 -25.04 20.07 55.01
N VAL E 372 -24.17 20.95 54.52
CA VAL E 372 -22.94 21.26 55.23
C VAL E 372 -23.30 22.30 56.28
N ILE E 373 -23.88 23.42 55.86
CA ILE E 373 -24.32 24.45 56.81
C ILE E 373 -25.21 23.87 57.91
N ASN E 374 -26.27 23.16 57.57
CA ASN E 374 -27.15 22.56 58.59
C ASN E 374 -26.69 21.20 59.02
N ILE E 377 -26.09 18.14 58.07
CA ILE E 377 -25.62 16.74 58.15
C ILE E 377 -24.18 16.40 57.62
N ASP E 378 -23.89 16.71 56.34
CA ASP E 378 -22.58 16.43 55.64
C ASP E 378 -21.32 17.19 56.08
N ASP E 379 -20.15 16.65 55.68
CA ASP E 379 -18.82 17.08 56.12
C ASP E 379 -17.88 17.49 54.97
N VAL E 380 -18.42 17.80 53.79
CA VAL E 380 -17.59 18.17 52.65
C VAL E 380 -16.92 19.53 52.92
N PRO E 381 -15.58 19.59 52.85
CA PRO E 381 -14.93 20.84 53.25
C PRO E 381 -14.99 21.91 52.16
N LEU E 382 -16.16 22.49 51.99
CA LEU E 382 -16.36 23.52 50.99
C LEU E 382 -15.69 24.80 51.47
N PRO E 383 -15.19 25.62 50.53
CA PRO E 383 -14.52 26.87 50.87
C PRO E 383 -15.33 27.78 51.82
N ALA E 384 -14.61 28.39 52.75
CA ALA E 384 -15.20 29.37 53.66
C ALA E 384 -15.83 30.58 52.94
N SER E 385 -15.40 30.87 51.71
CA SER E 385 -15.88 32.09 51.04
C SER E 385 -17.33 31.95 50.59
N ILE E 386 -17.79 30.73 50.48
CA ILE E 386 -19.21 30.49 50.30
C ILE E 386 -19.85 30.04 51.62
N VAL E 387 -19.14 29.21 52.38
CA VAL E 387 -19.72 28.64 53.60
C VAL E 387 -19.91 29.69 54.70
N SER E 388 -19.03 30.68 54.78
CA SER E 388 -19.20 31.75 55.77
C SER E 388 -19.76 33.03 55.16
N ASN E 389 -20.19 32.98 53.91
CA ASN E 389 -20.77 34.14 53.25
C ASN E 389 -22.16 34.53 53.77
N THR E 390 -22.23 35.11 54.96
CA THR E 390 -23.54 35.35 55.61
C THR E 390 -24.45 36.29 54.77
N GLU E 391 -23.86 37.28 54.13
CA GLU E 391 -24.63 38.18 53.27
C GLU E 391 -25.34 37.38 52.18
N LEU E 392 -24.58 36.57 51.44
CA LEU E 392 -25.17 35.73 50.37
C LEU E 392 -26.16 34.71 50.95
N LEU E 393 -25.74 33.98 51.98
CA LEU E 393 -26.58 32.96 52.63
C LEU E 393 -27.91 33.47 53.19
N ASN E 394 -27.90 34.66 53.80
CA ASN E 394 -29.09 35.32 54.36
C ASN E 394 -30.13 35.59 53.30
N ALA E 395 -29.66 36.21 52.21
CA ALA E 395 -30.48 36.50 51.02
C ALA E 395 -31.14 35.23 50.42
N VAL E 396 -30.34 34.17 50.30
CA VAL E 396 -30.81 32.92 49.73
C VAL E 396 -31.87 32.24 50.60
N GLU E 397 -31.64 32.16 51.91
CA GLU E 397 -32.65 31.54 52.77
C GLU E 397 -33.95 32.38 52.88
N SER E 398 -33.82 33.71 52.73
CA SER E 398 -35.00 34.60 52.63
C SER E 398 -35.80 34.25 51.41
N LEU E 399 -35.12 34.09 50.28
CA LEU E 399 -35.81 33.79 49.03
C LEU E 399 -36.51 32.44 49.15
N ASN E 400 -35.78 31.45 49.67
CA ASN E 400 -36.29 30.09 49.85
C ASN E 400 -37.50 30.03 50.78
N GLN E 401 -37.45 30.81 51.85
CA GLN E 401 -38.51 30.86 52.85
C GLN E 401 -39.80 31.45 52.29
N ALA E 402 -39.64 32.54 51.55
CA ALA E 402 -40.71 33.16 50.79
C ALA E 402 -41.34 32.20 49.75
N GLN E 403 -40.62 31.14 49.36
CA GLN E 403 -41.06 30.27 48.25
C GLN E 403 -41.50 28.86 48.65
N ASN E 404 -41.04 28.40 49.81
CA ASN E 404 -41.15 26.98 50.16
C ASN E 404 -42.24 26.67 51.20
N GLY E 405 -43.05 27.67 51.53
CA GLY E 405 -44.14 27.52 52.48
C GLY E 405 -43.79 28.08 53.84
N GLY E 406 -42.68 28.80 53.92
CA GLY E 406 -42.24 29.42 55.17
C GLY E 406 -41.21 28.67 56.01
N THR E 407 -40.37 27.82 55.41
CA THR E 407 -39.32 27.14 56.16
C THR E 407 -37.98 27.86 56.00
N ASN E 408 -37.34 28.15 57.13
CA ASN E 408 -36.06 28.89 57.14
C ASN E 408 -34.85 27.96 57.11
N GLN E 409 -33.67 28.57 57.05
CA GLN E 409 -32.39 27.86 56.96
C GLN E 409 -32.25 26.83 55.79
N VAL E 410 -32.85 27.18 54.65
CA VAL E 410 -32.72 26.35 53.45
C VAL E 410 -31.81 27.11 52.50
N PHE E 411 -30.69 26.48 52.17
CA PHE E 411 -29.62 27.14 51.40
C PHE E 411 -29.48 26.55 49.98
N LEU E 412 -30.49 25.80 49.58
CA LEU E 412 -30.59 25.30 48.21
C LEU E 412 -30.54 26.41 47.16
N LEU E 413 -30.14 26.05 45.96
CA LEU E 413 -30.21 26.99 44.85
C LEU E 413 -31.68 27.07 44.33
N PRO E 414 -32.34 28.23 44.50
CA PRO E 414 -33.67 28.38 43.93
C PRO E 414 -33.63 28.28 42.42
N MET E 415 -34.45 27.38 41.87
CA MET E 415 -34.37 27.03 40.47
C MET E 415 -35.45 27.73 39.65
N ALA E 416 -35.07 28.24 38.47
CA ALA E 416 -35.98 28.93 37.56
C ALA E 416 -36.97 28.01 36.82
N VAL E 417 -36.77 26.69 36.84
CA VAL E 417 -37.74 25.74 36.27
C VAL E 417 -38.02 24.58 37.20
N GLY E 418 -39.22 24.03 37.12
CA GLY E 418 -39.66 22.98 38.01
C GLY E 418 -38.76 21.77 37.98
N GLU E 419 -38.22 21.46 36.82
CA GLU E 419 -37.46 20.22 36.67
C GLU E 419 -35.99 20.39 36.99
N GLY E 420 -35.57 21.64 37.22
CA GLY E 420 -34.16 21.93 37.38
C GLY E 420 -33.46 21.51 36.10
N SER E 421 -32.20 21.09 36.24
CA SER E 421 -31.39 20.77 35.08
C SER E 421 -31.87 19.54 34.31
N PRO E 422 -31.46 19.44 33.02
CA PRO E 422 -31.68 18.22 32.26
C PRO E 422 -30.90 17.06 32.90
N VAL E 423 -31.26 15.83 32.55
CA VAL E 423 -30.61 14.67 33.16
C VAL E 423 -29.31 14.36 32.42
N HIS E 424 -28.37 15.28 32.48
CA HIS E 424 -27.02 15.00 31.99
C HIS E 424 -25.99 15.83 32.71
N PRO E 425 -24.71 15.40 32.71
CA PRO E 425 -23.71 16.10 33.53
C PRO E 425 -23.55 17.55 33.14
N ALA E 426 -22.99 18.33 34.05
CA ALA E 426 -22.94 19.80 33.92
C ALA E 426 -21.89 20.36 32.95
N TYR E 427 -20.82 19.63 32.72
CA TYR E 427 -19.67 20.22 32.07
C TYR E 427 -19.26 19.50 30.78
N PRO E 428 -19.30 20.21 29.63
CA PRO E 428 -19.68 21.59 29.40
C PRO E 428 -21.18 21.73 29.09
N SER E 429 -21.60 22.95 28.80
CA SER E 429 -22.97 23.24 28.41
C SER E 429 -23.15 22.94 26.92
N GLY E 430 -24.15 22.09 26.62
CA GLY E 430 -24.55 21.83 25.24
C GLY E 430 -25.04 23.04 24.47
N HIS E 431 -25.76 23.94 25.12
CA HIS E 431 -26.16 25.20 24.50
C HIS E 431 -24.94 26.02 24.13
N ALA E 432 -23.90 25.93 24.95
CA ALA E 432 -22.69 26.69 24.79
C ALA E 432 -21.92 26.21 23.57
N ILE E 433 -21.75 24.90 23.42
CA ILE E 433 -21.06 24.41 22.24
CA ILE E 433 -21.09 24.33 22.23
C ILE E 433 -21.88 24.72 20.98
N ASN E 434 -23.17 24.37 20.99
CA ASN E 434 -24.03 24.72 19.86
C ASN E 434 -23.93 26.20 19.46
N LEU E 435 -24.29 27.13 20.35
CA LEU E 435 -24.28 28.55 19.98
C LEU E 435 -22.88 29.01 19.66
N GLY E 436 -21.90 28.49 20.40
CA GLY E 436 -20.50 28.86 20.26
C GLY E 436 -20.04 28.61 18.85
N ALA E 437 -20.47 27.48 18.30
CA ALA E 437 -20.18 27.09 16.95
C ALA E 437 -20.99 27.78 15.88
N TYR E 438 -22.30 27.90 16.09
CA TYR E 438 -23.14 28.56 15.05
C TYR E 438 -22.62 29.98 14.79
N LEU E 439 -22.27 30.67 15.85
CA LEU E 439 -21.96 32.08 15.71
CA LEU E 439 -21.95 32.07 15.75
C LEU E 439 -20.54 32.31 15.21
N THR E 440 -19.63 31.41 15.57
CA THR E 440 -18.32 31.34 14.95
C THR E 440 -18.46 31.23 13.41
N VAL E 441 -19.31 30.32 12.94
CA VAL E 441 -19.55 30.21 11.49
C VAL E 441 -19.98 31.55 10.88
N LEU E 442 -20.87 32.28 11.55
CA LEU E 442 -21.35 33.54 10.99
C LEU E 442 -20.30 34.62 11.01
N LYS E 443 -19.55 34.71 12.12
CA LYS E 443 -18.44 35.62 12.17
C LYS E 443 -17.47 35.34 11.02
N ALA E 444 -17.08 34.06 10.83
CA ALA E 444 -16.19 33.65 9.72
C ALA E 444 -16.67 34.05 8.34
N PHE E 445 -17.95 33.85 8.03
CA PHE E 445 -18.43 34.29 6.71
C PHE E 445 -18.55 35.81 6.58
N LEU E 446 -19.13 36.45 7.61
CA LEU E 446 -19.13 37.91 7.70
C LEU E 446 -17.72 38.47 7.46
N GLY E 447 -16.73 37.93 8.16
CA GLY E 447 -15.36 38.45 8.11
C GLY E 447 -15.23 39.60 9.07
N PHE E 448 -13.98 39.93 9.45
CA PHE E 448 -13.71 40.89 10.50
C PHE E 448 -14.14 42.30 10.12
N GLU E 449 -13.91 42.67 8.88
CA GLU E 449 -14.11 44.05 8.44
C GLU E 449 -15.59 44.42 8.45
N LEU E 450 -16.40 43.58 7.84
CA LEU E 450 -17.85 43.74 7.93
C LEU E 450 -18.34 43.63 9.38
N GLY E 451 -17.64 42.84 10.19
CA GLY E 451 -17.98 42.66 11.61
C GLY E 451 -17.94 43.98 12.38
N GLN E 452 -17.20 44.95 11.84
CA GLN E 452 -17.12 46.29 12.42
C GLN E 452 -18.19 47.27 11.88
N ARG E 453 -18.99 46.86 10.91
CA ARG E 453 -20.13 47.67 10.51
C ARG E 453 -21.15 47.87 11.67
N CYS E 454 -21.85 49.02 11.65
CA CYS E 454 -22.83 49.33 12.69
C CYS E 454 -24.05 48.45 12.54
N PHE E 455 -24.56 47.97 13.67
CA PHE E 455 -25.87 47.36 13.63
C PHE E 455 -26.87 48.51 13.56
N PRO E 456 -27.74 48.52 12.53
CA PRO E 456 -28.66 49.64 12.29
C PRO E 456 -29.81 49.76 13.29
N SER E 457 -30.21 51.00 13.58
CA SER E 457 -31.37 51.31 14.44
C SER E 457 -31.47 50.44 15.71
N PRO E 458 -30.42 50.47 16.57
CA PRO E 458 -30.41 49.59 17.73
C PRO E 458 -31.51 49.95 18.76
N MET E 459 -32.03 48.95 19.47
CA MET E 459 -33.17 49.11 20.38
CA MET E 459 -33.15 49.16 20.39
C MET E 459 -32.94 48.43 21.72
N ILE E 460 -33.73 48.81 22.73
CA ILE E 460 -33.84 48.01 23.96
C ILE E 460 -35.32 47.81 24.33
N SER E 461 -35.61 46.79 25.13
CA SER E 461 -36.95 46.63 25.65
C SER E 461 -37.18 47.66 26.74
N ASN E 462 -38.45 48.07 26.91
CA ASN E 462 -38.80 48.82 28.11
C ASN E 462 -38.76 47.90 29.32
N ASP E 463 -38.87 48.48 30.52
CA ASP E 463 -38.73 47.72 31.75
C ASP E 463 -39.86 46.69 31.92
N ALA E 464 -41.03 46.96 31.34
CA ALA E 464 -42.13 46.02 31.40
C ALA E 464 -41.97 44.85 30.39
N GLY E 465 -41.09 45.03 29.41
CA GLY E 465 -40.88 44.01 28.36
C GLY E 465 -41.96 44.05 27.30
N THR E 466 -42.71 45.14 27.32
CA THR E 466 -43.95 45.28 26.57
CA THR E 466 -43.94 45.30 26.54
C THR E 466 -43.67 45.91 25.18
N ASP E 467 -42.60 46.70 25.09
CA ASP E 467 -42.30 47.50 23.89
C ASP E 467 -40.81 47.64 23.65
N ARG E 468 -40.37 47.91 22.41
CA ARG E 468 -38.99 48.39 22.18
C ARG E 468 -38.87 49.89 22.05
N ILE E 469 -37.68 50.36 22.45
CA ILE E 469 -37.35 51.74 22.64
C ILE E 469 -35.98 51.89 22.01
N PRO E 470 -35.67 53.08 21.44
CA PRO E 470 -34.37 53.21 20.82
C PRO E 470 -33.26 53.18 21.85
N PHE E 471 -32.15 52.57 21.48
CA PHE E 471 -30.93 52.66 22.28
C PHE E 471 -30.09 53.82 21.76
N VAL E 472 -29.83 54.80 22.64
CA VAL E 472 -28.92 55.91 22.35
C VAL E 472 -27.70 55.83 23.27
N PRO E 473 -26.48 55.79 22.67
CA PRO E 473 -25.27 55.71 23.48
C PRO E 473 -25.09 56.88 24.45
N SER E 474 -24.69 56.56 25.66
CA SER E 474 -24.37 57.56 26.68
C SER E 474 -23.03 57.24 27.35
N ASP E 475 -22.65 58.03 28.36
CA ASP E 475 -21.40 57.83 29.11
C ASP E 475 -21.36 56.48 29.83
N GLY E 476 -20.23 55.79 29.72
CA GLY E 476 -20.04 54.49 30.40
C GLY E 476 -20.88 53.36 29.81
N ASP E 477 -21.45 53.59 28.63
CA ASP E 477 -22.02 52.55 27.79
C ASP E 477 -20.89 51.71 27.18
N ARG E 478 -19.67 52.25 27.28
CA ARG E 478 -18.50 51.69 26.61
C ARG E 478 -18.77 51.38 25.17
N VAL E 479 -19.55 52.22 24.51
CA VAL E 479 -19.88 51.97 23.11
C VAL E 479 -18.78 52.64 22.28
N GLY E 480 -18.22 51.91 21.33
CA GLY E 480 -17.05 52.34 20.60
C GLY E 480 -17.36 52.77 19.20
N THR E 481 -16.41 52.53 18.31
CA THR E 481 -16.54 52.97 16.93
C THR E 481 -17.12 51.82 16.10
N CYS E 482 -17.87 52.18 15.06
CA CYS E 482 -18.35 51.24 14.05
C CYS E 482 -18.38 51.93 12.69
N ILE E 483 -18.61 51.16 11.64
CA ILE E 483 -18.63 51.71 10.30
C ILE E 483 -20.04 51.66 9.73
N ASN E 484 -20.51 52.80 9.23
CA ASN E 484 -21.86 52.85 8.68
CA ASN E 484 -21.85 52.87 8.66
C ASN E 484 -21.87 52.48 7.18
N GLU E 485 -23.07 52.48 6.59
CA GLU E 485 -23.27 52.17 5.16
C GLU E 485 -22.41 53.03 4.28
N ASP E 486 -22.07 54.22 4.77
CA ASP E 486 -21.34 55.22 4.00
C ASP E 486 -19.82 55.06 4.18
N GLY E 487 -19.43 54.13 5.04
CA GLY E 487 -18.02 53.84 5.24
C GLY E 487 -17.36 54.84 6.16
N GLU E 488 -18.18 55.59 6.88
CA GLU E 488 -17.70 56.56 7.87
C GLU E 488 -17.77 56.03 9.28
N GLU E 489 -16.82 56.46 10.10
CA GLU E 489 -16.78 56.09 11.51
C GLU E 489 -17.90 56.74 12.30
N GLU E 490 -18.48 55.99 13.24
CA GLU E 490 -19.59 56.45 14.10
C GLU E 490 -19.51 55.78 15.47
N VAL E 491 -20.28 56.28 16.43
CA VAL E 491 -20.38 55.63 17.73
C VAL E 491 -21.58 54.69 17.70
N GLY E 492 -21.36 53.40 17.96
CA GLY E 492 -22.42 52.41 17.86
C GLY E 492 -22.00 50.97 17.99
N LEU E 493 -23.00 50.10 18.04
CA LEU E 493 -22.82 48.66 18.28
C LEU E 493 -22.43 47.96 17.00
N THR E 494 -21.39 47.14 17.07
CA THR E 494 -20.91 46.46 15.88
C THR E 494 -21.60 45.11 15.71
N TYR E 495 -21.63 44.65 14.46
CA TYR E 495 -22.18 43.34 14.13
C TYR E 495 -21.46 42.25 14.90
N GLU E 496 -20.13 42.33 14.90
CA GLU E 496 -19.30 41.37 15.61
C GLU E 496 -19.73 41.27 17.07
N GLY E 497 -19.86 42.43 17.70
CA GLY E 497 -20.14 42.56 19.11
C GLY E 497 -21.52 42.04 19.43
N GLU E 498 -22.47 42.34 18.57
CA GLU E 498 -23.83 41.85 18.69
C GLU E 498 -23.98 40.35 18.39
N LEU E 499 -23.15 39.82 17.51
CA LEU E 499 -23.09 38.38 17.30
C LEU E 499 -22.55 37.69 18.56
N ASN E 500 -21.46 38.18 19.15
CA ASN E 500 -20.93 37.53 20.37
C ASN E 500 -21.94 37.52 21.51
N LYS E 501 -22.77 38.57 21.57
CA LYS E 501 -23.81 38.66 22.59
C LYS E 501 -24.86 37.52 22.49
N VAL E 502 -25.19 37.13 21.26
CA VAL E 502 -26.09 35.99 21.12
C VAL E 502 -25.57 34.79 21.89
N THR E 503 -24.32 34.40 21.63
CA THR E 503 -23.79 33.22 22.31
C THR E 503 -23.66 33.47 23.80
N SER E 504 -23.43 34.72 24.16
CA SER E 504 -23.33 35.08 25.54
C SER E 504 -24.67 35.08 26.29
N ASN E 505 -25.73 35.58 25.64
CA ASN E 505 -27.07 35.56 26.19
C ASN E 505 -27.58 34.16 26.44
N VAL E 506 -27.27 33.26 25.52
CA VAL E 506 -27.78 31.91 25.62
C VAL E 506 -27.00 31.11 26.65
N ALA E 507 -25.67 31.13 26.55
CA ALA E 507 -24.82 30.34 27.45
C ALA E 507 -25.00 30.80 28.91
N ILE E 508 -25.01 32.12 29.10
CA ILE E 508 -25.18 32.65 30.44
C ILE E 508 -26.64 32.57 30.89
N GLY E 509 -27.57 32.50 29.94
CA GLY E 509 -28.97 32.22 30.24
C GLY E 509 -29.14 30.91 31.01
N ARG E 510 -28.35 29.90 30.64
CA ARG E 510 -28.32 28.65 31.37
C ARG E 510 -27.93 28.87 32.82
N SER E 511 -27.09 29.88 33.07
CA SER E 511 -26.73 30.22 34.43
C SER E 511 -27.88 30.87 35.19
N HIS E 512 -28.52 31.87 34.55
CA HIS E 512 -29.72 32.52 35.08
C HIS E 512 -30.81 31.52 35.39
N LEU E 513 -30.83 30.45 34.61
CA LEU E 513 -31.80 29.36 34.81
C LEU E 513 -31.40 28.49 36.01
N GLY E 514 -30.11 28.49 36.34
CA GLY E 514 -29.61 27.75 37.49
C GLY E 514 -28.94 26.42 37.16
N VAL E 515 -28.84 26.09 35.87
CA VAL E 515 -28.43 24.75 35.48
C VAL E 515 -26.96 24.62 35.11
N HIS E 516 -26.26 25.76 35.04
CA HIS E 516 -24.83 25.78 34.74
C HIS E 516 -24.08 26.86 35.44
N TRP E 517 -22.80 26.60 35.70
CA TRP E 517 -21.85 27.63 36.08
C TRP E 517 -21.27 28.38 34.88
N ARG E 518 -20.68 29.53 35.14
CA ARG E 518 -19.96 30.27 34.12
C ARG E 518 -19.00 29.42 33.23
N MET E 519 -18.16 28.60 33.87
CA MET E 519 -17.17 27.78 33.16
CA MET E 519 -17.16 27.75 33.19
C MET E 519 -17.77 26.90 32.09
N ASP E 520 -18.92 26.28 32.39
CA ASP E 520 -19.68 25.40 31.48
C ASP E 520 -20.01 26.07 30.15
N GLY E 521 -20.35 27.36 30.21
CA GLY E 521 -20.72 28.10 29.03
C GLY E 521 -19.55 28.77 28.39
N VAL E 522 -18.65 29.28 29.21
CA VAL E 522 -17.57 30.09 28.69
C VAL E 522 -16.51 29.21 28.00
N PHE E 523 -16.15 28.08 28.61
CA PHE E 523 -15.23 27.11 28.01
C PHE E 523 -15.93 26.26 26.95
N GLY E 524 -17.20 25.92 27.21
CA GLY E 524 -18.06 25.29 26.20
C GLY E 524 -18.15 26.03 24.88
N ALA E 525 -18.20 27.36 24.94
CA ALA E 525 -18.23 28.18 23.71
C ALA E 525 -16.94 28.01 22.90
N GLU E 526 -15.83 27.83 23.60
CA GLU E 526 -14.55 27.60 22.91
C GLU E 526 -14.52 26.23 22.23
N MET E 527 -15.07 25.23 22.92
CA MET E 527 -15.18 23.91 22.36
C MET E 527 -16.01 23.96 21.08
N GLY E 528 -17.19 24.59 21.16
CA GLY E 528 -18.03 24.80 19.98
C GLY E 528 -17.31 25.57 18.86
N GLU E 529 -16.59 26.62 19.24
CA GLU E 529 -15.79 27.39 18.29
C GLU E 529 -14.75 26.53 17.51
N ALA E 530 -14.16 25.55 18.18
CA ALA E 530 -13.12 24.73 17.59
C ALA E 530 -13.75 23.78 16.61
N GLY E 531 -14.87 23.19 17.02
CA GLY E 531 -15.62 22.29 16.18
C GLY E 531 -16.00 22.88 14.84
N ALA E 532 -16.53 24.10 14.88
CA ALA E 532 -16.85 24.88 13.69
C ALA E 532 -15.67 25.17 12.76
N ILE E 533 -14.56 25.62 13.33
CA ILE E 533 -13.36 25.94 12.54
C ILE E 533 -12.81 24.69 11.85
N ARG E 534 -12.83 23.57 12.56
CA ARG E 534 -12.42 22.28 11.95
C ARG E 534 -13.18 21.93 10.69
N ARG E 535 -14.50 22.12 10.72
CA ARG E 535 -15.36 21.94 9.56
C ARG E 535 -15.07 23.01 8.52
N LEU E 536 -14.97 24.26 8.92
CA LEU E 536 -14.68 25.30 7.97
C LEU E 536 -13.32 25.02 7.27
N GLN E 537 -12.35 24.52 8.03
CA GLN E 537 -11.03 24.17 7.46
C GLN E 537 -11.13 23.05 6.44
N GLN E 538 -11.80 21.97 6.85
CA GLN E 538 -11.99 20.81 6.01
C GLN E 538 -12.64 21.16 4.67
N GLU E 539 -13.71 21.95 4.69
CA GLU E 539 -14.45 22.27 3.48
C GLU E 539 -13.70 23.24 2.54
N LEU E 540 -13.09 24.27 3.11
CA LEU E 540 -12.62 25.43 2.35
C LEU E 540 -11.85 25.05 1.08
N GLY E 541 -10.85 24.19 1.26
CA GLY E 541 -10.02 23.71 0.17
C GLY E 541 -10.72 23.19 -1.06
N GLY E 542 -11.86 22.51 -0.89
CA GLY E 542 -12.57 21.90 -2.03
C GLY E 542 -13.52 22.79 -2.81
N LEU E 543 -13.57 24.06 -2.43
CA LEU E 543 -14.48 25.03 -3.00
C LEU E 543 -13.85 25.76 -4.18
N PRO E 544 -14.64 25.95 -5.26
CA PRO E 544 -14.14 26.61 -6.45
C PRO E 544 -13.51 27.99 -6.17
N GLU E 545 -14.04 28.72 -5.19
CA GLU E 545 -13.51 30.04 -4.84
C GLU E 545 -12.16 30.01 -4.09
N ALA E 546 -11.75 28.83 -3.62
CA ALA E 546 -10.47 28.63 -2.95
C ALA E 546 -9.32 28.52 -3.93
N ARG E 547 -9.63 28.16 -5.17
CA ARG E 547 -8.59 28.06 -6.18
C ARG E 547 -7.96 29.40 -6.49
N ASP E 548 -6.64 29.39 -6.57
CA ASP E 548 -5.85 30.54 -6.95
C ASP E 548 -6.03 30.78 -8.43
N THR E 549 -6.52 31.96 -8.79
CA THR E 549 -7.02 32.16 -10.13
C THR E 549 -6.44 33.45 -10.74
N GLU E 550 -6.42 33.54 -12.06
CA GLU E 550 -5.89 34.75 -12.67
C GLU E 550 -6.96 35.78 -12.94
N GLY E 551 -6.88 36.89 -12.23
CA GLY E 551 -7.89 37.95 -12.32
C GLY E 551 -7.86 38.78 -11.04
N PRO E 552 -8.68 39.83 -10.97
CA PRO E 552 -8.61 40.70 -9.79
C PRO E 552 -9.24 40.15 -8.49
N ILE E 553 -10.20 39.22 -8.59
CA ILE E 553 -10.81 38.59 -7.39
C ILE E 553 -9.90 37.50 -6.77
N PRO E 554 -9.45 37.74 -5.52
CA PRO E 554 -8.58 36.78 -4.81
C PRO E 554 -9.30 35.51 -4.32
N PRO E 555 -8.54 34.44 -4.03
CA PRO E 555 -9.08 33.18 -3.53
C PRO E 555 -9.72 33.44 -2.18
N ALA E 556 -10.69 32.60 -1.79
CA ALA E 556 -11.43 32.82 -0.55
C ALA E 556 -10.57 32.50 0.66
N SER E 557 -10.79 33.23 1.75
CA SER E 557 -10.22 32.89 3.03
C SER E 557 -11.13 33.43 4.14
N TYR E 558 -11.03 32.89 5.34
CA TYR E 558 -11.90 33.36 6.42
C TYR E 558 -11.08 34.06 7.46
N LYS E 559 -11.26 35.37 7.56
CA LYS E 559 -10.50 36.18 8.48
C LYS E 559 -11.43 36.79 9.53
N PHE E 560 -11.21 36.42 10.79
CA PHE E 560 -12.08 36.91 11.86
C PHE E 560 -11.43 36.85 13.23
N ARG E 561 -12.22 37.16 14.25
CA ARG E 561 -11.71 37.20 15.59
C ARG E 561 -12.50 36.26 16.52
N LEU E 562 -11.77 35.37 17.18
CA LEU E 562 -12.30 34.40 18.15
C LEU E 562 -12.84 35.09 19.41
N TYR E 563 -13.63 34.36 20.20
CA TYR E 563 -14.21 34.85 21.44
C TYR E 563 -13.15 35.44 22.39
N SER E 564 -11.99 34.79 22.45
CA SER E 564 -10.88 35.29 23.27
C SER E 564 -10.21 36.58 22.72
N GLY E 565 -10.59 37.03 21.53
CA GLY E 565 -9.99 38.26 20.99
C GLY E 565 -8.85 38.09 19.98
N THR E 566 -8.24 36.92 19.92
CA THR E 566 -7.11 36.76 19.01
C THR E 566 -7.63 36.66 17.58
N MET E 567 -6.90 37.31 16.65
CA MET E 567 -7.25 37.24 15.23
CA MET E 567 -7.23 37.23 15.23
C MET E 567 -6.92 35.84 14.67
N ILE E 568 -7.74 35.36 13.75
CA ILE E 568 -7.45 34.09 13.08
C ILE E 568 -7.72 34.34 11.62
N GLU E 569 -7.00 33.65 10.75
CA GLU E 569 -7.35 33.66 9.33
C GLU E 569 -7.17 32.25 8.79
N LEU E 570 -8.23 31.66 8.25
CA LEU E 570 -8.15 30.32 7.70
C LEU E 570 -7.88 30.45 6.18
N PHE E 571 -6.90 29.68 5.67
CA PHE E 571 -6.55 29.62 4.23
C PHE E 571 -6.87 28.25 3.64
N PRO E 572 -6.94 28.11 2.29
CA PRO E 572 -7.32 26.78 1.74
C PRO E 572 -6.37 25.62 2.03
N ASP E 573 -5.08 25.89 2.15
CA ASP E 573 -4.08 24.81 2.12
C ASP E 573 -3.96 24.00 3.44
N ASN E 574 -4.95 24.16 4.32
CA ASN E 574 -4.85 23.76 5.73
C ASN E 574 -3.71 24.52 6.41
N ARG E 575 -3.61 25.81 6.08
CA ARG E 575 -2.73 26.75 6.76
C ARG E 575 -3.62 27.82 7.36
N TYR E 576 -3.16 28.41 8.46
CA TYR E 576 -3.91 29.49 9.09
C TYR E 576 -3.00 30.43 9.86
N MET E 577 -3.42 31.68 9.99
CA MET E 577 -2.72 32.63 10.82
C MET E 577 -3.49 32.78 12.13
N LEU E 578 -2.75 32.71 13.23
CA LEU E 578 -3.30 32.83 14.56
C LEU E 578 -2.49 33.88 15.29
N GLY E 579 -3.09 35.06 15.49
CA GLY E 579 -2.35 36.17 16.07
C GLY E 579 -1.29 36.60 15.07
N ASP E 580 -0.03 36.60 15.49
CA ASP E 580 1.03 36.88 14.52
C ASP E 580 1.81 35.59 14.15
N GLN E 581 1.24 34.44 14.49
CA GLN E 581 1.84 33.14 14.18
C GLN E 581 1.26 32.50 12.93
N MET E 582 2.15 31.95 12.10
CA MET E 582 1.76 31.21 10.90
CA MET E 582 1.68 31.20 10.94
C MET E 582 1.65 29.71 11.26
N CYS E 583 0.46 29.13 11.17
CA CYS E 583 0.26 27.72 11.53
C CYS E 583 -0.11 26.79 10.38
N LYS E 584 0.00 25.50 10.66
CA LYS E 584 -0.12 24.44 9.69
C LYS E 584 -0.99 23.33 10.32
N GLY E 585 -1.83 22.70 9.50
CA GLY E 585 -2.71 21.64 9.97
C GLY E 585 -4.07 22.06 10.55
N PHE E 586 -4.70 21.15 11.26
CA PHE E 586 -6.01 21.41 11.83
C PHE E 586 -5.91 22.22 13.15
N PHE E 587 -6.76 23.23 13.25
CA PHE E 587 -6.89 24.05 14.44
C PHE E 587 -7.43 23.23 15.63
N THR E 588 -6.78 23.41 16.79
CA THR E 588 -7.19 22.72 18.01
C THR E 588 -7.72 23.74 19.03
N GLY E 589 -7.18 24.96 18.99
CA GLY E 589 -7.47 26.01 19.97
C GLY E 589 -6.51 27.19 19.81
N ASP E 590 -6.85 28.36 20.36
CA ASP E 590 -5.96 29.52 20.18
C ASP E 590 -4.68 29.48 21.04
N ASP E 591 -4.51 28.40 21.81
CA ASP E 591 -3.35 28.20 22.69
C ASP E 591 -2.33 27.22 22.11
N PHE E 592 -2.45 26.90 20.82
CA PHE E 592 -1.65 25.84 20.21
C PHE E 592 -1.49 26.15 18.73
N CYS E 593 -0.28 25.98 18.23
CA CYS E 593 -0.02 26.22 16.82
C CYS E 593 1.10 25.31 16.36
N VAL E 594 0.81 24.42 15.41
CA VAL E 594 1.87 23.67 14.74
C VAL E 594 2.50 24.65 13.75
N PRO E 595 3.76 25.05 13.99
CA PRO E 595 4.28 26.16 13.18
C PRO E 595 4.43 25.80 11.69
N ALA E 596 4.14 26.76 10.81
CA ALA E 596 4.11 26.48 9.39
C ALA E 596 5.51 26.61 8.75
N GLN F 1 -0.51 36.38 29.77
CA GLN F 1 -0.43 37.85 30.05
C GLN F 1 -1.55 38.42 30.95
N THR F 2 -2.78 38.58 30.42
CA THR F 2 -3.83 39.20 31.25
C THR F 2 -4.16 38.35 32.46
N VAL F 3 -4.66 39.01 33.50
CA VAL F 3 -5.09 38.35 34.70
C VAL F 3 -6.03 37.18 34.37
N ASN F 4 -6.92 37.37 33.38
CA ASN F 4 -7.86 36.32 32.93
C ASN F 4 -7.18 35.12 32.26
N GLU F 5 -6.24 35.38 31.38
CA GLU F 5 -5.52 34.31 30.70
C GLU F 5 -4.66 33.52 31.67
N LEU F 6 -4.04 34.22 32.61
CA LEU F 6 -3.21 33.57 33.60
C LEU F 6 -4.03 32.65 34.49
N ALA F 7 -5.24 33.08 34.85
CA ALA F 7 -6.11 32.32 35.75
C ALA F 7 -6.69 31.09 35.06
N ASP F 8 -6.71 31.14 33.74
CA ASP F 8 -7.27 30.08 32.92
C ASP F 8 -6.27 28.97 32.54
N MET F 9 -4.98 29.29 32.57
CA MET F 9 -3.92 28.30 32.33
C MET F 9 -4.07 27.05 33.20
N GLN F 10 -3.86 25.90 32.58
CA GLN F 10 -3.96 24.59 33.22
C GLN F 10 -2.69 23.79 32.99
N THR F 11 -2.40 22.85 33.89
CA THR F 11 -1.29 21.93 33.71
C THR F 11 -1.79 20.51 33.78
N ARG F 12 -0.93 19.59 33.38
CA ARG F 12 -1.24 18.20 33.53
C ARG F 12 0.06 17.42 33.80
N PRO F 13 -0.04 16.14 34.22
CA PRO F 13 1.18 15.40 34.48
C PRO F 13 2.13 15.40 33.25
N LEU F 14 3.44 15.47 33.50
CA LEU F 14 4.42 15.32 32.46
C LEU F 14 4.99 13.91 32.67
N LEU F 15 4.61 13.00 31.77
CA LEU F 15 4.94 11.59 31.92
C LEU F 15 5.88 11.18 30.81
N SER F 16 6.55 10.05 31.02
CA SER F 16 7.53 9.51 30.06
C SER F 16 6.84 9.20 28.73
N GLY F 17 5.58 8.77 28.80
CA GLY F 17 4.80 8.47 27.61
C GLY F 17 3.90 9.58 27.06
N SER F 18 3.90 10.75 27.70
CA SER F 18 3.17 11.89 27.17
C SER F 18 3.67 12.14 25.76
N VAL F 19 2.81 12.72 24.92
CA VAL F 19 3.15 13.01 23.53
C VAL F 19 3.06 14.49 23.17
N CYS F 20 4.10 15.05 22.59
CA CYS F 20 4.14 16.47 22.21
C CYS F 20 4.50 16.66 20.76
N ARG F 21 3.52 17.01 19.91
CA ARG F 21 3.76 17.30 18.49
C ARG F 21 4.52 18.60 18.30
N VAL F 22 4.45 19.47 19.29
CA VAL F 22 5.14 20.76 19.26
C VAL F 22 5.86 20.85 20.60
N ARG F 23 7.17 21.04 20.54
CA ARG F 23 7.99 21.22 21.72
C ARG F 23 9.03 22.23 21.28
N ASP F 24 9.72 22.87 22.21
CA ASP F 24 10.65 23.89 21.76
C ASP F 24 12.10 23.40 21.59
N THR F 25 12.31 22.20 21.08
CA THR F 25 13.67 21.73 20.89
C THR F 25 14.47 22.60 19.87
N VAL F 26 15.78 22.77 20.11
CA VAL F 26 16.59 23.50 19.15
C VAL F 26 17.11 22.51 18.11
N ASP F 27 16.36 22.38 17.03
CA ASP F 27 16.52 21.27 16.09
C ASP F 27 15.82 21.66 14.80
N PHE F 28 16.50 21.54 13.65
CA PHE F 28 15.89 21.94 12.37
C PHE F 28 14.73 21.05 11.97
N LEU F 29 14.73 19.82 12.47
CA LEU F 29 13.62 18.90 12.22
C LEU F 29 12.56 19.10 13.30
N SER F 30 11.29 19.16 12.91
CA SER F 30 10.19 19.10 13.84
C SER F 30 10.13 17.71 14.47
N PRO F 31 9.39 17.56 15.59
CA PRO F 31 9.20 16.26 16.24
C PRO F 31 8.73 15.16 15.29
N THR F 32 7.68 15.41 14.51
CA THR F 32 7.12 14.34 13.69
C THR F 32 7.98 14.13 12.46
N LYS F 33 8.62 15.18 11.99
CA LYS F 33 9.51 15.08 10.86
C LYS F 33 10.73 14.15 11.16
N ARG F 34 11.29 14.28 12.37
CA ARG F 34 12.46 13.51 12.78
C ARG F 34 12.10 12.02 12.91
N ALA F 35 10.97 11.73 13.56
CA ALA F 35 10.42 10.38 13.61
C ALA F 35 10.13 9.79 12.20
N LYS F 36 9.62 10.61 11.29
CA LYS F 36 9.29 10.12 9.96
C LYS F 36 10.49 9.71 9.15
N ILE F 37 11.50 10.57 9.10
CA ILE F 37 12.79 10.26 8.44
C ILE F 37 13.39 8.96 9.03
N THR F 38 13.31 8.81 10.35
CA THR F 38 13.85 7.62 11.05
C THR F 38 13.07 6.37 10.61
N PHE F 39 11.75 6.48 10.53
CA PHE F 39 10.91 5.36 10.13
C PHE F 39 11.28 4.94 8.71
N LYS F 40 11.40 5.91 7.80
CA LYS F 40 11.73 5.66 6.40
C LYS F 40 13.04 4.88 6.21
N ARG F 41 14.08 5.30 6.91
CA ARG F 41 15.38 4.65 6.85
C ARG F 41 15.32 3.24 7.42
N ARG F 42 14.55 3.04 8.50
CA ARG F 42 14.35 1.67 9.01
C ARG F 42 13.69 0.75 7.98
N ILE F 43 12.64 1.21 7.29
CA ILE F 43 12.05 0.37 6.25
CA ILE F 43 12.00 0.45 6.19
C ILE F 43 12.98 0.22 5.04
N GLY F 44 13.69 1.28 4.64
CA GLY F 44 14.72 1.16 3.57
C GLY F 44 15.83 0.15 3.86
N ILE F 45 16.34 0.14 5.09
CA ILE F 45 17.24 -0.93 5.54
C ILE F 45 16.58 -2.30 5.46
N ALA F 46 15.33 -2.40 5.91
CA ALA F 46 14.64 -3.70 5.95
C ALA F 46 14.46 -4.26 4.53
N VAL F 47 14.17 -3.35 3.60
CA VAL F 47 13.97 -3.73 2.22
C VAL F 47 15.30 -4.03 1.52
N GLY F 48 16.32 -3.22 1.78
CA GLY F 48 17.66 -3.47 1.26
C GLY F 48 18.21 -4.83 1.67
N GLU F 49 18.00 -5.22 2.93
CA GLU F 49 18.46 -6.51 3.46
C GLU F 49 17.83 -7.67 2.70
N LEU F 50 16.51 -7.62 2.56
CA LEU F 50 15.73 -8.58 1.84
C LEU F 50 16.23 -8.78 0.40
N ALA F 51 16.52 -7.67 -0.28
CA ALA F 51 16.94 -7.69 -1.69
C ALA F 51 18.25 -8.41 -1.96
N VAL F 52 19.05 -8.63 -0.92
CA VAL F 52 20.26 -9.46 -1.00
C VAL F 52 19.90 -10.88 -1.47
N GLY F 53 18.87 -11.45 -0.87
CA GLY F 53 18.43 -12.79 -1.24
C GLY F 53 19.17 -13.81 -0.39
N PRO F 54 18.60 -15.03 -0.31
CA PRO F 54 19.14 -16.08 0.54
C PRO F 54 20.56 -16.48 0.12
N THR F 55 21.43 -16.65 1.11
CA THR F 55 22.80 -17.05 0.91
C THR F 55 22.89 -18.51 0.45
N CYS F 56 23.86 -18.79 -0.43
CA CYS F 56 24.12 -20.16 -0.86
C CYS F 56 24.88 -20.97 0.19
N HIS F 57 24.18 -21.28 1.29
CA HIS F 57 24.69 -22.14 2.36
C HIS F 57 24.51 -23.58 1.99
N LEU F 58 25.58 -24.21 1.49
CA LEU F 58 25.52 -25.56 0.96
C LEU F 58 26.47 -26.46 1.72
N ASN F 59 25.93 -27.55 2.24
CA ASN F 59 26.72 -28.59 2.91
C ASN F 59 27.65 -29.30 1.90
N ASN F 60 28.86 -29.69 2.34
CA ASN F 60 29.90 -30.21 1.40
C ASN F 60 29.68 -31.63 0.83
N GLY F 61 28.67 -32.33 1.34
CA GLY F 61 28.32 -33.66 0.84
C GLY F 61 28.76 -34.82 1.73
N ASP F 62 29.47 -34.52 2.81
CA ASP F 62 30.03 -35.56 3.66
C ASP F 62 28.91 -36.28 4.37
N GLU F 63 27.99 -35.53 4.95
CA GLU F 63 26.95 -36.12 5.76
C GLU F 63 26.19 -37.20 5.01
N ALA F 64 25.99 -37.00 3.71
CA ALA F 64 25.21 -37.94 2.91
C ALA F 64 26.04 -39.07 2.32
N ASN F 65 27.35 -38.89 2.23
CA ASN F 65 28.18 -39.89 1.59
C ASN F 65 29.14 -40.66 2.46
N ILE F 66 29.54 -40.11 3.59
CA ILE F 66 30.50 -40.80 4.47
C ILE F 66 29.75 -41.72 5.43
N PRO F 67 30.14 -43.03 5.49
CA PRO F 67 29.49 -43.98 6.38
C PRO F 67 29.48 -43.50 7.84
N LEU F 68 28.37 -43.75 8.52
CA LEU F 68 28.32 -43.65 9.99
C LEU F 68 28.61 -42.25 10.54
N PHE F 69 28.36 -41.21 9.74
CA PHE F 69 28.57 -39.81 10.12
C PHE F 69 29.97 -39.43 10.61
N ASP F 70 30.95 -40.26 10.27
CA ASP F 70 32.38 -40.06 10.55
C ASP F 70 32.90 -38.62 10.33
N GLY F 71 32.36 -37.90 9.35
CA GLY F 71 32.77 -36.52 9.12
C GLY F 71 31.96 -35.45 9.86
N GLN F 72 31.06 -35.86 10.76
CA GLN F 72 30.11 -34.95 11.41
C GLN F 72 30.47 -34.71 12.87
N PHE F 73 30.15 -33.50 13.35
CA PHE F 73 30.23 -33.20 14.77
C PHE F 73 29.21 -34.01 15.57
N HIS F 74 29.67 -34.72 16.60
CA HIS F 74 28.74 -35.34 17.56
C HIS F 74 29.34 -35.59 18.90
N LYS F 75 30.24 -34.70 19.30
CA LYS F 75 30.74 -34.73 20.67
C LYS F 75 29.57 -34.66 21.68
N SER F 76 29.71 -35.42 22.77
CA SER F 76 28.78 -35.41 23.89
C SER F 76 27.65 -36.42 23.74
N LEU F 77 27.53 -36.98 22.53
CA LEU F 77 26.60 -38.09 22.23
C LEU F 77 27.21 -39.44 22.53
N PRO F 78 26.39 -40.51 22.52
CA PRO F 78 26.90 -41.88 22.70
C PRO F 78 27.68 -42.41 21.50
N HIS F 79 28.87 -42.99 21.74
CA HIS F 79 29.69 -43.59 20.70
C HIS F 79 30.06 -45.01 21.04
N ASP F 80 30.44 -45.83 20.06
CA ASP F 80 31.04 -47.15 20.37
C ASP F 80 32.50 -46.99 20.85
N ASP F 81 33.20 -48.10 21.11
CA ASP F 81 34.58 -48.02 21.64
C ASP F 81 35.59 -47.40 20.65
N MET F 82 35.14 -47.13 19.43
CA MET F 82 35.96 -46.64 18.34
C MET F 82 35.64 -45.17 18.02
N GLY F 83 34.68 -44.63 18.75
CA GLY F 83 34.30 -43.25 18.58
C GLY F 83 33.30 -43.03 17.47
N ARG F 84 32.72 -44.12 16.96
CA ARG F 84 31.61 -44.01 15.99
C ARG F 84 30.31 -43.66 16.70
N VAL F 85 29.61 -42.63 16.22
CA VAL F 85 28.37 -42.19 16.85
C VAL F 85 27.26 -43.24 16.73
N ASN F 86 26.39 -43.30 17.73
CA ASN F 86 25.08 -43.92 17.58
C ASN F 86 24.22 -43.15 16.55
N PRO F 87 23.81 -43.83 15.47
CA PRO F 87 23.05 -43.24 14.35
C PRO F 87 21.64 -42.75 14.71
N GLU F 88 20.96 -43.42 15.63
CA GLU F 88 19.66 -42.94 16.09
C GLU F 88 19.84 -41.64 16.88
N ALA F 89 20.96 -41.55 17.59
CA ALA F 89 21.23 -40.41 18.44
C ALA F 89 21.62 -39.22 17.56
N TYR F 90 22.45 -39.46 16.54
CA TYR F 90 22.77 -38.40 15.58
C TYR F 90 21.53 -37.84 14.90
N GLN F 91 20.60 -38.71 14.54
CA GLN F 91 19.30 -38.32 13.96
C GLN F 91 18.47 -37.47 14.93
N LEU F 92 18.50 -37.81 16.20
CA LEU F 92 17.87 -36.94 17.20
C LEU F 92 18.56 -35.56 17.30
N LEU F 93 19.87 -35.53 17.07
CA LEU F 93 20.57 -34.25 17.06
C LEU F 93 20.06 -33.43 15.90
N LEU F 94 19.92 -34.07 14.72
CA LEU F 94 19.36 -33.40 13.55
C LEU F 94 17.93 -32.87 13.77
N ASP F 95 17.06 -33.65 14.43
CA ASP F 95 15.70 -33.19 14.73
C ASP F 95 15.78 -31.94 15.60
N CYS F 96 16.71 -31.93 16.55
CA CYS F 96 16.97 -30.74 17.36
C CYS F 96 17.32 -29.48 16.52
N ILE F 97 18.42 -29.56 15.76
CA ILE F 97 18.87 -28.44 14.93
C ILE F 97 17.73 -27.97 14.02
N GLU F 98 17.13 -28.91 13.29
CA GLU F 98 16.01 -28.61 12.39
C GLU F 98 14.85 -27.88 13.10
N SER F 99 14.47 -28.36 14.28
CA SER F 99 13.31 -27.84 14.98
C SER F 99 13.52 -26.42 15.48
N ASN F 100 14.74 -26.12 15.91
CA ASN F 100 15.04 -24.85 16.57
C ASN F 100 14.17 -24.75 17.83
N ASP F 101 13.86 -25.89 18.44
CA ASP F 101 13.01 -25.92 19.63
C ASP F 101 13.78 -26.41 20.85
N ILE F 102 13.77 -25.64 21.93
CA ILE F 102 14.52 -26.01 23.14
C ILE F 102 14.11 -27.36 23.79
N ASN F 103 12.83 -27.71 23.70
CA ASN F 103 12.35 -28.94 24.34
C ASN F 103 12.62 -30.18 23.51
N VAL F 104 12.83 -29.98 22.22
CA VAL F 104 13.20 -31.08 21.32
C VAL F 104 14.69 -31.33 21.49
N CYS F 105 15.45 -30.25 21.60
CA CYS F 105 16.86 -30.39 21.81
C CYS F 105 17.17 -31.06 23.16
N ASP F 106 16.31 -30.88 24.18
CA ASP F 106 16.58 -31.55 25.49
C ASP F 106 16.59 -33.11 25.40
N GLN F 107 16.08 -33.66 24.29
CA GLN F 107 15.99 -35.11 24.06
C GLN F 107 17.12 -35.78 23.26
N VAL F 108 18.12 -35.01 22.86
CA VAL F 108 19.32 -35.59 22.27
C VAL F 108 19.97 -36.47 23.34
N PRO F 109 20.28 -37.73 23.02
CA PRO F 109 20.97 -38.58 24.01
C PRO F 109 22.35 -38.03 24.39
N SER F 110 22.73 -38.22 25.65
CA SER F 110 24.08 -37.95 26.17
C SER F 110 24.95 -39.22 26.13
N GLY F 111 26.26 -39.08 25.99
CA GLY F 111 27.11 -40.25 25.89
C GLY F 111 27.53 -40.86 27.22
N VAL F 112 27.06 -40.30 28.31
CA VAL F 112 27.35 -40.88 29.60
C VAL F 112 26.05 -40.95 30.42
N GLU F 113 26.11 -41.66 31.54
CA GLU F 113 24.92 -41.87 32.39
C GLU F 113 24.42 -40.60 33.11
N SER F 114 25.31 -39.87 33.74
CA SER F 114 24.87 -38.65 34.38
C SER F 114 25.87 -37.51 34.24
N ASP F 115 25.36 -36.27 34.36
CA ASP F 115 26.16 -35.06 34.33
C ASP F 115 26.92 -34.96 33.01
N GLY F 116 26.34 -35.47 31.93
CA GLY F 116 26.97 -35.37 30.62
C GLY F 116 27.16 -33.92 30.20
N ARG F 117 28.24 -33.64 29.48
CA ARG F 117 28.50 -32.30 29.00
C ARG F 117 27.41 -31.83 28.05
N LYS F 118 27.07 -30.55 28.17
CA LYS F 118 25.94 -29.96 27.45
C LYS F 118 26.30 -29.49 26.05
N LEU F 119 25.34 -29.65 25.13
CA LEU F 119 25.41 -29.07 23.77
C LEU F 119 25.46 -27.55 23.85
N VAL F 120 26.38 -26.92 23.13
CA VAL F 120 26.45 -25.46 23.22
C VAL F 120 25.51 -24.81 22.21
N ASN F 121 24.28 -24.52 22.68
CA ASN F 121 23.31 -23.71 21.96
C ASN F 121 23.07 -24.09 20.50
N PRO F 122 22.57 -25.33 20.25
CA PRO F 122 22.15 -25.66 18.90
C PRO F 122 21.03 -24.76 18.35
N LEU F 123 20.29 -24.03 19.20
CA LEU F 123 19.28 -23.08 18.66
C LEU F 123 19.89 -21.76 18.21
N GLY F 124 21.16 -21.54 18.55
CA GLY F 124 21.79 -20.22 18.49
C GLY F 124 21.87 -19.46 17.18
N GLY F 125 21.74 -20.15 16.06
CA GLY F 125 21.70 -19.49 14.78
C GLY F 125 20.30 -19.23 14.24
N GLY F 126 19.26 -19.69 14.95
CA GLY F 126 17.88 -19.50 14.48
C GLY F 126 17.19 -18.14 14.72
N GLY F 127 17.83 -17.20 15.41
CA GLY F 127 17.15 -15.94 15.70
C GLY F 127 16.94 -15.03 14.50
N HIS F 128 15.77 -14.39 14.44
CA HIS F 128 15.52 -13.28 13.54
C HIS F 128 16.10 -11.99 14.09
N GLN F 129 17.15 -11.49 13.44
CA GLN F 129 17.88 -10.26 13.87
C GLN F 129 17.09 -8.98 13.67
N VAL F 130 17.20 -8.02 14.61
CA VAL F 130 16.54 -6.72 14.45
CA VAL F 130 16.56 -6.71 14.48
C VAL F 130 17.28 -5.86 13.42
N ASP F 131 18.61 -5.80 13.51
CA ASP F 131 19.42 -5.20 12.46
C ASP F 131 20.59 -6.08 12.02
N GLY F 132 21.52 -5.47 11.30
CA GLY F 132 22.59 -6.16 10.62
C GLY F 132 22.10 -7.06 9.51
N ALA F 133 22.96 -7.97 9.09
CA ALA F 133 22.53 -9.11 8.29
C ALA F 133 21.87 -10.15 9.19
N ASP F 134 20.82 -10.80 8.71
CA ASP F 134 20.13 -11.79 9.51
C ASP F 134 21.02 -13.02 9.79
N SER F 135 20.64 -13.88 10.75
CA SER F 135 21.49 -14.99 11.18
C SER F 135 21.99 -15.87 10.03
N ASP F 136 21.18 -16.02 9.00
CA ASP F 136 21.48 -16.97 7.92
C ASP F 136 21.97 -16.31 6.65
N ASN F 137 22.28 -15.01 6.72
CA ASN F 137 22.45 -14.25 5.50
C ASN F 137 23.82 -13.56 5.43
N ILE F 138 24.81 -14.20 6.05
CA ILE F 138 26.21 -13.95 5.70
C ILE F 138 26.88 -15.24 5.25
N PHE F 139 27.49 -15.15 4.08
CA PHE F 139 28.13 -16.29 3.47
C PHE F 139 29.40 -16.66 4.23
N ILE F 140 29.73 -17.95 4.26
CA ILE F 140 31.10 -18.37 4.52
C ILE F 140 31.41 -19.43 3.48
N LYS F 141 32.68 -19.57 3.07
CA LYS F 141 33.08 -20.67 2.18
C LYS F 141 32.72 -22.05 2.75
N GLN F 142 32.55 -23.00 1.86
CA GLN F 142 32.43 -24.41 2.25
C GLN F 142 33.70 -24.92 2.91
N PRO F 143 33.56 -25.75 3.94
CA PRO F 143 34.73 -26.39 4.53
C PRO F 143 35.26 -27.51 3.64
N ASP F 144 36.58 -27.75 3.67
CA ASP F 144 37.20 -28.89 2.98
C ASP F 144 36.50 -30.18 3.45
N ASN F 145 36.32 -31.12 2.53
CA ASN F 145 35.76 -32.44 2.85
C ASN F 145 36.67 -33.29 3.76
N LEU F 146 36.04 -34.21 4.51
CA LEU F 146 36.76 -35.11 5.42
C LEU F 146 37.92 -35.86 4.75
N LEU F 147 37.74 -36.24 3.48
CA LEU F 147 38.75 -37.07 2.83
C LEU F 147 39.66 -36.23 1.96
N SER F 148 39.46 -34.92 1.96
CA SER F 148 40.25 -34.01 1.13
C SER F 148 41.74 -34.00 1.48
N GLU F 149 42.55 -33.66 0.48
CA GLU F 149 43.98 -33.48 0.67
C GLU F 149 44.25 -32.22 1.49
N ARG F 150 43.49 -31.16 1.25
CA ARG F 150 43.78 -29.93 1.99
C ARG F 150 43.48 -30.08 3.49
N LEU F 151 42.41 -30.79 3.84
CA LEU F 151 42.10 -31.03 5.24
C LEU F 151 43.23 -31.80 5.96
N ALA F 152 43.77 -32.82 5.28
CA ALA F 152 44.88 -33.57 5.84
C ALA F 152 46.10 -32.65 6.05
N ALA F 153 46.38 -31.79 5.09
CA ALA F 153 47.43 -30.79 5.31
C ALA F 153 47.12 -29.93 6.55
N GLN F 154 45.86 -29.50 6.71
CA GLN F 154 45.50 -28.68 7.89
C GLN F 154 45.60 -29.43 9.21
N GLN F 155 45.23 -30.71 9.19
CA GLN F 155 45.38 -31.50 10.42
C GLN F 155 46.85 -31.64 10.74
N ALA F 156 47.66 -31.82 9.70
CA ALA F 156 49.11 -31.87 9.87
C ALA F 156 49.61 -30.58 10.54
N GLU F 157 49.12 -29.42 10.08
CA GLU F 157 49.55 -28.13 10.65
C GLU F 157 49.14 -28.02 12.15
N VAL F 158 47.96 -28.56 12.48
CA VAL F 158 47.49 -28.57 13.88
C VAL F 158 48.28 -29.56 14.77
N TYR F 159 48.79 -30.64 14.17
CA TYR F 159 49.66 -31.57 14.90
C TYR F 159 51.02 -30.93 15.20
N TRP F 160 51.59 -30.27 14.18
CA TRP F 160 52.84 -29.54 14.35
C TRP F 160 52.78 -28.43 15.35
N MET F 161 51.65 -27.72 15.41
CA MET F 161 51.50 -26.66 16.41
C MET F 161 51.54 -27.30 17.80
N ALA F 162 50.83 -28.42 17.96
CA ALA F 162 50.80 -29.16 19.24
C ALA F 162 52.20 -29.58 19.70
N LEU F 163 53.01 -30.04 18.74
CA LEU F 163 54.37 -30.44 19.04
C LEU F 163 55.27 -29.24 19.41
N LEU F 164 54.93 -28.03 18.92
CA LEU F 164 55.85 -26.88 19.05
C LEU F 164 55.36 -25.89 20.09
N ARG F 165 54.32 -26.28 20.85
CA ARG F 165 53.63 -25.39 21.82
C ARG F 165 54.57 -24.68 22.79
N ASP F 166 55.57 -25.40 23.32
CA ASP F 166 56.49 -24.76 24.26
C ASP F 166 57.78 -24.13 23.65
N ILE F 167 57.85 -24.02 22.32
CA ILE F 167 59.01 -23.36 21.69
C ILE F 167 58.76 -21.85 21.58
N PRO F 168 59.56 -21.05 22.30
CA PRO F 168 59.43 -19.59 22.19
C PRO F 168 59.53 -19.15 20.73
N PHE F 169 58.62 -18.27 20.32
CA PHE F 169 58.60 -17.70 18.96
C PHE F 169 59.93 -17.06 18.54
N SER F 170 60.65 -16.53 19.52
CA SER F 170 61.92 -15.85 19.27
C SER F 170 62.98 -16.85 18.77
N GLN F 171 62.72 -18.14 18.96
CA GLN F 171 63.70 -19.15 18.55
C GLN F 171 63.35 -19.91 17.29
N PHE F 172 62.24 -19.52 16.67
CA PHE F 172 61.74 -20.16 15.46
C PHE F 172 62.75 -20.18 14.29
N GLY F 173 63.56 -19.14 14.15
CA GLY F 173 64.57 -19.08 13.09
C GLY F 173 65.65 -20.14 13.24
N THR F 174 66.02 -20.47 14.48
CA THR F 174 67.16 -21.35 14.73
C THR F 174 66.82 -22.75 15.20
N ASN F 175 65.60 -22.96 15.66
CA ASN F 175 65.27 -24.24 16.29
C ASN F 175 65.07 -25.38 15.29
N ASN F 176 65.81 -26.46 15.50
CA ASN F 176 65.82 -27.59 14.58
C ASN F 176 64.44 -28.24 14.41
N THR F 177 63.70 -28.33 15.50
CA THR F 177 62.36 -28.92 15.43
C THR F 177 61.30 -28.07 14.73
N VAL F 178 61.41 -26.73 14.77
CA VAL F 178 60.48 -25.95 13.97
C VAL F 178 60.87 -26.05 12.49
N GLN F 179 62.17 -26.06 12.20
CA GLN F 179 62.71 -26.38 10.86
C GLN F 179 62.16 -27.69 10.27
N MET F 180 62.13 -28.74 11.08
CA MET F 180 61.57 -30.02 10.67
C MET F 180 60.06 -29.95 10.37
N ALA F 181 59.34 -29.10 11.09
CA ALA F 181 57.91 -28.84 10.85
C ALA F 181 57.69 -28.14 9.52
N VAL F 182 58.49 -27.10 9.29
CA VAL F 182 58.47 -26.36 8.04
C VAL F 182 58.68 -27.31 6.87
N VAL F 183 59.71 -28.15 6.91
CA VAL F 183 60.03 -29.05 5.82
C VAL F 183 58.83 -29.98 5.60
N ASN F 184 58.40 -30.63 6.66
CA ASN F 184 57.24 -31.52 6.57
C ASN F 184 56.04 -30.83 5.92
N LEU F 185 55.69 -29.62 6.38
CA LEU F 185 54.51 -28.93 5.87
C LEU F 185 54.68 -28.42 4.45
N GLN F 186 55.88 -27.95 4.11
CA GLN F 186 56.21 -27.52 2.75
C GLN F 186 56.04 -28.70 1.80
N GLY F 187 56.03 -29.92 2.33
CA GLY F 187 55.81 -31.13 1.52
C GLY F 187 54.38 -31.49 1.15
N PHE F 188 53.39 -30.84 1.77
CA PHE F 188 52.01 -31.01 1.35
C PHE F 188 51.73 -30.04 0.21
N ASP F 189 51.51 -30.50 -1.02
CA ASP F 189 51.20 -29.46 -2.01
C ASP F 189 49.75 -29.04 -2.08
N ALA F 190 48.89 -29.69 -1.30
CA ALA F 190 47.52 -29.16 -1.10
C ALA F 190 47.47 -28.03 -0.06
N PHE F 191 48.60 -27.77 0.60
CA PHE F 191 48.67 -26.72 1.65
C PHE F 191 48.85 -25.34 1.01
N ASN F 192 47.79 -24.85 0.34
CA ASN F 192 47.73 -23.49 -0.21
C ASN F 192 46.35 -22.94 -0.07
N GLY F 193 46.18 -21.64 -0.35
CA GLY F 193 44.97 -20.91 0.02
C GLY F 193 44.99 -20.60 1.51
N LEU F 194 43.80 -20.45 2.11
CA LEU F 194 43.66 -20.28 3.58
C LEU F 194 44.60 -19.25 4.20
N SER F 195 44.92 -18.20 3.43
CA SER F 195 45.84 -17.14 3.85
C SER F 195 47.14 -17.67 4.43
N ILE F 196 47.67 -18.71 3.81
CA ILE F 196 48.92 -19.29 4.23
C ILE F 196 49.99 -18.28 3.80
N SER F 197 50.93 -18.01 4.70
CA SER F 197 51.95 -17.00 4.48
C SER F 197 53.19 -17.72 4.00
N ARG F 198 53.72 -17.29 2.86
CA ARG F 198 54.99 -17.81 2.30
C ARG F 198 55.92 -16.67 1.90
N ASP F 199 57.21 -16.95 1.74
CA ASP F 199 58.12 -15.90 1.31
C ASP F 199 58.04 -15.65 -0.20
N ALA F 200 58.94 -14.81 -0.70
CA ALA F 200 58.97 -14.44 -2.12
C ALA F 200 59.25 -15.61 -3.08
N ASP F 201 59.78 -16.73 -2.55
CA ASP F 201 60.17 -17.91 -3.30
C ASP F 201 59.16 -19.04 -3.18
N GLY F 202 58.14 -18.81 -2.36
CA GLY F 202 57.10 -19.80 -2.15
C GLY F 202 57.44 -20.76 -1.03
N ASN F 203 58.54 -20.49 -0.33
CA ASN F 203 58.86 -21.19 0.92
C ASN F 203 58.22 -20.57 2.17
N ILE F 204 57.97 -21.43 3.16
CA ILE F 204 57.51 -21.04 4.48
C ILE F 204 58.74 -20.74 5.32
N ASP F 205 58.99 -19.46 5.59
CA ASP F 205 60.08 -19.09 6.51
C ASP F 205 59.68 -19.38 7.96
N PRO F 206 60.53 -20.11 8.72
CA PRO F 206 60.13 -20.54 10.06
C PRO F 206 59.79 -19.35 10.97
N MET F 207 60.59 -18.27 10.91
CA MET F 207 60.41 -17.11 11.79
C MET F 207 59.27 -16.14 11.39
N GLN F 208 59.01 -15.98 10.09
CA GLN F 208 58.01 -14.99 9.66
C GLN F 208 56.73 -15.59 9.10
N ASP F 209 56.75 -16.84 8.68
CA ASP F 209 55.58 -17.38 8.02
C ASP F 209 54.84 -18.47 8.79
N LEU F 210 55.57 -19.32 9.53
CA LEU F 210 54.98 -20.51 10.12
C LEU F 210 53.89 -20.16 11.12
N PHE F 211 52.73 -20.77 10.90
CA PHE F 211 51.54 -20.57 11.74
C PHE F 211 50.99 -19.13 11.70
N ARG F 212 51.37 -18.35 10.68
CA ARG F 212 50.83 -16.99 10.53
C ARG F 212 49.82 -16.91 9.37
N THR F 213 49.22 -15.74 9.15
CA THR F 213 48.41 -15.49 7.94
C THR F 213 49.12 -14.47 7.07
N ASP F 214 48.76 -14.38 5.80
CA ASP F 214 49.35 -13.36 4.96
C ASP F 214 48.59 -12.02 4.91
N TRP F 215 47.72 -11.76 5.91
CA TRP F 215 46.99 -10.46 5.99
C TRP F 215 47.96 -9.31 6.17
N PRO F 216 47.65 -8.14 5.60
CA PRO F 216 48.71 -7.11 5.61
C PRO F 216 49.34 -6.93 7.00
N GLY F 217 50.67 -7.00 7.05
CA GLY F 217 51.41 -6.71 8.27
C GLY F 217 51.59 -7.88 9.22
N VAL F 218 50.81 -8.94 9.05
CA VAL F 218 50.84 -10.08 9.98
C VAL F 218 52.17 -10.85 10.01
N SER F 219 52.82 -11.01 8.85
CA SER F 219 54.11 -11.69 8.80
C SER F 219 55.33 -10.75 9.04
N SER F 220 55.05 -9.49 9.38
CA SER F 220 56.09 -8.50 9.72
C SER F 220 56.36 -8.45 11.22
N GLY F 221 57.63 -8.50 11.60
CA GLY F 221 58.01 -8.41 13.00
C GLY F 221 57.53 -9.61 13.80
N PRO F 222 57.32 -9.42 15.11
CA PRO F 222 56.95 -10.48 16.06
C PRO F 222 55.61 -11.14 15.73
N MET F 223 55.54 -12.44 15.94
CA MET F 223 54.29 -13.20 15.90
C MET F 223 53.16 -12.48 16.68
N VAL F 224 53.43 -12.12 17.94
CA VAL F 224 52.38 -11.59 18.83
C VAL F 224 52.14 -10.10 18.58
N SER F 225 50.87 -9.72 18.40
CA SER F 225 50.46 -8.32 18.29
C SER F 225 50.98 -7.45 19.43
N GLN F 226 51.53 -6.29 19.09
CA GLN F 226 51.87 -5.26 20.08
C GLN F 226 50.70 -5.04 21.08
N PHE F 227 49.46 -5.11 20.59
CA PHE F 227 48.27 -4.94 21.43
C PHE F 227 48.14 -5.97 22.55
N MET F 228 48.51 -7.22 22.30
CA MET F 228 48.49 -8.29 23.30
CA MET F 228 48.44 -8.24 23.34
C MET F 228 49.66 -8.20 24.29
N LEU F 229 50.60 -7.30 24.00
CA LEU F 229 51.83 -7.09 24.79
C LEU F 229 51.97 -5.73 25.50
N ALA F 230 51.12 -4.75 25.18
CA ALA F 230 51.23 -3.45 25.85
C ALA F 230 50.47 -3.33 27.19
N ASN F 231 50.96 -2.47 28.08
CA ASN F 231 50.13 -2.04 29.20
C ASN F 231 48.84 -1.40 28.69
N PHE F 232 47.72 -1.68 29.36
CA PHE F 232 46.48 -0.99 29.10
C PHE F 232 45.89 -0.48 30.41
N ASP F 233 45.16 0.63 30.32
CA ASP F 233 44.59 1.29 31.47
CA ASP F 233 44.59 1.26 31.48
C ASP F 233 43.09 1.04 31.50
N ILE F 234 42.59 0.54 32.63
CA ILE F 234 41.14 0.50 32.78
C ILE F 234 40.76 1.18 34.07
N ASP F 235 39.87 2.18 33.99
CA ASP F 235 39.39 2.88 35.17
C ASP F 235 40.55 3.37 36.08
N GLY F 236 41.64 3.79 35.45
CA GLY F 236 42.81 4.29 36.18
C GLY F 236 43.75 3.18 36.65
N ILE F 237 43.30 1.92 36.51
CA ILE F 237 44.10 0.74 36.82
C ILE F 237 45.02 0.39 35.66
N VAL F 238 46.33 0.34 35.93
CA VAL F 238 47.33 0.09 34.89
C VAL F 238 47.66 -1.38 34.94
N VAL F 239 47.43 -2.06 33.83
CA VAL F 239 47.53 -3.51 33.79
C VAL F 239 48.64 -3.94 32.83
N GLU F 240 49.60 -4.72 33.33
CA GLU F 240 50.60 -5.32 32.47
C GLU F 240 50.00 -6.64 32.02
N PRO F 241 50.11 -6.96 30.72
CA PRO F 241 49.44 -8.19 30.29
C PRO F 241 50.19 -9.50 30.60
N LYS F 242 50.48 -9.76 31.88
CA LYS F 242 51.01 -11.06 32.32
C LYS F 242 49.82 -11.91 32.73
N ALA F 243 49.64 -13.07 32.10
CA ALA F 243 48.46 -13.92 32.34
C ALA F 243 48.82 -15.27 32.94
N LYS F 244 47.86 -15.85 33.67
N LYS F 244 47.88 -15.86 33.67
CA LYS F 244 47.98 -17.20 34.20
CA LYS F 244 48.05 -17.20 34.20
C LYS F 244 47.74 -18.18 33.07
C LYS F 244 47.77 -18.21 33.10
N THR F 245 48.76 -18.29 32.21
CA THR F 245 48.72 -19.12 31.02
C THR F 245 48.66 -20.62 31.38
N LEU F 246 48.51 -21.47 30.37
CA LEU F 246 48.57 -22.92 30.52
C LEU F 246 49.93 -23.47 30.96
N VAL F 247 49.92 -24.43 31.89
CA VAL F 247 51.16 -25.06 32.39
C VAL F 247 51.99 -25.75 31.30
N PRO F 248 53.29 -25.40 31.19
CA PRO F 248 54.17 -26.01 30.19
C PRO F 248 54.25 -27.51 30.31
N GLU F 249 54.42 -28.14 29.15
CA GLU F 249 54.57 -29.59 29.00
C GLU F 249 53.51 -30.47 29.64
N MET F 250 52.22 -30.14 29.47
CA MET F 250 51.09 -31.07 29.77
CA MET F 250 51.18 -31.10 29.72
C MET F 250 50.08 -31.05 28.67
N GLU F 251 49.73 -32.23 28.18
CA GLU F 251 48.75 -32.37 27.14
C GLU F 251 47.64 -33.27 27.67
N TYR F 252 46.48 -33.25 27.01
CA TYR F 252 45.32 -34.08 27.37
C TYR F 252 44.82 -34.92 26.23
N MET F 253 43.96 -35.88 26.61
CA MET F 253 43.29 -36.78 25.67
C MET F 253 44.29 -37.52 24.83
N THR F 254 45.37 -37.96 25.48
CA THR F 254 46.54 -38.53 24.81
C THR F 254 46.51 -40.06 24.82
N GLY F 255 45.42 -40.63 25.34
CA GLY F 255 45.15 -42.06 25.25
C GLY F 255 43.70 -42.27 24.86
N VAL F 256 43.37 -43.49 24.40
CA VAL F 256 42.00 -43.75 23.91
C VAL F 256 40.96 -43.50 25.02
N ASP F 257 41.21 -44.03 26.21
CA ASP F 257 40.29 -43.87 27.34
C ASP F 257 39.89 -42.42 27.66
N THR F 258 40.87 -41.52 27.72
CA THR F 258 40.61 -40.12 28.06
C THR F 258 39.97 -39.35 26.92
N TRP F 259 40.42 -39.61 25.71
CA TRP F 259 39.81 -39.06 24.51
C TRP F 259 38.37 -39.55 24.32
N LEU F 260 38.14 -40.85 24.42
CA LEU F 260 36.80 -41.43 24.29
C LEU F 260 35.83 -40.91 25.37
N ASN F 261 36.31 -40.87 26.61
CA ASN F 261 35.58 -40.19 27.69
C ASN F 261 35.10 -38.80 27.24
N ILE F 262 35.97 -38.00 26.62
CA ILE F 262 35.58 -36.66 26.18
C ILE F 262 34.52 -36.68 25.10
N GLN F 263 34.74 -37.47 24.05
CA GLN F 263 33.76 -37.59 22.98
C GLN F 263 32.36 -37.96 23.48
N ASN F 264 32.30 -38.70 24.59
CA ASN F 264 31.04 -39.14 25.18
C ASN F 264 30.41 -38.16 26.18
N GLY F 265 31.15 -37.12 26.55
CA GLY F 265 30.63 -36.12 27.46
C GLY F 265 31.02 -36.28 28.92
N GLY F 266 32.03 -37.11 29.20
CA GLY F 266 32.49 -37.36 30.59
C GLY F 266 33.28 -36.20 31.18
N PRO F 267 33.49 -36.18 32.53
CA PRO F 267 34.29 -35.07 33.06
C PRO F 267 35.71 -35.13 32.51
N PRO F 268 36.22 -33.99 32.06
CA PRO F 268 37.57 -33.88 31.52
C PRO F 268 38.66 -34.03 32.60
N GLU F 269 39.88 -34.30 32.17
CA GLU F 269 41.03 -34.12 33.06
C GLU F 269 41.04 -32.64 33.53
N ASP F 270 41.63 -32.38 34.69
CA ASP F 270 41.83 -31.03 35.25
C ASP F 270 42.76 -30.17 34.37
N THR F 271 42.26 -29.06 33.83
CA THR F 271 43.13 -28.12 33.12
C THR F 271 43.92 -27.25 34.11
N LEU F 272 45.25 -27.17 33.94
CA LEU F 272 46.10 -26.46 34.88
C LEU F 272 46.72 -25.18 34.30
N PHE F 273 46.67 -24.13 35.11
CA PHE F 273 47.16 -22.83 34.77
C PHE F 273 48.28 -22.54 35.74
N VAL F 274 49.22 -21.68 35.34
CA VAL F 274 50.41 -21.36 36.13
C VAL F 274 50.09 -20.45 37.33
N ASP F 275 50.89 -20.54 38.38
CA ASP F 275 50.83 -19.68 39.57
C ASP F 275 51.37 -18.28 39.21
N GLU F 276 52.54 -18.21 38.61
CA GLU F 276 53.15 -16.93 38.28
C GLU F 276 52.79 -16.53 36.84
N PRO F 277 52.11 -15.37 36.66
CA PRO F 277 51.62 -14.96 35.35
C PRO F 277 52.77 -14.52 34.45
N LEU F 278 52.60 -14.72 33.15
CA LEU F 278 53.64 -14.44 32.13
C LEU F 278 53.08 -13.71 30.90
N PHE F 279 53.94 -12.96 30.21
CA PHE F 279 53.63 -12.40 28.88
C PHE F 279 53.66 -13.52 27.87
N ILE F 280 52.79 -13.44 26.86
CA ILE F 280 52.74 -14.36 25.69
C ILE F 280 54.06 -14.49 24.91
N ARG F 281 54.66 -15.69 24.88
CA ARG F 281 55.94 -15.91 24.18
C ARG F 281 56.05 -17.20 23.36
N ASN F 282 54.99 -18.00 23.34
CA ASN F 282 54.97 -19.29 22.63
C ASN F 282 53.55 -19.66 22.26
N GLY F 283 53.40 -20.73 21.46
CA GLY F 283 52.09 -21.15 20.98
C GLY F 283 51.14 -21.58 22.09
N ARG F 284 51.66 -22.16 23.16
CA ARG F 284 50.81 -22.51 24.31
C ARG F 284 50.19 -21.25 24.93
N ASP F 285 50.92 -20.14 24.93
CA ASP F 285 50.38 -18.89 25.47
C ASP F 285 49.23 -18.36 24.58
N LEU F 286 49.37 -18.50 23.25
CA LEU F 286 48.30 -18.10 22.34
C LEU F 286 47.07 -19.01 22.52
N ALA F 287 47.32 -20.30 22.77
CA ALA F 287 46.27 -21.26 23.04
C ALA F 287 45.50 -20.81 24.27
N ALA F 288 46.21 -20.56 25.37
CA ALA F 288 45.62 -20.05 26.61
C ALA F 288 44.82 -18.76 26.40
N LEU F 289 45.38 -17.83 25.62
CA LEU F 289 44.70 -16.57 25.32
C LEU F 289 43.32 -16.83 24.69
N SER F 290 43.28 -17.79 23.75
CA SER F 290 42.07 -18.06 23.00
C SER F 290 41.07 -18.89 23.81
N PHE F 291 41.52 -19.39 24.96
CA PHE F 291 40.71 -20.25 25.83
C PHE F 291 40.19 -19.46 27.02
N ASN F 292 41.00 -18.51 27.46
CA ASN F 292 40.72 -17.74 28.64
C ASN F 292 39.95 -16.50 28.31
N ASP F 293 39.77 -16.19 27.03
CA ASP F 293 39.11 -14.92 26.68
C ASP F 293 37.61 -15.01 26.76
N VAL F 294 36.94 -13.85 26.67
CA VAL F 294 35.50 -13.78 26.67
C VAL F 294 35.10 -12.70 25.66
N LEU F 295 34.66 -13.14 24.48
CA LEU F 295 34.09 -12.24 23.45
C LEU F 295 35.01 -11.07 23.12
N TYR F 296 34.61 -9.85 23.43
CA TYR F 296 35.44 -8.69 23.06
C TYR F 296 36.55 -8.31 24.03
N THR F 297 36.96 -9.23 24.93
CA THR F 297 38.08 -8.90 25.82
C THR F 297 39.34 -8.36 25.12
N GLU F 298 39.78 -9.02 24.06
CA GLU F 298 41.03 -8.63 23.39
C GLU F 298 40.87 -7.31 22.64
N ALA F 299 39.72 -7.13 21.97
CA ALA F 299 39.40 -5.90 21.25
C ALA F 299 39.23 -4.73 22.20
N PHE F 300 38.70 -5.01 23.38
CA PHE F 300 38.55 -3.97 24.40
C PHE F 300 39.92 -3.41 24.82
N ARG F 301 40.80 -4.32 25.21
CA ARG F 301 42.20 -3.98 25.50
C ARG F 301 42.79 -3.14 24.39
N THR F 302 42.64 -3.61 23.15
CA THR F 302 43.24 -2.88 22.03
CA THR F 302 43.15 -2.95 21.95
C THR F 302 42.62 -1.51 21.80
N ILE F 303 41.31 -1.37 21.97
CA ILE F 303 40.73 -0.04 21.81
C ILE F 303 41.12 0.89 22.98
N LEU F 304 41.24 0.35 24.18
CA LEU F 304 41.78 1.16 25.28
C LEU F 304 43.19 1.67 24.98
N ILE F 305 44.02 0.77 24.43
CA ILE F 305 45.38 1.12 24.09
C ILE F 305 45.43 2.26 23.05
N MET F 306 44.62 2.15 21.99
CA MET F 306 44.54 3.15 20.93
C MET F 306 44.06 4.49 21.46
N PHE F 307 43.04 4.48 22.30
CA PHE F 307 42.59 5.70 22.96
C PHE F 307 43.69 6.38 23.74
N ASN F 308 44.30 5.62 24.65
CA ASN F 308 45.40 6.06 25.47
C ASN F 308 46.49 6.72 24.63
N GLU F 309 46.81 6.11 23.50
CA GLU F 309 47.85 6.64 22.64
C GLU F 309 47.38 7.85 21.83
N SER F 310 46.06 8.01 21.68
CA SER F 310 45.43 9.23 21.15
C SER F 310 45.24 9.30 19.63
N ILE F 311 45.41 8.16 18.99
CA ILE F 311 45.30 8.06 17.55
C ILE F 311 43.88 8.19 17.00
N LEU F 312 42.87 7.72 17.75
CA LEU F 312 41.47 7.82 17.31
C LEU F 312 40.93 9.22 17.38
N ALA F 313 41.62 10.10 18.14
CA ALA F 313 41.27 11.52 18.21
C ALA F 313 41.50 12.21 16.87
N GLU F 314 42.31 11.60 16.01
CA GLU F 314 42.52 12.15 14.66
C GLU F 314 41.68 11.54 13.59
N ALA F 315 40.90 10.53 13.92
CA ALA F 315 40.15 9.81 12.92
C ALA F 315 38.86 10.52 12.54
N GLY F 316 38.44 10.33 11.29
CA GLY F 316 37.12 10.77 10.83
C GLY F 316 37.01 12.27 10.63
N PRO F 317 35.80 12.78 10.38
CA PRO F 317 35.62 14.20 10.08
C PRO F 317 36.25 15.11 11.15
N TYR F 318 36.23 14.68 12.42
CA TYR F 318 36.72 15.52 13.50
C TYR F 318 38.23 15.70 13.52
N GLY F 319 38.91 14.85 12.76
CA GLY F 319 40.35 15.00 12.53
C GLY F 319 40.62 16.29 11.78
N SER F 320 39.59 16.86 11.17
CA SER F 320 39.72 18.11 10.40
C SER F 320 39.16 19.31 11.13
N SER F 321 38.68 19.08 12.35
CA SER F 321 37.96 20.10 13.11
C SER F 321 38.80 20.76 14.20
N THR F 322 38.88 22.09 14.13
CA THR F 322 39.58 22.95 15.09
C THR F 322 38.69 23.22 16.33
N ARG F 323 37.38 23.27 16.13
CA ARG F 323 36.47 23.69 17.16
C ARG F 323 35.74 22.55 17.87
N GLN F 324 35.58 21.41 17.23
CA GLN F 324 34.80 20.31 17.83
C GLN F 324 35.55 18.98 17.92
N GLU F 325 35.08 18.09 18.79
CA GLU F 325 35.46 16.69 18.72
C GLU F 325 34.19 15.83 18.76
N GLY F 326 34.24 14.64 18.17
CA GLY F 326 33.09 13.75 18.22
C GLY F 326 32.95 13.05 19.55
N PHE F 327 31.86 12.30 19.69
CA PHE F 327 31.70 11.43 20.84
C PHE F 327 30.66 10.36 20.62
N THR F 328 29.39 10.73 20.52
CA THR F 328 28.33 9.73 20.29
C THR F 328 28.25 9.30 18.81
N THR F 329 28.82 10.10 17.92
CA THR F 329 28.91 9.77 16.50
C THR F 329 30.27 10.24 16.02
N LEU F 330 31.02 9.34 15.38
CA LEU F 330 32.40 9.62 14.97
C LEU F 330 33.25 10.16 16.07
N GLY F 331 33.04 9.65 17.28
CA GLY F 331 34.00 9.79 18.38
C GLY F 331 34.00 8.54 19.24
N THR F 332 34.61 8.63 20.41
CA THR F 332 34.88 7.50 21.31
C THR F 332 33.69 6.57 21.63
N SER F 333 32.55 7.12 22.08
CA SER F 333 31.41 6.28 22.43
C SER F 333 30.93 5.48 21.22
N HIS F 334 30.82 6.16 20.08
CA HIS F 334 30.49 5.52 18.81
C HIS F 334 31.42 4.37 18.51
N TYR F 335 32.73 4.63 18.61
CA TYR F 335 33.77 3.67 18.26
C TYR F 335 33.69 2.44 19.14
N ILE F 336 33.54 2.65 20.43
CA ILE F 336 33.62 1.56 21.35
C ILE F 336 32.36 0.69 21.31
N HIS F 337 31.19 1.28 21.07
CA HIS F 337 29.95 0.50 21.02
C HIS F 337 29.78 -0.19 19.69
N ALA F 338 30.11 0.50 18.58
CA ALA F 338 30.02 -0.12 17.26
C ALA F 338 30.94 -1.32 17.17
N MET F 339 32.13 -1.20 17.74
CA MET F 339 33.09 -2.32 17.77
C MET F 339 32.44 -3.53 18.43
N ALA F 340 31.91 -3.33 19.64
CA ALA F 340 31.18 -4.40 20.37
C ALA F 340 30.08 -5.04 19.55
N ALA F 341 29.27 -4.23 18.88
CA ALA F 341 28.12 -4.73 18.13
C ALA F 341 28.45 -5.42 16.78
N GLY F 342 29.70 -5.26 16.31
CA GLY F 342 30.13 -5.74 14.98
C GLY F 342 29.95 -7.23 14.66
N SER F 343 29.97 -8.08 15.67
CA SER F 343 29.97 -9.52 15.38
C SER F 343 28.58 -10.13 15.45
N SER F 344 27.58 -9.26 15.61
CA SER F 344 26.18 -9.70 15.61
C SER F 344 25.93 -10.80 16.63
N SER F 345 26.58 -10.71 17.80
CA SER F 345 26.51 -11.74 18.84
C SER F 345 26.85 -13.17 18.37
N THR F 346 27.76 -13.26 17.40
CA THR F 346 28.33 -14.53 16.91
C THR F 346 27.27 -15.43 16.25
N ARG F 347 26.15 -14.83 15.85
CA ARG F 347 24.97 -15.64 15.46
C ARG F 347 25.15 -16.21 14.05
N HIS F 348 25.92 -15.52 13.21
CA HIS F 348 26.29 -16.08 11.87
C HIS F 348 27.18 -17.27 11.98
N ALA F 349 28.08 -17.27 12.97
CA ALA F 349 28.91 -18.46 13.19
C ALA F 349 28.01 -19.60 13.60
N TRP F 350 27.05 -19.31 14.48
CA TRP F 350 26.15 -20.35 14.97
C TRP F 350 25.26 -20.97 13.92
N TYR F 351 24.67 -20.15 13.05
CA TYR F 351 23.85 -20.69 11.95
C TYR F 351 24.63 -21.64 11.05
N ALA F 352 25.82 -21.19 10.62
CA ALA F 352 26.69 -21.98 9.79
C ALA F 352 27.16 -23.29 10.48
N LYS F 353 27.51 -23.20 11.76
CA LYS F 353 27.96 -24.35 12.55
C LYS F 353 26.96 -25.52 12.52
N TRP F 354 25.73 -25.24 12.95
CA TRP F 354 24.68 -26.28 13.15
C TRP F 354 23.75 -26.51 11.97
N GLN F 355 22.93 -25.53 11.60
CA GLN F 355 22.09 -25.61 10.39
C GLN F 355 22.78 -25.94 9.04
N VAL F 356 24.02 -25.49 8.86
CA VAL F 356 24.66 -25.67 7.55
C VAL F 356 25.65 -26.87 7.51
N HIS F 357 26.81 -26.71 8.15
CA HIS F 357 27.94 -27.63 7.96
C HIS F 357 28.14 -28.78 8.94
N ARG F 358 27.93 -28.55 10.25
CA ARG F 358 28.09 -29.63 11.27
C ARG F 358 29.40 -30.46 11.15
N VAL F 359 30.52 -29.76 10.99
CA VAL F 359 31.80 -30.38 10.75
C VAL F 359 32.40 -30.91 12.03
N LEU F 360 32.97 -32.11 11.98
CA LEU F 360 33.78 -32.62 13.11
C LEU F 360 34.94 -31.71 13.52
N ARG F 361 35.36 -31.83 14.78
CA ARG F 361 36.54 -31.14 15.28
C ARG F 361 37.85 -31.92 15.02
N PRO F 362 38.99 -31.21 15.00
CA PRO F 362 40.28 -31.88 14.73
C PRO F 362 40.59 -33.03 15.69
N GLU F 363 40.11 -32.95 16.94
CA GLU F 363 40.34 -34.04 17.90
C GLU F 363 39.59 -35.30 17.49
N ALA F 364 38.46 -35.12 16.82
CA ALA F 364 37.70 -36.21 16.24
C ALA F 364 38.42 -36.79 15.03
N TYR F 365 38.94 -35.93 14.15
CA TYR F 365 39.74 -36.39 13.00
C TYR F 365 40.91 -37.23 13.53
N GLY F 366 41.51 -36.78 14.63
CA GLY F 366 42.65 -37.47 15.23
C GLY F 366 42.28 -38.86 15.69
N GLY F 367 41.05 -39.00 16.19
CA GLY F 367 40.50 -40.31 16.55
C GLY F 367 40.49 -41.21 15.34
N LEU F 368 39.95 -40.74 14.23
CA LEU F 368 39.89 -41.53 13.00
C LEU F 368 41.27 -41.95 12.57
N LEU F 369 42.20 -41.01 12.62
CA LEU F 369 43.56 -41.26 12.17
C LEU F 369 44.17 -42.40 13.00
N HIS F 370 43.95 -42.33 14.30
CA HIS F 370 44.49 -43.33 15.23
C HIS F 370 43.98 -44.70 14.88
N PHE F 371 42.68 -44.78 14.59
CA PHE F 371 42.03 -46.04 14.33
C PHE F 371 42.14 -46.50 12.88
N VAL F 372 42.59 -45.63 11.99
CA VAL F 372 42.96 -46.07 10.62
C VAL F 372 44.37 -46.65 10.61
N ILE F 373 45.28 -46.08 11.38
CA ILE F 373 46.65 -46.57 11.40
C ILE F 373 46.75 -47.85 12.20
N ASN F 374 46.18 -47.86 13.40
CA ASN F 374 45.96 -49.11 14.11
C ASN F 374 44.60 -49.58 13.60
N ILE F 377 41.35 -50.44 13.67
CA ILE F 377 40.10 -51.12 13.27
C ILE F 377 39.37 -50.47 12.06
N ASP F 378 39.35 -49.13 11.98
CA ASP F 378 38.59 -48.40 10.95
C ASP F 378 39.24 -48.44 9.57
N ASP F 379 38.39 -48.27 8.55
CA ASP F 379 38.77 -48.38 7.14
C ASP F 379 38.42 -47.11 6.36
N VAL F 380 38.39 -45.95 7.01
CA VAL F 380 38.09 -44.74 6.24
C VAL F 380 39.36 -44.31 5.50
N PRO F 381 39.22 -43.90 4.24
CA PRO F 381 40.38 -43.70 3.35
C PRO F 381 41.02 -42.31 3.38
N LEU F 382 41.56 -41.93 4.53
CA LEU F 382 42.28 -40.64 4.67
C LEU F 382 43.52 -40.59 3.76
N PRO F 383 43.91 -39.39 3.32
CA PRO F 383 45.08 -39.28 2.41
C PRO F 383 46.34 -39.93 3.02
N ALA F 384 47.10 -40.61 2.17
CA ALA F 384 48.46 -41.12 2.47
C ALA F 384 49.40 -39.99 2.89
N SER F 385 49.11 -38.76 2.46
CA SER F 385 49.95 -37.62 2.83
C SER F 385 50.02 -37.45 4.33
N ILE F 386 49.05 -37.99 5.07
CA ILE F 386 49.13 -37.93 6.53
C ILE F 386 49.25 -39.33 7.15
N VAL F 387 48.47 -40.27 6.62
CA VAL F 387 48.50 -41.68 7.04
C VAL F 387 49.91 -42.27 6.96
N SER F 388 50.70 -41.87 5.96
CA SER F 388 52.08 -42.34 5.82
C SER F 388 53.15 -41.28 6.12
N ASN F 389 52.76 -40.18 6.75
CA ASN F 389 53.72 -39.19 7.20
C ASN F 389 54.48 -39.67 8.44
N THR F 390 55.54 -40.44 8.26
CA THR F 390 56.22 -41.03 9.44
C THR F 390 56.97 -40.00 10.32
N GLU F 391 57.62 -39.02 9.69
CA GLU F 391 58.25 -37.90 10.41
C GLU F 391 57.30 -37.30 11.46
N LEU F 392 56.15 -36.80 10.99
CA LEU F 392 55.12 -36.29 11.89
C LEU F 392 54.59 -37.35 12.88
N LEU F 393 54.15 -38.50 12.37
CA LEU F 393 53.53 -39.52 13.21
C LEU F 393 54.42 -40.05 14.34
N ASN F 394 55.72 -40.26 14.08
CA ASN F 394 56.67 -40.62 15.16
C ASN F 394 56.73 -39.60 16.30
N ALA F 395 56.87 -38.33 15.93
CA ALA F 395 56.86 -37.23 16.90
C ALA F 395 55.55 -37.18 17.71
N VAL F 396 54.41 -37.39 17.02
CA VAL F 396 53.10 -37.37 17.67
C VAL F 396 52.98 -38.53 18.67
N GLU F 397 53.35 -39.74 18.25
CA GLU F 397 53.25 -40.84 19.19
C GLU F 397 54.22 -40.74 20.38
N SER F 398 55.41 -40.19 20.16
CA SER F 398 56.33 -40.01 21.30
C SER F 398 55.74 -39.06 22.32
N LEU F 399 55.10 -37.99 21.83
CA LEU F 399 54.45 -37.02 22.73
C LEU F 399 53.31 -37.68 23.50
N ASN F 400 52.45 -38.42 22.82
CA ASN F 400 51.37 -39.10 23.54
C ASN F 400 51.94 -40.06 24.61
N GLN F 401 52.89 -40.91 24.22
CA GLN F 401 53.53 -41.82 25.16
C GLN F 401 54.09 -41.15 26.45
N ALA F 402 54.84 -40.07 26.29
CA ALA F 402 55.45 -39.35 27.42
C ALA F 402 54.38 -38.76 28.31
N GLN F 403 53.19 -38.66 27.76
CA GLN F 403 52.15 -37.88 28.36
C GLN F 403 51.00 -38.75 28.90
N ASN F 404 50.92 -40.01 28.46
CA ASN F 404 49.73 -40.87 28.72
C ASN F 404 49.91 -42.10 29.63
N GLY F 405 51.09 -42.26 30.22
CA GLY F 405 51.35 -43.41 31.08
C GLY F 405 52.30 -44.40 30.45
N GLY F 406 52.69 -44.18 29.19
CA GLY F 406 53.64 -45.07 28.53
C GLY F 406 53.13 -45.87 27.34
N THR F 407 51.89 -45.64 26.92
CA THR F 407 51.38 -46.37 25.75
C THR F 407 51.90 -45.76 24.43
N ASN F 408 52.38 -46.62 23.54
CA ASN F 408 52.88 -46.18 22.24
C ASN F 408 51.85 -46.43 21.14
N GLN F 409 52.20 -46.16 19.88
CA GLN F 409 51.27 -46.27 18.75
C GLN F 409 49.95 -45.52 18.99
N VAL F 410 50.01 -44.39 19.72
CA VAL F 410 48.82 -43.54 19.88
C VAL F 410 48.98 -42.28 19.04
N PHE F 411 48.14 -42.17 18.01
CA PHE F 411 48.26 -41.09 17.04
C PHE F 411 47.21 -39.99 17.21
N LEU F 412 46.56 -40.01 18.38
CA LEU F 412 45.57 -38.98 18.74
C LEU F 412 46.14 -37.56 18.74
N LEU F 413 45.29 -36.55 18.54
CA LEU F 413 45.72 -35.15 18.64
C LEU F 413 45.89 -34.75 20.11
N PRO F 414 47.14 -34.48 20.52
CA PRO F 414 47.40 -34.05 21.90
C PRO F 414 46.76 -32.69 22.13
N MET F 415 45.80 -32.61 23.05
CA MET F 415 44.99 -31.42 23.28
C MET F 415 45.61 -30.50 24.34
N ALA F 416 45.37 -29.19 24.23
CA ALA F 416 45.97 -28.22 25.17
C ALA F 416 45.12 -27.95 26.44
N VAL F 417 43.86 -28.41 26.45
CA VAL F 417 42.99 -28.35 27.66
C VAL F 417 42.27 -29.67 27.86
N GLY F 418 41.97 -29.99 29.12
CA GLY F 418 41.33 -31.25 29.53
C GLY F 418 40.01 -31.57 28.85
N GLU F 419 39.20 -30.55 28.60
CA GLU F 419 37.85 -30.76 28.07
C GLU F 419 37.82 -30.92 26.56
N GLY F 420 38.97 -30.70 25.92
CA GLY F 420 39.08 -30.70 24.45
C GLY F 420 38.32 -29.51 23.93
N SER F 421 37.80 -29.60 22.71
CA SER F 421 36.98 -28.54 22.13
C SER F 421 35.69 -28.28 22.91
N PRO F 422 35.09 -27.07 22.74
CA PRO F 422 33.71 -26.85 23.19
C PRO F 422 32.75 -27.83 22.49
N VAL F 423 31.60 -28.12 23.11
CA VAL F 423 30.57 -29.00 22.50
C VAL F 423 29.72 -28.23 21.49
N HIS F 424 30.36 -27.84 20.38
CA HIS F 424 29.63 -27.40 19.20
C HIS F 424 30.51 -27.64 17.99
N PRO F 425 29.94 -27.68 16.76
CA PRO F 425 30.74 -28.04 15.58
C PRO F 425 31.92 -27.10 15.28
N ALA F 426 32.83 -27.58 14.46
CA ALA F 426 34.11 -26.90 14.18
C ALA F 426 34.02 -25.71 13.27
N TYR F 427 33.08 -25.72 12.35
CA TYR F 427 33.20 -24.77 11.26
C TYR F 427 32.00 -23.85 11.10
N PRO F 428 32.23 -22.52 11.16
CA PRO F 428 33.48 -21.81 11.45
C PRO F 428 33.77 -21.62 12.95
N SER F 429 34.91 -20.97 13.24
CA SER F 429 35.27 -20.58 14.61
C SER F 429 34.54 -19.30 15.05
N GLY F 430 33.76 -19.43 16.14
CA GLY F 430 33.12 -18.34 16.82
C GLY F 430 34.11 -17.28 17.20
N HIS F 431 35.23 -17.67 17.79
CA HIS F 431 36.32 -16.71 18.06
C HIS F 431 36.70 -15.91 16.84
N ALA F 432 36.81 -16.57 15.70
CA ALA F 432 37.24 -15.93 14.48
C ALA F 432 36.21 -14.95 13.96
N ILE F 433 34.93 -15.28 14.13
CA ILE F 433 33.85 -14.40 13.69
C ILE F 433 33.83 -13.16 14.56
N ASN F 434 34.10 -13.34 15.85
CA ASN F 434 34.06 -12.24 16.82
C ASN F 434 35.22 -11.23 16.60
N LEU F 435 36.46 -11.74 16.63
CA LEU F 435 37.64 -10.91 16.41
C LEU F 435 37.66 -10.30 15.02
N GLY F 436 37.42 -11.15 14.02
CA GLY F 436 37.37 -10.67 12.65
C GLY F 436 36.43 -9.46 12.52
N ALA F 437 35.23 -9.54 13.12
CA ALA F 437 34.34 -8.38 13.18
C ALA F 437 34.87 -7.17 14.03
N TYR F 438 35.23 -7.39 15.31
CA TYR F 438 35.59 -6.24 16.18
C TYR F 438 36.73 -5.49 15.54
N LEU F 439 37.70 -6.23 15.04
CA LEU F 439 38.89 -5.62 14.50
C LEU F 439 38.63 -4.93 13.14
N THR F 440 37.74 -5.46 12.33
CA THR F 440 37.26 -4.73 11.14
C THR F 440 36.67 -3.36 11.48
N VAL F 441 35.92 -3.27 12.56
CA VAL F 441 35.32 -2.00 12.96
C VAL F 441 36.39 -0.95 13.33
N LEU F 442 37.41 -1.38 14.07
CA LEU F 442 38.51 -0.52 14.45
C LEU F 442 39.27 0.01 13.23
N LYS F 443 39.67 -0.88 12.31
CA LYS F 443 40.32 -0.46 11.05
C LYS F 443 39.48 0.53 10.25
N ALA F 444 38.16 0.31 10.24
CA ALA F 444 37.22 1.23 9.58
C ALA F 444 37.24 2.63 10.18
N PHE F 445 37.08 2.70 11.50
CA PHE F 445 37.04 3.99 12.16
C PHE F 445 38.38 4.72 12.07
N LEU F 446 39.47 3.94 12.16
CA LEU F 446 40.81 4.46 12.07
C LEU F 446 41.11 4.98 10.67
N GLY F 447 40.68 4.27 9.65
CA GLY F 447 40.97 4.65 8.29
C GLY F 447 42.35 4.16 7.89
N PHE F 448 42.56 4.06 6.58
CA PHE F 448 43.77 3.46 6.04
C PHE F 448 45.02 4.29 6.38
N GLU F 449 44.93 5.60 6.18
CA GLU F 449 46.04 6.54 6.42
CA GLU F 449 46.07 6.47 6.39
C GLU F 449 46.56 6.41 7.85
N LEU F 450 45.69 6.69 8.82
CA LEU F 450 46.08 6.55 10.23
C LEU F 450 46.49 5.11 10.53
N GLY F 451 45.92 4.16 9.78
CA GLY F 451 46.38 2.79 9.79
C GLY F 451 47.88 2.63 9.57
N GLN F 452 48.50 3.62 8.92
CA GLN F 452 49.91 3.50 8.57
C GLN F 452 50.84 4.13 9.61
N ARG F 453 50.30 4.64 10.71
CA ARG F 453 51.09 5.21 11.80
C ARG F 453 51.89 4.15 12.58
N CYS F 454 53.01 4.55 13.16
CA CYS F 454 53.83 3.64 13.95
C CYS F 454 53.13 3.28 15.25
N PHE F 455 53.12 2.00 15.59
CA PHE F 455 52.78 1.65 16.95
C PHE F 455 53.98 2.08 17.83
N PRO F 456 53.76 3.04 18.75
CA PRO F 456 54.86 3.62 19.53
C PRO F 456 55.53 2.62 20.47
N SER F 457 56.86 2.75 20.65
CA SER F 457 57.63 1.93 21.60
C SER F 457 57.24 0.44 21.64
N PRO F 458 57.53 -0.27 20.54
CA PRO F 458 57.12 -1.67 20.42
C PRO F 458 58.00 -2.58 21.27
N MET F 459 57.46 -3.72 21.70
CA MET F 459 58.16 -4.60 22.61
CA MET F 459 58.13 -4.60 22.64
C MET F 459 57.88 -6.06 22.30
N ILE F 460 58.75 -6.95 22.79
CA ILE F 460 58.46 -8.35 22.73
C ILE F 460 58.73 -8.90 24.13
N SER F 461 58.23 -10.10 24.40
CA SER F 461 58.49 -10.77 25.66
C SER F 461 59.88 -11.39 25.60
N ASN F 462 60.57 -11.51 26.73
CA ASN F 462 61.73 -12.39 26.80
C ASN F 462 61.26 -13.86 26.68
N ASP F 463 62.18 -14.82 26.61
CA ASP F 463 61.79 -16.24 26.37
C ASP F 463 61.13 -16.84 27.58
N ALA F 464 61.47 -16.32 28.76
CA ALA F 464 60.89 -16.80 30.01
C ALA F 464 59.45 -16.32 30.19
N GLY F 465 59.11 -15.18 29.59
CA GLY F 465 57.77 -14.58 29.75
C GLY F 465 57.67 -13.66 30.97
N THR F 466 58.80 -13.50 31.64
CA THR F 466 58.90 -12.74 32.89
CA THR F 466 58.92 -12.73 32.88
C THR F 466 59.09 -11.22 32.64
N ASP F 467 59.51 -10.85 31.44
CA ASP F 467 59.85 -9.45 31.15
C ASP F 467 59.74 -9.01 29.66
N ARG F 468 59.61 -7.72 29.43
CA ARG F 468 59.55 -7.19 28.05
C ARG F 468 60.86 -6.51 27.71
N ILE F 469 61.23 -6.57 26.44
CA ILE F 469 62.38 -5.84 25.93
C ILE F 469 61.97 -5.13 24.66
N PRO F 470 62.59 -3.98 24.36
CA PRO F 470 62.22 -3.27 23.13
C PRO F 470 62.34 -4.18 21.89
N PHE F 471 61.54 -3.88 20.88
CA PHE F 471 61.69 -4.58 19.62
C PHE F 471 62.51 -3.70 18.70
N VAL F 472 63.60 -4.25 18.15
CA VAL F 472 64.40 -3.51 17.18
C VAL F 472 64.32 -4.18 15.80
N PRO F 473 63.87 -3.43 14.78
CA PRO F 473 63.82 -3.91 13.39
C PRO F 473 65.20 -4.38 12.89
N SER F 474 65.25 -5.51 12.20
CA SER F 474 66.49 -6.06 11.61
C SER F 474 66.23 -6.73 10.28
N ASP F 475 67.23 -6.71 9.40
CA ASP F 475 67.18 -7.44 8.12
C ASP F 475 66.39 -8.75 8.21
N GLY F 476 65.38 -8.91 7.35
CA GLY F 476 64.59 -10.16 7.33
C GLY F 476 63.26 -10.19 8.10
N ASP F 477 63.05 -9.18 8.93
CA ASP F 477 61.81 -8.90 9.67
C ASP F 477 60.56 -8.70 8.84
N ARG F 478 60.71 -8.29 7.58
CA ARG F 478 59.62 -7.72 6.75
C ARG F 478 58.94 -6.54 7.44
N VAL F 479 59.63 -5.94 8.40
CA VAL F 479 59.16 -4.70 8.99
C VAL F 479 59.48 -3.62 7.97
N GLY F 480 58.45 -2.89 7.53
CA GLY F 480 58.61 -1.70 6.67
C GLY F 480 58.41 -0.34 7.35
N THR F 481 57.89 0.64 6.61
CA THR F 481 57.76 1.99 7.15
C THR F 481 56.39 2.31 7.74
N CYS F 482 56.38 3.30 8.63
CA CYS F 482 55.20 3.80 9.32
C CYS F 482 55.44 5.29 9.54
N ILE F 483 54.38 6.05 9.82
CA ILE F 483 54.53 7.49 10.12
C ILE F 483 54.33 7.70 11.60
N ASN F 484 55.26 8.37 12.24
CA ASN F 484 55.17 8.53 13.69
C ASN F 484 54.35 9.76 14.09
N GLU F 485 54.42 10.10 15.37
CA GLU F 485 53.55 11.09 15.99
C GLU F 485 53.76 12.45 15.37
N ASP F 486 54.99 12.69 14.89
CA ASP F 486 55.42 13.96 14.32
C ASP F 486 55.35 14.07 12.80
N GLY F 487 54.61 13.19 12.14
CA GLY F 487 54.64 13.16 10.67
C GLY F 487 55.95 12.68 10.03
N GLU F 488 56.88 12.15 10.82
CA GLU F 488 58.14 11.62 10.29
C GLU F 488 58.04 10.13 9.99
N GLU F 489 58.69 9.73 8.90
CA GLU F 489 58.81 8.32 8.48
C GLU F 489 59.81 7.57 9.36
N GLU F 490 59.48 6.34 9.70
CA GLU F 490 60.31 5.49 10.54
C GLU F 490 60.20 4.06 10.04
N VAL F 491 61.23 3.23 10.27
CA VAL F 491 61.06 1.81 10.05
C VAL F 491 60.32 1.30 11.30
N GLY F 492 59.15 0.69 11.14
CA GLY F 492 58.44 0.17 12.29
C GLY F 492 57.14 -0.50 11.94
N LEU F 493 56.51 -1.06 12.96
CA LEU F 493 55.22 -1.75 12.87
C LEU F 493 54.06 -0.75 12.80
N THR F 494 53.15 -0.96 11.86
CA THR F 494 52.00 -0.06 11.69
C THR F 494 50.85 -0.50 12.57
N TYR F 495 50.00 0.45 12.96
CA TYR F 495 48.71 0.09 13.59
C TYR F 495 47.91 -0.97 12.83
N GLU F 496 47.75 -0.78 11.52
CA GLU F 496 46.94 -1.71 10.72
C GLU F 496 47.51 -3.13 10.91
N GLY F 497 48.82 -3.27 10.69
CA GLY F 497 49.50 -4.54 10.90
C GLY F 497 49.15 -5.18 12.25
N GLU F 498 49.24 -4.40 13.33
CA GLU F 498 49.13 -4.95 14.67
C GLU F 498 47.69 -5.28 15.01
N LEU F 499 46.80 -4.46 14.51
CA LEU F 499 45.38 -4.77 14.49
C LEU F 499 45.09 -6.13 13.83
N ASN F 500 45.62 -6.35 12.63
CA ASN F 500 45.45 -7.65 11.98
C ASN F 500 46.06 -8.79 12.75
N LYS F 501 47.13 -8.51 13.51
CA LYS F 501 47.72 -9.55 14.32
C LYS F 501 46.82 -9.96 15.50
N VAL F 502 45.90 -9.09 15.92
CA VAL F 502 45.03 -9.50 17.03
C VAL F 502 44.10 -10.62 16.59
N THR F 503 43.35 -10.41 15.50
CA THR F 503 42.52 -11.44 14.86
C THR F 503 43.28 -12.73 14.60
N SER F 504 44.43 -12.61 13.97
CA SER F 504 45.34 -13.72 13.69
C SER F 504 45.80 -14.46 14.97
N ASN F 505 46.25 -13.73 15.99
CA ASN F 505 46.68 -14.35 17.24
C ASN F 505 45.54 -15.16 17.90
N VAL F 506 44.32 -14.62 17.86
CA VAL F 506 43.19 -15.31 18.50
C VAL F 506 42.73 -16.52 17.65
N ALA F 507 42.47 -16.27 16.37
CA ALA F 507 42.00 -17.30 15.43
C ALA F 507 42.93 -18.52 15.45
N ILE F 508 44.19 -18.32 15.06
CA ILE F 508 45.18 -19.38 15.10
C ILE F 508 45.47 -19.89 16.51
N GLY F 509 45.28 -19.04 17.53
CA GLY F 509 45.26 -19.49 18.93
C GLY F 509 44.37 -20.73 19.15
N ARG F 510 43.19 -20.74 18.55
CA ARG F 510 42.27 -21.89 18.74
C ARG F 510 42.85 -23.15 18.11
N SER F 511 43.62 -22.99 17.01
CA SER F 511 44.38 -24.08 16.41
C SER F 511 45.53 -24.56 17.31
N HIS F 512 46.23 -23.61 17.93
CA HIS F 512 47.31 -23.96 18.87
C HIS F 512 46.74 -24.74 20.03
N LEU F 513 45.52 -24.39 20.41
CA LEU F 513 44.78 -25.09 21.44
C LEU F 513 44.45 -26.50 20.97
N GLY F 514 44.41 -26.71 19.65
CA GLY F 514 43.95 -27.97 19.07
C GLY F 514 42.47 -28.08 18.71
N VAL F 515 41.70 -27.00 18.87
CA VAL F 515 40.22 -27.07 18.66
C VAL F 515 39.69 -26.65 17.27
N HIS F 516 40.52 -25.93 16.51
CA HIS F 516 40.16 -25.57 15.15
C HIS F 516 41.26 -25.85 14.18
N TRP F 517 40.89 -26.03 12.89
CA TRP F 517 41.83 -25.92 11.79
C TRP F 517 41.94 -24.50 11.34
N ARG F 518 42.94 -24.27 10.48
CA ARG F 518 43.20 -22.97 9.90
C ARG F 518 41.97 -22.42 9.19
N MET F 519 41.29 -23.26 8.42
CA MET F 519 40.13 -22.80 7.64
CA MET F 519 40.12 -22.84 7.64
C MET F 519 39.02 -22.19 8.51
N ASP F 520 38.68 -22.87 9.62
CA ASP F 520 37.67 -22.38 10.58
C ASP F 520 37.99 -20.95 11.01
N GLY F 521 39.27 -20.67 11.21
CA GLY F 521 39.76 -19.35 11.59
C GLY F 521 39.80 -18.33 10.47
N VAL F 522 40.53 -18.61 9.39
CA VAL F 522 40.71 -17.61 8.31
C VAL F 522 39.42 -17.30 7.54
N PHE F 523 38.60 -18.31 7.23
CA PHE F 523 37.32 -18.06 6.58
C PHE F 523 36.35 -17.47 7.59
N GLY F 524 36.51 -17.87 8.86
CA GLY F 524 35.63 -17.35 9.92
C GLY F 524 35.75 -15.86 10.09
N ALA F 525 37.01 -15.40 10.02
CA ALA F 525 37.36 -14.00 10.09
C ALA F 525 36.73 -13.24 8.95
N GLU F 526 36.58 -13.89 7.79
CA GLU F 526 35.90 -13.27 6.65
C GLU F 526 34.40 -13.06 6.89
N MET F 527 33.78 -14.06 7.50
CA MET F 527 32.40 -13.97 7.90
C MET F 527 32.22 -12.85 8.93
N GLY F 528 33.11 -12.78 9.91
CA GLY F 528 33.05 -11.68 10.87
C GLY F 528 33.25 -10.34 10.19
N GLU F 529 34.17 -10.30 9.23
CA GLU F 529 34.42 -9.08 8.47
C GLU F 529 33.13 -8.58 7.80
N ALA F 530 32.41 -9.46 7.10
CA ALA F 530 31.16 -9.11 6.44
C ALA F 530 30.05 -8.69 7.40
N GLY F 531 29.98 -9.30 8.57
CA GLY F 531 29.04 -8.85 9.59
C GLY F 531 29.23 -7.39 10.02
N ALA F 532 30.47 -7.00 10.28
CA ALA F 532 30.77 -5.64 10.74
C ALA F 532 30.44 -4.60 9.70
N ILE F 533 30.78 -4.88 8.45
CA ILE F 533 30.56 -3.93 7.35
C ILE F 533 29.06 -3.70 7.13
N ARG F 534 28.28 -4.78 7.23
CA ARG F 534 26.84 -4.67 7.06
C ARG F 534 26.26 -3.68 8.07
N ARG F 535 26.69 -3.80 9.34
CA ARG F 535 26.33 -2.85 10.38
C ARG F 535 26.90 -1.44 10.13
N LEU F 536 28.19 -1.32 9.82
CA LEU F 536 28.74 0.01 9.43
C LEU F 536 27.91 0.70 8.36
N GLN F 537 27.54 -0.04 7.32
CA GLN F 537 26.67 0.42 6.23
C GLN F 537 25.26 0.86 6.65
N GLN F 538 24.50 0.02 7.38
CA GLN F 538 23.16 0.41 7.84
C GLN F 538 23.17 1.74 8.59
N GLU F 539 24.15 1.89 9.47
CA GLU F 539 24.29 3.02 10.37
C GLU F 539 24.75 4.34 9.71
N LEU F 540 25.67 4.25 8.75
CA LEU F 540 26.37 5.43 8.19
C LEU F 540 25.41 6.57 7.76
N GLY F 541 24.48 6.27 6.84
CA GLY F 541 23.55 7.29 6.32
C GLY F 541 22.69 8.05 7.32
N GLY F 542 22.45 7.46 8.50
CA GLY F 542 21.70 8.17 9.57
C GLY F 542 22.54 9.12 10.44
N LEU F 543 23.85 9.05 10.31
CA LEU F 543 24.77 9.85 11.14
C LEU F 543 24.81 11.30 10.69
N PRO F 544 24.80 12.26 11.65
CA PRO F 544 24.79 13.66 11.22
C PRO F 544 25.98 14.01 10.30
N GLU F 545 27.15 13.40 10.55
CA GLU F 545 28.39 13.75 9.85
C GLU F 545 28.42 13.21 8.44
N ALA F 546 27.41 12.39 8.12
CA ALA F 546 27.27 11.76 6.82
C ALA F 546 26.46 12.62 5.84
N ARG F 547 25.81 13.67 6.33
CA ARG F 547 25.09 14.58 5.45
C ARG F 547 26.09 15.40 4.64
N ASP F 548 25.71 15.75 3.42
CA ASP F 548 26.56 16.61 2.61
C ASP F 548 26.22 18.07 2.87
N THR F 549 27.11 18.77 3.56
CA THR F 549 26.89 20.16 3.91
C THR F 549 27.77 21.06 3.06
N GLU F 550 27.47 22.35 3.03
CA GLU F 550 28.40 23.31 2.47
C GLU F 550 29.45 23.48 3.51
N GLY F 551 30.72 23.38 3.12
CA GLY F 551 31.80 23.77 3.99
C GLY F 551 33.05 22.96 3.78
N PRO F 552 34.16 23.39 4.38
CA PRO F 552 35.42 22.72 4.07
C PRO F 552 35.49 21.26 4.57
N ILE F 553 34.68 20.89 5.56
CA ILE F 553 34.72 19.53 6.07
C ILE F 553 33.76 18.62 5.31
N PRO F 554 34.29 17.57 4.66
CA PRO F 554 33.52 16.67 3.82
C PRO F 554 32.71 15.64 4.64
N PRO F 555 31.71 15.01 4.01
CA PRO F 555 30.93 14.03 4.74
C PRO F 555 31.79 12.84 5.13
N ALA F 556 31.42 12.15 6.20
CA ALA F 556 32.12 10.94 6.63
C ALA F 556 32.04 9.78 5.61
N SER F 557 33.09 8.95 5.60
CA SER F 557 33.15 7.69 4.86
C SER F 557 34.18 6.81 5.58
N TYR F 558 34.08 5.49 5.41
CA TYR F 558 35.12 4.58 5.96
C TYR F 558 35.94 3.96 4.85
N LYS F 559 37.21 4.35 4.79
CA LYS F 559 38.14 3.84 3.80
C LYS F 559 39.23 3.04 4.54
N PHE F 560 39.24 1.72 4.31
CA PHE F 560 40.18 0.84 4.96
C PHE F 560 40.44 -0.38 4.09
N ARG F 561 41.21 -1.32 4.64
CA ARG F 561 41.72 -2.42 3.87
C ARG F 561 41.29 -3.75 4.52
N LEU F 562 40.73 -4.67 3.73
CA LEU F 562 40.19 -5.92 4.27
C LEU F 562 41.35 -6.84 4.63
N TYR F 563 41.07 -7.92 5.35
CA TYR F 563 42.11 -8.93 5.66
C TYR F 563 42.77 -9.46 4.39
N SER F 564 42.08 -9.42 3.26
CA SER F 564 42.59 -9.99 2.04
C SER F 564 43.45 -8.96 1.29
N GLY F 565 43.48 -7.75 1.82
CA GLY F 565 44.28 -6.71 1.26
C GLY F 565 43.52 -5.83 0.28
N THR F 566 42.29 -6.19 -0.05
CA THR F 566 41.49 -5.34 -0.93
C THR F 566 41.08 -4.03 -0.23
N MET F 567 41.20 -2.92 -0.95
CA MET F 567 40.75 -1.61 -0.45
CA MET F 567 40.77 -1.58 -0.53
C MET F 567 39.23 -1.52 -0.56
N ILE F 568 38.58 -1.15 0.53
CA ILE F 568 37.14 -0.87 0.49
C ILE F 568 36.95 0.58 0.94
N GLU F 569 35.93 1.25 0.39
CA GLU F 569 35.54 2.57 0.86
C GLU F 569 34.02 2.60 0.97
N LEU F 570 33.51 2.79 2.19
CA LEU F 570 32.08 2.80 2.44
C LEU F 570 31.50 4.24 2.51
N PHE F 571 30.47 4.50 1.71
CA PHE F 571 29.81 5.80 1.61
C PHE F 571 28.40 5.73 2.15
N PRO F 572 27.83 6.87 2.57
CA PRO F 572 26.46 6.89 3.04
C PRO F 572 25.50 6.28 2.02
N ASP F 573 24.50 5.57 2.51
CA ASP F 573 23.39 5.14 1.64
C ASP F 573 23.77 4.07 0.60
N ASN F 574 24.59 3.11 1.04
CA ASN F 574 24.81 1.84 0.33
C ASN F 574 25.45 1.98 -1.04
N ARG F 575 26.44 2.87 -1.11
CA ARG F 575 27.38 2.92 -2.21
C ARG F 575 28.75 2.65 -1.60
N TYR F 576 29.57 1.91 -2.34
CA TYR F 576 30.93 1.57 -1.90
C TYR F 576 31.88 1.28 -3.07
N MET F 577 33.15 1.53 -2.83
CA MET F 577 34.19 1.20 -3.76
C MET F 577 34.85 -0.04 -3.19
N LEU F 578 35.10 -1.02 -4.04
CA LEU F 578 35.77 -2.25 -3.63
C LEU F 578 36.87 -2.50 -4.66
N GLY F 579 38.13 -2.30 -4.25
CA GLY F 579 39.26 -2.28 -5.18
C GLY F 579 39.01 -1.20 -6.22
N ASP F 580 39.01 -1.59 -7.49
CA ASP F 580 38.78 -0.62 -8.56
CA ASP F 580 38.78 -0.62 -8.56
C ASP F 580 37.29 -0.39 -8.85
N GLN F 581 36.44 -1.36 -8.52
CA GLN F 581 35.00 -1.28 -8.84
C GLN F 581 34.20 -0.35 -7.94
N MET F 582 33.12 0.20 -8.50
CA MET F 582 32.13 0.97 -7.75
C MET F 582 30.83 0.16 -7.63
N CYS F 583 30.35 0.01 -6.41
CA CYS F 583 29.29 -0.95 -6.15
C CYS F 583 28.15 -0.31 -5.41
N LYS F 584 27.02 -1.00 -5.39
CA LYS F 584 25.87 -0.51 -4.63
C LYS F 584 25.20 -1.62 -3.84
N GLY F 585 24.40 -1.21 -2.86
CA GLY F 585 23.73 -2.14 -2.00
C GLY F 585 24.62 -2.59 -0.85
N PHE F 586 24.15 -3.64 -0.17
CA PHE F 586 24.80 -4.20 1.00
C PHE F 586 25.97 -5.14 0.66
N PHE F 587 27.06 -5.04 1.39
CA PHE F 587 28.26 -5.88 1.21
C PHE F 587 28.03 -7.34 1.58
N THR F 588 28.46 -8.24 0.69
CA THR F 588 28.40 -9.67 1.00
C THR F 588 29.78 -10.30 1.18
N GLY F 589 30.80 -9.70 0.58
CA GLY F 589 32.14 -10.30 0.46
C GLY F 589 32.98 -9.57 -0.60
N ASP F 590 34.28 -9.83 -0.62
CA ASP F 590 35.15 -9.16 -1.58
C ASP F 590 35.19 -9.81 -2.96
N ASP F 591 34.44 -10.91 -3.12
CA ASP F 591 34.36 -11.63 -4.39
C ASP F 591 33.13 -11.20 -5.21
N PHE F 592 32.43 -10.17 -4.76
CA PHE F 592 31.09 -9.88 -5.29
C PHE F 592 30.77 -8.41 -5.12
N CYS F 593 30.18 -7.83 -6.16
CA CYS F 593 29.95 -6.40 -6.21
C CYS F 593 28.73 -6.13 -7.11
N VAL F 594 27.66 -5.52 -6.62
CA VAL F 594 26.62 -5.14 -7.56
C VAL F 594 27.00 -3.77 -8.11
N PRO F 595 27.24 -3.67 -9.45
CA PRO F 595 27.73 -2.44 -10.14
C PRO F 595 26.85 -1.21 -9.91
N ALA F 596 27.46 -0.10 -9.46
CA ALA F 596 26.74 1.14 -9.14
C ALA F 596 26.11 1.76 -10.37
#